data_9CWV
#
_entry.id   9CWV
#
_cell.length_a   1.00
_cell.length_b   1.00
_cell.length_c   1.00
_cell.angle_alpha   90.00
_cell.angle_beta   90.00
_cell.angle_gamma   90.00
#
_symmetry.space_group_name_H-M   'P 1'
#
loop_
_entity.id
_entity.type
_entity.pdbx_description
1 polymer Gag
2 non-polymer 'INOSITOL HEXAKISPHOSPHATE'
3 water water
#
_entity_poly.entity_id   1
_entity_poly.type   'polypeptide(L)'
_entity_poly.pdbx_seq_one_letter_code
;HQAISPRTLNAWVKVVEEKAFSPEVIPMFSALSEGATPQDLNTMLNTVGGHQAAMQMLKETINEEAAEWDRVHPVHAGPI
APGQMREPRGSDIAGTTSTLQEQIGWMTNNPPIPVGEIYKRWIILGLNKIVRMYSPTSILDIRQGPKEPFRDYVDRFYKT
LRAEQASQEVKNWMTETLLVQNANPDCKTILKALGPAATLEEMMTACQGVGGPGHKARVLAEAMSQVINSA
;
_entity_poly.pdbx_strand_id   A,C,B,D,E,F,G,H,I,J,K,L,M,N,O,P,Q,R
#
loop_
_chem_comp.id
_chem_comp.type
_chem_comp.name
_chem_comp.formula
IHP non-polymer 'INOSITOL HEXAKISPHOSPHATE' 'C6 H18 O24 P6'
#
# COMPACT_ATOMS: atom_id res chain seq x y z
N HIS A 1 14.73 46.15 16.26
CA HIS A 1 14.09 44.84 16.27
C HIS A 1 14.64 43.97 17.40
N GLN A 2 13.80 43.72 18.40
CA GLN A 2 14.18 42.88 19.55
C GLN A 2 13.98 41.42 19.17
N ALA A 3 14.96 40.87 18.47
CA ALA A 3 14.93 39.46 18.11
C ALA A 3 15.05 38.60 19.35
N ILE A 4 14.54 37.37 19.24
CA ILE A 4 14.52 36.47 20.38
C ILE A 4 15.94 36.14 20.82
N SER A 5 16.19 36.22 22.12
CA SER A 5 17.51 35.98 22.67
C SER A 5 17.80 34.48 22.73
N PRO A 6 19.08 34.09 22.69
CA PRO A 6 19.40 32.66 22.81
C PRO A 6 18.89 32.04 24.10
N ARG A 7 18.96 32.78 25.21
CA ARG A 7 18.48 32.23 26.48
C ARG A 7 16.98 32.00 26.46
N THR A 8 16.22 32.94 25.89
CA THR A 8 14.77 32.76 25.79
C THR A 8 14.42 31.55 24.93
N LEU A 9 15.08 31.41 23.78
CA LEU A 9 14.80 30.29 22.89
C LEU A 9 15.16 28.97 23.53
N ASN A 10 16.31 28.91 24.20
CA ASN A 10 16.70 27.68 24.89
C ASN A 10 15.75 27.37 26.03
N ALA A 11 15.29 28.39 26.75
CA ALA A 11 14.30 28.16 27.81
C ALA A 11 13.00 27.62 27.25
N TRP A 12 12.58 28.11 26.08
CA TRP A 12 11.41 27.55 25.42
C TRP A 12 11.62 26.08 25.07
N VAL A 13 12.80 25.75 24.54
CA VAL A 13 13.09 24.37 24.18
C VAL A 13 13.06 23.47 25.42
N LYS A 14 13.68 23.92 26.51
CA LYS A 14 13.66 23.12 27.74
C LYS A 14 12.27 23.01 28.32
N VAL A 15 11.45 24.06 28.20
CA VAL A 15 10.07 23.98 28.67
C VAL A 15 9.32 22.91 27.90
N VAL A 16 9.46 22.91 26.57
CA VAL A 16 8.78 21.92 25.75
C VAL A 16 9.25 20.51 26.09
N GLU A 17 10.57 20.33 26.26
CA GLU A 17 11.09 18.99 26.52
C GLU A 17 10.73 18.50 27.91
N GLU A 18 10.73 19.40 28.91
CA GLU A 18 10.44 19.01 30.28
C GLU A 18 8.95 18.75 30.49
N LYS A 19 8.09 19.60 29.96
N LYS A 19 8.09 19.60 29.96
CA LYS A 19 6.65 19.48 30.18
CA LYS A 19 6.65 19.49 30.16
C LYS A 19 5.94 18.72 29.06
C LYS A 19 5.94 18.70 29.08
N ALA A 20 6.67 18.22 28.08
CA ALA A 20 6.09 17.55 26.90
C ALA A 20 5.15 18.58 26.26
N PHE A 21 3.87 18.28 26.10
CA PHE A 21 2.93 19.30 25.64
C PHE A 21 1.75 19.42 26.60
N SER A 22 2.06 19.51 27.89
CA SER A 22 1.05 19.79 28.90
C SER A 22 0.56 21.22 28.74
N PRO A 23 -0.60 21.55 29.33
CA PRO A 23 -1.13 22.91 29.17
C PRO A 23 -0.16 24.00 29.60
N GLU A 24 0.79 23.69 30.49
CA GLU A 24 1.73 24.69 31.00
C GLU A 24 2.59 25.29 29.89
N VAL A 25 2.69 24.63 28.73
CA VAL A 25 3.48 25.21 27.64
C VAL A 25 2.81 26.45 27.08
N ILE A 26 1.47 26.51 27.13
CA ILE A 26 0.77 27.66 26.55
C ILE A 26 1.09 28.97 27.28
N PRO A 27 1.02 29.04 28.62
CA PRO A 27 1.42 30.29 29.29
C PRO A 27 2.86 30.67 29.05
N MET A 28 3.75 29.68 28.98
CA MET A 28 5.17 29.98 28.79
C MET A 28 5.42 30.54 27.40
N PHE A 29 4.84 29.90 26.37
CA PHE A 29 5.00 30.37 25.01
C PHE A 29 4.57 31.83 24.88
N SER A 30 3.35 32.13 25.33
CA SER A 30 2.86 33.51 25.27
C SER A 30 3.78 34.44 26.05
N ALA A 31 4.40 33.95 27.11
CA ALA A 31 5.30 34.80 27.88
C ALA A 31 6.65 34.97 27.20
N LEU A 32 7.08 33.99 26.42
CA LEU A 32 8.40 34.03 25.80
C LEU A 32 8.37 34.56 24.38
N SER A 33 7.21 34.90 23.85
CA SER A 33 7.08 35.35 22.46
C SER A 33 6.33 36.66 22.36
N GLU A 34 6.20 37.40 23.46
CA GLU A 34 5.41 38.63 23.44
C GLU A 34 6.20 39.74 22.76
N GLY A 35 5.68 40.23 21.64
CA GLY A 35 6.39 41.15 20.79
C GLY A 35 7.20 40.53 19.68
N ALA A 36 7.10 39.21 19.50
CA ALA A 36 7.93 38.51 18.51
C ALA A 36 7.35 38.65 17.10
N THR A 37 8.25 38.71 16.13
CA THR A 37 7.89 38.66 14.73
C THR A 37 7.52 37.23 14.32
N PRO A 38 6.83 37.06 13.20
CA PRO A 38 6.57 35.70 12.71
C PRO A 38 7.83 34.88 12.49
N GLN A 39 8.94 35.53 12.12
CA GLN A 39 10.20 34.80 11.98
C GLN A 39 10.67 34.24 13.32
N ASP A 40 10.56 35.04 14.38
CA ASP A 40 10.93 34.57 15.72
C ASP A 40 10.04 33.42 16.16
N LEU A 41 8.73 33.50 15.86
CA LEU A 41 7.82 32.42 16.20
C LEU A 41 8.15 31.15 15.43
N ASN A 42 8.51 31.28 14.15
CA ASN A 42 8.91 30.12 13.37
C ASN A 42 10.20 29.51 13.92
N THR A 43 11.14 30.36 14.35
CA THR A 43 12.36 29.85 14.96
C THR A 43 12.05 29.12 16.26
N MET A 44 11.11 29.64 17.04
CA MET A 44 10.68 28.97 18.26
C MET A 44 10.08 27.60 17.95
N LEU A 45 9.24 27.52 16.92
CA LEU A 45 8.56 26.28 16.60
C LEU A 45 9.53 25.24 16.02
N ASN A 46 10.46 25.68 15.17
CA ASN A 46 11.35 24.77 14.48
C ASN A 46 12.43 24.19 15.37
N THR A 47 12.69 24.81 16.52
CA THR A 47 13.73 24.33 17.42
C THR A 47 13.25 23.23 18.35
N VAL A 48 11.96 22.90 18.33
CA VAL A 48 11.45 21.84 19.16
C VAL A 48 11.97 20.49 18.66
N GLY A 49 12.55 19.72 19.57
CA GLY A 49 13.08 18.41 19.25
C GLY A 49 12.09 17.31 19.61
N GLY A 50 11.94 16.34 18.71
CA GLY A 50 10.97 15.30 18.93
C GLY A 50 9.55 15.82 18.75
N HIS A 51 8.60 15.03 19.24
CA HIS A 51 7.18 15.35 19.17
C HIS A 51 6.76 15.67 17.74
N GLN A 52 7.17 14.79 16.81
CA GLN A 52 6.90 15.03 15.40
C GLN A 52 5.40 15.06 15.12
N ALA A 53 4.64 14.17 15.77
CA ALA A 53 3.19 14.18 15.59
C ALA A 53 2.57 15.48 16.07
N ALA A 54 3.01 15.97 17.23
CA ALA A 54 2.49 17.23 17.76
C ALA A 54 2.83 18.39 16.83
N MET A 55 4.06 18.42 16.31
CA MET A 55 4.45 19.47 15.39
C MET A 55 3.65 19.38 14.10
N GLN A 56 3.31 18.15 13.67
CA GLN A 56 2.46 17.99 12.48
C GLN A 56 1.07 18.55 12.72
N MET A 57 0.48 18.27 13.89
CA MET A 57 -0.83 18.85 14.20
C MET A 57 -0.76 20.37 14.28
N LEU A 58 0.32 20.90 14.85
CA LEU A 58 0.49 22.35 14.92
C LEU A 58 0.58 22.96 13.52
N LYS A 59 1.34 22.31 12.63
CA LYS A 59 1.45 22.80 11.26
C LYS A 59 0.11 22.73 10.54
N GLU A 60 -0.65 21.66 10.77
CA GLU A 60 -1.98 21.56 10.15
C GLU A 60 -2.90 22.67 10.64
N THR A 61 -2.88 22.96 11.93
CA THR A 61 -3.72 24.04 12.46
C THR A 61 -3.30 25.38 11.90
N ILE A 62 -1.98 25.62 11.80
CA ILE A 62 -1.50 26.88 11.23
C ILE A 62 -1.93 27.01 9.77
N ASN A 63 -1.85 25.91 9.02
CA ASN A 63 -2.26 25.94 7.62
C ASN A 63 -3.75 26.22 7.49
N GLU A 64 -4.57 25.61 8.35
CA GLU A 64 -6.00 25.89 8.32
C GLU A 64 -6.29 27.35 8.64
N GLU A 65 -5.61 27.90 9.64
CA GLU A 65 -5.81 29.30 9.99
C GLU A 65 -5.39 30.22 8.85
N ALA A 66 -4.27 29.92 8.20
CA ALA A 66 -3.82 30.73 7.08
C ALA A 66 -4.80 30.64 5.91
N ALA A 67 -5.33 29.45 5.64
CA ALA A 67 -6.31 29.30 4.57
C ALA A 67 -7.57 30.08 4.89
N GLU A 68 -8.03 30.05 6.13
CA GLU A 68 -9.21 30.83 6.50
C GLU A 68 -8.95 32.32 6.40
N TRP A 69 -7.75 32.77 6.78
CA TRP A 69 -7.41 34.19 6.62
C TRP A 69 -7.43 34.59 5.16
N ASP A 70 -6.88 33.73 4.29
CA ASP A 70 -6.88 34.03 2.86
C ASP A 70 -8.30 34.06 2.31
N ARG A 71 -9.16 33.14 2.77
CA ARG A 71 -10.54 33.12 2.34
C ARG A 71 -11.27 34.40 2.75
N VAL A 72 -11.09 34.83 4.00
CA VAL A 72 -11.82 35.99 4.48
C VAL A 72 -11.26 37.28 3.89
N HIS A 73 -9.94 37.38 3.77
CA HIS A 73 -9.30 38.61 3.33
C HIS A 73 -8.96 38.51 1.86
N PRO A 74 -9.61 39.27 0.98
CA PRO A 74 -9.27 39.20 -0.45
C PRO A 74 -7.98 39.95 -0.75
N VAL A 75 -7.41 39.62 -1.91
CA VAL A 75 -6.21 40.30 -2.38
C VAL A 75 -6.60 41.63 -3.05
N HIS A 76 -5.59 42.47 -3.27
CA HIS A 76 -5.78 43.73 -3.98
C HIS A 76 -5.13 43.64 -5.36
N ALA A 77 -5.82 44.14 -6.37
CA ALA A 77 -5.34 44.01 -7.74
C ALA A 77 -4.23 45.00 -8.06
N GLY A 78 -4.46 46.28 -7.77
CA GLY A 78 -3.51 47.31 -8.12
C GLY A 78 -2.62 47.71 -6.97
N PRO A 79 -1.32 47.43 -7.10
CA PRO A 79 -0.37 47.83 -6.06
C PRO A 79 -0.20 49.34 -6.01
N ILE A 80 0.08 49.85 -4.83
CA ILE A 80 0.30 51.27 -4.60
C ILE A 80 1.78 51.44 -4.30
N ALA A 81 2.55 51.87 -5.31
CA ALA A 81 3.98 52.07 -5.12
C ALA A 81 4.33 53.15 -4.11
N PRO A 82 3.77 54.37 -4.17
CA PRO A 82 4.24 55.43 -3.26
C PRO A 82 3.63 55.28 -1.87
N GLY A 83 4.49 55.10 -0.88
CA GLY A 83 4.06 55.11 0.51
C GLY A 83 3.05 54.04 0.88
N GLN A 84 3.25 52.81 0.40
CA GLN A 84 2.35 51.72 0.73
C GLN A 84 3.10 50.40 0.64
N MET A 85 2.60 49.39 1.35
CA MET A 85 3.19 48.07 1.37
C MET A 85 2.14 47.03 1.02
N ARG A 86 2.61 45.87 0.55
CA ARG A 86 1.71 44.78 0.18
C ARG A 86 0.92 44.30 1.39
N GLU A 87 -0.37 44.06 1.18
CA GLU A 87 -1.20 43.52 2.25
C GLU A 87 -0.80 42.08 2.55
N PRO A 88 -0.55 41.72 3.80
CA PRO A 88 -0.10 40.36 4.11
C PRO A 88 -1.17 39.32 3.81
N ARG A 89 -0.72 38.13 3.44
CA ARG A 89 -1.57 36.98 3.22
C ARG A 89 -1.38 36.00 4.38
N GLY A 90 -2.03 34.83 4.27
CA GLY A 90 -1.88 33.83 5.31
C GLY A 90 -0.46 33.33 5.44
N SER A 91 0.18 33.04 4.31
CA SER A 91 1.57 32.58 4.34
C SER A 91 2.51 33.66 4.81
N ASP A 92 2.21 34.93 4.51
CA ASP A 92 3.04 36.03 5.00
C ASP A 92 2.94 36.16 6.51
N ILE A 93 1.73 36.00 7.06
CA ILE A 93 1.58 36.03 8.51
C ILE A 93 2.29 34.85 9.15
N ALA A 94 2.15 33.66 8.54
CA ALA A 94 2.86 32.49 9.04
C ALA A 94 4.37 32.58 8.82
N GLY A 95 4.83 33.56 8.04
CA GLY A 95 6.25 33.74 7.79
C GLY A 95 6.84 32.86 6.72
N THR A 96 6.03 32.01 6.07
CA THR A 96 6.56 31.11 5.06
C THR A 96 6.99 31.88 3.81
N THR A 97 6.15 32.80 3.35
CA THR A 97 6.45 33.60 2.16
C THR A 97 6.66 35.07 2.50
N SER A 98 7.24 35.35 3.66
CA SER A 98 7.50 36.71 4.10
C SER A 98 8.93 36.84 4.61
N THR A 99 9.47 38.04 4.49
CA THR A 99 10.79 38.35 5.00
C THR A 99 10.67 39.14 6.30
N LEU A 100 11.75 39.15 7.07
CA LEU A 100 11.75 39.81 8.36
C LEU A 100 11.49 41.31 8.22
N GLN A 101 12.07 41.93 7.19
CA GLN A 101 11.86 43.36 6.97
C GLN A 101 10.39 43.67 6.71
N GLU A 102 9.72 42.85 5.89
CA GLU A 102 8.30 43.05 5.63
C GLU A 102 7.48 42.89 6.90
N GLN A 103 7.83 41.90 7.72
CA GLN A 103 7.12 41.69 8.97
C GLN A 103 7.26 42.90 9.90
N ILE A 104 8.49 43.41 10.04
CA ILE A 104 8.69 44.59 10.88
C ILE A 104 7.95 45.78 10.32
N GLY A 105 7.94 45.93 9.00
CA GLY A 105 7.18 47.01 8.39
C GLY A 105 5.69 46.92 8.69
N TRP A 106 5.14 45.70 8.66
CA TRP A 106 3.73 45.53 8.97
C TRP A 106 3.44 45.86 10.43
N MET A 107 4.24 45.33 11.36
CA MET A 107 3.97 45.63 12.76
C MET A 107 4.40 47.03 13.17
N THR A 108 5.04 47.79 12.28
CA THR A 108 5.49 49.14 12.59
C THR A 108 4.67 50.22 11.89
N ASN A 109 4.16 49.95 10.68
CA ASN A 109 3.42 50.93 9.91
C ASN A 109 2.18 51.41 10.66
N ASN A 110 1.65 52.55 10.23
CA ASN A 110 0.42 53.10 10.78
C ASN A 110 -0.68 53.04 9.73
N PRO A 111 -1.77 52.30 9.94
CA PRO A 111 -2.08 51.50 11.13
C PRO A 111 -1.32 50.17 11.16
N PRO A 112 -0.93 49.70 12.35
CA PRO A 112 -0.16 48.46 12.43
C PRO A 112 -0.97 47.25 12.02
N ILE A 113 -0.29 46.28 11.41
CA ILE A 113 -0.86 44.98 11.14
C ILE A 113 -0.13 43.98 12.01
N PRO A 114 -0.70 43.56 13.13
CA PRO A 114 0.02 42.69 14.08
C PRO A 114 0.15 41.27 13.55
N VAL A 115 1.01 41.10 12.54
CA VAL A 115 1.21 39.78 11.96
C VAL A 115 1.78 38.83 12.99
N GLY A 116 2.66 39.33 13.87
CA GLY A 116 3.15 38.51 14.96
C GLY A 116 2.06 38.07 15.91
N GLU A 117 1.12 38.98 16.23
CA GLU A 117 0.03 38.63 17.13
C GLU A 117 -0.92 37.63 16.49
N ILE A 118 -1.24 37.81 15.21
CA ILE A 118 -2.11 36.87 14.52
C ILE A 118 -1.46 35.49 14.44
N TYR A 119 -0.18 35.44 14.11
CA TYR A 119 0.53 34.16 14.06
C TYR A 119 0.61 33.54 15.45
N LYS A 120 0.79 34.35 16.49
CA LYS A 120 0.76 33.83 17.85
C LYS A 120 -0.59 33.21 18.18
N ARG A 121 -1.67 33.86 17.75
CA ARG A 121 -3.00 33.30 17.98
C ARG A 121 -3.17 31.96 17.27
N TRP A 122 -2.71 31.87 16.02
CA TRP A 122 -2.78 30.61 15.30
C TRP A 122 -1.97 29.51 16.00
N ILE A 123 -0.76 29.86 16.45
CA ILE A 123 0.09 28.88 17.13
C ILE A 123 -0.54 28.46 18.45
N ILE A 124 -1.20 29.39 19.15
CA ILE A 124 -1.86 29.04 20.41
C ILE A 124 -3.03 28.11 20.15
N LEU A 125 -3.78 28.34 19.07
CA LEU A 125 -4.85 27.42 18.71
C LEU A 125 -4.30 26.03 18.43
N GLY A 126 -3.18 25.96 17.70
CA GLY A 126 -2.56 24.67 17.46
C GLY A 126 -2.06 24.00 18.72
N LEU A 127 -1.50 24.78 19.64
CA LEU A 127 -1.02 24.24 20.90
C LEU A 127 -2.16 23.72 21.75
N ASN A 128 -3.29 24.43 21.76
CA ASN A 128 -4.47 23.94 22.46
C ASN A 128 -4.97 22.63 21.87
N LYS A 129 -4.95 22.54 20.54
CA LYS A 129 -5.34 21.28 19.89
C LYS A 129 -4.38 20.16 20.27
N ILE A 130 -3.08 20.45 20.33
CA ILE A 130 -2.10 19.45 20.74
C ILE A 130 -2.34 19.00 22.18
N VAL A 131 -2.59 19.96 23.07
CA VAL A 131 -2.84 19.63 24.47
C VAL A 131 -4.06 18.75 24.59
N ARG A 132 -5.10 19.03 23.79
CA ARG A 132 -6.32 18.23 23.85
C ARG A 132 -6.09 16.82 23.29
N MET A 133 -5.37 16.71 22.18
CA MET A 133 -5.39 15.49 21.38
C MET A 133 -4.10 14.67 21.41
N TYR A 134 -2.97 15.25 21.81
CA TYR A 134 -1.68 14.57 21.69
C TYR A 134 -1.24 14.03 23.05
N SER A 135 -0.77 12.79 23.05
CA SER A 135 -0.19 12.16 24.22
C SER A 135 1.23 11.70 23.89
N PRO A 136 2.25 12.21 24.57
CA PRO A 136 3.63 11.83 24.23
C PRO A 136 3.92 10.38 24.55
N THR A 137 4.85 9.81 23.79
CA THR A 137 5.29 8.44 23.99
C THR A 137 6.45 8.40 24.98
N SER A 138 6.48 7.35 25.80
CA SER A 138 7.49 7.20 26.83
C SER A 138 8.07 5.79 26.78
N ILE A 139 9.29 5.66 27.30
CA ILE A 139 9.89 4.33 27.44
C ILE A 139 9.08 3.48 28.40
N LEU A 140 8.35 4.10 29.32
CA LEU A 140 7.52 3.37 30.26
C LEU A 140 6.31 2.74 29.58
N ASP A 141 5.92 3.23 28.41
CA ASP A 141 4.75 2.74 27.69
C ASP A 141 5.08 1.67 26.66
N ILE A 142 6.34 1.27 26.54
CA ILE A 142 6.75 0.26 25.58
C ILE A 142 6.59 -1.10 26.24
N ARG A 143 5.63 -1.88 25.75
CA ARG A 143 5.32 -3.19 26.29
C ARG A 143 5.26 -4.21 25.17
N GLN A 144 5.66 -5.44 25.48
CA GLN A 144 5.61 -6.50 24.50
C GLN A 144 4.17 -6.96 24.27
N GLY A 145 3.79 -7.09 23.01
CA GLY A 145 2.49 -7.60 22.66
C GLY A 145 2.35 -9.07 23.03
N PRO A 146 1.11 -9.54 23.17
CA PRO A 146 0.90 -10.95 23.53
C PRO A 146 1.50 -11.92 22.52
N LYS A 147 1.53 -11.56 21.24
CA LYS A 147 2.08 -12.42 20.20
C LYS A 147 3.29 -11.80 19.50
N GLU A 148 3.78 -10.68 20.01
CA GLU A 148 4.91 -10.00 19.39
C GLU A 148 6.21 -10.75 19.68
N PRO A 149 7.07 -10.92 18.68
CA PRO A 149 8.38 -11.54 18.94
C PRO A 149 9.23 -10.68 19.87
N PHE A 150 10.05 -11.36 20.68
CA PHE A 150 10.88 -10.66 21.64
C PHE A 150 11.91 -9.76 20.97
N ARG A 151 12.41 -10.16 19.82
CA ARG A 151 13.34 -9.32 19.05
C ARG A 151 12.70 -8.00 18.66
N ASP A 152 11.46 -8.06 18.16
CA ASP A 152 10.77 -6.83 17.75
C ASP A 152 10.50 -5.92 18.95
N TYR A 153 10.11 -6.50 20.08
CA TYR A 153 9.89 -5.71 21.28
C TYR A 153 11.18 -5.05 21.76
N VAL A 154 12.29 -5.79 21.71
CA VAL A 154 13.58 -5.23 22.10
C VAL A 154 13.98 -4.10 21.16
N ASP A 155 13.72 -4.26 19.87
CA ASP A 155 14.03 -3.19 18.91
C ASP A 155 13.21 -1.95 19.19
N ARG A 156 11.90 -2.12 19.44
CA ARG A 156 11.06 -0.96 19.78
C ARG A 156 11.54 -0.30 21.07
N PHE A 157 11.87 -1.10 22.08
CA PHE A 157 12.34 -0.57 23.35
C PHE A 157 13.61 0.25 23.16
N TYR A 158 14.56 -0.27 22.37
CA TYR A 158 15.82 0.42 22.21
C TYR A 158 15.67 1.67 21.34
N LYS A 159 14.77 1.64 20.36
CA LYS A 159 14.49 2.85 19.59
C LYS A 159 13.89 3.94 20.48
N THR A 160 12.91 3.56 21.32
CA THR A 160 12.33 4.54 22.23
C THR A 160 13.35 5.05 23.24
N LEU A 161 14.23 4.18 23.72
CA LEU A 161 15.27 4.61 24.64
C LEU A 161 16.23 5.59 23.97
N ARG A 162 16.59 5.31 22.72
CA ARG A 162 17.44 6.25 21.98
C ARG A 162 16.74 7.60 21.81
N ALA A 163 15.42 7.59 21.63
CA ALA A 163 14.66 8.83 21.53
C ALA A 163 14.36 9.46 22.90
N GLU A 164 14.63 8.75 23.99
CA GLU A 164 14.28 9.26 25.31
C GLU A 164 15.27 10.32 25.78
N GLN A 165 14.75 11.28 26.56
N GLN A 165 14.76 11.27 26.56
CA GLN A 165 15.57 12.35 27.13
CA GLN A 165 15.58 12.35 27.13
C GLN A 165 16.00 11.90 28.52
C GLN A 165 16.02 11.94 28.52
N ALA A 166 17.23 11.40 28.62
CA ALA A 166 17.77 10.95 29.90
C ALA A 166 19.28 10.84 29.78
N SER A 167 19.93 10.73 30.94
CA SER A 167 21.36 10.49 30.97
C SER A 167 21.65 9.05 30.58
N GLN A 168 22.91 8.80 30.19
CA GLN A 168 23.30 7.46 29.76
C GLN A 168 23.17 6.45 30.90
N GLU A 169 23.55 6.86 32.12
CA GLU A 169 23.40 5.97 33.27
C GLU A 169 21.92 5.68 33.53
N VAL A 170 21.07 6.70 33.42
CA VAL A 170 19.65 6.49 33.61
C VAL A 170 19.07 5.59 32.53
N LYS A 171 19.54 5.75 31.29
CA LYS A 171 19.09 4.87 30.22
C LYS A 171 19.54 3.42 30.47
N ASN A 172 20.75 3.23 30.98
CA ASN A 172 21.19 1.88 31.32
C ASN A 172 20.34 1.29 32.42
N TRP A 173 19.98 2.10 33.42
CA TRP A 173 19.10 1.62 34.48
C TRP A 173 17.72 1.27 33.94
N MET A 174 17.21 2.07 32.99
CA MET A 174 15.95 1.76 32.33
C MET A 174 16.03 0.43 31.60
N THR A 175 17.14 0.19 30.88
CA THR A 175 17.31 -1.08 30.20
C THR A 175 17.34 -2.24 31.20
N GLU A 176 18.03 -2.05 32.31
CA GLU A 176 18.18 -3.12 33.29
C GLU A 176 16.90 -3.42 34.05
N THR A 177 16.00 -2.44 34.20
CA THR A 177 14.83 -2.63 35.03
C THR A 177 13.49 -2.64 34.29
N LEU A 178 13.46 -2.28 33.01
CA LEU A 178 12.21 -2.15 32.28
C LEU A 178 12.03 -3.17 31.16
N LEU A 179 13.11 -3.61 30.52
CA LEU A 179 12.97 -4.47 29.35
C LEU A 179 12.36 -5.82 29.73
N VAL A 180 12.89 -6.47 30.77
CA VAL A 180 12.34 -7.74 31.21
C VAL A 180 10.98 -7.53 31.86
N GLN A 181 10.82 -6.43 32.60
CA GLN A 181 9.58 -6.20 33.34
C GLN A 181 8.39 -6.04 32.39
N ASN A 182 8.58 -5.33 31.29
CA ASN A 182 7.49 -5.02 30.37
C ASN A 182 7.34 -6.07 29.27
N ALA A 183 8.04 -7.19 29.37
CA ALA A 183 7.86 -8.29 28.43
C ALA A 183 6.56 -9.03 28.73
N ASN A 184 6.06 -9.75 27.73
CA ASN A 184 4.84 -10.51 27.90
C ASN A 184 5.08 -11.72 28.80
N PRO A 185 4.02 -12.28 29.39
CA PRO A 185 4.22 -13.40 30.32
C PRO A 185 4.97 -14.58 29.74
N ASP A 186 4.72 -14.92 28.47
CA ASP A 186 5.40 -16.06 27.86
C ASP A 186 6.90 -15.85 27.82
N CYS A 187 7.35 -14.65 27.45
CA CYS A 187 8.77 -14.34 27.47
C CYS A 187 9.27 -14.08 28.88
N LYS A 188 8.43 -13.50 29.75
CA LYS A 188 8.87 -13.18 31.10
C LYS A 188 9.19 -14.45 31.90
N THR A 189 8.42 -15.52 31.69
CA THR A 189 8.72 -16.78 32.38
C THR A 189 10.12 -17.26 32.04
N ILE A 190 10.45 -17.28 30.75
CA ILE A 190 11.77 -17.73 30.31
C ILE A 190 12.85 -16.78 30.80
N LEU A 191 12.59 -15.48 30.76
CA LEU A 191 13.60 -14.51 31.20
C LEU A 191 13.88 -14.66 32.69
N LYS A 192 12.84 -14.87 33.49
CA LYS A 192 13.04 -15.08 34.93
C LYS A 192 13.77 -16.38 35.20
N ALA A 193 13.42 -17.45 34.47
CA ALA A 193 14.14 -18.71 34.63
C ALA A 193 15.59 -18.60 34.15
N LEU A 194 15.91 -17.60 33.32
CA LEU A 194 17.26 -17.45 32.80
C LEU A 194 18.22 -16.90 33.86
N GLY A 195 17.73 -16.07 34.76
CA GLY A 195 18.56 -15.48 35.80
C GLY A 195 18.84 -14.02 35.57
N PRO A 196 19.11 -13.28 36.64
CA PRO A 196 19.37 -11.84 36.50
C PRO A 196 20.68 -11.51 35.79
N ALA A 197 21.63 -12.45 35.75
CA ALA A 197 22.94 -12.18 35.16
C ALA A 197 22.96 -12.39 33.65
N ALA A 198 21.83 -12.80 33.06
CA ALA A 198 21.80 -13.07 31.62
C ALA A 198 22.01 -11.79 30.82
N THR A 199 22.76 -11.91 29.74
CA THR A 199 22.99 -10.78 28.84
C THR A 199 21.82 -10.63 27.86
N LEU A 200 21.86 -9.53 27.10
CA LEU A 200 20.80 -9.29 26.12
C LEU A 200 20.78 -10.38 25.06
N GLU A 201 21.96 -10.79 24.58
CA GLU A 201 22.01 -11.83 23.57
C GLU A 201 21.48 -13.15 24.11
N GLU A 202 21.81 -13.49 25.35
CA GLU A 202 21.30 -14.72 25.95
C GLU A 202 19.77 -14.66 26.10
N MET A 203 19.23 -13.51 26.50
CA MET A 203 17.79 -13.39 26.65
C MET A 203 17.08 -13.49 25.31
N MET A 204 17.64 -12.88 24.27
CA MET A 204 17.01 -12.95 22.96
C MET A 204 17.12 -14.35 22.37
N THR A 205 18.20 -15.07 22.68
CA THR A 205 18.28 -16.47 22.27
C THR A 205 17.26 -17.32 23.01
N ALA A 206 17.07 -17.05 24.30
CA ALA A 206 16.15 -17.86 25.10
C ALA A 206 14.70 -17.67 24.69
N CYS A 207 14.35 -16.47 24.23
CA CYS A 207 12.98 -16.17 23.81
C CYS A 207 12.80 -16.27 22.29
N GLN A 208 13.80 -16.78 21.58
CA GLN A 208 13.73 -16.85 20.13
C GLN A 208 12.66 -17.81 19.64
N GLY A 209 12.26 -18.77 20.48
CA GLY A 209 11.29 -19.76 20.11
C GLY A 209 9.88 -19.54 20.60
N VAL A 210 9.63 -18.45 21.34
CA VAL A 210 8.30 -18.22 21.88
C VAL A 210 7.32 -17.95 20.75
N GLY A 211 6.23 -18.71 20.71
CA GLY A 211 5.30 -18.65 19.62
C GLY A 211 5.56 -19.63 18.49
N GLY A 212 6.67 -20.37 18.54
CA GLY A 212 6.95 -21.39 17.57
C GLY A 212 6.25 -22.69 17.92
N PRO A 213 6.31 -23.67 17.02
CA PRO A 213 5.62 -24.94 17.29
C PRO A 213 6.09 -25.64 18.54
N GLY A 214 7.41 -25.66 18.79
CA GLY A 214 7.91 -26.37 19.96
C GLY A 214 7.50 -25.73 21.27
N HIS A 215 7.57 -24.40 21.35
CA HIS A 215 7.19 -23.71 22.58
C HIS A 215 5.70 -23.89 22.87
N LYS A 216 4.87 -23.75 21.84
CA LYS A 216 3.43 -23.92 22.02
C LYS A 216 3.10 -25.35 22.45
N ALA A 217 3.74 -26.34 21.80
CA ALA A 217 3.53 -27.72 22.20
C ALA A 217 3.96 -27.96 23.63
N ARG A 218 5.09 -27.38 24.04
CA ARG A 218 5.59 -27.60 25.39
C ARG A 218 4.68 -26.98 26.44
N VAL A 219 4.20 -25.75 26.20
CA VAL A 219 3.34 -25.11 27.20
C VAL A 219 1.98 -25.81 27.25
N LEU A 220 1.45 -26.22 26.09
CA LEU A 220 0.21 -26.97 26.08
C LEU A 220 0.35 -28.29 26.82
N ALA A 221 1.49 -28.97 26.62
CA ALA A 221 1.73 -30.22 27.33
C ALA A 221 1.86 -30.01 28.83
N GLU A 222 2.51 -28.92 29.25
CA GLU A 222 2.63 -28.64 30.67
C GLU A 222 1.26 -28.41 31.30
N ALA A 223 0.42 -27.61 30.64
CA ALA A 223 -0.93 -27.36 31.17
C ALA A 223 -1.76 -28.65 31.20
N MET A 224 -1.68 -29.44 30.12
CA MET A 224 -2.42 -30.70 30.07
C MET A 224 -1.95 -31.65 31.15
N SER A 225 -0.64 -31.72 31.39
CA SER A 225 -0.10 -32.58 32.43
C SER A 225 -0.59 -32.13 33.80
N GLN A 226 -0.63 -30.81 34.04
CA GLN A 226 -1.15 -30.32 35.30
C GLN A 226 -2.59 -30.76 35.53
N VAL A 227 -3.44 -30.56 34.51
CA VAL A 227 -4.85 -30.89 34.70
C VAL A 227 -5.07 -32.40 34.78
N ILE A 228 -4.24 -33.20 34.11
CA ILE A 228 -4.35 -34.66 34.22
C ILE A 228 -3.90 -35.12 35.59
N ASN A 229 -2.82 -34.53 36.12
CA ASN A 229 -2.35 -34.88 37.44
C ASN A 229 -3.36 -34.50 38.51
N SER A 230 -4.08 -33.40 38.30
CA SER A 230 -5.15 -33.05 39.22
C SER A 230 -6.24 -34.11 39.24
N ALA A 231 -6.54 -34.69 38.07
CA ALA A 231 -7.54 -35.75 37.98
C ALA A 231 -7.05 -37.02 38.64
N HIS B 1 30.53 38.72 9.31
CA HIS B 1 30.16 38.09 10.57
C HIS B 1 29.19 36.92 10.37
N GLN B 2 29.47 35.81 11.06
CA GLN B 2 28.61 34.63 11.04
C GLN B 2 28.36 34.25 12.50
N ALA B 3 27.36 34.88 13.10
CA ALA B 3 27.01 34.57 14.49
C ALA B 3 26.43 33.17 14.59
N ILE B 4 26.54 32.59 15.78
CA ILE B 4 26.05 31.23 15.98
C ILE B 4 24.54 31.20 15.85
N SER B 5 24.03 30.21 15.12
CA SER B 5 22.61 30.09 14.85
C SER B 5 21.91 29.40 16.02
N PRO B 6 20.61 29.64 16.18
CA PRO B 6 19.86 28.97 17.26
C PRO B 6 19.96 27.45 17.20
N ARG B 7 19.95 26.87 16.00
CA ARG B 7 20.07 25.42 15.89
C ARG B 7 21.43 24.92 16.40
N THR B 8 22.50 25.62 16.05
CA THR B 8 23.82 25.22 16.51
C THR B 8 23.95 25.33 18.03
N LEU B 9 23.47 26.44 18.59
CA LEU B 9 23.53 26.61 20.04
C LEU B 9 22.70 25.56 20.76
N ASN B 10 21.50 25.28 20.25
CA ASN B 10 20.67 24.26 20.87
C ASN B 10 21.31 22.88 20.75
N ALA B 11 21.94 22.58 19.62
CA ALA B 11 22.65 21.31 19.48
C ALA B 11 23.78 21.20 20.48
N TRP B 12 24.51 22.29 20.69
CA TRP B 12 25.55 22.31 21.72
C TRP B 12 24.96 22.04 23.10
N VAL B 13 23.82 22.66 23.40
CA VAL B 13 23.19 22.50 24.71
C VAL B 13 22.76 21.05 24.90
N LYS B 14 22.12 20.45 23.90
CA LYS B 14 21.70 19.06 24.03
C LYS B 14 22.89 18.11 24.07
N VAL B 15 23.98 18.44 23.37
CA VAL B 15 25.19 17.62 23.46
C VAL B 15 25.71 17.62 24.89
N VAL B 16 25.79 18.80 25.51
CA VAL B 16 26.29 18.88 26.88
C VAL B 16 25.33 18.16 27.84
N GLU B 17 24.03 18.34 27.65
CA GLU B 17 23.08 17.75 28.58
C GLU B 17 22.95 16.24 28.41
N GLU B 18 23.22 15.72 27.21
CA GLU B 18 23.09 14.30 26.97
C GLU B 18 24.36 13.54 27.31
N LYS B 19 25.52 14.09 26.94
N LYS B 19 25.51 14.11 26.96
CA LYS B 19 26.80 13.47 27.22
CA LYS B 19 26.80 13.48 27.22
C LYS B 19 27.39 13.89 28.56
C LYS B 19 27.40 13.89 28.55
N ALA B 20 26.74 14.77 29.29
CA ALA B 20 27.24 15.33 30.56
C ALA B 20 28.55 16.04 30.24
N PHE B 21 29.71 15.47 30.57
CA PHE B 21 30.98 16.04 30.14
C PHE B 21 31.95 14.95 29.74
N SER B 22 31.43 13.88 29.14
CA SER B 22 32.27 12.85 28.56
C SER B 22 33.21 13.47 27.51
N PRO B 23 34.31 12.79 27.18
CA PRO B 23 35.27 13.38 26.23
C PRO B 23 34.64 13.76 24.90
N GLU B 24 33.55 13.11 24.52
CA GLU B 24 32.88 13.32 23.24
C GLU B 24 32.34 14.73 23.08
N VAL B 25 32.23 15.51 24.15
CA VAL B 25 31.82 16.91 24.00
C VAL B 25 32.94 17.78 23.44
N ILE B 26 34.20 17.38 23.63
CA ILE B 26 35.32 18.18 23.15
C ILE B 26 35.31 18.33 21.63
N PRO B 27 35.14 17.26 20.83
CA PRO B 27 35.05 17.48 19.37
C PRO B 27 33.84 18.31 18.96
N MET B 28 32.67 17.98 19.50
CA MET B 28 31.45 18.69 19.12
C MET B 28 31.60 20.19 19.32
N PHE B 29 32.14 20.61 20.47
CA PHE B 29 32.42 22.02 20.69
C PHE B 29 33.27 22.59 19.56
N SER B 30 34.40 21.93 19.28
CA SER B 30 35.26 22.40 18.21
C SER B 30 34.54 22.39 16.87
N ALA B 31 33.58 21.48 16.71
CA ALA B 31 32.84 21.41 15.45
C ALA B 31 31.79 22.52 15.36
N LEU B 32 31.25 22.96 16.49
CA LEU B 32 30.17 23.94 16.48
C LEU B 32 30.64 25.35 16.78
N SER B 33 31.95 25.59 16.81
CA SER B 33 32.49 26.90 17.14
C SER B 33 33.57 27.34 16.15
N GLU B 34 33.62 26.72 14.98
CA GLU B 34 34.63 27.09 13.98
C GLU B 34 34.35 28.49 13.46
N GLY B 35 35.33 29.38 13.59
CA GLY B 35 35.17 30.75 13.19
C GLY B 35 34.38 31.62 14.15
N ALA B 36 34.04 31.09 15.33
CA ALA B 36 33.22 31.84 16.27
C ALA B 36 34.02 32.95 16.94
N THR B 37 33.37 34.08 17.17
CA THR B 37 33.96 35.16 17.93
C THR B 37 33.97 34.81 19.42
N PRO B 38 34.77 35.50 20.22
CA PRO B 38 34.72 35.29 21.67
C PRO B 38 33.33 35.51 22.25
N GLN B 39 32.54 36.43 21.70
CA GLN B 39 31.17 36.60 22.15
C GLN B 39 30.33 35.36 21.89
N ASP B 40 30.49 34.74 20.72
CA ASP B 40 29.76 33.52 20.42
C ASP B 40 30.18 32.38 21.35
N LEU B 41 31.47 32.30 21.65
CA LEU B 41 31.95 31.27 22.58
C LEU B 41 31.40 31.50 23.98
N ASN B 42 31.34 32.76 24.42
CA ASN B 42 30.76 33.06 25.72
C ASN B 42 29.27 32.73 25.73
N THR B 43 28.58 32.96 24.62
CA THR B 43 27.18 32.58 24.52
C THR B 43 27.03 31.06 24.62
N MET B 44 27.92 30.32 23.97
CA MET B 44 27.90 28.86 24.04
C MET B 44 28.12 28.39 25.47
N LEU B 45 29.07 29.00 26.18
CA LEU B 45 29.39 28.55 27.53
C LEU B 45 28.31 28.94 28.53
N ASN B 46 27.79 30.16 28.44
CA ASN B 46 26.84 30.67 29.41
C ASN B 46 25.47 30.01 29.31
N THR B 47 25.14 29.44 28.16
CA THR B 47 23.82 28.87 27.94
C THR B 47 23.71 27.46 28.53
N VAL B 48 24.85 26.83 28.87
CA VAL B 48 24.83 25.51 29.48
C VAL B 48 24.07 25.56 30.79
N GLY B 49 23.15 24.62 30.97
CA GLY B 49 22.37 24.52 32.19
C GLY B 49 22.88 23.43 33.10
N GLY B 50 22.92 23.71 34.40
CA GLY B 50 23.46 22.76 35.34
C GLY B 50 24.97 22.71 35.26
N HIS B 51 25.52 21.65 35.88
CA HIS B 51 26.96 21.40 35.91
C HIS B 51 27.72 22.63 36.39
N GLN B 52 27.24 23.22 37.49
CA GLN B 52 27.82 24.45 38.00
C GLN B 52 29.28 24.26 38.42
N ALA B 53 29.61 23.10 38.98
CA ALA B 53 30.99 22.82 39.34
C ALA B 53 31.88 22.76 38.11
N ALA B 54 31.41 22.10 37.05
CA ALA B 54 32.19 22.02 35.81
C ALA B 54 32.38 23.41 35.20
N MET B 55 31.32 24.22 35.20
CA MET B 55 31.46 25.58 34.70
C MET B 55 32.40 26.41 35.55
N GLN B 56 32.44 26.14 36.86
CA GLN B 56 33.39 26.83 37.74
C GLN B 56 34.82 26.46 37.38
N MET B 57 35.07 25.17 37.14
CA MET B 57 36.42 24.75 36.71
C MET B 57 36.79 25.38 35.37
N LEU B 58 35.83 25.43 34.44
CA LEU B 58 36.08 26.04 33.14
C LEU B 58 36.42 27.52 33.28
N LYS B 59 35.66 28.24 34.10
CA LYS B 59 35.92 29.65 34.34
C LYS B 59 37.29 29.85 34.98
N GLU B 60 37.64 28.99 35.94
CA GLU B 60 38.95 29.08 36.58
C GLU B 60 40.07 28.89 35.55
N THR B 61 39.95 27.87 34.70
CA THR B 61 40.97 27.62 33.70
C THR B 61 41.09 28.79 32.72
N ILE B 62 39.94 29.33 32.29
CA ILE B 62 39.97 30.49 31.40
C ILE B 62 40.65 31.67 32.07
N ASN B 63 40.41 31.85 33.38
CA ASN B 63 41.03 32.94 34.10
C ASN B 63 42.55 32.77 34.19
N GLU B 64 43.02 31.55 34.47
CA GLU B 64 44.47 31.33 34.48
C GLU B 64 45.08 31.56 33.11
N GLU B 65 44.39 31.13 32.05
CA GLU B 65 44.91 31.35 30.70
C GLU B 65 44.98 32.83 30.38
N ALA B 66 43.95 33.60 30.75
CA ALA B 66 43.97 35.03 30.52
C ALA B 66 45.08 35.71 31.31
N ALA B 67 45.29 35.28 32.55
CA ALA B 67 46.37 35.84 33.36
C ALA B 67 47.73 35.53 32.75
N GLU B 68 47.90 34.31 32.24
CA GLU B 68 49.16 33.94 31.59
C GLU B 68 49.38 34.77 30.33
N TRP B 69 48.32 34.99 29.54
CA TRP B 69 48.46 35.84 28.37
C TRP B 69 48.84 37.26 28.76
N ASP B 70 48.24 37.78 29.82
CA ASP B 70 48.58 39.13 30.27
C ASP B 70 50.02 39.20 30.75
N ARG B 71 50.49 38.16 31.44
CA ARG B 71 51.87 38.13 31.90
C ARG B 71 52.85 38.10 30.73
N VAL B 72 52.61 37.20 29.77
CA VAL B 72 53.55 37.02 28.67
C VAL B 72 53.55 38.23 27.73
N HIS B 73 52.35 38.71 27.38
CA HIS B 73 52.23 39.81 26.44
C HIS B 73 52.15 41.13 27.20
N PRO B 74 53.14 42.01 27.09
CA PRO B 74 53.07 43.29 27.80
C PRO B 74 52.15 44.28 27.11
N VAL B 75 51.74 45.28 27.87
CA VAL B 75 50.89 46.34 27.35
C VAL B 75 51.74 47.41 26.69
N HIS B 76 51.12 48.20 25.83
CA HIS B 76 51.78 49.31 25.15
C HIS B 76 51.28 50.63 25.74
N ALA B 77 52.09 51.68 25.56
CA ALA B 77 51.69 53.01 25.98
C ALA B 77 50.50 53.55 25.21
N GLY B 78 50.15 52.92 24.08
CA GLY B 78 48.99 53.29 23.31
C GLY B 78 49.17 54.52 22.43
N PRO B 79 50.09 54.45 21.47
CA PRO B 79 50.18 55.51 20.48
C PRO B 79 49.10 55.37 19.41
N ILE B 80 48.65 56.50 18.89
CA ILE B 80 47.62 56.48 17.87
C ILE B 80 48.22 55.99 16.55
N ALA B 81 47.39 55.32 15.76
CA ALA B 81 47.79 54.74 14.49
C ALA B 81 46.68 54.95 13.49
N PRO B 82 46.99 54.89 12.18
CA PRO B 82 45.90 54.94 11.19
C PRO B 82 44.85 53.87 11.39
N GLY B 83 45.27 52.66 11.78
CA GLY B 83 44.31 51.63 12.15
C GLY B 83 43.80 51.78 13.57
N GLN B 84 44.60 52.38 14.45
CA GLN B 84 44.29 52.63 15.87
C GLN B 84 43.50 51.48 16.49
N MET B 85 44.09 50.29 16.43
CA MET B 85 43.52 49.10 17.04
C MET B 85 44.40 48.69 18.22
N ARG B 86 43.82 48.72 19.41
CA ARG B 86 44.55 48.31 20.61
C ARG B 86 44.81 46.81 20.59
N GLU B 87 45.94 46.42 21.16
CA GLU B 87 46.27 45.00 21.25
C GLU B 87 45.35 44.33 22.27
N PRO B 88 44.71 43.21 21.92
CA PRO B 88 43.81 42.56 22.87
C PRO B 88 44.55 42.08 24.11
N ARG B 89 43.87 42.18 25.25
CA ARG B 89 44.38 41.67 26.52
C ARG B 89 43.77 40.29 26.77
N GLY B 90 44.03 39.77 27.97
CA GLY B 90 43.42 38.48 28.33
C GLY B 90 41.92 38.56 28.42
N SER B 91 41.39 39.60 29.07
CA SER B 91 39.95 39.78 29.16
C SER B 91 39.33 40.05 27.80
N ASP B 92 40.03 40.78 26.93
CA ASP B 92 39.52 41.03 25.59
C ASP B 92 39.40 39.74 24.79
N ILE B 93 40.39 38.86 24.89
CA ILE B 93 40.29 37.55 24.24
C ILE B 93 39.17 36.73 24.84
N ALA B 94 39.05 36.75 26.17
CA ALA B 94 37.95 36.03 26.82
C ALA B 94 36.60 36.67 26.55
N GLY B 95 36.56 37.87 25.98
CA GLY B 95 35.32 38.55 25.69
C GLY B 95 34.72 39.31 26.84
N THR B 96 35.37 39.31 28.00
CA THR B 96 34.82 40.01 29.16
C THR B 96 34.92 41.53 28.99
N THR B 97 36.05 42.02 28.49
CA THR B 97 36.26 43.45 28.39
C THR B 97 36.49 43.82 26.92
N SER B 98 35.63 43.32 26.04
CA SER B 98 35.72 43.65 24.62
C SER B 98 34.34 43.52 24.00
N THR B 99 34.11 44.32 22.97
CA THR B 99 32.86 44.30 22.23
C THR B 99 32.99 43.43 20.98
N LEU B 100 31.83 43.10 20.40
CA LEU B 100 31.83 42.27 19.20
C LEU B 100 32.55 42.95 18.04
N GLN B 101 32.40 44.27 17.93
CA GLN B 101 33.09 45.00 16.87
C GLN B 101 34.60 44.91 17.03
N GLU B 102 35.10 45.04 18.26
CA GLU B 102 36.54 44.92 18.50
C GLU B 102 37.04 43.53 18.16
N GLN B 103 36.28 42.49 18.55
CA GLN B 103 36.68 41.12 18.24
C GLN B 103 36.71 40.90 16.73
N ILE B 104 35.71 41.40 16.01
CA ILE B 104 35.68 41.25 14.56
C ILE B 104 36.86 41.99 13.93
N GLY B 105 37.16 43.19 14.42
CA GLY B 105 38.30 43.92 13.90
C GLY B 105 39.61 43.19 14.11
N TRP B 106 39.79 42.59 15.29
CA TRP B 106 40.99 41.80 15.54
C TRP B 106 41.05 40.58 14.63
N MET B 107 39.92 39.89 14.46
CA MET B 107 39.94 38.65 13.68
C MET B 107 40.13 38.91 12.19
N THR B 108 39.65 40.04 11.68
CA THR B 108 39.72 40.35 10.26
C THR B 108 40.83 41.35 9.93
N ASN B 109 41.69 41.67 10.88
CA ASN B 109 42.77 42.62 10.63
C ASN B 109 43.85 41.97 9.77
N ASN B 110 44.73 42.82 9.23
CA ASN B 110 45.91 42.37 8.50
C ASN B 110 47.15 42.99 9.12
N PRO B 111 47.95 42.24 9.89
CA PRO B 111 47.82 40.80 10.22
C PRO B 111 46.69 40.53 11.21
N PRO B 112 46.06 39.36 11.11
CA PRO B 112 44.95 39.05 12.01
C PRO B 112 45.43 38.61 13.39
N ILE B 113 44.57 38.85 14.38
CA ILE B 113 44.77 38.34 15.73
C ILE B 113 43.60 37.40 16.04
N PRO B 114 43.80 36.08 15.90
CA PRO B 114 42.69 35.15 16.11
C PRO B 114 42.28 35.04 17.56
N VAL B 115 41.64 36.09 18.09
CA VAL B 115 41.21 36.08 19.48
C VAL B 115 40.21 34.96 19.72
N GLY B 116 39.34 34.70 18.75
CA GLY B 116 38.41 33.60 18.87
C GLY B 116 39.10 32.26 18.99
N GLU B 117 40.19 32.07 18.24
CA GLU B 117 40.90 30.79 18.30
C GLU B 117 41.66 30.63 19.60
N ILE B 118 42.25 31.71 20.11
CA ILE B 118 42.92 31.66 21.41
C ILE B 118 41.91 31.34 22.51
N TYR B 119 40.74 31.99 22.45
CA TYR B 119 39.71 31.71 23.45
C TYR B 119 39.20 30.28 23.32
N LYS B 120 39.09 29.77 22.09
CA LYS B 120 38.72 28.36 21.90
C LYS B 120 39.75 27.44 22.52
N ARG B 121 41.03 27.75 22.35
CA ARG B 121 42.08 26.93 22.96
C ARG B 121 41.96 26.94 24.48
N TRP B 122 41.71 28.11 25.07
CA TRP B 122 41.52 28.18 26.52
C TRP B 122 40.33 27.36 26.96
N ILE B 123 39.21 27.47 26.23
CA ILE B 123 38.01 26.73 26.59
C ILE B 123 38.24 25.22 26.45
N ILE B 124 39.01 24.81 25.45
CA ILE B 124 39.29 23.39 25.28
C ILE B 124 40.19 22.88 26.40
N LEU B 125 41.14 23.70 26.85
CA LEU B 125 41.94 23.31 28.02
C LEU B 125 41.04 23.13 29.23
N GLY B 126 40.12 24.07 29.45
CA GLY B 126 39.18 23.92 30.55
C GLY B 126 38.29 22.70 30.43
N LEU B 127 37.83 22.41 29.21
CA LEU B 127 36.98 21.25 28.99
C LEU B 127 37.73 19.95 29.23
N ASN B 128 39.00 19.90 28.82
CA ASN B 128 39.82 18.73 29.09
C ASN B 128 40.02 18.54 30.58
N LYS B 129 40.23 19.64 31.31
CA LYS B 129 40.32 19.56 32.77
C LYS B 129 39.02 19.04 33.37
N ILE B 130 37.88 19.50 32.85
CA ILE B 130 36.59 19.03 33.33
C ILE B 130 36.44 17.53 33.08
N VAL B 131 36.80 17.09 31.88
CA VAL B 131 36.70 15.68 31.53
C VAL B 131 37.56 14.85 32.47
N ARG B 132 38.75 15.34 32.79
CA ARG B 132 39.65 14.60 33.66
C ARG B 132 39.13 14.55 35.10
N MET B 133 38.65 15.68 35.63
CA MET B 133 38.43 15.80 37.06
C MET B 133 36.98 15.80 37.49
N TYR B 134 36.04 16.11 36.61
CA TYR B 134 34.64 16.28 37.01
C TYR B 134 33.85 15.01 36.74
N SER B 135 33.06 14.60 37.73
CA SER B 135 32.14 13.48 37.62
C SER B 135 30.73 13.97 37.93
N PRO B 136 29.81 13.95 36.97
CA PRO B 136 28.48 14.49 37.24
C PRO B 136 27.70 13.63 38.23
N THR B 137 26.82 14.29 38.97
CA THR B 137 25.96 13.62 39.94
C THR B 137 24.70 13.11 39.26
N SER B 138 24.16 12.02 39.79
CA SER B 138 22.98 11.40 39.23
C SER B 138 22.00 11.05 40.35
N ILE B 139 20.74 10.92 39.97
CA ILE B 139 19.72 10.44 40.91
C ILE B 139 20.02 9.01 41.34
N LEU B 140 20.75 8.26 40.51
CA LEU B 140 21.11 6.90 40.86
C LEU B 140 22.17 6.84 41.96
N ASP B 141 22.92 7.92 42.15
CA ASP B 141 23.99 7.95 43.14
C ASP B 141 23.52 8.45 44.51
N ILE B 142 22.26 8.82 44.65
CA ILE B 142 21.75 9.35 45.91
C ILE B 142 21.36 8.18 46.79
N ARG B 143 22.19 7.91 47.80
CA ARG B 143 21.95 6.83 48.75
C ARG B 143 21.93 7.38 50.16
N GLN B 144 21.11 6.79 51.01
CA GLN B 144 21.07 7.19 52.41
C GLN B 144 22.32 6.75 53.14
N GLY B 145 22.84 7.64 53.98
CA GLY B 145 23.99 7.31 54.79
C GLY B 145 23.64 6.34 55.89
N PRO B 146 24.64 5.68 56.46
CA PRO B 146 24.37 4.74 57.56
C PRO B 146 23.73 5.39 58.77
N LYS B 147 24.04 6.66 59.03
CA LYS B 147 23.46 7.38 60.17
C LYS B 147 22.62 8.57 59.76
N GLU B 148 22.35 8.74 58.47
CA GLU B 148 21.59 9.89 58.00
C GLU B 148 20.11 9.71 58.32
N PRO B 149 19.44 10.76 58.79
CA PRO B 149 17.98 10.68 58.97
C PRO B 149 17.27 10.51 57.64
N PHE B 150 16.16 9.78 57.68
CA PHE B 150 15.44 9.45 56.45
C PHE B 150 14.88 10.69 55.78
N ARG B 151 14.47 11.69 56.57
CA ARG B 151 13.95 12.92 55.99
C ARG B 151 15.03 13.67 55.22
N ASP B 152 16.25 13.72 55.75
CA ASP B 152 17.34 14.36 55.04
C ASP B 152 17.64 13.64 53.73
N TYR B 153 17.62 12.31 53.75
CA TYR B 153 17.83 11.54 52.53
C TYR B 153 16.75 11.81 51.51
N VAL B 154 15.48 11.89 51.96
CA VAL B 154 14.39 12.17 51.04
C VAL B 154 14.53 13.57 50.45
N ASP B 155 14.95 14.53 51.27
CA ASP B 155 15.18 15.89 50.77
C ASP B 155 16.27 15.91 49.72
N ARG B 156 17.39 15.22 49.97
CA ARG B 156 18.45 15.15 48.97
C ARG B 156 17.96 14.47 47.70
N PHE B 157 17.21 13.39 47.84
CA PHE B 157 16.71 12.67 46.68
C PHE B 157 15.81 13.55 45.83
N TYR B 158 14.90 14.30 46.47
CA TYR B 158 13.99 15.13 45.71
C TYR B 158 14.69 16.35 45.12
N LYS B 159 15.70 16.89 45.81
CA LYS B 159 16.48 17.97 45.23
C LYS B 159 17.23 17.51 44.00
N THR B 160 17.80 16.30 44.04
CA THR B 160 18.48 15.77 42.87
C THR B 160 17.50 15.43 41.75
N LEU B 161 16.31 14.95 42.11
CA LEU B 161 15.32 14.59 41.11
C LEU B 161 14.77 15.82 40.40
N ARG B 162 14.60 16.93 41.13
CA ARG B 162 14.09 18.15 40.50
C ARG B 162 15.05 18.67 39.44
N ALA B 163 16.35 18.45 39.61
CA ALA B 163 17.35 18.85 38.63
C ALA B 163 17.68 17.76 37.63
N GLU B 164 17.07 16.59 37.75
CA GLU B 164 17.33 15.50 36.81
C GLU B 164 16.68 15.79 35.46
N GLN B 165 17.40 15.45 34.40
N GLN B 165 17.40 15.46 34.39
CA GLN B 165 16.92 15.62 33.02
CA GLN B 165 16.90 15.64 33.03
C GLN B 165 16.08 14.41 32.67
C GLN B 165 16.07 14.43 32.66
N ALA B 166 14.77 14.51 32.91
CA ALA B 166 13.85 13.41 32.62
C ALA B 166 12.45 13.95 32.51
N SER B 167 11.53 13.10 32.06
CA SER B 167 10.13 13.47 31.99
C SER B 167 9.46 13.24 33.35
N GLN B 168 8.27 13.83 33.49
CA GLN B 168 7.59 13.78 34.79
C GLN B 168 7.20 12.36 35.17
N GLU B 169 6.71 11.57 34.20
CA GLU B 169 6.37 10.18 34.51
C GLU B 169 7.62 9.35 34.77
N VAL B 170 8.71 9.64 34.06
CA VAL B 170 9.98 8.97 34.35
C VAL B 170 10.45 9.33 35.76
N LYS B 171 10.29 10.59 36.16
CA LYS B 171 10.66 10.97 37.52
C LYS B 171 9.78 10.30 38.56
N ASN B 172 8.49 10.14 38.27
CA ASN B 172 7.60 9.43 39.19
C ASN B 172 8.03 7.98 39.34
N TRP B 173 8.39 7.34 38.22
CA TRP B 173 8.92 5.98 38.28
C TRP B 173 10.21 5.93 39.08
N MET B 174 11.08 6.93 38.91
CA MET B 174 12.30 7.01 39.69
C MET B 174 12.00 7.09 41.18
N THR B 175 11.02 7.91 41.55
CA THR B 175 10.63 8.01 42.95
C THR B 175 10.08 6.69 43.47
N GLU B 176 9.26 6.02 42.67
CA GLU B 176 8.69 4.75 43.10
C GLU B 176 9.74 3.66 43.24
N THR B 177 10.81 3.72 42.46
CA THR B 177 11.81 2.66 42.44
C THR B 177 13.00 2.93 43.36
N LEU B 178 13.71 4.03 43.16
CA LEU B 178 15.02 4.25 43.77
C LEU B 178 14.95 4.70 45.22
N LEU B 179 13.91 5.42 45.63
CA LEU B 179 13.91 6.05 46.94
C LEU B 179 13.96 5.01 48.06
N VAL B 180 13.07 4.03 48.01
CA VAL B 180 13.12 2.94 48.99
C VAL B 180 14.34 2.07 48.76
N GLN B 181 14.71 1.85 47.50
CA GLN B 181 15.82 0.97 47.18
C GLN B 181 17.14 1.47 47.75
N ASN B 182 17.39 2.78 47.65
CA ASN B 182 18.68 3.35 48.01
C ASN B 182 18.74 3.82 49.45
N ALA B 183 17.74 3.47 50.27
CA ALA B 183 17.78 3.78 51.69
C ALA B 183 18.71 2.83 52.43
N ASN B 184 19.18 3.28 53.59
CA ASN B 184 20.07 2.45 54.39
C ASN B 184 19.30 1.26 54.97
N PRO B 185 20.00 0.19 55.37
CA PRO B 185 19.28 -1.02 55.81
C PRO B 185 18.35 -0.79 57.01
N ASP B 186 18.74 0.08 57.94
CA ASP B 186 17.89 0.33 59.10
C ASP B 186 16.54 0.90 58.70
N CYS B 187 16.53 1.87 57.79
CA CYS B 187 15.27 2.40 57.29
C CYS B 187 14.64 1.46 56.25
N LYS B 188 15.46 0.74 55.50
CA LYS B 188 14.93 -0.10 54.43
C LYS B 188 14.12 -1.27 55.00
N THR B 189 14.56 -1.84 56.12
CA THR B 189 13.79 -2.93 56.72
C THR B 189 12.43 -2.43 57.22
N ILE B 190 12.38 -1.21 57.77
CA ILE B 190 11.11 -0.63 58.17
C ILE B 190 10.23 -0.37 56.95
N LEU B 191 10.84 0.10 55.86
CA LEU B 191 10.07 0.38 54.65
C LEU B 191 9.48 -0.90 54.08
N LYS B 192 10.24 -1.99 54.07
CA LYS B 192 9.71 -3.27 53.60
C LYS B 192 8.67 -3.82 54.57
N ALA B 193 8.80 -3.51 55.87
CA ALA B 193 7.76 -3.88 56.81
C ALA B 193 6.43 -3.24 56.45
N LEU B 194 6.48 -1.97 56.04
CA LEU B 194 5.30 -1.33 55.49
C LEU B 194 4.95 -1.92 54.12
N GLY B 195 3.70 -1.75 53.72
CA GLY B 195 3.24 -2.25 52.45
C GLY B 195 3.80 -1.44 51.29
N PRO B 196 3.68 -1.97 50.07
CA PRO B 196 4.16 -1.23 48.89
C PRO B 196 3.28 -0.04 48.53
N ALA B 197 2.11 0.09 49.14
CA ALA B 197 1.20 1.20 48.85
C ALA B 197 1.34 2.35 49.84
N ALA B 198 2.35 2.30 50.71
CA ALA B 198 2.54 3.37 51.68
C ALA B 198 2.94 4.67 51.00
N THR B 199 2.31 5.76 51.42
CA THR B 199 2.64 7.08 50.90
C THR B 199 3.93 7.59 51.52
N LEU B 200 4.46 8.67 50.93
CA LEU B 200 5.74 9.22 51.39
C LEU B 200 5.66 9.67 52.84
N GLU B 201 4.54 10.29 53.24
CA GLU B 201 4.38 10.71 54.62
C GLU B 201 4.37 9.52 55.56
N GLU B 202 3.75 8.41 55.16
CA GLU B 202 3.74 7.22 56.00
C GLU B 202 5.14 6.65 56.19
N MET B 203 5.93 6.59 55.12
CA MET B 203 7.31 6.11 55.26
C MET B 203 8.14 7.06 56.12
N MET B 204 7.94 8.37 55.96
CA MET B 204 8.67 9.33 56.78
C MET B 204 8.32 9.16 58.26
N THR B 205 7.03 8.98 58.56
CA THR B 205 6.62 8.76 59.95
C THR B 205 7.19 7.45 60.49
N ALA B 206 7.20 6.40 59.67
CA ALA B 206 7.74 5.12 60.11
C ALA B 206 9.22 5.20 60.41
N CYS B 207 9.98 5.92 59.58
CA CYS B 207 11.42 6.01 59.74
C CYS B 207 11.87 7.19 60.59
N GLN B 208 10.92 7.99 61.10
CA GLN B 208 11.28 9.12 61.96
C GLN B 208 12.03 8.69 63.20
N GLY B 209 11.83 7.45 63.66
CA GLY B 209 12.46 6.97 64.87
C GLY B 209 13.81 6.31 64.68
N VAL B 210 14.27 6.11 63.45
CA VAL B 210 15.51 5.38 63.21
C VAL B 210 16.68 6.20 63.74
N GLY B 211 17.52 5.56 64.56
CA GLY B 211 18.62 6.26 65.19
C GLY B 211 18.30 6.91 66.51
N GLY B 212 17.07 6.76 67.01
CA GLY B 212 16.70 7.29 68.30
C GLY B 212 16.92 6.27 69.39
N PRO B 213 16.79 6.69 70.65
CA PRO B 213 17.01 5.74 71.76
C PRO B 213 16.08 4.54 71.73
N GLY B 214 14.81 4.75 71.40
CA GLY B 214 13.87 3.63 71.38
C GLY B 214 14.20 2.63 70.29
N HIS B 215 14.47 3.11 69.08
CA HIS B 215 14.81 2.22 67.98
C HIS B 215 16.14 1.51 68.25
N LYS B 216 17.10 2.23 68.80
CA LYS B 216 18.39 1.64 69.17
C LYS B 216 18.20 0.50 70.18
N ALA B 217 17.42 0.77 71.23
CA ALA B 217 17.17 -0.25 72.24
C ALA B 217 16.43 -1.44 71.64
N ARG B 218 15.46 -1.19 70.76
N ARG B 218 15.46 -1.19 70.76
CA ARG B 218 14.68 -2.27 70.17
CA ARG B 218 14.69 -2.27 70.17
C ARG B 218 15.56 -3.17 69.30
C ARG B 218 15.56 -3.16 69.31
N VAL B 219 16.41 -2.57 68.47
CA VAL B 219 17.26 -3.38 67.60
C VAL B 219 18.31 -4.12 68.42
N LEU B 220 18.85 -3.47 69.46
CA LEU B 220 19.82 -4.16 70.32
C LEU B 220 19.19 -5.35 71.03
N ALA B 221 17.97 -5.17 71.54
CA ALA B 221 17.27 -6.28 72.19
C ALA B 221 16.94 -7.39 71.22
N GLU B 222 16.52 -7.05 70.00
CA GLU B 222 16.23 -8.07 69.00
C GLU B 222 17.48 -8.85 68.65
N ALA B 223 18.62 -8.16 68.52
CA ALA B 223 19.88 -8.85 68.23
C ALA B 223 20.29 -9.76 69.39
N MET B 224 20.15 -9.27 70.63
CA MET B 224 20.52 -10.09 71.78
C MET B 224 19.57 -11.26 72.00
N SER B 225 18.33 -11.15 71.52
CA SER B 225 17.37 -12.23 71.72
C SER B 225 17.83 -13.51 71.03
N GLN B 226 18.38 -13.39 69.82
CA GLN B 226 18.85 -14.58 69.11
C GLN B 226 19.97 -15.27 69.85
N VAL B 227 20.95 -14.50 70.35
CA VAL B 227 22.08 -15.10 71.05
C VAL B 227 21.64 -15.67 72.40
N ILE B 228 20.63 -15.08 73.05
CA ILE B 228 20.13 -15.63 74.29
C ILE B 228 19.39 -16.94 74.03
N ASN B 229 18.54 -16.96 72.99
CA ASN B 229 17.77 -18.16 72.68
C ASN B 229 18.68 -19.31 72.24
N SER B 230 19.70 -19.01 71.43
CA SER B 230 20.62 -20.05 70.99
C SER B 230 21.46 -20.58 72.15
N ALA B 231 21.62 -19.79 73.21
CA ALA B 231 22.40 -20.22 74.37
C ALA B 231 21.63 -21.25 75.18
N HIS C 1 0.61 56.99 30.97
CA HIS C 1 1.16 55.91 31.77
C HIS C 1 0.15 55.45 32.82
N GLN C 2 -0.32 54.21 32.68
CA GLN C 2 -1.26 53.60 33.62
C GLN C 2 -0.48 52.75 34.60
N ALA C 3 -0.22 53.30 35.78
CA ALA C 3 0.49 52.56 36.81
C ALA C 3 -0.39 51.44 37.36
N ILE C 4 0.25 50.51 38.06
CA ILE C 4 -0.47 49.37 38.61
C ILE C 4 -1.41 49.86 39.72
N SER C 5 -2.67 49.44 39.65
CA SER C 5 -3.66 49.83 40.62
C SER C 5 -3.50 49.06 41.91
N PRO C 6 -3.98 49.61 43.04
CA PRO C 6 -3.93 48.85 44.30
C PRO C 6 -4.65 47.52 44.23
N ARG C 7 -5.76 47.45 43.49
CA ARG C 7 -6.48 46.18 43.36
C ARG C 7 -5.64 45.14 42.63
N THR C 8 -4.96 45.54 41.56
CA THR C 8 -4.12 44.60 40.81
C THR C 8 -2.95 44.12 41.65
N LEU C 9 -2.30 45.04 42.38
CA LEU C 9 -1.20 44.66 43.25
C LEU C 9 -1.67 43.69 44.33
N ASN C 10 -2.82 44.00 44.94
CA ASN C 10 -3.37 43.12 45.97
C ASN C 10 -3.70 41.75 45.39
N ALA C 11 -4.29 41.71 44.20
CA ALA C 11 -4.63 40.44 43.58
C ALA C 11 -3.39 39.61 43.30
N TRP C 12 -2.32 40.25 42.82
CA TRP C 12 -1.06 39.54 42.61
C TRP C 12 -0.52 39.00 43.92
N VAL C 13 -0.61 39.80 44.99
CA VAL C 13 -0.11 39.36 46.29
C VAL C 13 -0.89 38.13 46.77
N LYS C 14 -2.22 38.17 46.66
CA LYS C 14 -3.00 37.01 47.09
C LYS C 14 -2.79 35.81 46.18
N VAL C 15 -2.54 36.02 44.89
CA VAL C 15 -2.24 34.90 44.00
C VAL C 15 -0.97 34.20 44.47
N VAL C 16 0.08 34.97 44.73
CA VAL C 16 1.33 34.39 45.22
C VAL C 16 1.12 33.72 46.58
N GLU C 17 0.36 34.37 47.45
CA GLU C 17 0.13 33.85 48.80
C GLU C 17 -0.64 32.54 48.78
N GLU C 18 -1.67 32.43 47.93
CA GLU C 18 -2.56 31.27 47.92
C GLU C 18 -2.01 30.12 47.10
N LYS C 19 -1.41 30.41 45.95
N LYS C 19 -1.41 30.41 45.95
CA LYS C 19 -0.88 29.37 45.07
CA LYS C 19 -0.89 29.36 45.08
C LYS C 19 0.58 29.06 45.33
C LYS C 19 0.58 29.05 45.34
N ALA C 20 1.21 29.72 46.30
CA ALA C 20 2.64 29.56 46.59
C ALA C 20 3.40 29.93 45.32
N PHE C 21 4.11 29.00 44.69
CA PHE C 21 4.71 29.26 43.39
C PHE C 21 4.43 28.09 42.45
N SER C 22 3.17 27.68 42.41
CA SER C 22 2.71 26.72 41.42
C SER C 22 2.77 27.37 40.03
N PRO C 23 2.75 26.56 38.97
CA PRO C 23 2.83 27.14 37.61
C PRO C 23 1.72 28.14 37.34
N GLU C 24 0.61 28.07 38.06
CA GLU C 24 -0.52 28.96 37.85
C GLU C 24 -0.16 30.43 38.08
N VAL C 25 0.94 30.71 38.78
CA VAL C 25 1.32 32.09 39.00
C VAL C 25 1.88 32.71 37.72
N ILE C 26 2.43 31.89 36.82
CA ILE C 26 3.00 32.42 35.59
C ILE C 26 1.95 33.10 34.71
N PRO C 27 0.79 32.48 34.44
CA PRO C 27 -0.23 33.21 33.66
C PRO C 27 -0.72 34.46 34.37
N MET C 28 -1.08 34.35 35.64
CA MET C 28 -1.68 35.46 36.37
C MET C 28 -0.76 36.68 36.33
N PHE C 29 0.53 36.47 36.61
CA PHE C 29 1.51 37.55 36.48
C PHE C 29 1.45 38.17 35.09
N SER C 30 1.53 37.35 34.04
CA SER C 30 1.47 37.87 32.69
C SER C 30 0.17 38.61 32.43
N ALA C 31 -0.90 38.24 33.13
CA ALA C 31 -2.18 38.88 32.93
C ALA C 31 -2.34 40.14 33.77
N LEU C 32 -1.48 40.35 34.77
CA LEU C 32 -1.59 41.50 35.65
C LEU C 32 -0.50 42.53 35.42
N SER C 33 0.48 42.24 34.57
CA SER C 33 1.62 43.11 34.36
C SER C 33 1.76 43.55 32.91
N GLU C 34 0.72 43.39 32.11
CA GLU C 34 0.81 43.75 30.70
C GLU C 34 0.73 45.26 30.54
N GLY C 35 1.70 45.83 29.83
CA GLY C 35 1.82 47.26 29.71
C GLY C 35 2.51 47.93 30.88
N ALA C 36 2.98 47.17 31.85
CA ALA C 36 3.59 47.74 33.05
C ALA C 36 5.03 48.14 32.78
N THR C 37 5.43 49.27 33.37
CA THR C 37 6.80 49.71 33.32
C THR C 37 7.67 48.84 34.22
N PRO C 38 9.00 48.86 34.04
CA PRO C 38 9.86 48.12 34.97
C PRO C 38 9.69 48.52 36.41
N GLN C 39 9.38 49.79 36.69
CA GLN C 39 9.11 50.20 38.06
C GLN C 39 7.88 49.48 38.62
N ASP C 40 6.82 49.37 37.82
CA ASP C 40 5.63 48.64 38.26
C ASP C 40 5.94 47.17 38.48
N LEU C 41 6.76 46.57 37.62
CA LEU C 41 7.13 45.17 37.80
C LEU C 41 7.94 44.98 39.07
N ASN C 42 8.85 45.91 39.36
CA ASN C 42 9.61 45.84 40.61
C ASN C 42 8.70 45.99 41.81
N THR C 43 7.72 46.88 41.72
CA THR C 43 6.75 47.01 42.81
C THR C 43 5.96 45.71 42.99
N MET C 44 5.61 45.06 41.88
CA MET C 44 4.94 43.77 41.94
C MET C 44 5.80 42.73 42.65
N LEU C 45 7.09 42.70 42.33
CA LEU C 45 7.97 41.68 42.89
C LEU C 45 8.26 41.93 44.38
N ASN C 46 8.56 43.18 44.73
CA ASN C 46 8.96 43.51 46.09
C ASN C 46 7.81 43.41 47.10
N THR C 47 6.56 43.36 46.63
CA THR C 47 5.43 43.30 47.55
C THR C 47 5.12 41.87 47.99
N VAL C 48 5.79 40.87 47.40
CA VAL C 48 5.56 39.49 47.78
C VAL C 48 6.09 39.24 49.18
N GLY C 49 5.24 38.69 50.05
CA GLY C 49 5.63 38.38 51.42
C GLY C 49 6.06 36.93 51.53
N GLY C 50 7.13 36.72 52.29
CA GLY C 50 7.68 35.38 52.43
C GLY C 50 8.37 34.93 51.15
N HIS C 51 8.62 33.62 51.11
CA HIS C 51 9.27 32.99 49.96
C HIS C 51 10.60 33.67 49.64
N GLN C 52 11.42 33.86 50.68
CA GLN C 52 12.68 34.57 50.51
C GLN C 52 13.62 33.81 49.58
N ALA C 53 13.60 32.47 49.65
CA ALA C 53 14.42 31.68 48.73
C ALA C 53 13.97 31.87 47.29
N ALA C 54 12.65 31.89 47.06
CA ALA C 54 12.14 32.11 45.71
C ALA C 54 12.50 33.50 45.22
N MET C 55 12.39 34.52 46.08
CA MET C 55 12.81 35.86 45.70
C MET C 55 14.29 35.91 45.37
N GLN C 56 15.11 35.19 46.13
CA GLN C 56 16.55 35.16 45.84
C GLN C 56 16.83 34.52 44.49
N MET C 57 16.15 33.40 44.19
CA MET C 57 16.34 32.76 42.89
C MET C 57 15.88 33.66 41.75
N LEU C 58 14.74 34.35 41.93
CA LEU C 58 14.25 35.27 40.92
C LEU C 58 15.22 36.42 40.69
N LYS C 59 15.76 36.98 41.77
CA LYS C 59 16.74 38.06 41.64
C LYS C 59 18.01 37.57 40.96
N GLU C 60 18.44 36.34 41.26
CA GLU C 60 19.60 35.79 40.59
C GLU C 60 19.37 35.64 39.09
N THR C 61 18.19 35.13 38.71
CA THR C 61 17.88 34.99 37.29
C THR C 61 17.81 36.35 36.61
N ILE C 62 17.22 37.34 37.27
CA ILE C 62 17.12 38.68 36.70
C ILE C 62 18.52 39.27 36.52
N ASN C 63 19.40 39.08 37.50
CA ASN C 63 20.76 39.58 37.39
C ASN C 63 21.51 38.89 36.26
N GLU C 64 21.31 37.58 36.10
CA GLU C 64 21.93 36.86 34.99
C GLU C 64 21.46 37.41 33.65
N GLU C 65 20.15 37.63 33.51
CA GLU C 65 19.62 38.16 32.26
C GLU C 65 20.13 39.58 31.99
N ALA C 66 20.22 40.41 33.02
CA ALA C 66 20.75 41.75 32.84
C ALA C 66 22.22 41.72 32.45
N ALA C 67 23.01 40.83 33.05
CA ALA C 67 24.41 40.69 32.68
C ALA C 67 24.55 40.24 31.23
N GLU C 68 23.71 39.29 30.81
CA GLU C 68 23.76 38.83 29.42
C GLU C 68 23.36 39.95 28.47
N TRP C 69 22.36 40.75 28.84
CA TRP C 69 21.99 41.91 28.01
C TRP C 69 23.15 42.89 27.89
N ASP C 70 23.83 43.16 29.01
CA ASP C 70 24.97 44.07 28.97
C ASP C 70 26.10 43.51 28.10
N ARG C 71 26.33 42.19 28.18
CA ARG C 71 27.37 41.57 27.38
C ARG C 71 27.05 41.65 25.89
N VAL C 72 25.82 41.32 25.51
CA VAL C 72 25.45 41.31 24.10
C VAL C 72 25.35 42.73 23.55
N HIS C 73 24.76 43.64 24.32
CA HIS C 73 24.49 44.99 23.83
C HIS C 73 25.62 45.92 24.25
N PRO C 74 26.40 46.45 23.32
CA PRO C 74 27.45 47.41 23.70
C PRO C 74 26.85 48.76 24.09
N VAL C 75 27.62 49.51 24.87
CA VAL C 75 27.21 50.83 25.34
C VAL C 75 27.98 51.88 24.53
N HIS C 76 27.25 52.78 23.88
CA HIS C 76 27.86 53.85 23.12
C HIS C 76 28.26 55.00 24.05
N ALA C 77 29.49 55.47 23.90
CA ALA C 77 30.04 56.51 24.75
C ALA C 77 29.86 57.91 24.17
N GLY C 78 29.18 58.04 23.03
CA GLY C 78 28.97 59.33 22.42
C GLY C 78 27.55 59.83 22.57
N PRO C 79 27.35 60.81 23.46
CA PRO C 79 26.01 61.39 23.62
C PRO C 79 25.56 62.08 22.35
N ILE C 80 24.24 62.02 22.11
CA ILE C 80 23.63 62.62 20.92
C ILE C 80 22.59 63.61 21.41
N ALA C 81 22.66 64.85 20.92
CA ALA C 81 21.77 65.88 21.44
C ALA C 81 20.36 65.77 20.86
N PRO C 82 20.15 65.73 19.54
CA PRO C 82 18.79 65.52 19.04
C PRO C 82 18.31 64.10 19.37
N GLY C 83 17.09 64.01 19.89
CA GLY C 83 16.59 62.72 20.35
C GLY C 83 17.42 62.14 21.47
N GLN C 84 17.79 62.97 22.45
CA GLN C 84 18.71 62.58 23.51
C GLN C 84 18.02 61.58 24.44
N MET C 85 18.33 60.29 24.24
CA MET C 85 17.81 59.24 25.11
C MET C 85 18.87 58.16 25.17
N ARG C 86 19.49 57.99 26.34
CA ARG C 86 20.56 57.01 26.50
C ARG C 86 20.02 55.60 26.26
N GLU C 87 20.86 54.76 25.68
CA GLU C 87 20.48 53.37 25.45
C GLU C 87 20.43 52.63 26.78
N PRO C 88 19.33 51.95 27.09
CA PRO C 88 19.23 51.30 28.41
C PRO C 88 20.20 50.14 28.56
N ARG C 89 20.69 49.97 29.78
CA ARG C 89 21.52 48.83 30.13
C ARG C 89 20.66 47.74 30.77
N GLY C 90 21.31 46.67 31.24
CA GLY C 90 20.57 45.61 31.90
C GLY C 90 19.91 46.06 33.18
N SER C 91 20.65 46.80 34.01
CA SER C 91 20.05 47.35 35.23
C SER C 91 19.00 48.40 34.92
N ASP C 92 19.15 49.11 33.80
CA ASP C 92 18.13 50.07 33.40
C ASP C 92 16.83 49.38 33.05
N ILE C 93 16.92 48.24 32.34
CA ILE C 93 15.73 47.46 32.05
C ILE C 93 15.15 46.88 33.33
N ALA C 94 16.00 46.42 34.24
CA ALA C 94 15.53 45.89 35.51
C ALA C 94 14.98 46.97 36.42
N GLY C 95 15.16 48.26 36.08
CA GLY C 95 14.64 49.33 36.87
C GLY C 95 15.47 49.74 38.06
N THR C 96 16.65 49.15 38.24
CA THR C 96 17.48 49.47 39.39
C THR C 96 18.11 50.86 39.26
N THR C 97 18.60 51.20 38.07
CA THR C 97 19.27 52.47 37.84
C THR C 97 18.52 53.37 36.85
N SER C 98 17.25 53.11 36.59
CA SER C 98 16.45 53.92 35.69
C SER C 98 15.26 54.51 36.44
N THR C 99 14.86 55.70 36.01
CA THR C 99 13.70 56.39 36.58
C THR C 99 12.45 56.06 35.77
N LEU C 100 11.29 56.33 36.37
CA LEU C 100 10.03 56.04 35.71
C LEU C 100 9.89 56.83 34.41
N GLN C 101 10.34 58.08 34.42
CA GLN C 101 10.27 58.90 33.21
C GLN C 101 11.12 58.30 32.09
N GLU C 102 12.31 57.80 32.43
CA GLU C 102 13.16 57.17 31.42
C GLU C 102 12.52 55.92 30.85
N GLN C 103 11.91 55.10 31.71
CA GLN C 103 11.24 53.89 31.24
C GLN C 103 10.07 54.24 30.33
N ILE C 104 9.29 55.26 30.69
CA ILE C 104 8.18 55.69 29.84
C ILE C 104 8.71 56.20 28.50
N GLY C 105 9.80 56.96 28.53
CA GLY C 105 10.38 57.45 27.30
C GLY C 105 10.84 56.33 26.39
N TRP C 106 11.52 55.33 26.95
CA TRP C 106 11.93 54.18 26.15
C TRP C 106 10.72 53.44 25.59
N MET C 107 9.67 53.26 26.40
CA MET C 107 8.48 52.57 25.95
C MET C 107 7.67 53.39 24.95
N THR C 108 7.93 54.69 24.83
CA THR C 108 7.17 55.57 23.96
C THR C 108 7.93 56.08 22.76
N ASN C 109 9.23 56.35 22.90
CA ASN C 109 10.02 56.91 21.81
C ASN C 109 9.98 56.00 20.57
N ASN C 110 10.22 56.61 19.42
CA ASN C 110 10.22 55.89 18.15
C ASN C 110 11.65 55.71 17.67
N PRO C 111 12.13 54.47 17.48
CA PRO C 111 11.42 53.20 17.65
C PRO C 111 11.32 52.78 19.13
N PRO C 112 10.24 52.09 19.49
CA PRO C 112 10.06 51.72 20.90
C PRO C 112 11.11 50.74 21.37
N ILE C 113 11.57 50.94 22.60
CA ILE C 113 12.42 49.97 23.28
C ILE C 113 11.60 49.39 24.43
N PRO C 114 11.05 48.19 24.28
CA PRO C 114 10.12 47.64 25.29
C PRO C 114 10.85 47.14 26.52
N VAL C 115 11.32 48.09 27.35
CA VAL C 115 12.03 47.72 28.57
C VAL C 115 11.12 46.93 29.50
N GLY C 116 9.84 47.31 29.56
CA GLY C 116 8.89 46.55 30.34
C GLY C 116 8.72 45.12 29.83
N GLU C 117 8.67 44.96 28.51
CA GLU C 117 8.53 43.63 27.91
C GLU C 117 9.75 42.77 28.23
N ILE C 118 10.95 43.34 28.08
CA ILE C 118 12.18 42.57 28.34
C ILE C 118 12.28 42.20 29.81
N TYR C 119 11.97 43.15 30.70
CA TYR C 119 12.00 42.84 32.13
C TYR C 119 10.96 41.79 32.48
N LYS C 120 9.77 41.86 31.87
CA LYS C 120 8.75 40.85 32.11
C LYS C 120 9.21 39.48 31.65
N ARG C 121 9.90 39.41 30.51
CA ARG C 121 10.43 38.14 30.04
C ARG C 121 11.48 37.59 31.02
N TRP C 122 12.34 38.47 31.54
CA TRP C 122 13.31 38.03 32.54
C TRP C 122 12.62 37.50 33.79
N ILE C 123 11.57 38.20 34.24
CA ILE C 123 10.85 37.76 35.43
C ILE C 123 10.15 36.44 35.18
N ILE C 124 9.63 36.23 33.97
CA ILE C 124 8.99 34.95 33.65
C ILE C 124 10.01 33.83 33.65
N LEU C 125 11.22 34.10 33.14
CA LEU C 125 12.27 33.09 33.21
C LEU C 125 12.59 32.74 34.66
N GLY C 126 12.71 33.76 35.52
CA GLY C 126 12.92 33.50 36.93
C GLY C 126 11.80 32.72 37.57
N LEU C 127 10.56 33.05 37.22
CA LEU C 127 9.41 32.36 37.79
C LEU C 127 9.35 30.91 37.34
N ASN C 128 9.69 30.65 36.07
CA ASN C 128 9.76 29.27 35.59
C ASN C 128 10.83 28.49 36.32
N LYS C 129 11.99 29.12 36.57
CA LYS C 129 13.03 28.47 37.36
C LYS C 129 12.54 28.17 38.77
N ILE C 130 11.80 29.12 39.37
CA ILE C 130 11.26 28.91 40.71
C ILE C 130 10.29 27.74 40.72
N VAL C 131 9.40 27.69 39.74
CA VAL C 131 8.43 26.60 39.64
C VAL C 131 9.14 25.27 39.50
N ARG C 132 10.20 25.22 38.70
CA ARG C 132 10.95 23.99 38.53
C ARG C 132 11.65 23.57 39.81
N MET C 133 12.26 24.53 40.52
CA MET C 133 13.23 24.20 41.55
C MET C 133 12.78 24.45 42.98
N TYR C 134 11.83 25.36 43.21
CA TYR C 134 11.48 25.78 44.56
C TYR C 134 10.29 24.97 45.07
N SER C 135 10.40 24.51 46.31
CA SER C 135 9.32 23.81 46.99
C SER C 135 9.02 24.53 48.31
N PRO C 136 7.87 25.18 48.44
CA PRO C 136 7.59 25.94 49.67
C PRO C 136 7.45 25.02 50.87
N THR C 137 7.86 25.55 52.03
CA THR C 137 7.75 24.82 53.29
C THR C 137 6.42 25.15 53.95
N SER C 138 5.92 24.20 54.74
CA SER C 138 4.65 24.35 55.44
C SER C 138 4.76 23.80 56.85
N ILE C 139 3.82 24.22 57.70
CA ILE C 139 3.75 23.68 59.04
C ILE C 139 3.45 22.19 59.02
N LEU C 140 2.88 21.69 57.93
CA LEU C 140 2.64 20.26 57.77
C LEU C 140 3.93 19.47 57.61
N ASP C 141 5.04 20.13 57.30
CA ASP C 141 6.30 19.45 57.04
C ASP C 141 7.28 19.50 58.20
N ILE C 142 6.94 20.21 59.28
CA ILE C 142 7.82 20.33 60.44
C ILE C 142 7.68 19.04 61.25
N ARG C 143 8.69 18.19 61.19
CA ARG C 143 8.71 16.94 61.94
C ARG C 143 9.96 16.89 62.81
N GLN C 144 9.81 16.30 63.99
CA GLN C 144 10.95 16.12 64.89
C GLN C 144 11.92 15.10 64.31
N GLY C 145 13.20 15.41 64.42
CA GLY C 145 14.25 14.50 64.03
C GLY C 145 14.40 13.38 65.03
N PRO C 146 15.00 12.27 64.61
CA PRO C 146 15.18 11.14 65.54
C PRO C 146 16.02 11.48 66.76
N LYS C 147 16.98 12.38 66.62
CA LYS C 147 17.84 12.78 67.73
C LYS C 147 17.64 14.24 68.12
N GLU C 148 16.66 14.91 67.54
CA GLU C 148 16.46 16.32 67.80
C GLU C 148 15.81 16.53 69.17
N PRO C 149 16.31 17.46 69.98
CA PRO C 149 15.64 17.76 71.25
C PRO C 149 14.24 18.30 71.03
N PHE C 150 13.36 18.03 71.99
CA PHE C 150 11.98 18.48 71.88
C PHE C 150 11.88 20.00 71.91
N ARG C 151 12.73 20.67 72.68
CA ARG C 151 12.74 22.13 72.71
C ARG C 151 13.05 22.69 71.32
N ASP C 152 14.05 22.14 70.64
CA ASP C 152 14.40 22.63 69.31
C ASP C 152 13.27 22.39 68.32
N TYR C 153 12.62 21.22 68.39
CA TYR C 153 11.52 20.93 67.49
C TYR C 153 10.35 21.86 67.74
N VAL C 154 10.05 22.16 69.01
CA VAL C 154 8.98 23.08 69.34
C VAL C 154 9.30 24.48 68.83
N ASP C 155 10.56 24.89 68.98
CA ASP C 155 10.97 26.20 68.47
C ASP C 155 10.81 26.29 66.96
N ARG C 156 11.23 25.24 66.25
CA ARG C 156 11.04 25.21 64.80
C ARG C 156 9.56 25.24 64.43
N PHE C 157 8.74 24.48 65.15
CA PHE C 157 7.31 24.43 64.88
C PHE C 157 6.68 25.81 65.05
N TYR C 158 6.99 26.50 66.14
CA TYR C 158 6.42 27.82 66.36
C TYR C 158 6.97 28.86 65.39
N LYS C 159 8.25 28.74 65.02
CA LYS C 159 8.80 29.65 64.02
C LYS C 159 8.10 29.49 62.68
N THR C 160 7.83 28.24 62.27
CA THR C 160 7.12 28.01 61.03
C THR C 160 5.65 28.44 61.13
N LEU C 161 5.06 28.27 62.32
CA LEU C 161 3.67 28.65 62.51
C LEU C 161 3.49 30.16 62.44
N ARG C 162 4.44 30.92 62.98
CA ARG C 162 4.37 32.37 62.92
C ARG C 162 4.37 32.90 61.50
N ALA C 163 4.99 32.17 60.56
CA ALA C 163 5.03 32.57 59.16
C ALA C 163 3.94 31.90 58.33
N GLU C 164 3.12 31.05 58.93
CA GLU C 164 2.05 30.40 58.19
C GLU C 164 0.91 31.37 57.92
N GLN C 165 0.36 31.31 56.71
CA GLN C 165 -0.75 32.16 56.32
C GLN C 165 -2.05 31.49 56.74
N ALA C 166 -2.48 31.79 57.97
CA ALA C 166 -3.70 31.21 58.51
C ALA C 166 -4.20 32.09 59.64
N SER C 167 -5.46 31.88 60.01
CA SER C 167 -6.05 32.64 61.10
C SER C 167 -5.54 32.14 62.45
N GLN C 168 -5.78 32.94 63.48
CA GLN C 168 -5.30 32.59 64.82
C GLN C 168 -5.94 31.31 65.32
N GLU C 169 -7.25 31.14 65.11
CA GLU C 169 -7.92 29.92 65.54
C GLU C 169 -7.35 28.71 64.81
N VAL C 170 -7.11 28.85 63.50
CA VAL C 170 -6.52 27.76 62.74
C VAL C 170 -5.11 27.47 63.24
N LYS C 171 -4.36 28.50 63.64
CA LYS C 171 -3.02 28.29 64.16
C LYS C 171 -3.04 27.54 65.49
N ASN C 172 -3.98 27.88 66.38
CA ASN C 172 -4.11 27.11 67.63
C ASN C 172 -4.54 25.67 67.35
N TRP C 173 -5.43 25.48 66.37
CA TRP C 173 -5.80 24.12 66.00
C TRP C 173 -4.61 23.33 65.47
N MET C 174 -3.77 23.98 64.66
CA MET C 174 -2.55 23.33 64.18
C MET C 174 -1.62 22.99 65.33
N THR C 175 -1.48 23.90 66.29
CA THR C 175 -0.64 23.62 67.45
C THR C 175 -1.16 22.42 68.24
N GLU C 176 -2.47 22.34 68.42
CA GLU C 176 -3.05 21.24 69.19
C GLU C 176 -3.10 19.93 68.43
N THR C 177 -3.01 19.96 67.09
CA THR C 177 -3.17 18.76 66.29
C THR C 177 -1.86 18.21 65.73
N LEU C 178 -0.87 19.06 65.47
CA LEU C 178 0.32 18.66 64.73
C LEU C 178 1.58 18.58 65.57
N LEU C 179 1.69 19.36 66.64
CA LEU C 179 2.93 19.39 67.41
C LEU C 179 3.22 18.03 68.05
N VAL C 180 2.23 17.44 68.69
CA VAL C 180 2.40 16.11 69.27
C VAL C 180 2.47 15.05 68.16
N GLN C 181 1.65 15.21 67.13
CA GLN C 181 1.56 14.19 66.08
C GLN C 181 2.88 14.04 65.34
N ASN C 182 3.55 15.16 65.04
CA ASN C 182 4.76 15.15 64.22
C ASN C 182 6.03 15.04 65.04
N ALA C 183 5.94 14.56 66.28
CA ALA C 183 7.12 14.31 67.08
C ALA C 183 7.65 12.91 66.83
N ASN C 184 8.92 12.71 67.17
CA ASN C 184 9.53 11.39 66.98
C ASN C 184 8.93 10.39 67.97
N PRO C 185 9.02 9.09 67.66
CA PRO C 185 8.42 8.10 68.55
C PRO C 185 8.88 8.18 70.00
N ASP C 186 10.15 8.51 70.22
CA ASP C 186 10.66 8.59 71.59
C ASP C 186 9.92 9.66 72.39
N CYS C 187 9.75 10.84 71.81
CA CYS C 187 9.00 11.90 72.47
C CYS C 187 7.50 11.65 72.42
N LYS C 188 7.00 11.04 71.34
CA LYS C 188 5.57 10.81 71.20
C LYS C 188 5.06 9.83 72.25
N THR C 189 5.88 8.83 72.62
CA THR C 189 5.47 7.90 73.67
C THR C 189 5.24 8.62 74.98
N ILE C 190 6.15 9.51 75.35
CA ILE C 190 6.00 10.25 76.60
C ILE C 190 4.84 11.22 76.51
N LEU C 191 4.65 11.87 75.35
CA LEU C 191 3.53 12.79 75.20
C LEU C 191 2.19 12.07 75.32
N LYS C 192 2.07 10.89 74.72
CA LYS C 192 0.86 10.10 74.87
C LYS C 192 0.69 9.61 76.30
N ALA C 193 1.80 9.32 76.99
CA ALA C 193 1.72 8.96 78.40
C ALA C 193 1.13 10.09 79.22
N LEU C 194 1.49 11.33 78.91
CA LEU C 194 0.88 12.47 79.55
C LEU C 194 -0.57 12.62 79.10
N GLY C 195 -1.36 13.32 79.90
CA GLY C 195 -2.76 13.55 79.59
C GLY C 195 -2.92 14.48 78.40
N PRO C 196 -4.06 14.36 77.72
CA PRO C 196 -4.34 15.26 76.59
C PRO C 196 -4.45 16.72 76.99
N ALA C 197 -4.69 17.01 78.27
CA ALA C 197 -4.82 18.38 78.76
C ALA C 197 -3.50 18.98 79.20
N ALA C 198 -2.39 18.27 79.00
CA ALA C 198 -1.08 18.78 79.39
C ALA C 198 -0.74 20.05 78.60
N THR C 199 -0.11 20.99 79.28
CA THR C 199 0.26 22.26 78.66
C THR C 199 1.60 22.12 77.93
N LEU C 200 2.02 23.21 77.29
CA LEU C 200 3.30 23.21 76.59
C LEU C 200 4.46 23.02 77.55
N GLU C 201 4.41 23.67 78.71
CA GLU C 201 5.50 23.53 79.67
C GLU C 201 5.60 22.11 80.22
N GLU C 202 4.46 21.49 80.53
CA GLU C 202 4.48 20.11 81.01
C GLU C 202 4.98 19.16 79.92
N MET C 203 4.54 19.37 78.68
CA MET C 203 4.98 18.55 77.56
C MET C 203 6.48 18.69 77.35
N MET C 204 7.00 19.91 77.47
CA MET C 204 8.42 20.17 77.29
C MET C 204 9.24 19.55 78.40
N THR C 205 8.78 19.67 79.65
CA THR C 205 9.49 19.09 80.78
C THR C 205 9.50 17.56 80.69
N ALA C 206 8.38 16.97 80.26
CA ALA C 206 8.31 15.52 80.16
C ALA C 206 9.30 14.96 79.15
N CYS C 207 9.67 15.74 78.14
CA CYS C 207 10.58 15.31 77.10
C CYS C 207 11.98 15.90 77.26
N GLN C 208 12.27 16.56 78.39
CA GLN C 208 13.58 17.17 78.60
C GLN C 208 14.69 16.14 78.77
N GLY C 209 14.34 14.87 78.96
CA GLY C 209 15.36 13.86 79.21
C GLY C 209 15.56 12.91 78.05
N VAL C 210 14.77 13.07 76.98
CA VAL C 210 14.90 12.19 75.83
C VAL C 210 16.27 12.37 75.20
N GLY C 211 16.94 11.25 74.95
CA GLY C 211 18.31 11.28 74.45
C GLY C 211 19.36 11.43 75.52
N GLY C 212 18.98 11.57 76.79
CA GLY C 212 19.91 11.67 77.87
C GLY C 212 20.33 10.29 78.37
N PRO C 213 21.28 10.25 79.29
CA PRO C 213 21.72 8.95 79.82
C PRO C 213 20.60 8.18 80.52
N GLY C 214 19.80 8.87 81.34
CA GLY C 214 18.77 8.19 82.09
C GLY C 214 17.71 7.59 81.19
N HIS C 215 17.22 8.36 80.22
CA HIS C 215 16.17 7.87 79.33
C HIS C 215 16.67 6.72 78.46
N LYS C 216 17.89 6.83 77.94
CA LYS C 216 18.43 5.75 77.12
C LYS C 216 18.63 4.49 77.94
N ALA C 217 19.13 4.63 79.17
CA ALA C 217 19.25 3.47 80.05
C ALA C 217 17.89 2.86 80.33
N ARG C 218 16.87 3.70 80.54
N ARG C 218 16.87 3.70 80.54
CA ARG C 218 15.53 3.19 80.84
CA ARG C 218 15.53 3.19 80.84
C ARG C 218 14.96 2.41 79.66
C ARG C 218 14.96 2.41 79.66
N VAL C 219 15.08 2.95 78.45
CA VAL C 219 14.52 2.26 77.30
C VAL C 219 15.30 0.98 77.00
N LEU C 220 16.63 1.02 77.17
CA LEU C 220 17.43 -0.19 77.00
C LEU C 220 17.02 -1.26 78.01
N ALA C 221 16.85 -0.87 79.28
CA ALA C 221 16.44 -1.82 80.30
C ALA C 221 15.05 -2.38 80.01
N GLU C 222 14.13 -1.54 79.52
CA GLU C 222 12.79 -2.02 79.18
C GLU C 222 12.85 -3.05 78.07
N ALA C 223 13.62 -2.78 77.02
CA ALA C 223 13.73 -3.74 75.92
C ALA C 223 14.39 -5.03 76.37
N MET C 224 15.46 -4.92 77.15
CA MET C 224 16.15 -6.12 77.66
C MET C 224 15.22 -6.94 78.55
N SER C 225 14.46 -6.28 79.41
CA SER C 225 13.52 -6.99 80.27
C SER C 225 12.45 -7.68 79.46
N GLN C 226 11.94 -7.01 78.42
CA GLN C 226 10.93 -7.63 77.57
C GLN C 226 11.47 -8.91 76.91
N VAL C 227 12.66 -8.81 76.32
CA VAL C 227 13.19 -9.98 75.61
C VAL C 227 13.59 -11.08 76.59
N ILE C 228 14.02 -10.72 77.80
CA ILE C 228 14.37 -11.74 78.80
C ILE C 228 13.11 -12.44 79.30
N ASN C 229 12.05 -11.69 79.60
CA ASN C 229 10.80 -12.30 80.02
C ASN C 229 10.18 -13.12 78.91
N SER C 230 10.48 -12.79 77.65
CA SER C 230 10.04 -13.64 76.55
C SER C 230 10.68 -15.01 76.62
N ALA C 231 11.93 -15.08 77.07
CA ALA C 231 12.63 -16.35 77.22
C ALA C 231 12.28 -17.00 78.55
N HIS D 1 43.62 26.17 -5.07
CA HIS D 1 42.57 25.37 -4.43
C HIS D 1 43.11 24.00 -4.01
N GLN D 2 43.23 23.80 -2.70
CA GLN D 2 43.72 22.53 -2.15
C GLN D 2 42.57 21.54 -2.09
N ALA D 3 42.31 20.90 -3.23
CA ALA D 3 41.28 19.88 -3.29
C ALA D 3 41.68 18.66 -2.45
N ILE D 4 40.68 17.89 -2.04
CA ILE D 4 40.93 16.75 -1.16
C ILE D 4 41.77 15.72 -1.90
N SER D 5 42.80 15.22 -1.23
CA SER D 5 43.70 14.25 -1.82
C SER D 5 43.05 12.86 -1.84
N PRO D 6 43.46 12.00 -2.78
CA PRO D 6 42.91 10.63 -2.79
C PRO D 6 43.16 9.87 -1.50
N ARG D 7 44.33 10.06 -0.89
CA ARG D 7 44.63 9.35 0.36
C ARG D 7 43.74 9.82 1.49
N THR D 8 43.49 11.14 1.58
CA THR D 8 42.58 11.65 2.60
C THR D 8 41.17 11.11 2.43
N LEU D 9 40.67 11.11 1.20
CA LEU D 9 39.33 10.62 0.93
C LEU D 9 39.21 9.14 1.24
N ASN D 10 40.21 8.35 0.83
CA ASN D 10 40.18 6.92 1.12
C ASN D 10 40.29 6.66 2.61
N ALA D 11 41.11 7.44 3.32
CA ALA D 11 41.20 7.29 4.78
C ALA D 11 39.87 7.60 5.44
N TRP D 12 39.16 8.61 4.94
CA TRP D 12 37.81 8.89 5.44
C TRP D 12 36.89 7.70 5.21
N VAL D 13 36.99 7.08 4.02
CA VAL D 13 36.15 5.93 3.71
C VAL D 13 36.44 4.77 4.67
N LYS D 14 37.73 4.47 4.90
CA LYS D 14 38.06 3.39 5.82
C LYS D 14 37.66 3.73 7.24
N VAL D 15 37.74 5.00 7.63
CA VAL D 15 37.30 5.40 8.96
C VAL D 15 35.82 5.09 9.12
N VAL D 16 35.01 5.49 8.13
CA VAL D 16 33.57 5.26 8.20
C VAL D 16 33.27 3.77 8.22
N GLU D 17 33.95 2.99 7.38
CA GLU D 17 33.63 1.58 7.30
C GLU D 17 34.10 0.81 8.54
N GLU D 18 35.25 1.18 9.10
CA GLU D 18 35.79 0.50 10.27
C GLU D 18 35.03 0.86 11.54
N LYS D 19 34.71 2.14 11.72
N LYS D 19 34.71 2.14 11.72
CA LYS D 19 34.06 2.59 12.94
CA LYS D 19 34.06 2.61 12.93
C LYS D 19 32.54 2.66 12.82
C LYS D 19 32.54 2.64 12.83
N ALA D 20 31.98 2.28 11.67
CA ALA D 20 30.55 2.39 11.40
C ALA D 20 30.20 3.87 11.56
N PHE D 21 29.28 4.25 12.44
CA PHE D 21 29.06 5.66 12.73
C PHE D 21 29.14 5.92 14.22
N SER D 22 30.19 5.40 14.84
CA SER D 22 30.49 5.71 16.23
C SER D 22 30.92 7.18 16.34
N PRO D 23 30.90 7.74 17.55
CA PRO D 23 31.28 9.16 17.69
C PRO D 23 32.67 9.47 17.14
N GLU D 24 33.56 8.47 17.08
CA GLU D 24 34.92 8.68 16.60
C GLU D 24 34.97 9.23 15.18
N VAL D 25 33.89 9.05 14.40
CA VAL D 25 33.91 9.58 13.03
C VAL D 25 33.86 11.10 13.03
N ILE D 26 33.26 11.72 14.05
CA ILE D 26 33.16 13.18 14.07
C ILE D 26 34.52 13.85 14.17
N PRO D 27 35.41 13.47 15.10
CA PRO D 27 36.75 14.10 15.09
C PRO D 27 37.52 13.87 13.82
N MET D 28 37.40 12.69 13.22
CA MET D 28 38.15 12.39 12.00
C MET D 28 37.65 13.25 10.85
N PHE D 29 36.33 13.32 10.67
CA PHE D 29 35.78 14.14 9.59
C PHE D 29 36.27 15.58 9.67
N SER D 30 36.11 16.20 10.84
CA SER D 30 36.59 17.56 11.03
C SER D 30 38.08 17.67 10.78
N ALA D 31 38.83 16.62 11.09
CA ALA D 31 40.28 16.67 10.88
C ALA D 31 40.65 16.42 9.43
N LEU D 32 39.75 15.82 8.64
CA LEU D 32 40.04 15.50 7.26
C LEU D 32 39.38 16.46 6.27
N SER D 33 38.57 17.40 6.76
CA SER D 33 37.85 18.32 5.90
C SER D 33 38.16 19.78 6.20
N GLU D 34 39.28 20.05 6.89
CA GLU D 34 39.60 21.41 7.26
C GLU D 34 40.05 22.20 6.03
N GLY D 35 39.34 23.29 5.74
CA GLY D 35 39.58 24.06 4.54
C GLY D 35 38.88 23.55 3.31
N ALA D 36 38.06 22.51 3.42
CA ALA D 36 37.41 21.91 2.27
C ALA D 36 36.27 22.79 1.76
N THR D 37 36.10 22.81 0.45
CA THR D 37 34.97 23.44 -0.20
C THR D 37 33.73 22.55 -0.05
N PRO D 38 32.54 23.12 -0.26
CA PRO D 38 31.33 22.28 -0.24
C PRO D 38 31.38 21.13 -1.24
N GLN D 39 32.04 21.32 -2.39
CA GLN D 39 32.19 20.23 -3.33
C GLN D 39 33.03 19.09 -2.74
N ASP D 40 34.11 19.43 -2.04
CA ASP D 40 34.92 18.41 -1.38
C ASP D 40 34.13 17.68 -0.31
N LEU D 41 33.32 18.41 0.46
CA LEU D 41 32.49 17.77 1.48
C LEU D 41 31.46 16.85 0.86
N ASN D 42 30.86 17.27 -0.26
CA ASN D 42 29.91 16.41 -0.96
C ASN D 42 30.60 15.16 -1.50
N THR D 43 31.83 15.30 -2.00
CA THR D 43 32.58 14.14 -2.44
C THR D 43 32.88 13.20 -1.29
N MET D 44 33.19 13.76 -0.12
CA MET D 44 33.42 12.94 1.07
C MET D 44 32.17 12.18 1.46
N LEU D 45 31.01 12.84 1.42
CA LEU D 45 29.77 12.19 1.84
C LEU D 45 29.31 11.14 0.83
N ASN D 46 29.35 11.46 -0.46
CA ASN D 46 28.80 10.59 -1.48
C ASN D 46 29.61 9.31 -1.65
N THR D 47 30.89 9.32 -1.27
CA THR D 47 31.75 8.17 -1.48
C THR D 47 31.55 7.10 -0.41
N VAL D 48 30.91 7.44 0.70
CA VAL D 48 30.65 6.47 1.76
C VAL D 48 29.78 5.34 1.22
N GLY D 49 30.23 4.11 1.42
CA GLY D 49 29.51 2.94 0.94
C GLY D 49 28.71 2.31 2.07
N GLY D 50 27.49 1.86 1.72
CA GLY D 50 26.63 1.30 2.72
C GLY D 50 26.04 2.38 3.61
N HIS D 51 25.43 1.94 4.71
CA HIS D 51 24.81 2.83 5.70
C HIS D 51 23.82 3.78 5.02
N GLN D 52 22.94 3.21 4.19
CA GLN D 52 22.00 4.03 3.43
C GLN D 52 21.05 4.79 4.36
N ALA D 53 20.62 4.15 5.45
CA ALA D 53 19.75 4.83 6.41
C ALA D 53 20.47 6.02 7.05
N ALA D 54 21.73 5.82 7.46
CA ALA D 54 22.49 6.91 8.07
C ALA D 54 22.70 8.05 7.08
N MET D 55 23.00 7.73 5.82
CA MET D 55 23.17 8.78 4.82
C MET D 55 21.85 9.49 4.56
N GLN D 56 20.74 8.78 4.65
CA GLN D 56 19.43 9.43 4.50
C GLN D 56 19.17 10.40 5.64
N MET D 57 19.49 10.01 6.88
CA MET D 57 19.35 10.93 8.00
C MET D 57 20.26 12.14 7.84
N LEU D 58 21.49 11.92 7.36
CA LEU D 58 22.41 13.02 7.13
C LEU D 58 21.85 13.98 6.09
N LYS D 59 21.30 13.45 5.00
CA LYS D 59 20.73 14.28 3.95
C LYS D 59 19.53 15.06 4.48
N GLU D 60 18.69 14.42 5.30
CA GLU D 60 17.55 15.12 5.88
C GLU D 60 18.01 16.28 6.77
N THR D 61 19.02 16.03 7.60
CA THR D 61 19.53 17.10 8.46
C THR D 61 20.11 18.24 7.64
N ILE D 62 20.87 17.92 6.59
CA ILE D 62 21.43 18.95 5.73
C ILE D 62 20.32 19.76 5.06
N ASN D 63 19.26 19.08 4.61
CA ASN D 63 18.15 19.77 3.98
C ASN D 63 17.44 20.70 4.96
N GLU D 64 17.26 20.24 6.21
CA GLU D 64 16.64 21.11 7.22
C GLU D 64 17.51 22.33 7.49
N GLU D 65 18.83 22.13 7.59
CA GLU D 65 19.72 23.27 7.83
C GLU D 65 19.70 24.25 6.67
N ALA D 66 19.67 23.74 5.44
CA ALA D 66 19.60 24.62 4.28
C ALA D 66 18.29 25.38 4.25
N ALA D 67 17.18 24.71 4.58
CA ALA D 67 15.89 25.39 4.63
C ALA D 67 15.88 26.48 5.69
N GLU D 68 16.48 26.22 6.85
CA GLU D 68 16.53 27.23 7.90
C GLU D 68 17.42 28.40 7.48
N TRP D 69 18.53 28.12 6.79
CA TRP D 69 19.37 29.20 6.29
C TRP D 69 18.60 30.06 5.29
N ASP D 70 17.84 29.43 4.40
CA ASP D 70 17.05 30.18 3.43
C ASP D 70 15.97 31.01 4.12
N ARG D 71 15.35 30.45 5.15
CA ARG D 71 14.35 31.19 5.91
C ARG D 71 14.94 32.42 6.58
N VAL D 72 16.11 32.26 7.22
CA VAL D 72 16.70 33.37 7.96
C VAL D 72 17.30 34.40 7.01
N HIS D 73 17.95 33.94 5.94
CA HIS D 73 18.65 34.86 5.04
C HIS D 73 17.79 35.13 3.82
N PRO D 74 17.29 36.35 3.64
CA PRO D 74 16.47 36.64 2.46
C PRO D 74 17.34 36.84 1.22
N VAL D 75 16.68 36.75 0.07
CA VAL D 75 17.37 36.97 -1.20
C VAL D 75 17.43 38.46 -1.50
N HIS D 76 18.29 38.84 -2.45
CA HIS D 76 18.42 40.21 -2.90
C HIS D 76 17.80 40.35 -4.28
N ALA D 77 16.95 41.37 -4.44
CA ALA D 77 16.21 41.53 -5.69
C ALA D 77 17.11 41.98 -6.84
N GLY D 78 17.95 42.98 -6.60
CA GLY D 78 18.77 43.55 -7.64
C GLY D 78 20.20 43.08 -7.62
N PRO D 79 20.62 42.36 -8.65
CA PRO D 79 22.02 41.93 -8.74
C PRO D 79 22.95 43.10 -8.98
N ILE D 80 24.17 42.98 -8.47
CA ILE D 80 25.21 43.98 -8.64
C ILE D 80 26.27 43.37 -9.54
N ALA D 81 26.32 43.83 -10.80
CA ALA D 81 27.28 43.28 -11.75
C ALA D 81 28.72 43.67 -11.46
N PRO D 82 29.07 44.95 -11.27
CA PRO D 82 30.50 45.30 -11.13
C PRO D 82 31.01 44.97 -9.73
N GLY D 83 32.01 44.09 -9.66
CA GLY D 83 32.69 43.80 -8.42
C GLY D 83 31.82 43.20 -7.34
N GLN D 84 30.93 42.28 -7.70
CA GLN D 84 30.07 41.63 -6.73
C GLN D 84 29.65 40.27 -7.27
N MET D 85 29.27 39.39 -6.35
CA MET D 85 28.83 38.05 -6.69
C MET D 85 27.54 37.72 -5.94
N ARG D 86 26.84 36.71 -6.43
CA ARG D 86 25.55 36.33 -5.87
C ARG D 86 25.69 35.86 -4.42
N GLU D 87 24.76 36.28 -3.58
CA GLU D 87 24.74 35.83 -2.20
C GLU D 87 24.36 34.35 -2.16
N PRO D 88 25.13 33.50 -1.47
CA PRO D 88 24.81 32.07 -1.44
C PRO D 88 23.50 31.79 -0.74
N ARG D 89 22.83 30.75 -1.22
CA ARG D 89 21.61 30.21 -0.61
C ARG D 89 21.94 28.92 0.12
N GLY D 90 20.91 28.26 0.64
CA GLY D 90 21.12 27.01 1.34
C GLY D 90 21.65 25.91 0.43
N SER D 91 21.08 25.81 -0.78
CA SER D 91 21.56 24.81 -1.73
C SER D 91 22.96 25.13 -2.23
N ASP D 92 23.29 26.42 -2.33
CA ASP D 92 24.64 26.80 -2.74
C ASP D 92 25.66 26.42 -1.67
N ILE D 93 25.31 26.61 -0.39
CA ILE D 93 26.20 26.18 0.69
C ILE D 93 26.32 24.66 0.70
N ALA D 94 25.21 23.95 0.52
CA ALA D 94 25.26 22.51 0.44
C ALA D 94 25.92 22.01 -0.84
N GLY D 95 26.19 22.89 -1.80
CA GLY D 95 26.85 22.51 -3.04
C GLY D 95 25.95 21.92 -4.09
N THR D 96 24.65 21.80 -3.83
CA THR D 96 23.74 21.19 -4.80
C THR D 96 23.57 22.10 -6.02
N THR D 97 23.34 23.39 -5.81
CA THR D 97 23.15 24.35 -6.88
C THR D 97 24.30 25.36 -6.94
N SER D 98 25.51 24.92 -6.67
CA SER D 98 26.68 25.79 -6.72
C SER D 98 27.82 25.09 -7.44
N THR D 99 28.68 25.88 -8.05
CA THR D 99 29.87 25.38 -8.73
C THR D 99 31.10 25.62 -7.87
N LEU D 100 32.16 24.87 -8.16
CA LEU D 100 33.38 24.96 -7.37
C LEU D 100 33.98 26.37 -7.43
N GLN D 101 33.93 27.00 -8.60
CA GLN D 101 34.46 28.35 -8.74
C GLN D 101 33.71 29.34 -7.86
N GLU D 102 32.38 29.23 -7.81
CA GLU D 102 31.59 30.10 -6.95
C GLU D 102 31.92 29.85 -5.48
N GLN D 103 32.11 28.59 -5.10
CA GLN D 103 32.47 28.27 -3.72
C GLN D 103 33.81 28.88 -3.34
N ILE D 104 34.81 28.77 -4.22
CA ILE D 104 36.11 29.37 -3.94
C ILE D 104 35.99 30.88 -3.89
N GLY D 105 35.17 31.47 -4.77
CA GLY D 105 34.98 32.91 -4.73
C GLY D 105 34.38 33.39 -3.43
N TRP D 106 33.37 32.66 -2.92
CA TRP D 106 32.81 33.00 -1.63
C TRP D 106 33.83 32.83 -0.51
N MET D 107 34.57 31.73 -0.52
CA MET D 107 35.55 31.49 0.54
C MET D 107 36.77 32.39 0.45
N THR D 108 36.94 33.12 -0.65
CA THR D 108 38.11 33.95 -0.86
C THR D 108 37.82 35.44 -0.85
N ASN D 109 36.62 35.85 -1.26
CA ASN D 109 36.26 37.25 -1.34
C ASN D 109 36.37 37.93 0.02
N ASN D 110 36.48 39.26 0.00
CA ASN D 110 36.51 40.06 1.22
C ASN D 110 35.22 40.84 1.34
N PRO D 111 34.40 40.61 2.38
CA PRO D 111 34.60 39.67 3.48
C PRO D 111 34.27 38.23 3.09
N PRO D 112 34.99 37.26 3.66
CA PRO D 112 34.76 35.86 3.27
C PRO D 112 33.41 35.36 3.74
N ILE D 113 32.81 34.50 2.91
CA ILE D 113 31.62 33.75 3.30
C ILE D 113 32.03 32.29 3.42
N PRO D 114 32.23 31.79 4.63
CA PRO D 114 32.75 30.41 4.79
C PRO D 114 31.68 29.36 4.50
N VAL D 115 31.33 29.21 3.22
CA VAL D 115 30.33 28.23 2.83
C VAL D 115 30.80 26.82 3.19
N GLY D 116 32.10 26.57 3.05
CA GLY D 116 32.63 25.29 3.49
C GLY D 116 32.45 25.06 4.97
N GLU D 117 32.70 26.09 5.79
CA GLU D 117 32.55 25.96 7.24
C GLU D 117 31.08 25.76 7.63
N ILE D 118 30.17 26.50 6.98
CA ILE D 118 28.76 26.35 7.27
C ILE D 118 28.26 24.96 6.90
N TYR D 119 28.68 24.47 5.72
CA TYR D 119 28.30 23.12 5.31
C TYR D 119 28.91 22.08 6.23
N LYS D 120 30.14 22.32 6.69
CA LYS D 120 30.76 21.42 7.66
C LYS D 120 29.96 21.36 8.94
N ARG D 121 29.49 22.52 9.42
CA ARG D 121 28.66 22.55 10.62
C ARG D 121 27.37 21.77 10.42
N TRP D 122 26.73 21.93 9.25
CA TRP D 122 25.51 21.17 8.97
C TRP D 122 25.79 19.67 8.95
N ILE D 123 26.90 19.27 8.33
CA ILE D 123 27.25 17.85 8.26
C ILE D 123 27.56 17.30 9.64
N ILE D 124 28.21 18.10 10.49
CA ILE D 124 28.48 17.64 11.85
C ILE D 124 27.19 17.48 12.64
N LEU D 125 26.23 18.39 12.44
CA LEU D 125 24.93 18.22 13.08
C LEU D 125 24.28 16.91 12.64
N GLY D 126 24.32 16.64 11.33
CA GLY D 126 23.77 15.38 10.84
C GLY D 126 24.50 14.17 11.39
N LEU D 127 25.83 14.25 11.49
CA LEU D 127 26.62 13.15 12.02
C LEU D 127 26.32 12.90 13.49
N ASN D 128 26.13 13.97 14.26
CA ASN D 128 25.74 13.82 15.66
C ASN D 128 24.37 13.16 15.78
N LYS D 129 23.44 13.56 14.91
CA LYS D 129 22.12 12.91 14.92
C LYS D 129 22.24 11.43 14.56
N ILE D 130 23.10 11.10 13.60
CA ILE D 130 23.32 9.70 13.22
C ILE D 130 23.91 8.93 14.39
N VAL D 131 24.91 9.50 15.06
CA VAL D 131 25.53 8.84 16.20
C VAL D 131 24.50 8.59 17.29
N ARG D 132 23.60 9.55 17.50
CA ARG D 132 22.58 9.38 18.54
C ARG D 132 21.56 8.32 18.16
N MET D 133 21.11 8.30 16.90
CA MET D 133 19.95 7.53 16.52
C MET D 133 20.24 6.27 15.69
N TYR D 134 21.31 6.24 14.92
CA TYR D 134 21.56 5.16 13.97
C TYR D 134 22.33 4.03 14.64
N SER D 135 21.91 2.80 14.37
CA SER D 135 22.60 1.60 14.83
C SER D 135 22.86 0.71 13.62
N PRO D 136 24.11 0.45 13.26
CA PRO D 136 24.39 -0.35 12.06
C PRO D 136 23.95 -1.79 12.21
N THR D 137 23.59 -2.40 11.08
CA THR D 137 23.22 -3.80 11.04
C THR D 137 24.45 -4.67 10.85
N SER D 138 24.40 -5.88 11.42
CA SER D 138 25.51 -6.80 11.36
C SER D 138 25.01 -8.20 11.04
N ILE D 139 25.91 -9.03 10.51
CA ILE D 139 25.60 -10.43 10.30
C ILE D 139 25.37 -11.13 11.62
N LEU D 140 25.94 -10.60 12.71
CA LEU D 140 25.74 -11.17 14.03
C LEU D 140 24.33 -10.92 14.55
N ASP D 141 23.62 -9.96 13.99
CA ASP D 141 22.28 -9.60 14.45
C ASP D 141 21.17 -10.26 13.63
N ILE D 142 21.51 -11.09 12.66
CA ILE D 142 20.52 -11.76 11.83
C ILE D 142 20.12 -13.05 12.54
N ARG D 143 18.86 -13.10 12.99
CA ARG D 143 18.35 -14.23 13.74
C ARG D 143 17.02 -14.66 13.15
N GLN D 144 16.78 -15.97 13.17
CA GLN D 144 15.50 -16.50 12.70
C GLN D 144 14.39 -16.18 13.68
N GLY D 145 13.27 -15.67 13.15
CA GLY D 145 12.11 -15.40 13.96
C GLY D 145 11.48 -16.69 14.44
N PRO D 146 10.66 -16.61 15.49
CA PRO D 146 10.02 -17.82 16.02
C PRO D 146 9.13 -18.52 15.02
N LYS D 147 8.53 -17.78 14.09
CA LYS D 147 7.64 -18.35 13.08
C LYS D 147 8.15 -18.11 11.66
N GLU D 148 9.35 -17.58 11.51
CA GLU D 148 9.88 -17.28 10.19
C GLU D 148 10.32 -18.57 9.49
N PRO D 149 10.00 -18.74 8.21
CA PRO D 149 10.50 -19.91 7.49
C PRO D 149 12.02 -19.91 7.40
N PHE D 150 12.60 -21.12 7.38
CA PHE D 150 14.05 -21.25 7.32
C PHE D 150 14.62 -20.66 6.03
N ARG D 151 13.90 -20.82 4.92
CA ARG D 151 14.37 -20.26 3.66
C ARG D 151 14.47 -18.74 3.71
N ASP D 152 13.46 -18.08 4.31
CA ASP D 152 13.49 -16.63 4.42
C ASP D 152 14.65 -16.16 5.30
N TYR D 153 14.89 -16.87 6.41
CA TYR D 153 16.00 -16.53 7.28
C TYR D 153 17.33 -16.72 6.58
N VAL D 154 17.46 -17.81 5.80
CA VAL D 154 18.69 -18.03 5.05
C VAL D 154 18.90 -16.93 4.02
N ASP D 155 17.82 -16.49 3.36
CA ASP D 155 17.93 -15.41 2.40
C ASP D 155 18.37 -14.11 3.06
N ARG D 156 17.79 -13.78 4.22
CA ARG D 156 18.21 -12.59 4.94
C ARG D 156 19.67 -12.70 5.37
N PHE D 157 20.07 -13.87 5.86
CA PHE D 157 21.45 -14.07 6.30
C PHE D 157 22.42 -13.89 5.15
N TYR D 158 22.11 -14.45 3.99
CA TYR D 158 23.03 -14.34 2.86
C TYR D 158 23.04 -12.93 2.28
N LYS D 159 21.91 -12.23 2.30
CA LYS D 159 21.92 -10.83 1.89
C LYS D 159 22.81 -10.00 2.79
N THR D 160 22.67 -10.17 4.12
CA THR D 160 23.50 -9.43 5.05
C THR D 160 24.98 -9.80 4.90
N LEU D 161 25.26 -11.09 4.66
CA LEU D 161 26.64 -11.52 4.46
C LEU D 161 27.23 -10.91 3.20
N ARG D 162 26.45 -10.85 2.13
CA ARG D 162 26.92 -10.20 0.91
C ARG D 162 27.18 -8.72 1.15
N ALA D 163 26.38 -8.07 1.99
CA ALA D 163 26.59 -6.68 2.33
C ALA D 163 27.64 -6.49 3.42
N GLU D 164 28.20 -7.56 3.97
CA GLU D 164 29.14 -7.45 5.08
C GLU D 164 30.54 -7.17 4.58
N GLN D 165 31.29 -6.39 5.35
N GLN D 165 31.30 -6.39 5.35
CA GLN D 165 32.68 -6.06 5.03
CA GLN D 165 32.69 -6.06 5.03
C GLN D 165 33.57 -7.13 5.67
C GLN D 165 33.60 -7.10 5.66
N ALA D 166 33.98 -8.11 4.88
CA ALA D 166 34.83 -9.19 5.37
C ALA D 166 35.47 -9.88 4.18
N SER D 167 36.49 -10.69 4.47
CA SER D 167 37.11 -11.50 3.45
C SER D 167 36.23 -12.70 3.13
N GLN D 168 36.50 -13.32 1.97
CA GLN D 168 35.70 -14.46 1.54
C GLN D 168 35.83 -15.63 2.50
N GLU D 169 37.05 -15.89 2.98
CA GLU D 169 37.25 -16.95 3.96
C GLU D 169 36.50 -16.65 5.26
N VAL D 170 36.54 -15.39 5.70
CA VAL D 170 35.82 -15.00 6.90
C VAL D 170 34.32 -15.13 6.70
N LYS D 171 33.82 -14.77 5.51
CA LYS D 171 32.39 -14.94 5.24
C LYS D 171 31.99 -16.41 5.23
N ASN D 172 32.85 -17.28 4.68
CA ASN D 172 32.58 -18.71 4.73
C ASN D 172 32.54 -19.22 6.16
N TRP D 173 33.46 -18.74 6.99
CA TRP D 173 33.46 -19.13 8.40
C TRP D 173 32.21 -18.62 9.10
N MET D 174 31.76 -17.41 8.77
CA MET D 174 30.51 -16.90 9.31
C MET D 174 29.34 -17.76 8.92
N THR D 175 29.29 -18.20 7.65
CA THR D 175 28.23 -19.09 7.21
C THR D 175 28.28 -20.41 7.98
N GLU D 176 29.48 -20.94 8.20
CA GLU D 176 29.60 -22.23 8.86
C GLU D 176 29.34 -22.16 10.35
N THR D 177 29.46 -20.98 10.98
CA THR D 177 29.34 -20.89 12.42
C THR D 177 28.10 -20.13 12.92
N LEU D 178 27.43 -19.35 12.06
CA LEU D 178 26.37 -18.47 12.50
C LEU D 178 24.99 -18.84 12.00
N LEU D 179 24.89 -19.46 10.82
CA LEU D 179 23.59 -19.70 10.22
C LEU D 179 22.78 -20.69 11.05
N VAL D 180 23.39 -21.83 11.40
CA VAL D 180 22.71 -22.81 12.24
C VAL D 180 22.56 -22.28 13.66
N GLN D 181 23.57 -21.57 14.16
CA GLN D 181 23.55 -21.10 15.54
C GLN D 181 22.41 -20.11 15.78
N ASN D 182 22.16 -19.23 14.83
CA ASN D 182 21.16 -18.17 15.00
C ASN D 182 19.78 -18.57 14.49
N ALA D 183 19.58 -19.85 14.16
CA ALA D 183 18.27 -20.33 13.79
C ALA D 183 17.39 -20.49 15.04
N ASN D 184 16.08 -20.54 14.81
CA ASN D 184 15.15 -20.69 15.93
C ASN D 184 15.22 -22.12 16.48
N PRO D 185 14.75 -22.33 17.72
CA PRO D 185 14.87 -23.67 18.32
C PRO D 185 14.22 -24.77 17.49
N ASP D 186 13.07 -24.50 16.87
CA ASP D 186 12.39 -25.52 16.08
C ASP D 186 13.24 -25.97 14.91
N CYS D 187 13.88 -25.03 14.23
CA CYS D 187 14.79 -25.40 13.14
C CYS D 187 16.12 -25.90 13.67
N LYS D 188 16.59 -25.39 14.81
CA LYS D 188 17.88 -25.80 15.34
C LYS D 188 17.87 -27.26 15.77
N THR D 189 16.74 -27.75 16.31
CA THR D 189 16.66 -29.16 16.67
C THR D 189 16.89 -30.04 15.45
N ILE D 190 16.20 -29.73 14.34
CA ILE D 190 16.33 -30.52 13.13
C ILE D 190 17.73 -30.38 12.55
N LEU D 191 18.29 -29.17 12.56
CA LEU D 191 19.62 -28.96 12.02
C LEU D 191 20.68 -29.73 12.81
N LYS D 192 20.55 -29.74 14.13
CA LYS D 192 21.47 -30.51 14.96
C LYS D 192 21.32 -32.00 14.72
N ALA D 193 20.09 -32.49 14.61
CA ALA D 193 19.88 -33.89 14.30
C ALA D 193 20.35 -34.26 12.90
N LEU D 194 20.50 -33.27 12.02
CA LEU D 194 20.93 -33.54 10.65
C LEU D 194 22.42 -33.86 10.56
N GLY D 195 23.23 -33.31 11.46
CA GLY D 195 24.66 -33.55 11.46
C GLY D 195 25.45 -32.37 10.94
N PRO D 196 26.71 -32.27 11.37
CA PRO D 196 27.54 -31.13 10.93
C PRO D 196 27.92 -31.18 9.45
N ALA D 197 27.86 -32.35 8.83
CA ALA D 197 28.26 -32.50 7.43
C ALA D 197 27.16 -32.11 6.45
N ALA D 198 25.97 -31.75 6.95
CA ALA D 198 24.87 -31.43 6.06
C ALA D 198 25.15 -30.17 5.26
N THR D 199 24.70 -30.17 4.01
CA THR D 199 24.86 -29.03 3.14
C THR D 199 23.71 -28.05 3.30
N LEU D 200 23.82 -26.91 2.61
CA LEU D 200 22.76 -25.90 2.68
C LEU D 200 21.44 -26.44 2.14
N GLU D 201 21.49 -27.14 0.99
CA GLU D 201 20.27 -27.67 0.41
C GLU D 201 19.64 -28.73 1.31
N GLU D 202 20.47 -29.60 1.90
CA GLU D 202 19.94 -30.59 2.83
C GLU D 202 19.32 -29.93 4.05
N MET D 203 19.97 -28.87 4.55
CA MET D 203 19.43 -28.17 5.72
C MET D 203 18.10 -27.50 5.40
N MET D 204 17.98 -26.90 4.23
CA MET D 204 16.73 -26.26 3.84
C MET D 204 15.63 -27.30 3.62
N THR D 205 15.98 -28.44 3.04
CA THR D 205 14.99 -29.51 2.86
C THR D 205 14.52 -30.04 4.21
N ALA D 206 15.44 -30.18 5.16
CA ALA D 206 15.07 -30.73 6.47
C ALA D 206 14.17 -29.77 7.25
N CYS D 207 14.32 -28.47 7.05
CA CYS D 207 13.53 -27.47 7.74
C CYS D 207 12.37 -26.94 6.90
N GLN D 208 12.11 -27.55 5.74
CA GLN D 208 11.08 -27.04 4.84
C GLN D 208 9.68 -27.20 5.42
N GLY D 209 9.51 -28.12 6.37
CA GLY D 209 8.21 -28.39 6.94
C GLY D 209 7.94 -27.78 8.30
N VAL D 210 8.89 -27.02 8.86
CA VAL D 210 8.70 -26.45 10.19
C VAL D 210 7.61 -25.39 10.13
N GLY D 211 6.60 -25.55 10.99
CA GLY D 211 5.43 -24.70 10.96
C GLY D 211 4.28 -25.23 10.11
N GLY D 212 4.48 -26.34 9.41
CA GLY D 212 3.42 -26.97 8.67
C GLY D 212 2.59 -27.88 9.55
N PRO D 213 1.48 -28.39 9.02
CA PRO D 213 0.61 -29.26 9.84
C PRO D 213 1.31 -30.48 10.41
N GLY D 214 2.13 -31.15 9.60
CA GLY D 214 2.78 -32.36 10.06
C GLY D 214 3.78 -32.12 11.17
N HIS D 215 4.61 -31.08 11.04
CA HIS D 215 5.60 -30.77 12.06
C HIS D 215 4.94 -30.38 13.37
N LYS D 216 3.92 -29.52 13.30
CA LYS D 216 3.20 -29.12 14.49
C LYS D 216 2.55 -30.32 15.17
N ALA D 217 1.90 -31.19 14.37
CA ALA D 217 1.28 -32.38 14.93
C ALA D 217 2.32 -33.27 15.60
N ARG D 218 3.48 -33.44 14.97
CA ARG D 218 4.50 -34.33 15.51
C ARG D 218 5.09 -33.79 16.81
N VAL D 219 5.38 -32.49 16.86
CA VAL D 219 5.95 -31.93 18.09
C VAL D 219 4.92 -31.93 19.21
N LEU D 220 3.65 -31.62 18.89
CA LEU D 220 2.60 -31.70 19.89
C LEU D 220 2.46 -33.12 20.40
N ALA D 221 2.54 -34.11 19.51
CA ALA D 221 2.45 -35.50 19.91
C ALA D 221 3.62 -35.91 20.80
N GLU D 222 4.83 -35.43 20.48
CA GLU D 222 5.98 -35.76 21.32
C GLU D 222 5.80 -35.18 22.73
N ALA D 223 5.37 -33.93 22.82
CA ALA D 223 5.15 -33.33 24.14
C ALA D 223 4.04 -34.05 24.90
N MET D 224 2.94 -34.36 24.21
CA MET D 224 1.83 -35.07 24.85
C MET D 224 2.27 -36.44 25.33
N SER D 225 3.06 -37.15 24.53
CA SER D 225 3.54 -38.47 24.92
C SER D 225 4.45 -38.37 26.13
N GLN D 226 5.31 -37.35 26.18
CA GLN D 226 6.16 -37.16 27.34
C GLN D 226 5.33 -36.98 28.61
N VAL D 227 4.33 -36.09 28.55
CA VAL D 227 3.56 -35.82 29.77
C VAL D 227 2.67 -37.00 30.13
N ILE D 228 2.20 -37.78 29.14
CA ILE D 228 1.42 -38.96 29.45
C ILE D 228 2.29 -40.04 30.08
N ASN D 229 3.51 -40.21 29.56
CA ASN D 229 4.43 -41.20 30.13
C ASN D 229 4.85 -40.82 31.55
N SER D 230 4.92 -39.51 31.83
CA SER D 230 5.19 -39.08 33.20
C SER D 230 4.07 -39.52 34.14
N ALA D 231 2.83 -39.48 33.67
CA ALA D 231 1.69 -39.92 34.46
C ALA D 231 1.71 -41.43 34.66
N HIS E 1 43.10 15.47 -20.63
CA HIS E 1 43.38 14.70 -19.41
C HIS E 1 42.10 14.29 -18.68
N GLN E 2 42.01 13.00 -18.36
CA GLN E 2 40.90 12.44 -17.59
C GLN E 2 41.52 11.73 -16.39
N ALA E 3 41.76 12.47 -15.32
CA ALA E 3 42.32 11.89 -14.10
C ALA E 3 41.31 10.93 -13.48
N ILE E 4 41.84 9.94 -12.76
CA ILE E 4 40.98 8.95 -12.12
C ILE E 4 40.10 9.61 -11.08
N SER E 5 38.81 9.33 -11.12
CA SER E 5 37.85 9.94 -10.23
C SER E 5 37.89 9.26 -8.86
N PRO E 6 37.48 9.97 -7.80
CA PRO E 6 37.47 9.36 -6.46
C PRO E 6 36.66 8.07 -6.39
N ARG E 7 35.53 8.00 -7.10
CA ARG E 7 34.73 6.78 -7.09
C ARG E 7 35.48 5.62 -7.71
N THR E 8 36.18 5.86 -8.82
CA THR E 8 36.94 4.79 -9.46
C THR E 8 38.07 4.30 -8.57
N LEU E 9 38.82 5.22 -7.95
CA LEU E 9 39.90 4.82 -7.06
C LEU E 9 39.37 4.06 -5.85
N ASN E 10 38.26 4.52 -5.27
CA ASN E 10 37.68 3.83 -4.14
C ASN E 10 37.18 2.44 -4.55
N ALA E 11 36.60 2.32 -5.73
CA ALA E 11 36.16 1.01 -6.21
C ALA E 11 37.35 0.07 -6.38
N TRP E 12 38.47 0.59 -6.89
CA TRP E 12 39.68 -0.21 -6.99
C TRP E 12 40.15 -0.67 -5.61
N VAL E 13 40.14 0.25 -4.64
CA VAL E 13 40.60 -0.09 -3.29
C VAL E 13 39.71 -1.17 -2.68
N LYS E 14 38.39 -1.02 -2.80
CA LYS E 14 37.49 -2.03 -2.26
C LYS E 14 37.60 -3.35 -3.02
N VAL E 15 37.86 -3.32 -4.32
CA VAL E 15 38.06 -4.55 -5.07
C VAL E 15 39.27 -5.30 -4.53
N VAL E 16 40.38 -4.58 -4.31
CA VAL E 16 41.58 -5.22 -3.79
C VAL E 16 41.34 -5.74 -2.37
N GLU E 17 40.64 -4.95 -1.54
CA GLU E 17 40.45 -5.35 -0.15
C GLU E 17 39.44 -6.48 -0.01
N GLU E 18 38.50 -6.62 -0.96
CA GLU E 18 37.47 -7.63 -0.85
C GLU E 18 37.90 -8.94 -1.51
N LYS E 19 38.53 -8.86 -2.68
N LYS E 19 38.53 -8.86 -2.68
CA LYS E 19 38.99 -10.04 -3.39
CA LYS E 19 38.99 -10.04 -3.38
C LYS E 19 40.41 -10.44 -3.02
C LYS E 19 40.42 -10.43 -3.03
N ALA E 20 41.08 -9.69 -2.14
CA ALA E 20 42.49 -9.90 -1.81
C ALA E 20 43.26 -9.75 -3.12
N PHE E 21 44.07 -10.72 -3.52
CA PHE E 21 44.67 -10.67 -4.84
C PHE E 21 44.27 -11.90 -5.65
N SER E 22 42.98 -12.22 -5.63
CA SER E 22 42.43 -13.25 -6.48
C SER E 22 42.51 -12.80 -7.93
N PRO E 23 42.43 -13.72 -8.89
CA PRO E 23 42.62 -13.33 -10.30
C PRO E 23 41.65 -12.26 -10.78
N GLU E 24 40.47 -12.15 -10.15
CA GLU E 24 39.48 -11.18 -10.59
C GLU E 24 39.93 -9.73 -10.40
N VAL E 25 41.02 -9.48 -9.67
CA VAL E 25 41.54 -8.12 -9.61
C VAL E 25 42.21 -7.71 -10.91
N ILE E 26 42.70 -8.68 -11.70
CA ILE E 26 43.37 -8.34 -12.95
C ILE E 26 42.42 -7.68 -13.96
N PRO E 27 41.22 -8.21 -14.22
CA PRO E 27 40.32 -7.48 -15.13
C PRO E 27 39.87 -6.15 -14.58
N MET E 28 39.47 -6.11 -13.30
CA MET E 28 38.98 -4.86 -12.72
C MET E 28 40.00 -3.74 -12.85
N PHE E 29 41.27 -4.04 -12.55
CA PHE E 29 42.32 -3.06 -12.76
C PHE E 29 42.33 -2.59 -14.20
N SER E 30 42.35 -3.53 -15.15
CA SER E 30 42.33 -3.15 -16.56
C SER E 30 41.06 -2.39 -16.91
N ALA E 31 39.97 -2.66 -16.20
CA ALA E 31 38.72 -1.98 -16.51
C ALA E 31 38.61 -0.63 -15.81
N LEU E 32 39.50 -0.36 -14.85
CA LEU E 32 39.45 0.89 -14.11
C LEU E 32 40.62 1.81 -14.41
N SER E 33 41.48 1.43 -15.35
CA SER E 33 42.67 2.22 -15.67
C SER E 33 42.80 2.47 -17.17
N GLU E 34 41.71 2.37 -17.93
CA GLU E 34 41.77 2.59 -19.36
C GLU E 34 42.08 4.06 -19.64
N GLY E 35 43.16 4.30 -20.38
CA GLY E 35 43.59 5.65 -20.68
C GLY E 35 44.29 6.36 -19.55
N ALA E 36 44.59 5.66 -18.45
CA ALA E 36 45.20 6.30 -17.30
C ALA E 36 46.66 6.62 -17.56
N THR E 37 47.09 7.78 -17.05
CA THR E 37 48.49 8.15 -17.09
C THR E 37 49.29 7.32 -16.09
N PRO E 38 50.62 7.28 -16.24
CA PRO E 38 51.43 6.60 -15.21
C PRO E 38 51.24 7.18 -13.82
N GLN E 39 50.99 8.48 -13.71
CA GLN E 39 50.68 9.06 -12.40
C GLN E 39 49.41 8.48 -11.82
N ASP E 40 48.37 8.33 -12.65
CA ASP E 40 47.13 7.73 -12.18
C ASP E 40 47.33 6.28 -11.76
N LEU E 41 48.14 5.55 -12.51
CA LEU E 41 48.44 4.16 -12.15
C LEU E 41 49.20 4.08 -10.83
N ASN E 42 50.15 4.98 -10.62
CA ASN E 42 50.86 5.02 -9.34
C ASN E 42 49.91 5.38 -8.21
N THR E 43 48.98 6.30 -8.45
CA THR E 43 47.98 6.62 -7.44
C THR E 43 47.13 5.40 -7.11
N MET E 44 46.75 4.64 -8.13
CA MET E 44 46.01 3.40 -7.90
C MET E 44 46.82 2.42 -7.07
N LEU E 45 48.12 2.30 -7.35
CA LEU E 45 48.94 1.29 -6.69
C LEU E 45 49.24 1.67 -5.24
N ASN E 46 49.58 2.93 -5.00
CA ASN E 46 49.98 3.35 -3.65
C ASN E 46 48.80 3.48 -2.70
N THR E 47 47.57 3.45 -3.21
CA THR E 47 46.41 3.59 -2.35
C THR E 47 45.98 2.26 -1.74
N VAL E 48 46.56 1.14 -2.20
CA VAL E 48 46.25 -0.16 -1.63
C VAL E 48 46.74 -0.22 -0.19
N GLY E 49 45.87 -0.66 0.71
CA GLY E 49 46.21 -0.84 2.11
C GLY E 49 46.45 -2.30 2.43
N GLY E 50 47.50 -2.56 3.20
CA GLY E 50 47.86 -3.93 3.51
C GLY E 50 48.55 -4.59 2.32
N HIS E 51 48.71 -5.91 2.45
CA HIS E 51 49.36 -6.74 1.43
C HIS E 51 50.73 -6.16 1.05
N GLN E 52 51.52 -5.83 2.07
CA GLN E 52 52.81 -5.22 1.82
C GLN E 52 53.74 -6.14 1.05
N ALA E 53 53.65 -7.45 1.29
CA ALA E 53 54.44 -8.40 0.51
C ALA E 53 54.01 -8.39 -0.95
N ALA E 54 52.71 -8.34 -1.21
CA ALA E 54 52.23 -8.28 -2.59
C ALA E 54 52.68 -7.01 -3.29
N MET E 55 52.63 -5.87 -2.60
CA MET E 55 53.08 -4.63 -3.21
C MET E 55 54.59 -4.63 -3.41
N GLN E 56 55.33 -5.28 -2.52
CA GLN E 56 56.77 -5.44 -2.73
C GLN E 56 57.05 -6.26 -3.98
N MET E 57 56.30 -7.35 -4.17
CA MET E 57 56.44 -8.15 -5.38
C MET E 57 56.11 -7.34 -6.63
N LEU E 58 55.04 -6.55 -6.56
CA LEU E 58 54.66 -5.70 -7.69
C LEU E 58 55.73 -4.68 -8.00
N LYS E 59 56.30 -4.05 -6.96
CA LYS E 59 57.36 -3.08 -7.17
C LYS E 59 58.59 -3.73 -7.77
N GLU E 60 58.92 -4.94 -7.32
CA GLU E 60 60.05 -5.67 -7.88
C GLU E 60 59.84 -5.96 -9.36
N THR E 61 58.65 -6.43 -9.71
CA THR E 61 58.35 -6.72 -11.12
C THR E 61 58.42 -5.46 -11.96
N ILE E 62 57.88 -4.35 -11.46
CA ILE E 62 57.93 -3.09 -12.19
C ILE E 62 59.38 -2.65 -12.39
N ASN E 63 60.21 -2.84 -11.36
CA ASN E 63 61.61 -2.47 -11.46
C ASN E 63 62.34 -3.31 -12.51
N GLU E 64 62.08 -4.62 -12.54
CA GLU E 64 62.68 -5.46 -13.58
C GLU E 64 62.22 -5.04 -14.97
N GLU E 65 60.94 -4.72 -15.12
CA GLU E 65 60.43 -4.29 -16.42
C GLU E 65 61.07 -2.97 -16.85
N ALA E 66 61.23 -2.03 -15.92
CA ALA E 66 61.87 -0.77 -16.25
C ALA E 66 63.34 -0.97 -16.61
N ALA E 67 64.03 -1.87 -15.90
CA ALA E 67 65.42 -2.17 -16.22
C ALA E 67 65.52 -2.79 -17.61
N GLU E 68 64.60 -3.70 -17.95
CA GLU E 68 64.61 -4.29 -19.28
C GLU E 68 64.37 -3.24 -20.36
N TRP E 69 63.42 -2.33 -20.12
CA TRP E 69 63.18 -1.26 -21.07
C TRP E 69 64.41 -0.38 -21.25
N ASP E 70 65.09 -0.06 -20.15
CA ASP E 70 66.30 0.75 -20.24
C ASP E 70 67.40 0.03 -21.00
N ARG E 71 67.53 -1.28 -20.79
CA ARG E 71 68.54 -2.06 -21.50
C ARG E 71 68.24 -2.11 -23.00
N VAL E 72 66.99 -2.40 -23.36
CA VAL E 72 66.66 -2.58 -24.77
C VAL E 72 66.69 -1.25 -25.51
N HIS E 73 66.11 -0.20 -24.90
CA HIS E 73 66.03 1.09 -25.56
C HIS E 73 67.22 1.95 -25.14
N PRO E 74 68.12 2.29 -26.04
CA PRO E 74 69.27 3.13 -25.67
C PRO E 74 68.88 4.59 -25.52
N VAL E 75 69.78 5.34 -24.88
CA VAL E 75 69.58 6.77 -24.69
C VAL E 75 70.15 7.52 -25.89
N HIS E 76 69.65 8.73 -26.11
CA HIS E 76 70.15 9.61 -27.15
C HIS E 76 71.02 10.70 -26.52
N ALA E 77 71.86 11.32 -27.35
CA ALA E 77 72.68 12.44 -26.89
C ALA E 77 71.84 13.67 -26.55
N GLY E 78 70.57 13.69 -26.94
CA GLY E 78 69.67 14.77 -26.63
C GLY E 78 69.86 16.01 -27.48
N PRO E 79 69.62 15.89 -28.79
CA PRO E 79 69.61 17.09 -29.64
C PRO E 79 68.29 17.83 -29.52
N ILE E 80 68.37 19.16 -29.60
CA ILE E 80 67.16 19.97 -29.52
C ILE E 80 66.33 19.78 -30.77
N ALA E 81 65.01 19.86 -30.62
CA ALA E 81 64.06 19.66 -31.70
C ALA E 81 62.93 20.67 -31.53
N PRO E 82 62.19 20.95 -32.61
CA PRO E 82 61.00 21.81 -32.46
C PRO E 82 60.00 21.27 -31.45
N GLY E 83 59.82 19.95 -31.41
CA GLY E 83 59.01 19.36 -30.35
C GLY E 83 59.75 19.21 -29.04
N GLN E 84 61.08 19.07 -29.10
CA GLN E 84 61.97 18.90 -27.94
C GLN E 84 61.33 18.06 -26.85
N MET E 85 60.97 16.84 -27.22
CA MET E 85 60.41 15.86 -26.29
C MET E 85 61.40 14.71 -26.13
N ARG E 86 61.95 14.58 -24.92
CA ARG E 86 62.90 13.51 -24.64
C ARG E 86 62.20 12.15 -24.68
N GLU E 87 62.96 11.13 -25.04
CA GLU E 87 62.42 9.78 -25.08
C GLU E 87 62.27 9.25 -23.66
N PRO E 88 61.09 8.74 -23.29
CA PRO E 88 60.90 8.25 -21.92
C PRO E 88 61.80 7.05 -21.62
N ARG E 89 62.24 6.97 -20.38
CA ARG E 89 63.01 5.84 -19.87
C ARG E 89 62.11 4.96 -19.01
N GLY E 90 62.71 3.94 -18.40
CA GLY E 90 61.94 3.04 -17.56
C GLY E 90 61.30 3.75 -16.38
N SER E 91 62.06 4.63 -15.71
CA SER E 91 61.51 5.40 -14.60
C SER E 91 60.45 6.38 -15.09
N ASP E 92 60.64 6.94 -16.29
CA ASP E 92 59.64 7.85 -16.85
C ASP E 92 58.32 7.13 -17.10
N ILE E 93 58.38 5.92 -17.65
CA ILE E 93 57.17 5.14 -17.87
C ILE E 93 56.55 4.73 -16.53
N ALA E 94 57.37 4.32 -15.57
CA ALA E 94 56.87 3.99 -14.25
C ALA E 94 56.37 5.21 -13.49
N GLY E 95 56.64 6.42 -13.98
CA GLY E 95 56.22 7.64 -13.33
C GLY E 95 57.10 8.12 -12.20
N THR E 96 58.19 7.41 -11.90
CA THR E 96 59.07 7.81 -10.81
C THR E 96 59.83 9.09 -11.16
N THR E 97 60.32 9.19 -12.40
CA THR E 97 61.13 10.33 -12.78
C THR E 97 60.49 11.07 -13.96
N SER E 98 59.19 11.31 -13.87
CA SER E 98 58.48 12.06 -14.91
C SER E 98 57.29 12.75 -14.28
N THR E 99 56.91 13.88 -14.87
CA THR E 99 55.76 14.66 -14.41
C THR E 99 54.54 14.34 -15.25
N LEU E 100 53.38 14.75 -14.75
CA LEU E 100 52.13 14.50 -15.45
C LEU E 100 52.11 15.18 -16.82
N GLN E 101 52.72 16.38 -16.91
CA GLN E 101 52.78 17.06 -18.19
C GLN E 101 53.58 16.28 -19.21
N GLU E 102 54.73 15.72 -18.78
CA GLU E 102 55.55 14.93 -19.69
C GLU E 102 54.81 13.67 -20.14
N GLN E 103 54.10 13.02 -19.20
CA GLN E 103 53.34 11.83 -19.56
C GLN E 103 52.23 12.16 -20.56
N ILE E 104 51.53 13.27 -20.34
CA ILE E 104 50.49 13.68 -21.29
C ILE E 104 51.10 13.99 -22.65
N GLY E 105 52.24 14.68 -22.66
CA GLY E 105 52.88 14.99 -23.93
C GLY E 105 53.30 13.74 -24.68
N TRP E 106 53.83 12.75 -23.97
CA TRP E 106 54.18 11.48 -24.62
C TRP E 106 52.93 10.76 -25.13
N MET E 107 51.85 10.77 -24.35
CA MET E 107 50.67 10.02 -24.73
C MET E 107 49.93 10.66 -25.90
N THR E 108 49.95 11.99 -26.00
CA THR E 108 49.22 12.71 -27.04
C THR E 108 50.11 13.15 -28.19
N ASN E 109 51.37 12.73 -28.21
CA ASN E 109 52.27 13.13 -29.28
C ASN E 109 51.91 12.42 -30.58
N ASN E 110 52.46 12.91 -31.68
CA ASN E 110 52.33 12.27 -32.99
C ASN E 110 53.72 12.00 -33.56
N PRO E 111 54.21 10.76 -33.57
CA PRO E 111 53.54 9.52 -33.11
C PRO E 111 53.46 9.42 -31.59
N PRO E 112 52.40 8.80 -31.09
CA PRO E 112 52.25 8.67 -29.63
C PRO E 112 53.21 7.67 -29.03
N ILE E 113 53.53 7.88 -27.77
CA ILE E 113 54.29 6.93 -26.96
C ILE E 113 53.40 6.53 -25.79
N PRO E 114 52.70 5.39 -25.89
CA PRO E 114 51.76 5.02 -24.82
C PRO E 114 52.46 4.58 -23.56
N VAL E 115 53.03 5.54 -22.83
CA VAL E 115 53.73 5.22 -21.59
C VAL E 115 52.76 4.64 -20.57
N GLY E 116 51.52 5.14 -20.55
CA GLY E 116 50.52 4.58 -19.66
C GLY E 116 50.23 3.13 -19.95
N GLU E 117 50.18 2.76 -21.23
CA GLU E 117 49.87 1.38 -21.58
C GLU E 117 51.05 0.45 -21.28
N ILE E 118 52.28 0.92 -21.50
CA ILE E 118 53.45 0.14 -21.12
C ILE E 118 53.48 -0.09 -19.61
N TYR E 119 53.21 0.97 -18.85
CA TYR E 119 53.19 0.83 -17.40
C TYR E 119 52.06 -0.08 -16.95
N LYS E 120 50.90 -0.01 -17.62
CA LYS E 120 49.82 -0.95 -17.31
C LYS E 120 50.24 -2.39 -17.57
N ARG E 121 50.96 -2.62 -18.68
CA ARG E 121 51.45 -3.97 -18.97
C ARG E 121 52.39 -4.45 -17.86
N TRP E 122 53.28 -3.57 -17.41
CA TRP E 122 54.19 -3.93 -16.33
C TRP E 122 53.42 -4.27 -15.05
N ILE E 123 52.43 -3.44 -14.70
CA ILE E 123 51.65 -3.69 -13.49
C ILE E 123 50.85 -4.97 -13.62
N ILE E 124 50.35 -5.29 -14.81
CA ILE E 124 49.60 -6.53 -14.98
C ILE E 124 50.53 -7.73 -14.87
N LEU E 125 51.76 -7.62 -15.37
CA LEU E 125 52.73 -8.69 -15.15
C LEU E 125 52.98 -8.90 -13.66
N GLY E 126 53.16 -7.81 -12.93
CA GLY E 126 53.35 -7.92 -11.48
C GLY E 126 52.14 -8.51 -10.78
N LEU E 127 50.94 -8.12 -11.22
CA LEU E 127 49.71 -8.62 -10.61
C LEU E 127 49.54 -10.12 -10.87
N ASN E 128 49.89 -10.57 -12.08
CA ASN E 128 49.86 -11.99 -12.38
C ASN E 128 50.86 -12.75 -11.52
N LYS E 129 52.04 -12.18 -11.32
CA LYS E 129 53.01 -12.80 -10.42
C LYS E 129 52.48 -12.88 -9.00
N ILE E 130 51.80 -11.82 -8.54
CA ILE E 130 51.21 -11.83 -7.20
C ILE E 130 50.14 -12.92 -7.09
N VAL E 131 49.27 -13.01 -8.10
CA VAL E 131 48.22 -14.01 -8.08
C VAL E 131 48.81 -15.42 -8.04
N ARG E 132 49.90 -15.63 -8.78
CA ARG E 132 50.53 -16.95 -8.79
C ARG E 132 51.19 -17.27 -7.46
N MET E 133 51.91 -16.31 -6.87
CA MET E 133 52.81 -16.60 -5.75
C MET E 133 52.28 -16.18 -4.39
N TYR E 134 51.51 -15.10 -4.31
CA TYR E 134 51.15 -14.52 -3.03
C TYR E 134 49.89 -15.17 -2.47
N SER E 135 49.92 -15.50 -1.18
CA SER E 135 48.76 -16.01 -0.46
C SER E 135 48.50 -15.13 0.74
N PRO E 136 47.37 -14.42 0.80
CA PRO E 136 47.13 -13.49 1.91
C PRO E 136 46.95 -14.21 3.24
N THR E 137 47.35 -13.55 4.30
CA THR E 137 47.19 -14.07 5.65
C THR E 137 45.82 -13.69 6.20
N SER E 138 45.29 -14.56 7.06
CA SER E 138 43.97 -14.36 7.63
C SER E 138 44.00 -14.64 9.12
N ILE E 139 43.04 -14.05 9.84
CA ILE E 139 42.87 -14.35 11.25
C ILE E 139 42.51 -15.81 11.47
N LEU E 140 41.93 -16.46 10.44
CA LEU E 140 41.60 -17.87 10.54
C LEU E 140 42.83 -18.76 10.48
N ASP E 141 43.96 -18.26 9.97
CA ASP E 141 45.18 -19.04 9.82
C ASP E 141 46.11 -18.91 11.01
N ILE E 142 45.76 -18.12 12.02
CA ILE E 142 46.62 -17.91 13.18
C ILE E 142 46.37 -19.04 14.16
N ARG E 143 47.30 -19.97 14.24
CA ARG E 143 47.22 -21.11 15.14
C ARG E 143 48.45 -21.15 16.03
N GLN E 144 48.26 -21.60 17.26
CA GLN E 144 49.38 -21.72 18.19
C GLN E 144 50.28 -22.89 17.78
N GLY E 145 51.59 -22.67 17.86
CA GLY E 145 52.54 -23.71 17.58
C GLY E 145 52.56 -24.76 18.66
N PRO E 146 53.10 -25.94 18.36
CA PRO E 146 53.18 -27.00 19.38
C PRO E 146 54.00 -26.61 20.59
N LYS E 147 55.02 -25.76 20.42
CA LYS E 147 55.85 -25.32 21.52
C LYS E 147 55.79 -23.81 21.76
N GLU E 148 54.87 -23.11 21.10
CA GLU E 148 54.81 -21.67 21.24
C GLU E 148 54.20 -21.27 22.58
N PRO E 149 54.75 -20.26 23.25
CA PRO E 149 54.08 -19.74 24.45
C PRO E 149 52.73 -19.16 24.11
N PHE E 150 51.81 -19.23 25.07
CA PHE E 150 50.45 -18.75 24.83
C PHE E 150 50.42 -17.24 24.68
N ARG E 151 51.30 -16.53 25.39
CA ARG E 151 51.39 -15.08 25.23
C ARG E 151 51.80 -14.69 23.82
N ASP E 152 52.77 -15.40 23.25
CA ASP E 152 53.19 -15.11 21.89
C ASP E 152 52.07 -15.36 20.89
N TYR E 153 51.33 -16.45 21.08
CA TYR E 153 50.21 -16.75 20.20
C TYR E 153 49.12 -15.69 20.31
N VAL E 154 48.83 -15.24 21.54
CA VAL E 154 47.83 -14.20 21.73
C VAL E 154 48.27 -12.89 21.09
N ASP E 155 49.56 -12.57 21.21
CA ASP E 155 50.08 -11.36 20.58
C ASP E 155 49.96 -11.43 19.05
N ARG E 156 50.30 -12.58 18.47
CA ARG E 156 50.15 -12.75 17.03
C ARG E 156 48.68 -12.64 16.62
N PHE E 157 47.80 -13.26 17.40
CA PHE E 157 46.37 -13.22 17.09
C PHE E 157 45.84 -11.80 17.11
N TYR E 158 46.22 -11.01 18.12
CA TYR E 158 45.71 -9.65 18.20
C TYR E 158 46.36 -8.74 17.16
N LYS E 159 47.62 -8.99 16.82
CA LYS E 159 48.25 -8.23 15.74
C LYS E 159 47.55 -8.49 14.41
N THR E 160 47.17 -9.75 14.16
CA THR E 160 46.46 -10.07 12.93
C THR E 160 45.03 -9.53 12.95
N LEU E 161 44.39 -9.55 14.12
CA LEU E 161 43.03 -9.05 14.25
C LEU E 161 42.96 -7.54 14.06
N ARG E 162 43.95 -6.81 14.58
CA ARG E 162 43.95 -5.36 14.43
C ARG E 162 44.03 -4.94 12.96
N ALA E 163 44.71 -5.74 12.14
CA ALA E 163 44.82 -5.48 10.71
C ALA E 163 43.75 -6.19 9.89
N GLU E 164 42.86 -6.92 10.53
CA GLU E 164 41.80 -7.62 9.81
C GLU E 164 40.72 -6.65 9.36
N GLN E 165 40.18 -6.88 8.17
N GLN E 165 40.18 -6.88 8.17
CA GLN E 165 39.13 -6.05 7.60
CA GLN E 165 39.12 -6.03 7.62
C GLN E 165 37.79 -6.58 8.12
C GLN E 165 37.78 -6.56 8.11
N ALA E 166 37.34 -6.02 9.24
CA ALA E 166 36.08 -6.45 9.84
C ALA E 166 35.57 -5.36 10.75
N SER E 167 34.30 -5.46 11.13
CA SER E 167 33.71 -4.56 12.10
C SER E 167 34.16 -4.94 13.51
N GLN E 168 33.98 -4.01 14.44
CA GLN E 168 34.43 -4.24 15.81
C GLN E 168 33.66 -5.37 16.46
N GLU E 169 32.35 -5.46 16.19
CA GLU E 169 31.57 -6.57 16.71
C GLU E 169 32.05 -7.90 16.14
N VAL E 170 32.36 -7.91 14.84
CA VAL E 170 32.87 -9.13 14.22
C VAL E 170 34.22 -9.50 14.80
N LYS E 171 35.08 -8.51 15.07
CA LYS E 171 36.37 -8.79 15.68
C LYS E 171 36.21 -9.34 17.10
N ASN E 172 35.25 -8.80 17.85
CA ASN E 172 34.98 -9.34 19.19
C ASN E 172 34.50 -10.77 19.12
N TRP E 173 33.63 -11.08 18.16
CA TRP E 173 33.20 -12.46 17.96
C TRP E 173 34.37 -13.35 17.57
N MET E 174 35.26 -12.84 16.72
CA MET E 174 36.46 -13.59 16.36
C MET E 174 37.32 -13.90 17.57
N THR E 175 37.51 -12.90 18.44
CA THR E 175 38.27 -13.12 19.66
C THR E 175 37.59 -14.17 20.55
N GLU E 176 36.26 -14.10 20.67
CA GLU E 176 35.54 -15.04 21.52
C GLU E 176 35.57 -16.45 20.97
N THR E 177 35.69 -16.61 19.65
CA THR E 177 35.59 -17.93 19.03
C THR E 177 36.95 -18.55 18.71
N LEU E 178 37.80 -17.87 17.95
CA LEU E 178 38.97 -18.48 17.34
C LEU E 178 40.16 -18.59 18.27
N LEU E 179 40.30 -17.70 19.25
CA LEU E 179 41.50 -17.66 20.07
C LEU E 179 41.69 -18.95 20.86
N VAL E 180 40.64 -19.40 21.55
CA VAL E 180 40.72 -20.67 22.25
C VAL E 180 40.70 -21.83 21.25
N GLN E 181 39.97 -21.66 20.15
CA GLN E 181 39.82 -22.73 19.18
C GLN E 181 41.16 -23.11 18.53
N ASN E 182 41.96 -22.10 18.17
CA ASN E 182 43.19 -22.33 17.43
C ASN E 182 44.42 -22.42 18.33
N ALA E 183 44.23 -22.70 19.62
CA ALA E 183 45.35 -22.92 20.50
C ALA E 183 45.82 -24.37 20.43
N ASN E 184 47.08 -24.59 20.79
CA ASN E 184 47.63 -25.93 20.77
C ASN E 184 46.98 -26.79 21.85
N PRO E 185 47.01 -28.12 21.70
CA PRO E 185 46.29 -28.98 22.66
C PRO E 185 46.71 -28.79 24.10
N ASP E 186 48.01 -28.56 24.36
CA ASP E 186 48.47 -28.39 25.72
C ASP E 186 47.81 -27.19 26.39
N CYS E 187 47.74 -26.05 25.68
CA CYS E 187 47.03 -24.90 26.22
C CYS E 187 45.52 -25.05 26.09
N LYS E 188 45.04 -25.73 25.05
CA LYS E 188 43.61 -25.86 24.83
C LYS E 188 42.94 -26.65 25.94
N THR E 189 43.60 -27.70 26.44
CA THR E 189 43.00 -28.48 27.51
C THR E 189 42.88 -27.66 28.80
N ILE E 190 43.89 -26.82 29.08
CA ILE E 190 43.80 -25.92 30.22
C ILE E 190 42.71 -24.89 30.02
N LEU E 191 42.57 -24.39 28.79
CA LEU E 191 41.53 -23.41 28.50
C LEU E 191 40.14 -23.99 28.70
N LYS E 192 39.93 -25.24 28.26
CA LYS E 192 38.65 -25.89 28.48
C LYS E 192 38.46 -26.25 29.95
N ALA E 193 39.54 -26.51 30.68
CA ALA E 193 39.42 -26.72 32.12
C ALA E 193 38.87 -25.48 32.82
N LEU E 194 39.30 -24.30 32.39
CA LEU E 194 38.70 -23.06 32.85
C LEU E 194 37.29 -22.92 32.29
N GLY E 195 36.49 -22.10 32.95
CA GLY E 195 35.14 -21.83 32.51
C GLY E 195 35.11 -21.01 31.24
N PRO E 196 33.97 -20.98 30.55
CA PRO E 196 33.86 -20.17 29.34
C PRO E 196 33.81 -18.67 29.62
N ALA E 197 33.66 -18.25 30.87
CA ALA E 197 33.59 -16.85 31.24
C ALA E 197 34.94 -16.28 31.65
N ALA E 198 36.01 -17.06 31.53
CA ALA E 198 37.33 -16.58 31.93
C ALA E 198 37.79 -15.46 31.02
N THR E 199 38.40 -14.44 31.61
CA THR E 199 38.92 -13.31 30.85
C THR E 199 40.30 -13.63 30.28
N LEU E 200 40.76 -12.77 29.37
CA LEU E 200 42.04 -12.98 28.70
C LEU E 200 43.18 -13.14 29.71
N GLU E 201 43.19 -12.31 30.75
CA GLU E 201 44.24 -12.39 31.74
C GLU E 201 44.21 -13.72 32.49
N GLU E 202 43.01 -14.22 32.79
CA GLU E 202 42.90 -15.49 33.50
C GLU E 202 43.44 -16.65 32.65
N MET E 203 43.07 -16.70 31.37
CA MET E 203 43.59 -17.77 30.50
C MET E 203 45.09 -17.63 30.30
N MET E 204 45.59 -16.40 30.18
CA MET E 204 47.03 -16.22 30.01
C MET E 204 47.79 -16.66 31.25
N THR E 205 47.25 -16.36 32.43
CA THR E 205 47.89 -16.82 33.66
C THR E 205 47.82 -18.34 33.77
N ALA E 206 46.71 -18.94 33.34
CA ALA E 206 46.59 -20.39 33.40
C ALA E 206 47.59 -21.08 32.48
N CYS E 207 47.78 -20.54 31.28
CA CYS E 207 48.69 -21.14 30.30
C CYS E 207 50.12 -20.64 30.43
N GLN E 208 50.40 -19.73 31.36
CA GLN E 208 51.75 -19.24 31.56
C GLN E 208 52.73 -20.37 31.88
N GLY E 209 52.26 -21.46 32.45
CA GLY E 209 53.12 -22.55 32.83
C GLY E 209 53.33 -23.63 31.80
N VAL E 210 52.63 -23.57 30.67
CA VAL E 210 52.73 -24.63 29.66
C VAL E 210 54.14 -24.64 29.07
N GLY E 211 54.76 -25.82 29.07
CA GLY E 211 56.12 -25.95 28.61
C GLY E 211 57.18 -25.73 29.66
N GLY E 212 56.79 -25.49 30.91
CA GLY E 212 57.74 -25.36 31.99
C GLY E 212 58.03 -26.70 32.63
N PRO E 213 59.03 -26.74 33.52
CA PRO E 213 59.35 -28.02 34.18
C PRO E 213 58.20 -28.61 34.96
N GLY E 214 57.44 -27.78 35.67
CA GLY E 214 56.32 -28.30 36.44
C GLY E 214 55.23 -28.88 35.57
N HIS E 215 54.86 -28.15 34.51
CA HIS E 215 53.84 -28.64 33.58
C HIS E 215 54.29 -29.92 32.89
N LYS E 216 55.56 -29.96 32.46
CA LYS E 216 56.09 -31.15 31.80
C LYS E 216 56.04 -32.35 32.73
N ALA E 217 56.49 -32.17 33.97
CA ALA E 217 56.44 -33.26 34.94
C ALA E 217 55.02 -33.70 35.21
N ARG E 218 54.09 -32.75 35.29
N ARG E 218 54.09 -32.75 35.30
CA ARG E 218 52.69 -33.09 35.58
CA ARG E 218 52.69 -33.08 35.57
C ARG E 218 52.09 -33.92 34.45
C ARG E 218 52.09 -33.92 34.45
N VAL E 219 52.31 -33.51 33.19
CA VAL E 219 51.73 -34.25 32.08
C VAL E 219 52.39 -35.62 31.95
N LEU E 220 53.72 -35.69 32.17
CA LEU E 220 54.40 -36.98 32.12
C LEU E 220 53.86 -37.92 33.19
N ALA E 221 53.66 -37.42 34.41
CA ALA E 221 53.12 -38.24 35.48
C ALA E 221 51.69 -38.68 35.19
N GLU E 222 50.87 -37.78 34.65
CA GLU E 222 49.49 -38.15 34.32
C GLU E 222 49.46 -39.21 33.23
N ALA E 223 50.35 -39.12 32.24
CA ALA E 223 50.41 -40.13 31.20
C ALA E 223 50.89 -41.47 31.75
N MET E 224 51.91 -41.46 32.61
CA MET E 224 52.42 -42.69 33.17
C MET E 224 51.45 -43.32 34.17
N SER E 225 50.56 -42.52 34.76
CA SER E 225 49.60 -43.07 35.72
C SER E 225 48.68 -44.09 35.06
N GLN E 226 48.24 -43.82 33.84
CA GLN E 226 47.36 -44.76 33.14
C GLN E 226 48.09 -46.08 32.87
N VAL E 227 49.35 -46.00 32.42
CA VAL E 227 50.07 -47.22 32.07
C VAL E 227 50.49 -47.98 33.32
N ILE E 228 50.56 -47.30 34.48
CA ILE E 228 50.84 -48.00 35.71
C ILE E 228 49.59 -48.66 36.26
N ASN E 229 48.46 -47.94 36.24
CA ASN E 229 47.20 -48.50 36.73
C ASN E 229 46.75 -49.68 35.88
N SER E 230 46.88 -49.57 34.55
CA SER E 230 46.49 -50.69 33.68
C SER E 230 47.37 -51.90 33.90
N ALA E 231 48.62 -51.70 34.31
CA ALA E 231 49.54 -52.80 34.57
C ALA E 231 49.13 -53.57 35.83
N HIS F 1 52.04 36.05 14.05
CA HIS F 1 52.29 34.63 14.29
C HIS F 1 52.22 34.31 15.77
N GLN F 2 51.23 33.51 16.16
CA GLN F 2 51.03 33.09 17.53
C GLN F 2 51.61 31.68 17.67
N ALA F 3 52.83 31.59 18.17
CA ALA F 3 53.45 30.30 18.40
C ALA F 3 52.76 29.57 19.55
N ILE F 4 52.99 28.26 19.64
CA ILE F 4 52.37 27.46 20.69
C ILE F 4 52.92 27.88 22.05
N SER F 5 52.02 28.12 23.00
CA SER F 5 52.41 28.55 24.32
C SER F 5 52.92 27.36 25.14
N PRO F 6 53.73 27.63 26.17
CA PRO F 6 54.17 26.53 27.03
C PRO F 6 53.03 25.75 27.66
N ARG F 7 51.94 26.44 28.01
CA ARG F 7 50.79 25.75 28.61
C ARG F 7 50.16 24.78 27.61
N THR F 8 49.99 25.20 26.36
CA THR F 8 49.39 24.32 25.37
C THR F 8 50.27 23.11 25.08
N LEU F 9 51.59 23.33 24.94
CA LEU F 9 52.51 22.23 24.72
C LEU F 9 52.48 21.25 25.89
N ASN F 10 52.52 21.79 27.12
CA ASN F 10 52.47 20.94 28.30
C ASN F 10 51.17 20.14 28.34
N ALA F 11 50.04 20.79 28.03
CA ALA F 11 48.76 20.08 28.04
C ALA F 11 48.74 18.97 27.00
N TRP F 12 49.33 19.21 25.83
CA TRP F 12 49.42 18.16 24.82
C TRP F 12 50.25 16.99 25.32
N VAL F 13 51.37 17.28 25.99
CA VAL F 13 52.21 16.21 26.52
C VAL F 13 51.45 15.40 27.57
N LYS F 14 50.73 16.07 28.48
CA LYS F 14 49.97 15.33 29.48
C LYS F 14 48.83 14.55 28.84
N VAL F 15 48.20 15.07 27.79
CA VAL F 15 47.15 14.31 27.11
C VAL F 15 47.73 13.03 26.53
N VAL F 16 48.88 13.13 25.87
CA VAL F 16 49.51 11.94 25.29
C VAL F 16 49.91 10.96 26.37
N GLU F 17 50.49 11.45 27.47
CA GLU F 17 50.99 10.55 28.50
C GLU F 17 49.86 9.94 29.32
N GLU F 18 48.70 10.59 29.38
CA GLU F 18 47.58 10.11 30.17
C GLU F 18 46.67 9.18 29.38
N LYS F 19 46.34 9.55 28.15
N LYS F 19 46.34 9.55 28.15
CA LYS F 19 45.46 8.74 27.31
CA LYS F 19 45.46 8.74 27.32
C LYS F 19 46.21 7.73 26.46
C LYS F 19 46.21 7.76 26.43
N ALA F 20 47.55 7.71 26.53
CA ALA F 20 48.39 6.85 25.70
C ALA F 20 48.14 7.27 24.26
N PHE F 21 47.58 6.42 23.41
CA PHE F 21 47.16 6.83 22.07
C PHE F 21 45.76 6.31 21.79
N SER F 22 44.86 6.51 22.75
CA SER F 22 43.46 6.28 22.55
C SER F 22 42.92 7.30 21.55
N PRO F 23 41.77 7.03 20.92
CA PRO F 23 41.26 7.96 19.90
C PRO F 23 41.10 9.39 20.38
N GLU F 24 40.95 9.58 21.70
CA GLU F 24 40.72 10.91 22.24
C GLU F 24 41.89 11.86 22.02
N VAL F 25 43.06 11.35 21.63
CA VAL F 25 44.17 12.23 21.30
C VAL F 25 43.89 13.00 20.02
N ILE F 26 43.14 12.39 19.08
CA ILE F 26 42.89 13.06 17.81
C ILE F 26 42.11 14.35 17.98
N PRO F 27 41.02 14.42 18.74
CA PRO F 27 40.37 15.73 18.95
C PRO F 27 41.26 16.73 19.65
N MET F 28 41.88 16.34 20.76
CA MET F 28 42.70 17.27 21.53
C MET F 28 43.80 17.87 20.68
N PHE F 29 44.51 17.04 19.91
CA PHE F 29 45.50 17.55 18.97
C PHE F 29 44.86 18.58 18.04
N SER F 30 43.75 18.23 17.40
CA SER F 30 43.08 19.15 16.49
C SER F 30 42.68 20.44 17.20
N ALA F 31 42.43 20.37 18.50
CA ALA F 31 42.05 21.55 19.25
C ALA F 31 43.25 22.35 19.73
N LEU F 32 44.41 21.71 19.92
CA LEU F 32 45.56 22.39 20.48
C LEU F 32 46.55 22.87 19.43
N SER F 33 46.24 22.69 18.15
CA SER F 33 47.19 23.01 17.08
C SER F 33 46.54 23.77 15.94
N GLU F 34 45.40 24.42 16.18
CA GLU F 34 44.74 25.13 15.09
C GLU F 34 45.47 26.43 14.81
N GLY F 35 45.76 26.69 13.53
CA GLY F 35 46.54 27.84 13.16
C GLY F 35 48.02 27.71 13.40
N ALA F 36 48.48 26.52 13.80
CA ALA F 36 49.89 26.32 14.09
C ALA F 36 50.70 26.13 12.82
N THR F 37 51.90 26.69 12.81
CA THR F 37 52.83 26.49 11.71
C THR F 37 53.38 25.06 11.77
N PRO F 38 53.95 24.58 10.66
CA PRO F 38 54.59 23.25 10.70
C PRO F 38 55.68 23.15 11.74
N GLN F 39 56.39 24.24 12.04
CA GLN F 39 57.40 24.20 13.09
C GLN F 39 56.76 23.95 14.45
N ASP F 40 55.62 24.61 14.72
CA ASP F 40 54.91 24.37 15.97
C ASP F 40 54.39 22.94 16.07
N LEU F 41 53.90 22.41 14.94
CA LEU F 41 53.43 21.02 14.94
C LEU F 41 54.58 20.06 15.19
N ASN F 42 55.75 20.33 14.62
CA ASN F 42 56.93 19.51 14.88
C ASN F 42 57.34 19.60 16.34
N THR F 43 57.26 20.79 16.93
CA THR F 43 57.54 20.95 18.35
C THR F 43 56.58 20.12 19.19
N MET F 44 55.30 20.12 18.82
CA MET F 44 54.31 19.30 19.52
C MET F 44 54.64 17.82 19.39
N LEU F 45 55.07 17.40 18.20
CA LEU F 45 55.35 15.98 17.97
C LEU F 45 56.58 15.52 18.71
N ASN F 46 57.67 16.30 18.66
CA ASN F 46 58.93 15.90 19.26
C ASN F 46 58.93 15.96 20.78
N THR F 47 57.94 16.60 21.39
CA THR F 47 57.88 16.70 22.85
C THR F 47 57.26 15.47 23.49
N VAL F 48 56.72 14.55 22.69
CA VAL F 48 56.11 13.34 23.24
C VAL F 48 57.20 12.46 23.83
N GLY F 49 57.01 12.05 25.08
CA GLY F 49 57.94 11.16 25.76
C GLY F 49 57.46 9.72 25.70
N GLY F 50 58.39 8.82 25.42
CA GLY F 50 58.03 7.43 25.26
C GLY F 50 57.31 7.20 23.94
N HIS F 51 56.70 6.02 23.84
CA HIS F 51 55.93 5.63 22.66
C HIS F 51 56.78 5.74 21.39
N GLN F 52 57.98 5.17 21.45
CA GLN F 52 58.90 5.25 20.31
C GLN F 52 58.33 4.57 19.09
N ALA F 53 57.64 3.43 19.27
CA ALA F 53 57.01 2.75 18.16
C ALA F 53 55.94 3.61 17.51
N ALA F 54 55.10 4.26 18.33
CA ALA F 54 54.07 5.14 17.79
C ALA F 54 54.67 6.32 17.05
N MET F 55 55.75 6.90 17.60
CA MET F 55 56.44 7.98 16.91
C MET F 55 57.00 7.51 15.58
N GLN F 56 57.53 6.28 15.54
CA GLN F 56 58.06 5.75 14.29
C GLN F 56 56.95 5.58 13.25
N MET F 57 55.81 5.04 13.66
CA MET F 57 54.69 4.91 12.74
C MET F 57 54.22 6.26 12.23
N LEU F 58 54.13 7.25 13.13
CA LEU F 58 53.69 8.59 12.73
C LEU F 58 54.68 9.21 11.75
N LYS F 59 55.98 9.05 12.00
CA LYS F 59 56.98 9.58 11.09
C LYS F 59 56.92 8.87 9.74
N GLU F 60 56.68 7.57 9.74
CA GLU F 60 56.53 6.83 8.49
C GLU F 60 55.33 7.34 7.69
N THR F 61 54.20 7.55 8.35
CA THR F 61 53.03 8.08 7.66
C THR F 61 53.29 9.49 7.11
N ILE F 62 53.97 10.32 7.90
CA ILE F 62 54.28 11.68 7.45
C ILE F 62 55.19 11.63 6.24
N ASN F 63 56.18 10.73 6.25
CA ASN F 63 57.08 10.60 5.10
C ASN F 63 56.32 10.11 3.87
N GLU F 64 55.39 9.17 4.05
CA GLU F 64 54.59 8.71 2.93
C GLU F 64 53.76 9.83 2.34
N GLU F 65 53.13 10.64 3.20
CA GLU F 65 52.32 11.75 2.69
C GLU F 65 53.18 12.80 1.99
N ALA F 66 54.36 13.08 2.53
CA ALA F 66 55.26 14.03 1.88
C ALA F 66 55.72 13.51 0.53
N ALA F 67 56.03 12.21 0.45
CA ALA F 67 56.44 11.63 -0.83
C ALA F 67 55.31 11.69 -1.84
N GLU F 68 54.08 11.43 -1.40
CA GLU F 68 52.93 11.52 -2.31
C GLU F 68 52.72 12.95 -2.78
N TRP F 69 52.88 13.93 -1.87
CA TRP F 69 52.79 15.33 -2.27
C TRP F 69 53.84 15.68 -3.30
N ASP F 70 55.07 15.22 -3.10
CA ASP F 70 56.13 15.48 -4.08
C ASP F 70 55.81 14.82 -5.42
N ARG F 71 55.27 13.60 -5.39
CA ARG F 71 54.93 12.90 -6.62
C ARG F 71 53.83 13.64 -7.39
N VAL F 72 52.81 14.10 -6.68
CA VAL F 72 51.67 14.72 -7.37
C VAL F 72 51.98 16.16 -7.77
N HIS F 73 52.70 16.89 -6.93
CA HIS F 73 52.96 18.29 -7.18
C HIS F 73 54.31 18.45 -7.86
N PRO F 74 54.36 18.89 -9.11
CA PRO F 74 55.66 19.11 -9.76
C PRO F 74 56.36 20.34 -9.20
N VAL F 75 57.68 20.36 -9.36
CA VAL F 75 58.51 21.45 -8.88
C VAL F 75 58.97 22.26 -10.09
N HIS F 76 58.67 23.56 -10.08
CA HIS F 76 59.09 24.45 -11.15
C HIS F 76 60.53 24.89 -10.94
N ALA F 77 61.33 24.82 -12.01
CA ALA F 77 62.75 25.14 -11.95
C ALA F 77 63.05 26.58 -12.34
N GLY F 78 62.03 27.39 -12.60
CA GLY F 78 62.23 28.77 -12.97
C GLY F 78 61.85 29.73 -11.86
N PRO F 79 62.85 30.30 -11.20
CA PRO F 79 62.57 31.30 -10.16
C PRO F 79 61.89 32.53 -10.75
N ILE F 80 61.01 33.13 -9.96
CA ILE F 80 60.28 34.33 -10.35
C ILE F 80 60.62 35.42 -9.34
N ALA F 81 61.00 36.61 -9.84
CA ALA F 81 61.41 37.68 -8.93
C ALA F 81 60.21 38.38 -8.30
N PRO F 82 59.21 38.85 -9.04
CA PRO F 82 58.03 39.40 -8.37
C PRO F 82 57.28 38.32 -7.61
N GLY F 83 57.00 38.59 -6.34
CA GLY F 83 56.38 37.59 -5.49
C GLY F 83 57.26 36.36 -5.31
N GLN F 84 58.55 36.57 -5.04
CA GLN F 84 59.52 35.48 -4.98
C GLN F 84 59.26 34.65 -3.73
N MET F 85 58.58 33.51 -3.91
CA MET F 85 58.34 32.58 -2.81
C MET F 85 58.25 31.19 -3.41
N ARG F 86 59.23 30.35 -3.10
CA ARG F 86 59.32 29.03 -3.72
C ARG F 86 58.12 28.16 -3.34
N GLU F 87 57.71 27.31 -4.27
CA GLU F 87 56.59 26.41 -4.01
C GLU F 87 57.01 25.35 -3.01
N PRO F 88 56.24 25.15 -1.93
CA PRO F 88 56.65 24.18 -0.91
C PRO F 88 56.69 22.75 -1.46
N ARG F 89 57.65 21.99 -0.96
CA ARG F 89 57.72 20.56 -1.22
C ARG F 89 57.13 19.80 -0.04
N GLY F 90 57.19 18.46 -0.10
CA GLY F 90 56.68 17.66 0.99
C GLY F 90 57.45 17.88 2.28
N SER F 91 58.78 17.92 2.19
CA SER F 91 59.60 18.20 3.36
C SER F 91 59.40 19.61 3.86
N ASP F 92 59.12 20.56 2.95
CA ASP F 92 58.83 21.92 3.37
C ASP F 92 57.54 21.99 4.18
N ILE F 93 56.52 21.25 3.74
CA ILE F 93 55.28 21.20 4.50
C ILE F 93 55.50 20.51 5.83
N ALA F 94 56.29 19.43 5.85
CA ALA F 94 56.61 18.76 7.10
C ALA F 94 57.54 19.58 7.99
N GLY F 95 58.11 20.67 7.48
CA GLY F 95 58.97 21.52 8.27
C GLY F 95 60.41 21.08 8.39
N THR F 96 60.79 20.01 7.69
CA THR F 96 62.17 19.52 7.80
C THR F 96 63.14 20.45 7.11
N THR F 97 62.78 20.96 5.93
CA THR F 97 63.67 21.81 5.15
C THR F 97 63.13 23.23 4.98
N SER F 98 62.13 23.63 5.77
CA SER F 98 61.58 24.97 5.70
C SER F 98 61.83 25.70 7.01
N THR F 99 61.93 27.02 6.93
CA THR F 99 62.10 27.88 8.09
C THR F 99 60.76 28.47 8.51
N LEU F 100 60.73 29.01 9.73
CA LEU F 100 59.50 29.59 10.25
C LEU F 100 59.01 30.75 9.39
N GLN F 101 59.94 31.57 8.90
CA GLN F 101 59.56 32.68 8.04
C GLN F 101 58.93 32.17 6.75
N GLU F 102 59.48 31.11 6.16
CA GLU F 102 58.91 30.56 4.93
C GLU F 102 57.52 30.00 5.16
N GLN F 103 57.33 29.27 6.26
CA GLN F 103 56.01 28.73 6.58
C GLN F 103 55.01 29.85 6.81
N ILE F 104 55.42 30.91 7.52
CA ILE F 104 54.53 32.04 7.75
C ILE F 104 54.17 32.70 6.42
N GLY F 105 55.15 32.87 5.53
CA GLY F 105 54.87 33.44 4.23
C GLY F 105 53.90 32.62 3.42
N TRP F 106 54.07 31.29 3.43
CA TRP F 106 53.11 30.42 2.74
C TRP F 106 51.72 30.54 3.35
N MET F 107 51.64 30.58 4.68
CA MET F 107 50.35 30.70 5.36
C MET F 107 49.73 32.09 5.23
N THR F 108 50.50 33.08 4.75
CA THR F 108 50.03 34.46 4.67
C THR F 108 49.88 34.97 3.25
N ASN F 109 50.79 34.60 2.34
CA ASN F 109 50.77 35.10 0.97
C ASN F 109 49.43 34.81 0.29
N ASN F 110 49.13 35.61 -0.74
CA ASN F 110 47.90 35.47 -1.50
C ASN F 110 48.21 34.87 -2.86
N PRO F 111 47.65 33.70 -3.22
CA PRO F 111 46.71 32.89 -2.43
C PRO F 111 47.41 32.08 -1.34
N PRO F 112 46.73 31.84 -0.22
CA PRO F 112 47.36 31.12 0.88
C PRO F 112 47.69 29.67 0.52
N ILE F 113 48.80 29.19 1.04
CA ILE F 113 49.16 27.78 0.96
C ILE F 113 49.17 27.23 2.37
N PRO F 114 48.10 26.58 2.82
CA PRO F 114 48.01 26.16 4.23
C PRO F 114 48.93 24.99 4.54
N VAL F 115 50.24 25.28 4.60
CA VAL F 115 51.21 24.25 4.92
C VAL F 115 50.95 23.66 6.30
N GLY F 116 50.54 24.51 7.25
CA GLY F 116 50.17 24.01 8.56
C GLY F 116 48.98 23.07 8.51
N GLU F 117 47.96 23.41 7.70
CA GLU F 117 46.79 22.56 7.59
C GLU F 117 47.12 21.22 6.93
N ILE F 118 47.94 21.24 5.88
CA ILE F 118 48.33 20.01 5.21
C ILE F 118 49.15 19.12 6.13
N TYR F 119 50.10 19.73 6.86
CA TYR F 119 50.89 18.95 7.82
C TYR F 119 50.01 18.40 8.92
N LYS F 120 49.03 19.19 9.38
CA LYS F 120 48.10 18.71 10.39
C LYS F 120 47.30 17.52 9.89
N ARG F 121 46.87 17.56 8.63
CA ARG F 121 46.14 16.44 8.05
C ARG F 121 47.03 15.20 7.98
N TRP F 122 48.30 15.37 7.60
CA TRP F 122 49.22 14.23 7.58
C TRP F 122 49.41 13.65 8.98
N ILE F 123 49.57 14.51 9.98
CA ILE F 123 49.74 14.05 11.35
C ILE F 123 48.49 13.36 11.84
N ILE F 124 47.31 13.83 11.44
CA ILE F 124 46.07 13.19 11.84
C ILE F 124 45.96 11.80 11.22
N LEU F 125 46.36 11.67 9.95
CA LEU F 125 46.39 10.34 9.34
C LEU F 125 47.34 9.42 10.09
N GLY F 126 48.51 9.92 10.46
CA GLY F 126 49.43 9.11 11.24
C GLY F 126 48.87 8.72 12.59
N LEU F 127 48.19 9.65 13.25
CA LEU F 127 47.60 9.36 14.56
C LEU F 127 46.48 8.34 14.46
N ASN F 128 45.67 8.42 13.40
CA ASN F 128 44.64 7.42 13.17
C ASN F 128 45.26 6.05 12.93
N LYS F 129 46.36 6.01 12.18
CA LYS F 129 47.08 4.76 12.00
C LYS F 129 47.60 4.21 13.33
N ILE F 130 48.11 5.10 14.18
CA ILE F 130 48.60 4.68 15.50
C ILE F 130 47.46 4.11 16.33
N VAL F 131 46.31 4.80 16.33
CA VAL F 131 45.15 4.34 17.10
C VAL F 131 44.71 2.97 16.63
N ARG F 132 44.72 2.75 15.31
CA ARG F 132 44.31 1.46 14.77
C ARG F 132 45.32 0.37 15.10
N MET F 133 46.62 0.68 15.01
CA MET F 133 47.66 -0.32 14.93
C MET F 133 48.51 -0.48 16.18
N TYR F 134 48.53 0.51 17.07
CA TYR F 134 49.47 0.54 18.17
C TYR F 134 48.76 0.25 19.50
N SER F 135 49.36 -0.63 20.29
CA SER F 135 48.89 -0.94 21.64
C SER F 135 50.02 -0.69 22.61
N PRO F 136 49.91 0.29 23.51
CA PRO F 136 51.03 0.58 24.42
C PRO F 136 51.24 -0.53 25.43
N THR F 137 52.49 -0.67 25.85
CA THR F 137 52.88 -1.67 26.84
C THR F 137 52.81 -1.06 28.24
N SER F 138 52.53 -1.90 29.23
CA SER F 138 52.41 -1.48 30.61
C SER F 138 53.12 -2.48 31.51
N ILE F 139 53.42 -2.02 32.74
CA ILE F 139 54.00 -2.91 33.73
C ILE F 139 53.04 -4.04 34.09
N LEU F 140 51.75 -3.86 33.84
CA LEU F 140 50.77 -4.91 34.08
C LEU F 140 50.85 -6.03 33.05
N ASP F 141 51.59 -5.83 31.97
CA ASP F 141 51.70 -6.83 30.90
C ASP F 141 53.00 -7.61 30.94
N ILE F 142 53.91 -7.27 31.85
CA ILE F 142 55.20 -7.96 31.94
C ILE F 142 54.99 -9.24 32.75
N ARG F 143 54.96 -10.38 32.05
CA ARG F 143 54.80 -11.68 32.68
C ARG F 143 55.99 -12.55 32.34
N GLN F 144 56.35 -13.43 33.27
CA GLN F 144 57.42 -14.39 33.02
C GLN F 144 56.98 -15.44 32.01
N GLY F 145 57.88 -15.75 31.08
CA GLY F 145 57.65 -16.82 30.14
C GLY F 145 57.79 -18.17 30.82
N PRO F 146 57.18 -19.20 30.24
CA PRO F 146 57.26 -20.54 30.85
C PRO F 146 58.68 -21.06 30.97
N LYS F 147 59.57 -20.70 30.05
CA LYS F 147 60.96 -21.13 30.09
C LYS F 147 61.92 -19.97 30.34
N GLU F 148 61.40 -18.79 30.64
CA GLU F 148 62.24 -17.62 30.82
C GLU F 148 62.93 -17.66 32.17
N PRO F 149 64.24 -17.39 32.23
CA PRO F 149 64.91 -17.31 33.53
C PRO F 149 64.35 -16.17 34.37
N PHE F 150 64.39 -16.35 35.69
CA PHE F 150 63.84 -15.35 36.60
C PHE F 150 64.62 -14.05 36.54
N ARG F 151 65.94 -14.12 36.35
CA ARG F 151 66.74 -12.91 36.24
C ARG F 151 66.33 -12.07 35.04
N ASP F 152 66.09 -12.73 33.90
CA ASP F 152 65.65 -12.00 32.71
C ASP F 152 64.28 -11.37 32.91
N TYR F 153 63.37 -12.09 33.57
CA TYR F 153 62.05 -11.55 33.84
C TYR F 153 62.14 -10.34 34.76
N VAL F 154 62.98 -10.42 35.78
CA VAL F 154 63.17 -9.29 36.70
C VAL F 154 63.76 -8.10 35.96
N ASP F 155 64.73 -8.35 35.08
CA ASP F 155 65.31 -7.26 34.30
C ASP F 155 64.27 -6.59 33.41
N ARG F 156 63.43 -7.40 32.75
CA ARG F 156 62.36 -6.83 31.93
C ARG F 156 61.38 -6.04 32.77
N PHE F 157 61.02 -6.57 33.95
CA PHE F 157 60.09 -5.88 34.83
C PHE F 157 60.63 -4.54 35.27
N TYR F 158 61.89 -4.49 35.69
CA TYR F 158 62.47 -3.22 36.13
C TYR F 158 62.67 -2.25 34.97
N LYS F 159 63.01 -2.76 33.78
CA LYS F 159 63.14 -1.88 32.62
C LYS F 159 61.80 -1.25 32.26
N THR F 160 60.72 -2.04 32.32
CA THR F 160 59.40 -1.49 32.05
C THR F 160 58.95 -0.54 33.15
N LEU F 161 59.34 -0.83 34.40
CA LEU F 161 58.94 0.01 35.52
C LEU F 161 59.64 1.36 35.48
N ARG F 162 60.89 1.39 35.02
CA ARG F 162 61.61 2.65 34.92
C ARG F 162 60.96 3.60 33.92
N ALA F 163 60.23 3.07 32.94
CA ALA F 163 59.55 3.89 31.94
C ALA F 163 58.08 4.11 32.26
N GLU F 164 57.58 3.55 33.36
CA GLU F 164 56.18 3.74 33.72
C GLU F 164 55.95 5.12 34.31
N GLN F 165 54.90 5.79 33.85
CA GLN F 165 54.54 7.12 34.34
C GLN F 165 53.78 6.93 35.65
N ALA F 166 54.52 6.93 36.76
CA ALA F 166 53.94 6.75 38.08
C ALA F 166 54.90 7.29 39.12
N SER F 167 54.38 7.55 40.31
CA SER F 167 55.21 8.04 41.40
C SER F 167 56.09 6.93 41.95
N GLN F 168 57.12 7.33 42.70
CA GLN F 168 58.06 6.35 43.24
C GLN F 168 57.38 5.38 44.20
N GLU F 169 56.49 5.89 45.06
CA GLU F 169 55.77 5.02 45.98
C GLU F 169 54.90 4.03 45.22
N VAL F 170 54.22 4.49 44.17
CA VAL F 170 53.42 3.60 43.34
C VAL F 170 54.32 2.58 42.65
N LYS F 171 55.53 2.98 42.27
CA LYS F 171 56.46 2.06 41.64
C LYS F 171 56.90 0.97 42.61
N ASN F 172 57.20 1.33 43.85
CA ASN F 172 57.55 0.31 44.85
C ASN F 172 56.37 -0.60 45.16
N TRP F 173 55.16 -0.04 45.19
CA TRP F 173 53.97 -0.87 45.36
C TRP F 173 53.81 -1.85 44.20
N MET F 174 54.06 -1.39 42.98
CA MET F 174 54.01 -2.27 41.82
C MET F 174 55.06 -3.37 41.92
N THR F 175 56.27 -3.02 42.37
CA THR F 175 57.31 -4.02 42.54
C THR F 175 56.91 -5.07 43.56
N GLU F 176 56.30 -4.63 44.67
CA GLU F 176 55.93 -5.57 45.73
C GLU F 176 54.68 -6.37 45.41
N THR F 177 53.86 -5.90 44.47
CA THR F 177 52.59 -6.58 44.17
C THR F 177 52.60 -7.41 42.90
N LEU F 178 53.35 -6.99 41.88
CA LEU F 178 53.25 -7.58 40.55
C LEU F 178 54.39 -8.51 40.18
N LEU F 179 55.60 -8.27 40.71
CA LEU F 179 56.76 -9.05 40.29
C LEU F 179 56.59 -10.53 40.64
N VAL F 180 56.18 -10.82 41.87
CA VAL F 180 55.93 -12.20 42.26
C VAL F 180 54.67 -12.73 41.61
N GLN F 181 53.63 -11.90 41.54
CA GLN F 181 52.34 -12.36 41.04
C GLN F 181 52.40 -12.75 39.57
N ASN F 182 53.18 -12.01 38.77
CA ASN F 182 53.24 -12.21 37.33
C ASN F 182 54.35 -13.16 36.91
N ALA F 183 54.86 -13.97 37.82
CA ALA F 183 55.87 -14.97 37.49
C ALA F 183 55.19 -16.29 37.10
N ASN F 184 55.94 -17.12 36.39
CA ASN F 184 55.40 -18.40 35.95
C ASN F 184 55.23 -19.34 37.15
N PRO F 185 54.36 -20.35 37.04
CA PRO F 185 54.10 -21.22 38.19
C PRO F 185 55.36 -21.87 38.76
N ASP F 186 56.32 -22.23 37.90
CA ASP F 186 57.52 -22.91 38.38
C ASP F 186 58.34 -22.00 39.29
N CYS F 187 58.28 -20.70 39.05
CA CYS F 187 58.97 -19.75 39.93
C CYS F 187 58.06 -19.24 41.03
N LYS F 188 56.76 -19.14 40.76
CA LYS F 188 55.82 -18.69 41.77
C LYS F 188 55.75 -19.66 42.94
N THR F 189 55.85 -20.97 42.67
CA THR F 189 55.87 -21.94 43.75
C THR F 189 57.03 -21.69 44.70
N ILE F 190 58.22 -21.45 44.15
CA ILE F 190 59.39 -21.21 44.99
C ILE F 190 59.27 -19.88 45.72
N LEU F 191 58.75 -18.85 45.05
CA LEU F 191 58.59 -17.56 45.71
C LEU F 191 57.61 -17.64 46.86
N LYS F 192 56.50 -18.37 46.68
CA LYS F 192 55.55 -18.56 47.78
C LYS F 192 56.15 -19.42 48.88
N ALA F 193 57.03 -20.37 48.53
CA ALA F 193 57.74 -21.13 49.55
C ALA F 193 58.59 -20.22 50.42
N LEU F 194 59.25 -19.24 49.81
CA LEU F 194 59.97 -18.24 50.58
C LEU F 194 59.00 -17.34 51.33
N GLY F 195 59.51 -16.69 52.38
CA GLY F 195 58.71 -15.80 53.18
C GLY F 195 58.33 -14.55 52.42
N PRO F 196 57.24 -13.89 52.85
CA PRO F 196 56.84 -12.63 52.21
C PRO F 196 57.85 -11.51 52.39
N ALA F 197 58.75 -11.62 53.36
CA ALA F 197 59.75 -10.59 53.62
C ALA F 197 61.06 -10.84 52.88
N ALA F 198 61.09 -11.83 51.98
CA ALA F 198 62.31 -12.11 51.23
C ALA F 198 62.68 -10.95 50.33
N THR F 199 63.97 -10.67 50.24
CA THR F 199 64.47 -9.57 49.43
C THR F 199 64.57 -9.99 47.97
N LEU F 200 64.92 -9.03 47.11
CA LEU F 200 65.06 -9.32 45.69
C LEU F 200 66.19 -10.30 45.44
N GLU F 201 67.32 -10.14 46.13
CA GLU F 201 68.44 -11.04 45.96
C GLU F 201 68.09 -12.47 46.40
N GLU F 202 67.39 -12.59 47.53
CA GLU F 202 66.98 -13.91 48.00
C GLU F 202 66.00 -14.56 47.02
N MET F 203 65.06 -13.77 46.49
CA MET F 203 64.11 -14.30 45.52
C MET F 203 64.82 -14.74 44.24
N MET F 204 65.81 -13.96 43.81
CA MET F 204 66.57 -14.31 42.61
C MET F 204 67.39 -15.58 42.83
N THR F 205 68.03 -15.71 43.99
CA THR F 205 68.81 -16.91 44.28
C THR F 205 67.91 -18.13 44.41
N ALA F 206 66.71 -17.95 44.95
CA ALA F 206 65.80 -19.09 45.10
C ALA F 206 65.37 -19.66 43.76
N CYS F 207 65.21 -18.81 42.74
CA CYS F 207 64.78 -19.24 41.42
C CYS F 207 65.93 -19.38 40.44
N GLN F 208 67.18 -19.29 40.91
CA GLN F 208 68.33 -19.39 40.02
C GLN F 208 68.49 -20.78 39.41
N GLY F 209 67.82 -21.79 39.95
CA GLY F 209 67.96 -23.14 39.44
C GLY F 209 66.78 -23.64 38.65
N VAL F 210 65.75 -22.80 38.50
CA VAL F 210 64.55 -23.22 37.78
C VAL F 210 64.89 -23.43 36.32
N GLY F 211 64.48 -24.57 35.78
CA GLY F 211 64.83 -24.96 34.43
C GLY F 211 66.15 -25.70 34.31
N GLY F 212 66.92 -25.80 35.38
CA GLY F 212 68.16 -26.53 35.37
C GLY F 212 67.93 -28.02 35.54
N PRO F 213 69.01 -28.80 35.48
CA PRO F 213 68.86 -30.26 35.64
C PRO F 213 68.32 -30.65 37.01
N GLY F 214 68.85 -30.05 38.08
CA GLY F 214 68.44 -30.44 39.41
C GLY F 214 66.97 -30.15 39.68
N HIS F 215 66.53 -28.94 39.33
CA HIS F 215 65.14 -28.57 39.59
C HIS F 215 64.16 -29.41 38.76
N LYS F 216 64.50 -29.65 37.50
CA LYS F 216 63.64 -30.47 36.65
C LYS F 216 63.57 -31.91 37.17
N ALA F 217 64.71 -32.45 37.58
CA ALA F 217 64.71 -33.78 38.18
C ALA F 217 63.86 -33.80 39.45
N ARG F 218 63.94 -32.74 40.25
N ARG F 218 63.94 -32.74 40.25
CA ARG F 218 63.18 -32.68 41.50
CA ARG F 218 63.18 -32.69 41.50
C ARG F 218 61.68 -32.68 41.24
C ARG F 218 61.68 -32.68 41.24
N VAL F 219 61.23 -31.85 40.29
CA VAL F 219 59.79 -31.79 40.02
C VAL F 219 59.31 -33.09 39.39
N LEU F 220 60.12 -33.68 38.49
CA LEU F 220 59.75 -34.95 37.90
C LEU F 220 59.64 -36.03 38.96
N ALA F 221 60.59 -36.08 39.89
CA ALA F 221 60.54 -37.06 40.97
C ALA F 221 59.34 -36.83 41.88
N GLU F 222 59.01 -35.56 42.14
CA GLU F 222 57.84 -35.27 42.97
C GLU F 222 56.56 -35.77 42.31
N ALA F 223 56.40 -35.50 41.02
CA ALA F 223 55.22 -35.98 40.31
C ALA F 223 55.17 -37.51 40.27
N MET F 224 56.33 -38.13 40.02
CA MET F 224 56.40 -39.59 39.98
C MET F 224 56.02 -40.18 41.33
N SER F 225 56.53 -39.60 42.42
CA SER F 225 56.20 -40.09 43.75
C SER F 225 54.72 -39.91 44.06
N GLN F 226 54.15 -38.77 43.65
CA GLN F 226 52.72 -38.54 43.88
C GLN F 226 51.88 -39.61 43.18
N VAL F 227 52.16 -39.86 41.89
CA VAL F 227 51.34 -40.82 41.16
C VAL F 227 51.60 -42.25 41.64
N ILE F 228 52.82 -42.55 42.10
CA ILE F 228 53.10 -43.88 42.61
C ILE F 228 52.38 -44.11 43.94
N ASN F 229 52.44 -43.13 44.84
CA ASN F 229 51.73 -43.25 46.10
C ASN F 229 50.23 -43.27 45.90
N SER F 230 49.75 -42.67 44.81
CA SER F 230 48.32 -42.78 44.48
C SER F 230 47.94 -44.23 44.21
N ALA F 231 48.84 -44.98 43.57
CA ALA F 231 48.59 -46.39 43.29
C ALA F 231 48.95 -47.26 44.49
N HIS G 1 33.22 4.67 -38.52
CA HIS G 1 32.66 4.21 -37.24
C HIS G 1 32.50 2.70 -37.22
N GLN G 2 33.30 2.04 -36.39
CA GLN G 2 33.25 0.58 -36.25
C GLN G 2 32.16 0.22 -35.25
N ALA G 3 30.92 0.19 -35.73
CA ALA G 3 29.80 -0.19 -34.90
C ALA G 3 29.90 -1.66 -34.51
N ILE G 4 29.23 -2.01 -33.42
CA ILE G 4 29.29 -3.38 -32.92
C ILE G 4 28.66 -4.33 -33.93
N SER G 5 29.35 -5.43 -34.21
CA SER G 5 28.89 -6.40 -35.17
C SER G 5 27.79 -7.29 -34.57
N PRO G 6 26.92 -7.84 -35.41
CA PRO G 6 25.89 -8.76 -34.88
C PRO G 6 26.46 -9.95 -34.13
N ARG G 7 27.58 -10.51 -34.61
CA ARG G 7 28.16 -11.66 -33.94
C ARG G 7 28.72 -11.29 -32.58
N THR G 8 29.37 -10.13 -32.47
CA THR G 8 29.89 -9.68 -31.17
C THR G 8 28.76 -9.44 -30.19
N LEU G 9 27.68 -8.78 -30.64
CA LEU G 9 26.54 -8.53 -29.77
C LEU G 9 25.89 -9.83 -29.31
N ASN G 10 25.68 -10.76 -30.25
CA ASN G 10 25.08 -12.04 -29.88
C ASN G 10 25.97 -12.80 -28.91
N ALA G 11 27.29 -12.75 -29.12
CA ALA G 11 28.21 -13.40 -28.20
C ALA G 11 28.13 -12.79 -26.81
N TRP G 12 27.96 -11.47 -26.72
CA TRP G 12 27.76 -10.84 -25.43
C TRP G 12 26.47 -11.34 -24.76
N VAL G 13 25.39 -11.45 -25.53
CA VAL G 13 24.13 -11.93 -24.97
C VAL G 13 24.25 -13.37 -24.47
N LYS G 14 24.92 -14.23 -25.26
CA LYS G 14 25.11 -15.61 -24.82
C LYS G 14 26.03 -15.69 -23.61
N VAL G 15 27.03 -14.82 -23.53
CA VAL G 15 27.89 -14.79 -22.35
C VAL G 15 27.06 -14.45 -21.11
N VAL G 16 26.21 -13.43 -21.22
CA VAL G 16 25.38 -13.03 -20.08
C VAL G 16 24.42 -14.15 -19.70
N GLU G 17 23.80 -14.80 -20.70
CA GLU G 17 22.80 -15.81 -20.39
C GLU G 17 23.44 -17.09 -19.87
N GLU G 18 24.67 -17.38 -20.27
CA GLU G 18 25.34 -18.61 -19.86
C GLU G 18 26.01 -18.47 -18.50
N LYS G 19 26.70 -17.36 -18.27
N LYS G 19 26.69 -17.35 -18.27
CA LYS G 19 27.41 -17.14 -17.02
CA LYS G 19 27.41 -17.14 -17.02
C LYS G 19 26.58 -16.39 -15.98
C LYS G 19 26.58 -16.40 -15.99
N ALA G 20 25.34 -16.05 -16.30
CA ALA G 20 24.47 -15.23 -15.43
C ALA G 20 25.21 -13.91 -15.22
N PHE G 21 25.53 -13.52 -14.00
CA PHE G 21 26.37 -12.36 -13.79
C PHE G 21 27.55 -12.70 -12.91
N SER G 22 28.23 -13.80 -13.24
CA SER G 22 29.47 -14.17 -12.59
C SER G 22 30.57 -13.19 -12.98
N PRO G 23 31.68 -13.16 -12.25
CA PRO G 23 32.75 -12.20 -12.58
C PRO G 23 33.26 -12.33 -14.00
N GLU G 24 33.13 -13.51 -14.61
CA GLU G 24 33.65 -13.73 -15.95
C GLU G 24 33.00 -12.82 -16.99
N VAL G 25 31.84 -12.23 -16.69
CA VAL G 25 31.22 -11.32 -17.63
C VAL G 25 32.02 -10.03 -17.76
N ILE G 26 32.72 -9.61 -16.71
CA ILE G 26 33.48 -8.37 -16.77
C ILE G 26 34.62 -8.43 -17.79
N PRO G 27 35.48 -9.45 -17.80
CA PRO G 27 36.50 -9.50 -18.86
C PRO G 27 35.92 -9.59 -20.26
N MET G 28 34.80 -10.30 -20.43
CA MET G 28 34.19 -10.43 -21.75
C MET G 28 33.67 -9.09 -22.23
N PHE G 29 32.92 -8.39 -21.38
CA PHE G 29 32.38 -7.08 -21.75
C PHE G 29 33.48 -6.14 -22.20
N SER G 30 34.52 -5.98 -21.38
CA SER G 30 35.64 -5.13 -21.75
C SER G 30 36.27 -5.58 -23.06
N ALA G 31 36.28 -6.89 -23.32
CA ALA G 31 36.87 -7.39 -24.55
C ALA G 31 35.95 -7.17 -25.75
N LEU G 32 34.63 -7.14 -25.53
CA LEU G 32 33.68 -7.03 -26.62
C LEU G 32 33.21 -5.61 -26.86
N SER G 33 33.74 -4.63 -26.13
CA SER G 33 33.29 -3.25 -26.24
C SER G 33 34.44 -2.28 -26.36
N GLU G 34 35.63 -2.75 -26.75
CA GLU G 34 36.79 -1.89 -26.82
C GLU G 34 36.69 -1.00 -28.04
N GLY G 35 36.68 0.32 -27.83
CA GLY G 35 36.45 1.27 -28.89
C GLY G 35 35.00 1.58 -29.17
N ALA G 36 34.08 1.04 -28.38
CA ALA G 36 32.65 1.24 -28.62
C ALA G 36 32.20 2.63 -28.21
N THR G 37 31.25 3.17 -28.96
CA THR G 37 30.59 4.41 -28.59
C THR G 37 29.56 4.14 -27.50
N PRO G 38 29.11 5.20 -26.80
CA PRO G 38 28.04 5.00 -25.81
C PRO G 38 26.78 4.39 -26.40
N GLN G 39 26.48 4.67 -27.67
CA GLN G 39 25.32 4.04 -28.31
C GLN G 39 25.49 2.52 -28.40
N ASP G 40 26.69 2.08 -28.79
CA ASP G 40 26.95 0.63 -28.85
C ASP G 40 26.88 0.01 -27.46
N LEU G 41 27.42 0.70 -26.45
CA LEU G 41 27.35 0.19 -25.08
C LEU G 41 25.90 0.06 -24.61
N ASN G 42 25.08 1.05 -24.93
CA ASN G 42 23.66 0.96 -24.60
C ASN G 42 22.99 -0.18 -25.35
N THR G 43 23.42 -0.42 -26.59
CA THR G 43 22.85 -1.53 -27.35
C THR G 43 23.20 -2.86 -26.71
N MET G 44 24.44 -3.02 -26.25
CA MET G 44 24.81 -4.24 -25.51
C MET G 44 24.02 -4.37 -24.22
N LEU G 45 23.84 -3.26 -23.50
CA LEU G 45 23.13 -3.32 -22.23
C LEU G 45 21.66 -3.68 -22.40
N ASN G 46 21.01 -3.10 -23.42
CA ASN G 46 19.58 -3.29 -23.61
C ASN G 46 19.23 -4.64 -24.20
N THR G 47 20.18 -5.34 -24.81
CA THR G 47 19.90 -6.64 -25.42
C THR G 47 19.93 -7.77 -24.40
N VAL G 48 20.31 -7.50 -23.16
CA VAL G 48 20.32 -8.54 -22.14
C VAL G 48 18.88 -8.94 -21.81
N GLY G 49 18.61 -10.24 -21.85
CA GLY G 49 17.30 -10.78 -21.54
C GLY G 49 17.25 -11.31 -20.13
N GLY G 50 16.16 -11.00 -19.42
CA GLY G 50 16.06 -11.41 -18.04
C GLY G 50 16.96 -10.56 -17.15
N HIS G 51 17.17 -11.06 -15.93
CA HIS G 51 18.00 -10.39 -14.94
C HIS G 51 17.57 -8.94 -14.74
N GLN G 52 16.27 -8.75 -14.51
CA GLN G 52 15.72 -7.41 -14.39
C GLN G 52 16.29 -6.68 -13.17
N ALA G 53 16.48 -7.40 -12.07
CA ALA G 53 17.06 -6.78 -10.88
C ALA G 53 18.50 -6.34 -11.14
N ALA G 54 19.29 -7.19 -11.81
CA ALA G 54 20.67 -6.81 -12.14
C ALA G 54 20.70 -5.61 -13.08
N MET G 55 19.81 -5.59 -14.07
CA MET G 55 19.77 -4.46 -14.99
C MET G 55 19.35 -3.18 -14.26
N GLN G 56 18.43 -3.29 -13.30
CA GLN G 56 18.04 -2.13 -12.51
C GLN G 56 19.20 -1.62 -11.67
N MET G 57 19.96 -2.52 -11.05
CA MET G 57 21.12 -2.09 -10.27
C MET G 57 22.18 -1.45 -11.16
N LEU G 58 22.38 -2.00 -12.36
CA LEU G 58 23.31 -1.39 -13.31
C LEU G 58 22.85 0.01 -13.70
N LYS G 59 21.56 0.18 -13.97
CA LYS G 59 21.03 1.49 -14.30
C LYS G 59 21.20 2.47 -13.15
N GLU G 60 20.97 2.00 -11.91
CA GLU G 60 21.16 2.85 -10.75
C GLU G 60 22.61 3.31 -10.63
N THR G 61 23.55 2.38 -10.80
CA THR G 61 24.97 2.75 -10.72
C THR G 61 25.35 3.74 -11.82
N ILE G 62 24.85 3.51 -13.04
CA ILE G 62 25.12 4.43 -14.13
C ILE G 62 24.56 5.82 -13.83
N ASN G 63 23.36 5.87 -13.25
CA ASN G 63 22.75 7.15 -12.91
C ASN G 63 23.57 7.87 -11.84
N GLU G 64 24.05 7.14 -10.83
CA GLU G 64 24.89 7.77 -9.81
C GLU G 64 26.18 8.30 -10.41
N GLU G 65 26.80 7.53 -11.31
CA GLU G 65 28.03 7.99 -11.95
C GLU G 65 27.79 9.23 -12.79
N ALA G 66 26.68 9.26 -13.53
CA ALA G 66 26.35 10.44 -14.34
C ALA G 66 26.08 11.65 -13.47
N ALA G 67 25.38 11.45 -12.35
CA ALA G 67 25.13 12.56 -11.42
C ALA G 67 26.43 13.09 -10.84
N GLU G 68 27.35 12.19 -10.48
CA GLU G 68 28.64 12.64 -9.95
C GLU G 68 29.44 13.38 -11.01
N TRP G 69 29.41 12.91 -12.26
CA TRP G 69 30.08 13.63 -13.33
C TRP G 69 29.51 15.02 -13.51
N ASP G 70 28.18 15.14 -13.46
CA ASP G 70 27.55 16.45 -13.58
C ASP G 70 27.92 17.36 -12.42
N ARG G 71 27.98 16.79 -11.21
CA ARG G 71 28.37 17.58 -10.04
C ARG G 71 29.79 18.09 -10.16
N VAL G 72 30.73 17.23 -10.58
CA VAL G 72 32.12 17.63 -10.65
C VAL G 72 32.36 18.58 -11.83
N HIS G 73 31.73 18.32 -12.97
CA HIS G 73 32.00 19.07 -14.18
C HIS G 73 30.90 20.12 -14.38
N PRO G 74 31.21 21.41 -14.24
CA PRO G 74 30.17 22.43 -14.45
C PRO G 74 29.90 22.64 -15.93
N VAL G 75 28.72 23.21 -16.20
CA VAL G 75 28.34 23.56 -17.57
C VAL G 75 29.02 24.87 -17.97
N HIS G 76 28.98 25.15 -19.27
CA HIS G 76 29.51 26.40 -19.81
C HIS G 76 28.36 27.28 -20.28
N ALA G 77 28.45 28.58 -19.97
CA ALA G 77 27.34 29.48 -20.25
C ALA G 77 27.29 29.88 -21.72
N GLY G 78 28.40 30.32 -22.28
CA GLY G 78 28.43 30.81 -23.65
C GLY G 78 28.94 29.79 -24.64
N PRO G 79 28.06 29.32 -25.51
CA PRO G 79 28.48 28.38 -26.56
C PRO G 79 29.44 29.05 -27.55
N ILE G 80 30.35 28.24 -28.08
CA ILE G 80 31.32 28.70 -29.07
C ILE G 80 30.90 28.10 -30.41
N ALA G 81 30.28 28.91 -31.25
CA ALA G 81 29.80 28.43 -32.54
C ALA G 81 30.91 27.94 -33.47
N PRO G 82 31.99 28.70 -33.72
CA PRO G 82 32.95 28.26 -34.73
C PRO G 82 34.00 27.32 -34.16
N GLY G 83 34.12 26.15 -34.77
CA GLY G 83 35.18 25.21 -34.40
C GLY G 83 35.12 24.70 -32.98
N GLN G 84 33.93 24.42 -32.47
CA GLN G 84 33.79 23.90 -31.11
C GLN G 84 32.49 23.12 -31.01
N MET G 85 32.45 22.21 -30.04
CA MET G 85 31.28 21.38 -29.79
C MET G 85 30.91 21.45 -28.32
N ARG G 86 29.66 21.13 -28.03
CA ARG G 86 29.15 21.20 -26.67
C ARG G 86 29.87 20.21 -25.76
N GLU G 87 30.20 20.65 -24.55
CA GLU G 87 30.85 19.78 -23.59
C GLU G 87 29.87 18.70 -23.12
N PRO G 88 30.26 17.43 -23.16
CA PRO G 88 29.33 16.36 -22.76
C PRO G 88 28.95 16.47 -21.29
N ARG G 89 27.72 16.05 -21.00
CA ARG G 89 27.21 15.92 -19.65
C ARG G 89 27.15 14.45 -19.28
N GLY G 90 26.61 14.16 -18.09
CA GLY G 90 26.48 12.78 -17.67
C GLY G 90 25.54 11.98 -18.54
N SER G 91 24.40 12.56 -18.90
CA SER G 91 23.46 11.87 -19.77
C SER G 91 24.01 11.73 -21.18
N ASP G 92 24.82 12.69 -21.63
CA ASP G 92 25.45 12.56 -22.94
C ASP G 92 26.45 11.41 -22.96
N ILE G 93 27.24 11.27 -21.89
CA ILE G 93 28.17 10.14 -21.80
C ILE G 93 27.42 8.83 -21.72
N ALA G 94 26.35 8.79 -20.93
CA ALA G 94 25.52 7.58 -20.86
C ALA G 94 24.73 7.34 -22.14
N GLY G 95 24.69 8.29 -23.06
CA GLY G 95 24.00 8.13 -24.31
C GLY G 95 22.51 8.41 -24.26
N THR G 96 21.97 8.75 -23.09
CA THR G 96 20.54 9.01 -22.98
C THR G 96 20.13 10.24 -23.77
N THR G 97 20.89 11.33 -23.64
CA THR G 97 20.60 12.58 -24.32
C THR G 97 21.70 12.97 -25.30
N SER G 98 22.23 11.99 -26.04
CA SER G 98 23.27 12.24 -27.03
C SER G 98 23.01 11.44 -28.28
N THR G 99 23.47 11.96 -29.41
CA THR G 99 23.38 11.28 -30.68
C THR G 99 24.71 10.62 -31.03
N LEU G 100 24.65 9.65 -31.93
CA LEU G 100 25.85 8.90 -32.30
C LEU G 100 26.90 9.82 -32.93
N GLN G 101 26.46 10.77 -33.77
CA GLN G 101 27.40 11.68 -34.40
C GLN G 101 28.12 12.54 -33.37
N GLU G 102 27.40 13.01 -32.35
CA GLU G 102 28.05 13.79 -31.28
C GLU G 102 29.07 12.94 -30.53
N GLN G 103 28.73 11.68 -30.26
CA GLN G 103 29.66 10.79 -29.58
C GLN G 103 30.93 10.58 -30.40
N ILE G 104 30.77 10.33 -31.70
CA ILE G 104 31.95 10.16 -32.56
C ILE G 104 32.77 11.44 -32.60
N GLY G 105 32.09 12.59 -32.64
CA GLY G 105 32.81 13.85 -32.61
C GLY G 105 33.62 14.03 -31.34
N TRP G 106 33.05 13.64 -30.21
CA TRP G 106 33.78 13.74 -28.94
C TRP G 106 34.99 12.81 -28.92
N MET G 107 34.81 11.54 -29.30
CA MET G 107 35.96 10.63 -29.27
C MET G 107 36.92 10.85 -30.44
N THR G 108 36.60 11.74 -31.37
CA THR G 108 37.47 12.01 -32.51
C THR G 108 38.14 13.38 -32.44
N ASN G 109 37.52 14.35 -31.79
CA ASN G 109 38.06 15.71 -31.72
C ASN G 109 39.41 15.72 -31.00
N ASN G 110 40.15 16.81 -31.20
CA ASN G 110 41.42 17.02 -30.51
C ASN G 110 41.29 18.20 -29.55
N PRO G 111 41.43 17.99 -28.24
CA PRO G 111 41.73 16.73 -27.55
C PRO G 111 40.51 15.83 -27.45
N PRO G 112 40.71 14.51 -27.52
CA PRO G 112 39.57 13.59 -27.46
C PRO G 112 38.91 13.59 -26.10
N ILE G 113 37.59 13.40 -26.11
CA ILE G 113 36.83 13.16 -24.88
C ILE G 113 36.33 11.73 -24.94
N PRO G 114 36.98 10.78 -24.25
CA PRO G 114 36.60 9.37 -24.38
C PRO G 114 35.29 9.05 -23.67
N VAL G 115 34.19 9.54 -24.25
CA VAL G 115 32.87 9.30 -23.66
C VAL G 115 32.58 7.80 -23.62
N GLY G 116 33.02 7.07 -24.64
CA GLY G 116 32.87 5.63 -24.61
C GLY G 116 33.64 4.98 -23.48
N GLU G 117 34.86 5.45 -23.22
CA GLU G 117 35.65 4.88 -22.14
C GLU G 117 35.07 5.22 -20.77
N ILE G 118 34.59 6.46 -20.61
CA ILE G 118 33.96 6.85 -19.34
C ILE G 118 32.69 6.03 -19.09
N TYR G 119 31.87 5.87 -20.13
CA TYR G 119 30.66 5.06 -19.98
C TYR G 119 31.01 3.60 -19.73
N LYS G 120 32.07 3.10 -20.36
CA LYS G 120 32.53 1.74 -20.06
C LYS G 120 32.95 1.60 -18.61
N ARG G 121 33.64 2.60 -18.07
CA ARG G 121 34.03 2.56 -16.66
C ARG G 121 32.81 2.54 -15.75
N TRP G 122 31.80 3.37 -16.06
CA TRP G 122 30.58 3.36 -15.27
C TRP G 122 29.88 2.00 -15.33
N ILE G 123 29.79 1.42 -16.53
CA ILE G 123 29.15 0.12 -16.68
C ILE G 123 29.93 -0.96 -15.96
N ILE G 124 31.27 -0.86 -15.95
CA ILE G 124 32.09 -1.83 -15.23
C ILE G 124 31.85 -1.72 -13.74
N LEU G 125 31.74 -0.49 -13.22
CA LEU G 125 31.42 -0.32 -11.80
C LEU G 125 30.06 -0.95 -11.48
N GLY G 126 29.08 -0.72 -12.34
CA GLY G 126 27.78 -1.35 -12.13
C GLY G 126 27.84 -2.86 -12.19
N LEU G 127 28.61 -3.41 -13.11
CA LEU G 127 28.75 -4.86 -13.23
C LEU G 127 29.44 -5.45 -12.01
N ASN G 128 30.44 -4.75 -11.49
CA ASN G 128 31.08 -5.20 -10.25
C ASN G 128 30.09 -5.19 -9.09
N LYS G 129 29.26 -4.14 -9.02
CA LYS G 129 28.22 -4.11 -8.00
C LYS G 129 27.25 -5.26 -8.16
N ILE G 130 26.88 -5.60 -9.40
CA ILE G 130 26.00 -6.72 -9.65
C ILE G 130 26.65 -8.04 -9.21
N VAL G 131 27.92 -8.22 -9.56
CA VAL G 131 28.64 -9.44 -9.18
C VAL G 131 28.68 -9.59 -7.67
N ARG G 132 28.86 -8.47 -6.96
CA ARG G 132 28.90 -8.51 -5.50
C ARG G 132 27.53 -8.78 -4.91
N MET G 133 26.48 -8.16 -5.47
CA MET G 133 25.21 -8.04 -4.78
C MET G 133 24.10 -8.92 -5.33
N TYR G 134 24.21 -9.40 -6.57
CA TYR G 134 23.09 -10.04 -7.25
C TYR G 134 23.32 -11.54 -7.33
N SER G 135 22.26 -12.30 -7.04
CA SER G 135 22.25 -13.76 -7.19
C SER G 135 21.09 -14.14 -8.09
N PRO G 136 21.33 -14.78 -9.24
CA PRO G 136 20.23 -15.10 -10.14
C PRO G 136 19.30 -16.16 -9.57
N THR G 137 18.05 -16.12 -10.01
CA THR G 137 17.05 -17.09 -9.60
C THR G 137 17.05 -18.28 -10.55
N SER G 138 16.84 -19.47 -9.99
CA SER G 138 16.85 -20.71 -10.75
C SER G 138 15.61 -21.53 -10.44
N ILE G 139 15.26 -22.41 -11.38
CA ILE G 139 14.17 -23.35 -11.14
C ILE G 139 14.53 -24.30 -10.02
N LEU G 140 15.83 -24.51 -9.78
CA LEU G 140 16.27 -25.37 -8.69
C LEU G 140 16.03 -24.74 -7.32
N ASP G 141 15.84 -23.42 -7.27
CA ASP G 141 15.66 -22.70 -6.02
C ASP G 141 14.19 -22.49 -5.67
N ILE G 142 13.27 -22.97 -6.49
CA ILE G 142 11.85 -22.81 -6.23
C ILE G 142 11.40 -23.95 -5.33
N ARG G 143 11.04 -23.64 -4.09
CA ARG G 143 10.63 -24.62 -3.12
C ARG G 143 9.33 -24.19 -2.46
N GLN G 144 8.52 -25.17 -2.10
CA GLN G 144 7.27 -24.88 -1.40
C GLN G 144 7.55 -24.45 0.04
N GLY G 145 6.90 -23.37 0.47
CA GLY G 145 6.98 -22.95 1.84
C GLY G 145 6.26 -23.92 2.75
N PRO G 146 6.59 -23.89 4.05
CA PRO G 146 5.94 -24.80 4.99
C PRO G 146 4.44 -24.60 5.07
N LYS G 147 3.95 -23.40 4.79
CA LYS G 147 2.53 -23.08 4.88
C LYS G 147 1.94 -22.67 3.55
N GLU G 148 2.73 -22.67 2.48
CA GLU G 148 2.28 -22.20 1.19
C GLU G 148 1.32 -23.21 0.55
N PRO G 149 0.22 -22.77 -0.05
CA PRO G 149 -0.64 -23.70 -0.77
C PRO G 149 0.07 -24.31 -1.96
N PHE G 150 -0.31 -25.54 -2.29
CA PHE G 150 0.34 -26.26 -3.38
C PHE G 150 0.08 -25.59 -4.72
N ARG G 151 -1.09 -25.00 -4.91
CA ARG G 151 -1.39 -24.29 -6.15
C ARG G 151 -0.46 -23.10 -6.34
N ASP G 152 -0.20 -22.33 -5.28
CA ASP G 152 0.68 -21.18 -5.39
C ASP G 152 2.11 -21.62 -5.70
N TYR G 153 2.57 -22.69 -5.07
CA TYR G 153 3.91 -23.20 -5.34
C TYR G 153 4.02 -23.68 -6.78
N VAL G 154 2.99 -24.37 -7.29
CA VAL G 154 3.00 -24.82 -8.68
C VAL G 154 3.02 -23.64 -9.62
N ASP G 155 2.27 -22.57 -9.30
CA ASP G 155 2.27 -21.38 -10.13
C ASP G 155 3.65 -20.73 -10.18
N ARG G 156 4.30 -20.60 -9.01
CA ARG G 156 5.66 -20.06 -8.98
C ARG G 156 6.63 -20.93 -9.77
N PHE G 157 6.50 -22.25 -9.62
CA PHE G 157 7.37 -23.18 -10.33
C PHE G 157 7.22 -23.03 -11.83
N TYR G 158 5.98 -22.94 -12.31
CA TYR G 158 5.77 -22.84 -13.75
C TYR G 158 6.17 -21.48 -14.29
N LYS G 159 6.00 -20.41 -13.50
CA LYS G 159 6.49 -19.11 -13.93
C LYS G 159 8.01 -19.12 -14.07
N THR G 160 8.71 -19.69 -13.08
CA THR G 160 10.17 -19.76 -13.15
C THR G 160 10.62 -20.65 -14.31
N LEU G 161 9.90 -21.76 -14.55
CA LEU G 161 10.24 -22.64 -15.66
C LEU G 161 10.05 -21.92 -17.00
N ARG G 162 8.98 -21.14 -17.12
CA ARG G 162 8.77 -20.35 -18.34
C ARG G 162 9.90 -19.35 -18.52
N ALA G 163 10.37 -18.74 -17.44
CA ALA G 163 11.50 -17.82 -17.51
C ALA G 163 12.84 -18.52 -17.65
N GLU G 164 12.88 -19.84 -17.48
CA GLU G 164 14.15 -20.56 -17.49
C GLU G 164 14.67 -20.74 -18.90
N GLN G 165 16.00 -20.72 -19.05
N GLN G 165 16.00 -20.73 -19.04
CA GLN G 165 16.66 -20.92 -20.33
CA GLN G 165 16.66 -20.92 -20.34
C GLN G 165 16.97 -22.41 -20.45
C GLN G 165 17.00 -22.39 -20.50
N ALA G 166 16.13 -23.13 -21.18
CA ALA G 166 16.32 -24.56 -21.39
C ALA G 166 15.48 -25.00 -22.57
N SER G 167 15.79 -26.20 -23.07
CA SER G 167 14.97 -26.80 -24.12
C SER G 167 13.65 -27.29 -23.53
N GLN G 168 12.68 -27.49 -24.42
CA GLN G 168 11.35 -27.91 -23.98
C GLN G 168 11.40 -29.29 -23.34
N GLU G 169 12.20 -30.20 -23.90
CA GLU G 169 12.36 -31.52 -23.29
C GLU G 169 13.00 -31.41 -21.92
N VAL G 170 14.01 -30.54 -21.78
CA VAL G 170 14.65 -30.35 -20.49
C VAL G 170 13.66 -29.73 -19.50
N LYS G 171 12.81 -28.82 -19.97
CA LYS G 171 11.79 -28.24 -19.09
C LYS G 171 10.78 -29.28 -18.64
N ASN G 172 10.38 -30.18 -19.54
CA ASN G 172 9.49 -31.27 -19.16
C ASN G 172 10.14 -32.19 -18.12
N TRP G 173 11.41 -32.49 -18.31
CA TRP G 173 12.13 -33.29 -17.33
C TRP G 173 12.24 -32.57 -16.00
N MET G 174 12.44 -31.25 -16.04
CA MET G 174 12.43 -30.45 -14.82
C MET G 174 11.09 -30.55 -14.10
N THR G 175 10.00 -30.45 -14.85
CA THR G 175 8.67 -30.57 -14.24
C THR G 175 8.49 -31.96 -13.63
N GLU G 176 8.95 -32.99 -14.32
CA GLU G 176 8.75 -34.36 -13.86
C GLU G 176 9.63 -34.72 -12.66
N THR G 177 10.77 -34.03 -12.48
CA THR G 177 11.70 -34.40 -11.44
C THR G 177 11.79 -33.42 -10.27
N LEU G 178 11.39 -32.17 -10.47
CA LEU G 178 11.63 -31.13 -9.47
C LEU G 178 10.38 -30.69 -8.73
N LEU G 179 9.21 -30.72 -9.36
CA LEU G 179 8.01 -30.16 -8.74
C LEU G 179 7.61 -30.95 -7.50
N VAL G 180 7.55 -32.28 -7.61
CA VAL G 180 7.21 -33.10 -6.46
C VAL G 180 8.35 -33.10 -5.45
N GLN G 181 9.58 -33.14 -5.94
CA GLN G 181 10.74 -33.23 -5.05
C GLN G 181 10.86 -32.00 -4.16
N ASN G 182 10.57 -30.81 -4.69
CA ASN G 182 10.77 -29.57 -3.97
C ASN G 182 9.52 -29.12 -3.20
N ALA G 183 8.50 -29.96 -3.13
CA ALA G 183 7.32 -29.65 -2.34
C ALA G 183 7.62 -29.84 -0.85
N ASN G 184 6.77 -29.25 -0.02
CA ASN G 184 6.95 -29.36 1.41
C ASN G 184 6.55 -30.76 1.89
N PRO G 185 7.00 -31.18 3.08
CA PRO G 185 6.71 -32.55 3.52
C PRO G 185 5.23 -32.90 3.58
N ASP G 186 4.39 -31.94 3.98
CA ASP G 186 2.96 -32.22 4.08
C ASP G 186 2.37 -32.56 2.71
N CYS G 187 2.75 -31.81 1.67
CA CYS G 187 2.30 -32.12 0.33
C CYS G 187 3.07 -33.29 -0.28
N LYS G 188 4.34 -33.46 0.11
CA LYS G 188 5.14 -34.55 -0.44
C LYS G 188 4.60 -35.90 -0.01
N THR G 189 4.12 -36.03 1.22
CA THR G 189 3.54 -37.29 1.67
C THR G 189 2.37 -37.70 0.77
N ILE G 190 1.45 -36.77 0.53
CA ILE G 190 0.29 -37.05 -0.32
C ILE G 190 0.72 -37.32 -1.75
N LEU G 191 1.70 -36.56 -2.25
CA LEU G 191 2.14 -36.74 -3.63
C LEU G 191 2.78 -38.10 -3.84
N LYS G 192 3.60 -38.56 -2.89
CA LYS G 192 4.18 -39.89 -3.00
C LYS G 192 3.12 -40.97 -2.85
N ALA G 193 2.16 -40.77 -1.94
CA ALA G 193 1.08 -41.74 -1.82
C ALA G 193 0.18 -41.76 -3.06
N LEU G 194 0.20 -40.71 -3.87
CA LEU G 194 -0.65 -40.64 -5.05
C LEU G 194 -0.13 -41.50 -6.20
N GLY G 195 1.17 -41.82 -6.20
CA GLY G 195 1.74 -42.62 -7.24
C GLY G 195 2.46 -41.79 -8.29
N PRO G 196 3.48 -42.38 -8.92
CA PRO G 196 4.24 -41.63 -9.94
C PRO G 196 3.44 -41.32 -11.19
N ALA G 197 2.36 -42.04 -11.46
CA ALA G 197 1.58 -41.84 -12.68
C ALA G 197 0.56 -40.72 -12.55
N ALA G 198 0.46 -40.07 -11.39
CA ALA G 198 -0.53 -39.03 -11.18
C ALA G 198 -0.26 -37.82 -12.07
N THR G 199 -1.33 -37.23 -12.60
CA THR G 199 -1.21 -36.04 -13.41
C THR G 199 -1.14 -34.79 -12.52
N LEU G 200 -0.88 -33.65 -13.15
CA LEU G 200 -0.77 -32.39 -12.40
C LEU G 200 -2.08 -32.04 -11.73
N GLU G 201 -3.20 -32.20 -12.45
CA GLU G 201 -4.50 -31.88 -11.87
C GLU G 201 -4.82 -32.79 -10.70
N GLU G 202 -4.51 -34.08 -10.82
CA GLU G 202 -4.73 -35.00 -9.71
C GLU G 202 -3.88 -34.62 -8.51
N MET G 203 -2.64 -34.20 -8.75
CA MET G 203 -1.77 -33.77 -7.66
C MET G 203 -2.31 -32.52 -6.97
N MET G 204 -2.80 -31.55 -7.76
CA MET G 204 -3.36 -30.35 -7.17
C MET G 204 -4.62 -30.64 -6.39
N THR G 205 -5.46 -31.54 -6.88
CA THR G 205 -6.65 -31.93 -6.13
C THR G 205 -6.28 -32.65 -4.85
N ALA G 206 -5.22 -33.48 -4.88
CA ALA G 206 -4.83 -34.24 -3.70
C ALA G 206 -4.28 -33.35 -2.60
N CYS G 207 -3.59 -32.26 -2.95
CA CYS G 207 -3.03 -31.34 -1.99
C CYS G 207 -3.89 -30.11 -1.77
N GLN G 208 -5.11 -30.09 -2.32
CA GLN G 208 -5.96 -28.92 -2.22
C GLN G 208 -6.39 -28.65 -0.78
N GLY G 209 -6.37 -29.66 0.07
CA GLY G 209 -6.78 -29.51 1.45
C GLY G 209 -5.69 -29.40 2.48
N VAL G 210 -4.43 -29.34 2.07
CA VAL G 210 -3.32 -29.27 3.02
C VAL G 210 -3.34 -27.93 3.72
N GLY G 211 -3.36 -27.94 5.05
CA GLY G 211 -3.51 -26.73 5.82
C GLY G 211 -4.94 -26.39 6.17
N GLY G 212 -5.91 -27.12 5.66
CA GLY G 212 -7.30 -26.93 6.01
C GLY G 212 -7.64 -27.64 7.31
N PRO G 213 -8.85 -27.40 7.82
CA PRO G 213 -9.23 -28.03 9.10
C PRO G 213 -9.17 -29.55 9.07
N GLY G 214 -9.66 -30.17 8.00
CA GLY G 214 -9.69 -31.62 7.95
C GLY G 214 -8.31 -32.24 7.92
N HIS G 215 -7.41 -31.69 7.10
CA HIS G 215 -6.05 -32.23 7.01
C HIS G 215 -5.31 -32.08 8.33
N LYS G 216 -5.43 -30.91 8.96
CA LYS G 216 -4.76 -30.68 10.23
C LYS G 216 -5.31 -31.62 11.31
N ALA G 217 -6.64 -31.77 11.35
CA ALA G 217 -7.23 -32.70 12.31
C ALA G 217 -6.75 -34.13 12.07
N ARG G 218 -6.67 -34.53 10.80
CA ARG G 218 -6.26 -35.89 10.48
C ARG G 218 -4.81 -36.16 10.86
N VAL G 219 -3.91 -35.22 10.56
CA VAL G 219 -2.51 -35.44 10.90
C VAL G 219 -2.30 -35.40 12.42
N LEU G 220 -3.01 -34.49 13.11
CA LEU G 220 -2.93 -34.46 14.57
C LEU G 220 -3.45 -35.76 15.16
N ALA G 221 -4.54 -36.29 14.61
CA ALA G 221 -5.08 -37.55 15.09
C ALA G 221 -4.12 -38.71 14.84
N GLU G 222 -3.45 -38.72 13.69
CA GLU G 222 -2.48 -39.77 13.42
C GLU G 222 -1.33 -39.73 14.42
N ALA G 223 -0.80 -38.53 14.68
CA ALA G 223 0.28 -38.40 15.65
C ALA G 223 -0.18 -38.80 17.05
N MET G 224 -1.38 -38.36 17.44
CA MET G 224 -1.92 -38.72 18.75
C MET G 224 -2.12 -40.22 18.86
N SER G 225 -2.62 -40.86 17.81
CA SER G 225 -2.81 -42.30 17.83
C SER G 225 -1.48 -43.02 17.96
N GLN G 226 -0.45 -42.54 17.27
CA GLN G 226 0.88 -43.15 17.41
C GLN G 226 1.36 -43.08 18.85
N VAL G 227 1.26 -41.89 19.47
CA VAL G 227 1.80 -41.76 20.82
C VAL G 227 0.94 -42.51 21.84
N ILE G 228 -0.37 -42.63 21.60
CA ILE G 228 -1.22 -43.40 22.50
C ILE G 228 -0.91 -44.89 22.36
N ASN G 229 -0.71 -45.36 21.13
CA ASN G 229 -0.40 -46.77 20.91
C ASN G 229 0.95 -47.13 21.51
N SER G 230 1.90 -46.18 21.50
CA SER G 230 3.18 -46.44 22.16
C SER G 230 2.98 -46.66 23.66
N ALA G 231 2.09 -45.89 24.28
CA ALA G 231 1.79 -46.04 25.70
C ALA G 231 1.07 -47.36 25.96
N HIS H 1 16.82 1.68 -47.24
CA HIS H 1 17.33 0.46 -46.62
C HIS H 1 16.92 0.36 -45.15
N GLN H 2 16.38 -0.80 -44.77
CA GLN H 2 16.01 -1.10 -43.39
C GLN H 2 16.71 -2.39 -42.99
N ALA H 3 17.95 -2.26 -42.53
CA ALA H 3 18.72 -3.42 -42.11
C ALA H 3 18.12 -4.02 -40.84
N ILE H 4 18.40 -5.30 -40.61
CA ILE H 4 17.86 -5.98 -39.44
C ILE H 4 18.46 -5.38 -38.18
N SER H 5 17.62 -5.18 -37.17
CA SER H 5 18.04 -4.56 -35.93
C SER H 5 18.59 -5.61 -34.97
N PRO H 6 19.44 -5.21 -34.03
CA PRO H 6 19.96 -6.17 -33.05
C PRO H 6 18.88 -6.89 -32.27
N ARG H 7 17.80 -6.20 -31.92
CA ARG H 7 16.71 -6.85 -31.20
C ARG H 7 16.05 -7.93 -32.05
N THR H 8 15.81 -7.64 -33.34
CA THR H 8 15.19 -8.63 -34.22
C THR H 8 16.08 -9.85 -34.42
N LEU H 9 17.37 -9.62 -34.67
CA LEU H 9 18.29 -10.74 -34.85
C LEU H 9 18.41 -11.56 -33.58
N ASN H 10 18.47 -10.90 -32.42
CA ASN H 10 18.53 -11.64 -31.16
C ASN H 10 17.27 -12.43 -30.93
N ALA H 11 16.10 -11.86 -31.26
CA ALA H 11 14.85 -12.59 -31.10
C ALA H 11 14.83 -13.82 -32.00
N TRP H 12 15.35 -13.69 -33.22
CA TRP H 12 15.50 -14.85 -34.10
C TRP H 12 16.39 -15.90 -33.47
N VAL H 13 17.51 -15.48 -32.87
CA VAL H 13 18.44 -16.42 -32.26
C VAL H 13 17.78 -17.17 -31.11
N LYS H 14 17.09 -16.43 -30.23
CA LYS H 14 16.43 -17.10 -29.12
C LYS H 14 15.27 -17.97 -29.58
N VAL H 15 14.57 -17.58 -30.65
CA VAL H 15 13.51 -18.43 -31.19
C VAL H 15 14.10 -19.76 -31.65
N VAL H 16 15.21 -19.70 -32.40
CA VAL H 16 15.83 -20.94 -32.87
C VAL H 16 16.35 -21.77 -31.71
N GLU H 17 16.98 -21.13 -30.72
CA GLU H 17 17.59 -21.88 -29.63
C GLU H 17 16.55 -22.45 -28.68
N GLU H 18 15.39 -21.81 -28.55
CA GLU H 18 14.37 -22.26 -27.62
C GLU H 18 13.46 -23.30 -28.26
N LYS H 19 13.00 -23.02 -29.49
N LYS H 19 13.01 -23.03 -29.49
CA LYS H 19 12.11 -23.94 -30.19
CA LYS H 19 12.11 -23.93 -30.20
C LYS H 19 12.84 -25.02 -30.96
C LYS H 19 12.85 -25.03 -30.94
N ALA H 20 14.17 -25.00 -30.96
CA ALA H 20 15.01 -25.94 -31.74
C ALA H 20 14.63 -25.70 -33.20
N PHE H 21 14.27 -26.71 -33.97
CA PHE H 21 13.73 -26.46 -35.30
C PHE H 21 12.32 -27.03 -35.42
N SER H 22 11.50 -26.75 -34.41
CA SER H 22 10.08 -27.05 -34.48
C SER H 22 9.44 -26.17 -35.55
N PRO H 23 8.26 -26.56 -36.06
CA PRO H 23 7.68 -25.80 -37.18
C PRO H 23 7.39 -24.34 -36.84
N GLU H 24 7.27 -24.00 -35.56
CA GLU H 24 7.02 -22.63 -35.15
C GLU H 24 8.13 -21.67 -35.54
N VAL H 25 9.32 -22.17 -35.89
CA VAL H 25 10.37 -21.28 -36.39
C VAL H 25 10.07 -20.77 -37.79
N ILE H 26 9.27 -21.50 -38.57
CA ILE H 26 8.96 -21.05 -39.93
C ILE H 26 8.17 -19.75 -39.94
N PRO H 27 7.09 -19.58 -39.16
CA PRO H 27 6.42 -18.28 -39.14
C PRO H 27 7.31 -17.16 -38.59
N MET H 28 7.97 -17.41 -37.45
CA MET H 28 8.79 -16.38 -36.82
C MET H 28 9.82 -15.84 -37.79
N PHE H 29 10.53 -16.73 -38.49
CA PHE H 29 11.46 -16.30 -39.52
C PHE H 29 10.77 -15.40 -40.53
N SER H 30 9.65 -15.86 -41.08
CA SER H 30 8.91 -15.05 -42.05
C SER H 30 8.46 -13.73 -41.44
N ALA H 31 8.23 -13.71 -40.13
CA ALA H 31 7.76 -12.49 -39.50
C ALA H 31 8.91 -11.59 -39.07
N LEU H 32 10.14 -12.08 -39.13
CA LEU H 32 11.30 -11.30 -38.72
C LEU H 32 12.20 -10.93 -39.88
N SER H 33 11.82 -11.28 -41.12
CA SER H 33 12.65 -11.01 -42.29
C SER H 33 11.84 -10.35 -43.40
N GLU H 34 10.72 -9.70 -43.08
CA GLU H 34 9.92 -9.04 -44.10
C GLU H 34 10.69 -7.85 -44.65
N GLY H 35 10.87 -7.83 -45.97
CA GLY H 35 11.63 -6.79 -46.62
C GLY H 35 13.13 -6.91 -46.47
N ALA H 36 13.62 -8.01 -45.92
CA ALA H 36 15.05 -8.16 -45.68
C ALA H 36 15.80 -8.42 -46.98
N THR H 37 16.98 -7.84 -47.09
CA THR H 37 17.87 -8.12 -48.21
C THR H 37 18.49 -9.50 -48.04
N PRO H 38 19.04 -10.07 -49.12
CA PRO H 38 19.78 -11.34 -48.97
C PRO H 38 20.92 -11.25 -47.97
N GLN H 39 21.56 -10.09 -47.83
CA GLN H 39 22.60 -9.93 -46.82
C GLN H 39 22.03 -10.08 -45.41
N ASP H 40 20.88 -9.46 -45.14
CA ASP H 40 20.25 -9.60 -43.83
C ASP H 40 19.82 -11.04 -43.59
N LEU H 41 19.34 -11.71 -44.63
CA LEU H 41 18.95 -13.12 -44.51
C LEU H 41 20.15 -13.99 -44.17
N ASN H 42 21.28 -13.74 -44.83
CA ASN H 42 22.50 -14.48 -44.53
C ASN H 42 22.99 -14.18 -43.11
N THR H 43 22.84 -12.93 -42.66
CA THR H 43 23.17 -12.60 -41.29
C THR H 43 22.29 -13.36 -40.31
N MET H 44 21.01 -13.49 -40.63
CA MET H 44 20.11 -14.29 -39.81
C MET H 44 20.54 -15.75 -39.76
N LEU H 45 20.93 -16.29 -40.92
CA LEU H 45 21.25 -17.71 -41.00
C LEU H 45 22.57 -18.04 -40.31
N ASN H 46 23.61 -17.25 -40.56
CA ASN H 46 24.94 -17.56 -40.04
C ASN H 46 25.08 -17.30 -38.55
N THR H 47 24.20 -16.49 -37.97
CA THR H 47 24.31 -16.15 -36.56
C THR H 47 23.77 -17.26 -35.66
N VAL H 48 22.98 -18.18 -36.22
CA VAL H 48 22.48 -19.33 -35.46
C VAL H 48 23.64 -20.14 -34.92
N GLY H 49 23.58 -20.50 -33.65
CA GLY H 49 24.60 -21.31 -33.01
C GLY H 49 24.10 -22.73 -32.80
N GLY H 50 24.99 -23.69 -33.01
CA GLY H 50 24.62 -25.09 -32.90
C GLY H 50 23.82 -25.54 -34.11
N HIS H 51 23.25 -26.74 -33.98
CA HIS H 51 22.44 -27.35 -35.03
C HIS H 51 23.18 -27.38 -36.37
N GLN H 52 24.44 -27.81 -36.32
CA GLN H 52 25.27 -27.79 -37.51
C GLN H 52 24.72 -28.68 -38.61
N ALA H 53 24.11 -29.81 -38.26
CA ALA H 53 23.49 -30.66 -39.27
C ALA H 53 22.31 -29.95 -39.92
N ALA H 54 21.49 -29.25 -39.13
CA ALA H 54 20.37 -28.51 -39.68
C ALA H 54 20.84 -27.40 -40.62
N MET H 55 21.89 -26.67 -40.23
CA MET H 55 22.42 -25.63 -41.11
C MET H 55 23.05 -26.22 -42.36
N GLN H 56 23.65 -27.41 -42.25
CA GLN H 56 24.17 -28.08 -43.44
C GLN H 56 23.03 -28.43 -44.40
N MET H 57 21.93 -28.95 -43.87
CA MET H 57 20.78 -29.25 -44.72
C MET H 57 20.21 -27.99 -45.35
N LEU H 58 20.13 -26.90 -44.58
CA LEU H 58 19.67 -25.63 -45.12
C LEU H 58 20.57 -25.14 -46.24
N LYS H 59 21.89 -25.22 -46.04
CA LYS H 59 22.83 -24.81 -47.08
C LYS H 59 22.69 -25.67 -48.32
N GLU H 60 22.50 -26.98 -48.14
CA GLU H 60 22.30 -27.86 -49.28
C GLU H 60 21.05 -27.47 -50.07
N THR H 61 19.95 -27.21 -49.36
CA THR H 61 18.72 -26.82 -50.04
C THR H 61 18.90 -25.50 -50.78
N ILE H 62 19.56 -24.53 -50.16
CA ILE H 62 19.80 -23.24 -50.82
C ILE H 62 20.66 -23.44 -52.06
N ASN H 63 21.66 -24.32 -51.98
CA ASN H 63 22.51 -24.58 -53.13
C ASN H 63 21.73 -25.22 -54.28
N GLU H 64 20.86 -26.18 -53.97
CA GLU H 64 20.03 -26.77 -55.01
C GLU H 64 19.10 -25.73 -55.63
N GLU H 65 18.51 -24.86 -54.81
CA GLU H 65 17.64 -23.83 -55.35
C GLU H 65 18.39 -22.86 -56.24
N ALA H 66 19.60 -22.47 -55.83
CA ALA H 66 20.42 -21.59 -56.66
C ALA H 66 20.82 -22.25 -57.97
N ALA H 67 21.15 -23.54 -57.92
CA ALA H 67 21.48 -24.28 -59.13
C ALA H 67 20.29 -24.35 -60.07
N GLU H 68 19.10 -24.59 -59.52
CA GLU H 68 17.90 -24.62 -60.34
C GLU H 68 17.62 -23.27 -60.97
N TRP H 69 17.80 -22.19 -60.20
CA TRP H 69 17.63 -20.85 -60.77
C TRP H 69 18.61 -20.60 -61.91
N ASP H 70 19.87 -21.01 -61.72
CA ASP H 70 20.87 -20.83 -62.77
C ASP H 70 20.51 -21.65 -64.00
N ARG H 71 19.99 -22.85 -63.81
CA ARG H 71 19.61 -23.70 -64.94
C ARG H 71 18.44 -23.09 -65.71
N VAL H 72 17.39 -22.68 -65.00
CA VAL H 72 16.19 -22.18 -65.66
C VAL H 72 16.45 -20.81 -66.29
N HIS H 73 17.10 -19.92 -65.56
CA HIS H 73 17.36 -18.57 -66.04
C HIS H 73 18.72 -18.53 -66.72
N PRO H 74 18.79 -18.26 -68.01
CA PRO H 74 20.10 -18.24 -68.69
C PRO H 74 20.78 -16.88 -68.56
N VAL H 75 22.10 -16.91 -68.71
CA VAL H 75 22.90 -15.70 -68.63
C VAL H 75 22.78 -14.92 -69.93
N HIS H 76 23.14 -13.64 -69.87
CA HIS H 76 23.13 -12.76 -71.03
C HIS H 76 24.56 -12.40 -71.41
N ALA H 77 24.74 -11.99 -72.66
CA ALA H 77 26.04 -11.53 -73.12
C ALA H 77 26.52 -10.28 -72.41
N GLY H 78 25.62 -9.58 -71.72
CA GLY H 78 25.97 -8.41 -70.94
C GLY H 78 26.23 -7.17 -71.78
N PRO H 79 25.20 -6.66 -72.46
CA PRO H 79 25.34 -5.36 -73.12
C PRO H 79 25.14 -4.24 -72.13
N ILE H 80 25.78 -3.10 -72.41
CA ILE H 80 25.67 -1.95 -71.53
C ILE H 80 24.30 -1.31 -71.71
N ALA H 81 23.79 -0.72 -70.63
CA ALA H 81 22.48 -0.09 -70.61
C ALA H 81 22.58 1.20 -69.81
N PRO H 82 21.65 2.13 -70.00
CA PRO H 82 21.62 3.32 -69.13
C PRO H 82 21.50 2.97 -67.66
N GLY H 83 20.72 1.94 -67.33
CA GLY H 83 20.69 1.45 -65.96
C GLY H 83 21.82 0.49 -65.66
N GLN H 84 22.30 -0.23 -66.67
CA GLN H 84 23.41 -1.20 -66.58
C GLN H 84 23.37 -2.00 -65.28
N MET H 85 22.24 -2.71 -65.09
CA MET H 85 22.06 -3.61 -63.97
C MET H 85 22.12 -5.04 -64.48
N ARG H 86 23.15 -5.78 -64.04
CA ARG H 86 23.27 -7.18 -64.42
C ARG H 86 22.16 -8.01 -63.80
N GLU H 87 21.73 -9.03 -64.53
CA GLU H 87 20.67 -9.91 -64.02
C GLU H 87 21.24 -10.80 -62.92
N PRO H 88 20.59 -10.87 -61.76
CA PRO H 88 21.12 -11.68 -60.66
C PRO H 88 21.13 -13.17 -61.01
N ARG H 89 22.11 -13.87 -60.46
CA ARG H 89 22.21 -15.31 -60.60
C ARG H 89 21.83 -15.97 -59.26
N GLY H 90 21.99 -17.29 -59.19
CA GLY H 90 21.66 -17.99 -57.97
C GLY H 90 22.52 -17.55 -56.80
N SER H 91 23.83 -17.40 -57.03
CA SER H 91 24.71 -16.91 -55.98
C SER H 91 24.39 -15.46 -55.60
N ASP H 92 24.02 -14.64 -56.58
CA ASP H 92 23.64 -13.26 -56.28
C ASP H 92 22.38 -13.20 -55.41
N ILE H 93 21.39 -14.04 -55.71
CA ILE H 93 20.19 -14.09 -54.89
C ILE H 93 20.52 -14.61 -53.50
N ALA H 94 21.35 -15.65 -53.41
CA ALA H 94 21.76 -16.17 -52.11
C ALA H 94 22.68 -15.20 -51.36
N GLY H 95 23.17 -14.15 -52.02
CA GLY H 95 24.06 -13.20 -51.40
C GLY H 95 25.51 -13.60 -51.35
N THR H 96 25.87 -14.75 -51.91
CA THR H 96 27.26 -15.19 -51.89
C THR H 96 28.13 -14.35 -52.81
N THR H 97 27.63 -14.02 -53.99
CA THR H 97 28.43 -13.30 -54.97
C THR H 97 27.73 -12.01 -55.35
N SER H 98 27.25 -11.26 -54.36
CA SER H 98 26.61 -9.98 -54.60
C SER H 98 26.80 -9.09 -53.39
N THR H 99 26.81 -7.79 -53.62
CA THR H 99 26.97 -6.80 -52.57
C THR H 99 25.61 -6.21 -52.19
N LEU H 100 25.58 -5.55 -51.03
CA LEU H 100 24.34 -4.96 -50.54
C LEU H 100 23.81 -3.91 -51.51
N GLN H 101 24.70 -3.16 -52.16
CA GLN H 101 24.27 -2.18 -53.13
C GLN H 101 23.56 -2.82 -54.32
N GLU H 102 24.13 -3.92 -54.83
CA GLU H 102 23.49 -4.62 -55.94
C GLU H 102 22.15 -5.20 -55.52
N GLN H 103 22.08 -5.76 -54.31
CA GLN H 103 20.83 -6.30 -53.79
C GLN H 103 19.76 -5.23 -53.69
N ILE H 104 20.13 -4.06 -53.14
CA ILE H 104 19.17 -2.97 -53.00
C ILE H 104 18.74 -2.46 -54.37
N GLY H 105 19.69 -2.37 -55.31
CA GLY H 105 19.33 -1.94 -56.65
C GLY H 105 18.36 -2.87 -57.34
N TRP H 106 18.57 -4.18 -57.19
CA TRP H 106 17.63 -5.15 -57.74
C TRP H 106 16.27 -5.04 -57.06
N MET H 107 16.26 -4.86 -55.73
CA MET H 107 15.00 -4.84 -55.00
C MET H 107 14.19 -3.58 -55.28
N THR H 108 14.85 -2.46 -55.55
CA THR H 108 14.18 -1.18 -55.76
C THR H 108 14.14 -0.77 -57.22
N ASN H 109 14.51 -1.65 -58.15
CA ASN H 109 14.49 -1.32 -59.56
C ASN H 109 13.06 -1.28 -60.08
N ASN H 110 12.90 -0.73 -61.28
CA ASN H 110 11.62 -0.72 -61.98
C ASN H 110 11.81 -1.34 -63.36
N PRO H 111 11.37 -2.58 -63.61
CA PRO H 111 10.65 -3.48 -62.70
C PRO H 111 11.54 -4.08 -61.61
N PRO H 112 11.00 -4.29 -60.42
CA PRO H 112 11.80 -4.85 -59.33
C PRO H 112 12.15 -6.31 -59.57
N ILE H 113 13.26 -6.73 -58.97
CA ILE H 113 13.65 -8.13 -58.90
C ILE H 113 13.76 -8.50 -57.42
N PRO H 114 12.72 -9.10 -56.85
CA PRO H 114 12.74 -9.37 -55.41
C PRO H 114 13.70 -10.49 -55.03
N VAL H 115 15.00 -10.20 -55.06
CA VAL H 115 16.00 -11.20 -54.73
C VAL H 115 15.86 -11.63 -53.28
N GLY H 116 15.52 -10.70 -52.40
CA GLY H 116 15.29 -11.04 -51.01
C GLY H 116 14.14 -12.01 -50.84
N GLU H 117 13.06 -11.83 -51.60
CA GLU H 117 11.91 -12.71 -51.48
C GLU H 117 12.22 -14.10 -52.03
N ILE H 118 12.96 -14.17 -53.14
CA ILE H 118 13.36 -15.46 -53.67
C ILE H 118 14.26 -16.20 -52.68
N TYR H 119 15.21 -15.47 -52.08
CA TYR H 119 16.08 -16.10 -51.09
C TYR H 119 15.30 -16.53 -49.86
N LYS H 120 14.30 -15.74 -49.46
CA LYS H 120 13.43 -16.15 -48.36
C LYS H 120 12.70 -17.44 -48.71
N ARG H 121 12.20 -17.56 -49.93
CA ARG H 121 11.52 -18.78 -50.35
C ARG H 121 12.46 -19.98 -50.28
N TRP H 122 13.70 -19.81 -50.75
CA TRP H 122 14.68 -20.89 -50.67
C TRP H 122 14.95 -21.28 -49.22
N ILE H 123 15.11 -20.28 -48.34
CA ILE H 123 15.39 -20.56 -46.95
C ILE H 123 14.20 -21.26 -46.29
N ILE H 124 12.98 -20.88 -46.66
CA ILE H 124 11.80 -21.54 -46.10
C ILE H 124 11.71 -22.98 -46.58
N LEU H 125 12.06 -23.23 -47.84
CA LEU H 125 12.12 -24.62 -48.31
C LEU H 125 13.11 -25.43 -47.50
N GLY H 126 14.30 -24.86 -47.26
CA GLY H 126 15.28 -25.54 -46.43
C GLY H 126 14.80 -25.76 -45.01
N LEU H 127 14.13 -24.77 -44.43
CA LEU H 127 13.63 -24.87 -43.07
C LEU H 127 12.55 -25.94 -42.97
N ASN H 128 11.68 -26.03 -43.97
CA ASN H 128 10.68 -27.08 -44.00
C ASN H 128 11.34 -28.46 -44.10
N LYS H 129 12.39 -28.58 -44.91
CA LYS H 129 13.12 -29.83 -44.97
C LYS H 129 13.74 -30.17 -43.62
N ILE H 130 14.27 -29.16 -42.92
CA ILE H 130 14.85 -29.38 -41.59
C ILE H 130 13.79 -29.87 -40.62
N VAL H 131 12.63 -29.21 -40.62
CA VAL H 131 11.53 -29.59 -39.74
C VAL H 131 11.11 -31.03 -40.01
N ARG H 132 11.07 -31.41 -41.29
CA ARG H 132 10.67 -32.78 -41.64
C ARG H 132 11.72 -33.79 -41.19
N MET H 133 13.00 -33.52 -41.44
CA MET H 133 14.03 -34.55 -41.35
C MET H 133 14.92 -34.46 -40.12
N TYR H 134 15.15 -33.26 -39.58
CA TYR H 134 16.13 -33.07 -38.52
C TYR H 134 15.49 -33.25 -37.16
N SER H 135 16.17 -33.99 -36.28
CA SER H 135 15.77 -34.16 -34.89
C SER H 135 16.91 -33.74 -33.99
N PRO H 136 16.76 -32.69 -33.20
CA PRO H 136 17.89 -32.21 -32.39
C PRO H 136 18.28 -33.20 -31.30
N THR H 137 19.56 -33.20 -30.96
CA THR H 137 20.08 -34.04 -29.90
C THR H 137 19.95 -33.34 -28.56
N SER H 138 19.81 -34.14 -27.50
CA SER H 138 19.61 -33.61 -26.16
C SER H 138 20.47 -34.38 -25.18
N ILE H 139 20.77 -33.74 -24.05
CA ILE H 139 21.46 -34.42 -22.96
C ILE H 139 20.62 -35.55 -22.40
N LEU H 140 19.29 -35.48 -22.57
CA LEU H 140 18.42 -36.55 -22.11
C LEU H 140 18.52 -37.80 -22.98
N ASP H 141 19.03 -37.67 -24.20
CA ASP H 141 19.13 -38.80 -25.12
C ASP H 141 20.48 -39.51 -25.04
N ILE H 142 21.40 -39.05 -24.20
CA ILE H 142 22.72 -39.66 -24.10
C ILE H 142 22.63 -40.83 -23.14
N ARG H 143 22.67 -42.05 -23.69
CA ARG H 143 22.59 -43.27 -22.90
C ARG H 143 23.76 -44.17 -23.24
N GLN H 144 24.25 -44.87 -22.22
CA GLN H 144 25.35 -45.80 -22.43
C GLN H 144 24.88 -46.99 -23.27
N GLY H 145 25.74 -47.41 -24.20
CA GLY H 145 25.47 -48.58 -24.99
C GLY H 145 25.62 -49.85 -24.17
N PRO H 146 25.03 -50.94 -24.66
CA PRO H 146 25.17 -52.22 -23.93
C PRO H 146 26.60 -52.69 -23.77
N LYS H 147 27.48 -52.39 -24.74
CA LYS H 147 28.87 -52.77 -24.67
C LYS H 147 29.81 -51.58 -24.63
N GLU H 148 29.29 -50.37 -24.49
CA GLU H 148 30.15 -49.18 -24.49
C GLU H 148 30.93 -49.09 -23.19
N PRO H 149 32.21 -48.72 -23.24
CA PRO H 149 32.94 -48.43 -22.01
C PRO H 149 32.34 -47.23 -21.29
N PHE H 150 32.42 -47.26 -19.96
CA PHE H 150 31.85 -46.18 -19.17
C PHE H 150 32.57 -44.86 -19.43
N ARG H 151 33.87 -44.92 -19.73
CA ARG H 151 34.62 -43.71 -20.02
C ARG H 151 34.11 -43.03 -21.28
N ASP H 152 33.84 -43.80 -22.33
CA ASP H 152 33.32 -43.22 -23.56
C ASP H 152 31.94 -42.61 -23.33
N TYR H 153 31.10 -43.28 -22.55
CA TYR H 153 29.78 -42.74 -22.24
C TYR H 153 29.88 -41.44 -21.47
N VAL H 154 30.79 -41.37 -20.49
CA VAL H 154 30.99 -40.15 -19.73
C VAL H 154 31.50 -39.03 -20.62
N ASP H 155 32.41 -39.36 -21.55
CA ASP H 155 32.94 -38.36 -22.47
C ASP H 155 31.84 -37.82 -23.36
N ARG H 156 30.98 -38.69 -23.91
CA ARG H 156 29.86 -38.22 -24.73
C ARG H 156 28.90 -37.38 -23.90
N PHE H 157 28.63 -37.80 -22.66
CA PHE H 157 27.71 -37.05 -21.82
C PHE H 157 28.22 -35.65 -21.54
N TYR H 158 29.51 -35.51 -21.23
CA TYR H 158 30.05 -34.19 -20.95
C TYR H 158 30.20 -33.35 -22.21
N LYS H 159 30.49 -33.98 -23.35
CA LYS H 159 30.51 -33.24 -24.61
C LYS H 159 29.14 -32.68 -24.94
N THR H 160 28.09 -33.46 -24.73
CA THR H 160 26.73 -32.98 -24.98
C THR H 160 26.33 -31.94 -23.95
N LEU H 161 26.77 -32.10 -22.71
CA LEU H 161 26.42 -31.15 -21.66
C LEU H 161 27.07 -29.79 -21.90
N ARG H 162 28.31 -29.79 -22.37
CA ARG H 162 28.98 -28.51 -22.64
C ARG H 162 28.26 -27.71 -23.72
N ALA H 163 27.64 -28.40 -24.68
CA ALA H 163 26.87 -27.75 -25.72
C ALA H 163 25.40 -27.55 -25.37
N GLU H 164 24.98 -28.04 -24.20
CA GLU H 164 23.60 -27.88 -23.79
C GLU H 164 23.31 -26.44 -23.40
N GLN H 165 22.11 -25.97 -23.73
N GLN H 165 22.11 -25.96 -23.73
CA GLN H 165 21.68 -24.61 -23.42
CA GLN H 165 21.70 -24.61 -23.41
C GLN H 165 21.04 -24.64 -22.03
C GLN H 165 21.05 -24.62 -22.03
N ALA H 166 21.84 -24.37 -21.00
CA ALA H 166 21.36 -24.39 -19.63
C ALA H 166 22.31 -23.59 -18.76
N SER H 167 21.86 -23.30 -17.54
CA SER H 167 22.71 -22.64 -16.57
C SER H 167 23.66 -23.64 -15.93
N GLN H 168 24.71 -23.12 -15.29
CA GLN H 168 25.73 -23.99 -14.71
C GLN H 168 25.15 -24.83 -13.57
N GLU H 169 24.29 -24.23 -12.75
CA GLU H 169 23.62 -25.01 -11.69
C GLU H 169 22.74 -26.10 -12.29
N VAL H 170 22.02 -25.77 -13.36
CA VAL H 170 21.18 -26.76 -14.02
C VAL H 170 22.04 -27.88 -14.62
N LYS H 171 23.20 -27.51 -15.18
CA LYS H 171 24.09 -28.52 -15.74
C LYS H 171 24.67 -29.42 -14.64
N ASN H 172 24.98 -28.85 -13.48
CA ASN H 172 25.45 -29.66 -12.36
C ASN H 172 24.37 -30.62 -11.89
N TRP H 173 23.13 -30.15 -11.82
CA TRP H 173 22.02 -31.04 -11.47
C TRP H 173 21.83 -32.13 -12.52
N MET H 174 22.00 -31.79 -13.80
CA MET H 174 21.95 -32.78 -14.86
C MET H 174 23.03 -33.84 -14.67
N THR H 175 24.25 -33.41 -14.35
CA THR H 175 25.33 -34.36 -14.10
C THR H 175 25.00 -35.27 -12.91
N GLU H 176 24.45 -34.69 -11.85
CA GLU H 176 24.14 -35.47 -10.65
C GLU H 176 22.99 -36.44 -10.89
N THR H 177 22.10 -36.14 -11.84
CA THR H 177 20.91 -36.97 -12.04
C THR H 177 21.05 -37.96 -13.20
N LEU H 178 21.33 -37.47 -14.40
CA LEU H 178 21.21 -38.28 -15.61
C LEU H 178 22.38 -39.22 -15.86
N LEU H 179 23.58 -38.86 -15.41
CA LEU H 179 24.76 -39.64 -15.78
C LEU H 179 24.69 -41.07 -15.25
N VAL H 180 24.39 -41.23 -13.96
CA VAL H 180 24.21 -42.56 -13.42
C VAL H 180 22.92 -43.18 -13.93
N GLN H 181 21.87 -42.36 -14.11
CA GLN H 181 20.57 -42.88 -14.51
C GLN H 181 20.63 -43.51 -15.90
N ASN H 182 21.32 -42.87 -16.85
CA ASN H 182 21.32 -43.30 -18.23
C ASN H 182 22.48 -44.25 -18.56
N ALA H 183 23.12 -44.82 -17.54
CA ALA H 183 24.16 -45.80 -17.77
C ALA H 183 23.55 -47.18 -18.03
N ASN H 184 24.30 -48.04 -18.70
CA ASN H 184 23.85 -49.38 -18.98
C ASN H 184 23.75 -50.19 -17.69
N PRO H 185 22.93 -51.25 -17.67
CA PRO H 185 22.71 -51.96 -16.39
C PRO H 185 23.98 -52.54 -15.78
N ASP H 186 24.93 -53.00 -16.60
CA ASP H 186 26.17 -53.56 -16.07
C ASP H 186 26.94 -52.53 -15.27
N CYS H 187 27.03 -51.30 -15.76
CA CYS H 187 27.68 -50.24 -15.01
C CYS H 187 26.76 -49.64 -13.96
N LYS H 188 25.45 -49.62 -14.23
CA LYS H 188 24.50 -49.03 -13.29
C LYS H 188 24.46 -49.80 -11.98
N THR H 189 24.54 -51.14 -12.04
CA THR H 189 24.55 -51.92 -10.81
C THR H 189 25.80 -51.62 -9.98
N ILE H 190 26.92 -51.37 -10.63
CA ILE H 190 28.14 -51.02 -9.90
C ILE H 190 28.03 -49.64 -9.28
N LEU H 191 27.47 -48.67 -10.03
CA LEU H 191 27.28 -47.34 -9.45
C LEU H 191 26.33 -47.37 -8.26
N LYS H 192 25.26 -48.16 -8.35
CA LYS H 192 24.35 -48.29 -7.21
C LYS H 192 25.02 -49.04 -6.06
N ALA H 193 25.94 -49.96 -6.37
CA ALA H 193 26.70 -50.60 -5.30
C ALA H 193 27.55 -49.58 -4.56
N LEU H 194 28.14 -48.63 -5.27
CA LEU H 194 28.81 -47.51 -4.65
C LEU H 194 27.79 -46.59 -3.99
N GLY H 195 28.28 -45.75 -3.09
CA GLY H 195 27.43 -44.80 -2.42
C GLY H 195 27.04 -43.65 -3.32
N PRO H 196 26.03 -42.87 -2.91
CA PRO H 196 25.63 -41.71 -3.71
C PRO H 196 26.59 -40.54 -3.61
N ALA H 197 27.54 -40.57 -2.68
CA ALA H 197 28.51 -39.51 -2.52
C ALA H 197 29.81 -39.77 -3.28
N ALA H 198 29.86 -40.84 -4.07
CA ALA H 198 31.07 -41.17 -4.82
C ALA H 198 31.33 -40.11 -5.88
N THR H 199 32.59 -39.69 -5.98
CA THR H 199 33.00 -38.73 -7.00
C THR H 199 33.05 -39.40 -8.36
N LEU H 200 33.19 -38.57 -9.40
CA LEU H 200 33.20 -39.09 -10.76
C LEU H 200 34.34 -40.10 -10.96
N GLU H 201 35.53 -39.77 -10.47
CA GLU H 201 36.69 -40.64 -10.68
C GLU H 201 36.49 -42.00 -10.02
N GLU H 202 35.80 -42.03 -8.87
CA GLU H 202 35.53 -43.30 -8.22
C GLU H 202 34.61 -44.17 -9.07
N MET H 203 33.58 -43.59 -9.67
CA MET H 203 32.73 -44.37 -10.57
C MET H 203 33.49 -44.83 -11.81
N MET H 204 34.37 -43.97 -12.34
CA MET H 204 35.19 -44.38 -13.47
C MET H 204 36.06 -45.57 -13.12
N THR H 205 36.71 -45.53 -11.95
CA THR H 205 37.53 -46.66 -11.54
C THR H 205 36.70 -47.91 -11.30
N ALA H 206 35.50 -47.74 -10.73
CA ALA H 206 34.64 -48.89 -10.47
C ALA H 206 34.19 -49.57 -11.75
N CYS H 207 33.84 -48.79 -12.77
CA CYS H 207 33.36 -49.35 -14.02
C CYS H 207 34.46 -49.55 -15.06
N GLN H 208 35.72 -49.28 -14.71
CA GLN H 208 36.82 -49.52 -15.64
C GLN H 208 36.91 -50.97 -16.06
N GLY H 209 36.41 -51.89 -15.24
CA GLY H 209 36.50 -53.31 -15.54
C GLY H 209 35.31 -53.92 -16.24
N VAL H 210 34.24 -53.16 -16.48
CA VAL H 210 33.04 -53.72 -17.07
C VAL H 210 33.32 -54.14 -18.50
N GLY H 211 32.99 -55.37 -18.84
CA GLY H 211 33.28 -55.92 -20.15
C GLY H 211 34.64 -56.57 -20.28
N GLY H 212 35.41 -56.64 -19.19
CA GLY H 212 36.69 -57.31 -19.21
C GLY H 212 36.53 -58.77 -18.84
N PRO H 213 37.61 -59.55 -19.00
CA PRO H 213 37.52 -60.99 -18.67
C PRO H 213 37.14 -61.25 -17.22
N GLY H 214 37.69 -60.48 -16.28
CA GLY H 214 37.36 -60.71 -14.88
C GLY H 214 35.90 -60.41 -14.57
N HIS H 215 35.40 -59.27 -15.05
CA HIS H 215 34.01 -58.91 -14.83
C HIS H 215 33.07 -59.91 -15.50
N LYS H 216 33.39 -60.31 -16.72
CA LYS H 216 32.58 -61.30 -17.44
C LYS H 216 32.52 -62.61 -16.68
N ALA H 217 33.67 -63.10 -16.21
CA ALA H 217 33.70 -64.33 -15.45
C ALA H 217 32.91 -64.20 -14.15
N ARG H 218 33.03 -63.05 -13.48
N ARG H 218 33.03 -63.05 -13.48
CA ARG H 218 32.34 -62.86 -12.22
CA ARG H 218 32.34 -62.86 -12.22
C ARG H 218 30.82 -62.87 -12.41
C ARG H 218 30.82 -62.87 -12.41
N VAL H 219 30.33 -62.16 -13.43
CA VAL H 219 28.88 -62.13 -13.64
C VAL H 219 28.37 -63.49 -14.10
N LEU H 220 29.15 -64.19 -14.93
CA LEU H 220 28.75 -65.53 -15.35
C LEU H 220 28.68 -66.48 -14.17
N ALA H 221 29.66 -66.42 -13.27
CA ALA H 221 29.64 -67.26 -12.09
C ALA H 221 28.48 -66.91 -11.16
N GLU H 222 28.20 -65.62 -10.99
CA GLU H 222 27.08 -65.21 -10.16
C GLU H 222 25.77 -65.74 -10.74
N ALA H 223 25.59 -65.62 -12.06
CA ALA H 223 24.38 -66.11 -12.69
C ALA H 223 24.25 -67.63 -12.55
N MET H 224 25.35 -68.36 -12.75
CA MET H 224 25.30 -69.81 -12.63
C MET H 224 25.12 -70.27 -11.19
N SER H 225 25.50 -69.44 -10.22
CA SER H 225 25.35 -69.82 -8.82
C SER H 225 23.90 -70.03 -8.45
N GLN H 226 23.00 -69.16 -8.95
CA GLN H 226 21.59 -69.30 -8.65
C GLN H 226 21.02 -70.60 -9.21
N VAL H 227 21.39 -70.94 -10.45
CA VAL H 227 20.85 -72.16 -11.05
C VAL H 227 21.46 -73.40 -10.41
N ILE H 228 22.70 -73.31 -9.91
CA ILE H 228 23.28 -74.45 -9.20
C ILE H 228 22.61 -74.63 -7.84
N ASN H 229 22.38 -73.53 -7.12
CA ASN H 229 21.76 -73.61 -5.81
C ASN H 229 20.32 -74.09 -5.89
N SER H 230 19.57 -73.62 -6.89
CA SER H 230 18.20 -74.06 -7.04
C SER H 230 18.11 -75.52 -7.46
N ALA H 231 19.18 -76.06 -8.03
CA ALA H 231 19.20 -77.46 -8.44
C ALA H 231 19.38 -78.38 -7.24
N HIS I 1 55.60 2.46 -33.23
CA HIS I 1 55.16 1.08 -33.10
C HIS I 1 55.93 0.35 -32.01
N GLN I 2 55.21 -0.08 -30.97
CA GLN I 2 55.79 -0.83 -29.86
C GLN I 2 55.42 -2.30 -30.03
N ALA I 3 56.33 -3.06 -30.63
CA ALA I 3 56.11 -4.49 -30.80
C ALA I 3 56.11 -5.20 -29.46
N ILE I 4 55.58 -6.42 -29.45
CA ILE I 4 55.50 -7.20 -28.22
C ILE I 4 56.91 -7.56 -27.76
N SER I 5 57.19 -7.31 -26.49
CA SER I 5 58.50 -7.60 -25.93
C SER I 5 58.65 -9.09 -25.64
N PRO I 6 59.89 -9.59 -25.58
CA PRO I 6 60.08 -11.00 -25.21
C PRO I 6 59.50 -11.34 -23.85
N ARG I 7 59.55 -10.42 -22.90
CA ARG I 7 58.98 -10.67 -21.58
C ARG I 7 57.47 -10.88 -21.66
N THR I 8 56.78 -10.04 -22.42
CA THR I 8 55.33 -10.17 -22.54
C THR I 8 54.95 -11.46 -23.26
N LEU I 9 55.66 -11.79 -24.33
CA LEU I 9 55.40 -13.05 -25.04
C LEU I 9 55.62 -14.24 -24.13
N ASN I 10 56.73 -14.23 -23.37
CA ASN I 10 57.00 -15.32 -22.45
C ASN I 10 55.92 -15.42 -21.39
N ALA I 11 55.47 -14.28 -20.85
CA ALA I 11 54.43 -14.30 -19.83
C ALA I 11 53.13 -14.87 -20.39
N TRP I 12 52.78 -14.50 -21.63
CA TRP I 12 51.60 -15.07 -22.26
C TRP I 12 51.73 -16.58 -22.42
N VAL I 13 52.93 -17.04 -22.83
CA VAL I 13 53.15 -18.47 -23.00
C VAL I 13 53.00 -19.20 -21.67
N LYS I 14 53.59 -18.67 -20.60
CA LYS I 14 53.43 -19.31 -19.29
C LYS I 14 52.00 -19.26 -18.80
N VAL I 15 51.27 -18.18 -19.07
CA VAL I 15 49.87 -18.11 -18.67
C VAL I 15 49.08 -19.22 -19.35
N VAL I 16 49.29 -19.39 -20.66
CA VAL I 16 48.58 -20.44 -21.39
C VAL I 16 48.97 -21.81 -20.87
N GLU I 17 50.26 -22.05 -20.64
CA GLU I 17 50.70 -23.38 -20.24
C GLU I 17 50.32 -23.70 -18.79
N GLU I 18 50.12 -22.68 -17.96
CA GLU I 18 49.81 -22.89 -16.56
C GLU I 18 48.32 -22.97 -16.29
N LYS I 19 47.54 -22.09 -16.91
N LYS I 19 47.53 -22.09 -16.90
CA LYS I 19 46.09 -22.07 -16.72
CA LYS I 19 46.09 -22.08 -16.71
C LYS I 19 45.35 -22.90 -17.74
C LYS I 19 45.35 -22.90 -17.74
N ALA I 20 46.06 -23.57 -18.66
CA ALA I 20 45.46 -24.33 -19.76
C ALA I 20 44.63 -23.34 -20.57
N PHE I 21 43.31 -23.49 -20.64
CA PHE I 21 42.45 -22.50 -21.27
C PHE I 21 41.26 -22.20 -20.38
N SER I 22 41.55 -21.96 -19.10
CA SER I 22 40.55 -21.49 -18.16
C SER I 22 40.15 -20.07 -18.52
N PRO I 23 39.00 -19.59 -18.01
CA PRO I 23 38.58 -18.21 -18.34
C PRO I 23 39.63 -17.16 -18.01
N GLU I 24 40.53 -17.46 -17.08
CA GLU I 24 41.55 -16.50 -16.66
C GLU I 24 42.47 -16.09 -17.80
N VAL I 25 42.53 -16.87 -18.88
CA VAL I 25 43.37 -16.49 -20.00
C VAL I 25 42.80 -15.31 -20.77
N ILE I 26 41.46 -15.13 -20.72
CA ILE I 26 40.84 -14.02 -21.46
C ILE I 26 41.30 -12.66 -20.92
N PRO I 27 41.28 -12.39 -19.62
CA PRO I 27 41.82 -11.10 -19.16
C PRO I 27 43.29 -10.93 -19.46
N MET I 28 44.11 -11.93 -19.12
CA MET I 28 45.54 -11.84 -19.36
C MET I 28 45.85 -11.47 -20.79
N PHE I 29 45.24 -12.19 -21.75
CA PHE I 29 45.41 -11.85 -23.16
C PHE I 29 45.05 -10.39 -23.41
N SER I 30 43.86 -9.96 -22.97
CA SER I 30 43.43 -8.59 -23.20
C SER I 30 44.39 -7.60 -22.56
N ALA I 31 45.07 -8.01 -21.49
CA ALA I 31 46.02 -7.13 -20.82
C ALA I 31 47.39 -7.14 -21.47
N LEU I 32 47.76 -8.23 -22.14
CA LEU I 32 49.10 -8.36 -22.70
C LEU I 32 49.16 -8.01 -24.18
N SER I 33 48.06 -7.58 -24.78
CA SER I 33 48.00 -7.36 -26.22
C SER I 33 47.34 -6.03 -26.58
N GLU I 34 47.27 -5.08 -25.65
CA GLU I 34 46.61 -3.82 -25.95
C GLU I 34 47.52 -2.95 -26.81
N GLY I 35 46.97 -2.42 -27.90
CA GLY I 35 47.76 -1.67 -28.85
C GLY I 35 48.59 -2.53 -29.78
N ALA I 36 48.43 -3.85 -29.73
CA ALA I 36 49.22 -4.74 -30.56
C ALA I 36 48.68 -4.79 -31.98
N THR I 37 49.61 -4.85 -32.94
CA THR I 37 49.25 -5.02 -34.33
C THR I 37 48.79 -6.45 -34.58
N PRO I 38 48.09 -6.70 -35.69
CA PRO I 38 47.73 -8.09 -36.03
C PRO I 38 48.93 -9.02 -36.12
N GLN I 39 50.09 -8.53 -36.57
CA GLN I 39 51.28 -9.36 -36.59
C GLN I 39 51.69 -9.76 -35.17
N ASP I 40 51.64 -8.82 -34.23
CA ASP I 40 51.96 -9.16 -32.85
C ASP I 40 50.96 -10.16 -32.27
N LEU I 41 49.68 -10.00 -32.60
CA LEU I 41 48.67 -10.93 -32.11
C LEU I 41 48.90 -12.33 -32.69
N ASN I 42 49.26 -12.41 -33.97
CA ASN I 42 49.58 -13.70 -34.57
C ASN I 42 50.80 -14.32 -33.92
N THR I 43 51.82 -13.50 -33.63
CA THR I 43 52.99 -14.00 -32.93
C THR I 43 52.61 -14.53 -31.55
N MET I 44 51.71 -13.84 -30.86
CA MET I 44 51.23 -14.31 -29.57
C MET I 44 50.51 -15.65 -29.70
N LEU I 45 49.70 -15.81 -30.74
CA LEU I 45 48.94 -17.05 -30.89
C LEU I 45 49.82 -18.23 -31.29
N ASN I 46 50.73 -18.02 -32.25
CA ASN I 46 51.56 -19.10 -32.76
C ASN I 46 52.62 -19.58 -31.77
N THR I 47 52.86 -18.83 -30.70
CA THR I 47 53.86 -19.25 -29.71
C THR I 47 53.28 -20.22 -28.69
N VAL I 48 51.97 -20.47 -28.71
CA VAL I 48 51.37 -21.40 -27.77
C VAL I 48 51.83 -22.81 -28.10
N GLY I 49 52.33 -23.52 -27.10
CA GLY I 49 52.77 -24.89 -27.26
C GLY I 49 51.68 -25.86 -26.80
N GLY I 50 51.49 -26.91 -27.59
CA GLY I 50 50.43 -27.85 -27.29
C GLY I 50 49.06 -27.25 -27.59
N HIS I 51 48.04 -27.93 -27.06
CA HIS I 51 46.65 -27.52 -27.22
C HIS I 51 46.30 -27.34 -28.70
N GLN I 52 46.64 -28.35 -29.49
CA GLN I 52 46.41 -28.27 -30.94
C GLN I 52 44.92 -28.16 -31.25
N ALA I 53 44.08 -28.89 -30.51
CA ALA I 53 42.65 -28.80 -30.73
C ALA I 53 42.12 -27.40 -30.44
N ALA I 54 42.55 -26.80 -29.32
CA ALA I 54 42.12 -25.45 -28.98
C ALA I 54 42.59 -24.45 -30.02
N MET I 55 43.83 -24.60 -30.50
CA MET I 55 44.32 -23.72 -31.56
C MET I 55 43.51 -23.89 -32.83
N GLN I 56 43.09 -25.12 -33.13
CA GLN I 56 42.26 -25.35 -34.31
C GLN I 56 40.91 -24.66 -34.17
N MET I 57 40.28 -24.76 -33.00
CA MET I 57 39.01 -24.06 -32.79
C MET I 57 39.19 -22.55 -32.90
N LEU I 58 40.28 -22.02 -32.34
CA LEU I 58 40.55 -20.59 -32.43
C LEU I 58 40.73 -20.15 -33.88
N LYS I 59 41.47 -20.94 -34.66
CA LYS I 59 41.66 -20.63 -36.07
C LYS I 59 40.35 -20.69 -36.84
N GLU I 60 39.51 -21.67 -36.51
CA GLU I 60 38.20 -21.75 -37.16
C GLU I 60 37.34 -20.53 -36.85
N THR I 61 37.33 -20.10 -35.59
CA THR I 61 36.58 -18.91 -35.22
C THR I 61 37.12 -17.67 -35.91
N ILE I 62 38.44 -17.55 -36.00
CA ILE I 62 39.06 -16.40 -36.66
C ILE I 62 38.68 -16.39 -38.14
N ASN I 63 38.71 -17.56 -38.78
CA ASN I 63 38.34 -17.65 -40.19
C ASN I 63 36.86 -17.30 -40.38
N GLU I 64 35.99 -17.75 -39.47
CA GLU I 64 34.59 -17.39 -39.55
C GLU I 64 34.39 -15.89 -39.46
N GLU I 65 35.08 -15.24 -38.50
CA GLU I 65 34.95 -13.81 -38.35
C GLU I 65 35.50 -13.06 -39.55
N ALA I 66 36.61 -13.53 -40.12
CA ALA I 66 37.16 -12.89 -41.31
C ALA I 66 36.22 -13.05 -42.50
N ALA I 67 35.60 -14.23 -42.65
CA ALA I 67 34.64 -14.43 -43.73
C ALA I 67 33.42 -13.52 -43.56
N GLU I 68 32.94 -13.38 -42.33
CA GLU I 68 31.81 -12.49 -42.09
C GLU I 68 32.18 -11.04 -42.37
N TRP I 69 33.39 -10.63 -42.01
CA TRP I 69 33.85 -9.29 -42.34
C TRP I 69 33.90 -9.08 -43.85
N ASP I 70 34.41 -10.07 -44.59
CA ASP I 70 34.45 -9.96 -46.04
C ASP I 70 33.05 -9.88 -46.63
N ARG I 71 32.12 -10.67 -46.09
CA ARG I 71 30.75 -10.65 -46.58
C ARG I 71 30.09 -9.29 -46.34
N VAL I 72 30.20 -8.76 -45.12
CA VAL I 72 29.54 -7.51 -44.79
C VAL I 72 30.21 -6.33 -45.48
N HIS I 73 31.55 -6.33 -45.54
CA HIS I 73 32.28 -5.18 -46.05
C HIS I 73 32.60 -5.38 -47.52
N PRO I 74 32.03 -4.59 -48.43
CA PRO I 74 32.39 -4.72 -49.84
C PRO I 74 33.79 -4.22 -50.12
N VAL I 75 34.38 -4.73 -51.18
CA VAL I 75 35.72 -4.34 -51.61
C VAL I 75 35.60 -3.44 -52.83
N HIS I 76 36.22 -2.26 -52.74
CA HIS I 76 36.21 -1.32 -53.85
C HIS I 76 37.33 -1.65 -54.83
N ALA I 77 36.99 -1.64 -56.12
CA ALA I 77 37.92 -2.03 -57.18
C ALA I 77 38.62 -0.84 -57.82
N GLY I 78 38.41 0.37 -57.30
CA GLY I 78 39.03 1.55 -57.85
C GLY I 78 40.09 2.13 -56.94
N PRO I 79 41.36 1.97 -57.32
CA PRO I 79 42.45 2.58 -56.54
C PRO I 79 42.34 4.10 -56.54
N ILE I 80 42.73 4.70 -55.42
CA ILE I 80 42.72 6.15 -55.26
C ILE I 80 44.14 6.59 -54.95
N ALA I 81 44.69 7.47 -55.79
CA ALA I 81 46.10 7.85 -55.64
C ALA I 81 46.35 8.69 -54.39
N PRO I 82 45.64 9.80 -54.15
CA PRO I 82 45.85 10.53 -52.88
C PRO I 82 45.33 9.71 -51.71
N GLY I 83 46.15 9.63 -50.66
CA GLY I 83 45.80 8.78 -49.53
C GLY I 83 45.68 7.33 -49.92
N GLN I 84 46.62 6.83 -50.72
CA GLN I 84 46.53 5.48 -51.27
C GLN I 84 46.77 4.46 -50.16
N MET I 85 45.69 3.87 -49.66
CA MET I 85 45.78 2.82 -48.66
C MET I 85 44.57 1.92 -48.83
N ARG I 86 44.81 0.68 -49.25
CA ARG I 86 43.71 -0.22 -49.59
C ARG I 86 42.86 -0.53 -48.36
N GLU I 87 41.58 -0.79 -48.60
CA GLU I 87 40.68 -1.15 -47.51
C GLU I 87 40.98 -2.57 -47.04
N PRO I 88 41.24 -2.78 -45.75
CA PRO I 88 41.59 -4.12 -45.27
C PRO I 88 40.47 -5.12 -45.48
N ARG I 89 40.85 -6.35 -45.80
CA ARG I 89 39.92 -7.47 -45.87
C ARG I 89 39.97 -8.27 -44.57
N GLY I 90 39.25 -9.39 -44.54
CA GLY I 90 39.28 -10.23 -43.35
C GLY I 90 40.65 -10.83 -43.08
N SER I 91 41.27 -11.36 -44.13
CA SER I 91 42.62 -11.89 -43.98
C SER I 91 43.62 -10.79 -43.67
N ASP I 92 43.39 -9.58 -44.19
CA ASP I 92 44.26 -8.46 -43.88
C ASP I 92 44.19 -8.10 -42.40
N ILE I 93 42.99 -8.10 -41.83
CA ILE I 93 42.85 -7.86 -40.39
C ILE I 93 43.48 -9.00 -39.61
N ALA I 94 43.29 -10.25 -40.06
CA ALA I 94 43.90 -11.39 -39.40
C ALA I 94 45.42 -11.43 -39.57
N GLY I 95 45.97 -10.59 -40.44
CA GLY I 95 47.41 -10.55 -40.64
C GLY I 95 47.95 -11.60 -41.58
N THR I 96 47.10 -12.39 -42.22
CA THR I 96 47.59 -13.43 -43.11
C THR I 96 48.10 -12.85 -44.42
N THR I 97 47.42 -11.83 -44.96
CA THR I 97 47.80 -11.24 -46.24
C THR I 97 48.21 -9.77 -46.11
N SER I 98 48.49 -9.30 -44.90
CA SER I 98 48.90 -7.92 -44.67
C SER I 98 50.29 -7.88 -44.07
N THR I 99 51.02 -6.81 -44.37
CA THR I 99 52.34 -6.58 -43.80
C THR I 99 52.24 -5.68 -42.59
N LEU I 100 53.32 -5.63 -41.81
CA LEU I 100 53.34 -4.82 -40.60
C LEU I 100 53.17 -3.33 -40.94
N GLN I 101 53.77 -2.89 -42.03
CA GLN I 101 53.63 -1.49 -42.44
C GLN I 101 52.17 -1.15 -42.74
N GLU I 102 51.47 -2.05 -43.45
CA GLU I 102 50.07 -1.80 -43.76
C GLU I 102 49.21 -1.77 -42.51
N GLN I 103 49.46 -2.67 -41.57
CA GLN I 103 48.71 -2.66 -40.31
C GLN I 103 48.96 -1.38 -39.52
N ILE I 104 50.22 -0.93 -39.48
CA ILE I 104 50.53 0.32 -38.79
C ILE I 104 49.84 1.49 -39.48
N GLY I 105 49.85 1.50 -40.81
CA GLY I 105 49.16 2.55 -41.54
C GLY I 105 47.68 2.59 -41.24
N TRP I 106 47.03 1.42 -41.23
CA TRP I 106 45.61 1.37 -40.88
C TRP I 106 45.37 1.85 -39.46
N MET I 107 46.23 1.45 -38.53
CA MET I 107 46.08 1.86 -37.14
C MET I 107 46.45 3.32 -36.91
N THR I 108 47.07 3.98 -37.88
CA THR I 108 47.54 5.35 -37.73
C THR I 108 46.81 6.34 -38.62
N ASN I 109 46.44 5.95 -39.84
CA ASN I 109 45.81 6.86 -40.79
C ASN I 109 44.52 7.44 -40.21
N ASN I 110 44.13 8.59 -40.75
CA ASN I 110 42.92 9.28 -40.33
C ASN I 110 41.84 9.13 -41.39
N PRO I 111 40.68 8.52 -41.07
CA PRO I 111 40.28 7.97 -39.77
C PRO I 111 40.92 6.61 -39.51
N PRO I 112 41.19 6.29 -38.24
CA PRO I 112 41.85 5.02 -37.93
C PRO I 112 40.98 3.82 -38.27
N ILE I 113 41.64 2.74 -38.69
CA ILE I 113 40.98 1.45 -38.87
C ILE I 113 41.59 0.49 -37.87
N PRO I 114 40.96 0.27 -36.72
CA PRO I 114 41.59 -0.54 -35.65
C PRO I 114 41.66 -2.01 -36.01
N VAL I 115 42.55 -2.34 -36.96
CA VAL I 115 42.71 -3.73 -37.38
C VAL I 115 43.16 -4.59 -36.21
N GLY I 116 44.05 -4.06 -35.38
CA GLY I 116 44.45 -4.78 -34.17
C GLY I 116 43.28 -5.02 -33.24
N GLU I 117 42.44 -4.00 -33.05
CA GLU I 117 41.28 -4.16 -32.18
C GLU I 117 40.29 -5.20 -32.71
N ILE I 118 40.02 -5.16 -34.02
CA ILE I 118 39.10 -6.11 -34.62
C ILE I 118 39.66 -7.53 -34.51
N TYR I 119 40.94 -7.70 -34.81
CA TYR I 119 41.55 -9.02 -34.69
C TYR I 119 41.54 -9.49 -33.24
N LYS I 120 41.78 -8.59 -32.29
CA LYS I 120 41.72 -8.95 -30.88
C LYS I 120 40.32 -9.40 -30.49
N ARG I 121 39.30 -8.72 -30.99
CA ARG I 121 37.93 -9.14 -30.71
C ARG I 121 37.64 -10.53 -31.28
N TRP I 122 38.12 -10.79 -32.51
CA TRP I 122 37.96 -12.11 -33.10
C TRP I 122 38.65 -13.18 -32.25
N ILE I 123 39.88 -12.89 -31.81
CA ILE I 123 40.62 -13.85 -30.99
C ILE I 123 39.93 -14.07 -29.65
N ILE I 124 39.34 -13.02 -29.09
CA ILE I 124 38.63 -13.17 -27.82
C ILE I 124 37.38 -14.03 -28.01
N LEU I 125 36.69 -13.87 -29.15
CA LEU I 125 35.56 -14.75 -29.44
C LEU I 125 36.02 -16.19 -29.54
N GLY I 126 37.14 -16.43 -30.22
CA GLY I 126 37.68 -17.77 -30.30
C GLY I 126 38.06 -18.34 -28.94
N LEU I 127 38.67 -17.51 -28.10
CA LEU I 127 39.07 -17.94 -26.76
C LEU I 127 37.86 -18.27 -25.90
N ASN I 128 36.80 -17.47 -26.00
CA ASN I 128 35.56 -17.77 -25.28
C ASN I 128 34.98 -19.10 -25.75
N LYS I 129 34.99 -19.34 -27.06
CA LYS I 129 34.55 -20.63 -27.58
C LYS I 129 35.40 -21.76 -27.04
N ILE I 130 36.71 -21.55 -26.93
CA ILE I 130 37.61 -22.56 -26.40
C ILE I 130 37.26 -22.87 -24.95
N VAL I 131 37.08 -21.83 -24.13
CA VAL I 131 36.73 -22.02 -22.73
C VAL I 131 35.41 -22.77 -22.60
N ARG I 132 34.46 -22.46 -23.48
CA ARG I 132 33.17 -23.15 -23.44
C ARG I 132 33.32 -24.62 -23.83
N MET I 133 34.10 -24.91 -24.86
CA MET I 133 34.07 -26.21 -25.52
C MET I 133 35.26 -27.10 -25.24
N TYR I 134 36.43 -26.55 -24.94
CA TYR I 134 37.66 -27.31 -24.86
C TYR I 134 37.94 -27.76 -23.44
N SER I 135 38.33 -29.03 -23.29
CA SER I 135 38.77 -29.58 -22.02
C SER I 135 40.15 -30.20 -22.21
N PRO I 136 41.19 -29.63 -21.61
CA PRO I 136 42.53 -30.17 -21.83
C PRO I 136 42.69 -31.56 -21.24
N THR I 137 43.54 -32.36 -21.87
CA THR I 137 43.84 -33.71 -21.41
C THR I 137 45.07 -33.69 -20.51
N SER I 138 45.10 -34.61 -19.55
CA SER I 138 46.19 -34.72 -18.61
C SER I 138 46.58 -36.17 -18.45
N ILE I 139 47.80 -36.37 -17.92
CA ILE I 139 48.26 -37.73 -17.62
C ILE I 139 47.38 -38.38 -16.56
N LEU I 140 46.71 -37.58 -15.74
CA LEU I 140 45.78 -38.11 -14.75
C LEU I 140 44.54 -38.75 -15.38
N ASP I 141 44.22 -38.40 -16.63
CA ASP I 141 43.04 -38.91 -17.30
C ASP I 141 43.32 -40.15 -18.15
N ILE I 142 44.57 -40.58 -18.25
CA ILE I 142 44.93 -41.74 -19.07
C ILE I 142 44.63 -42.99 -18.25
N ARG I 143 43.53 -43.67 -18.58
CA ARG I 143 43.13 -44.90 -17.92
C ARG I 143 43.04 -46.02 -18.95
N GLN I 144 43.34 -47.23 -18.51
CA GLN I 144 43.24 -48.39 -19.39
C GLN I 144 41.79 -48.76 -19.63
N GLY I 145 41.46 -49.04 -20.89
CA GLY I 145 40.15 -49.52 -21.24
C GLY I 145 39.93 -50.92 -20.73
N PRO I 146 38.66 -51.31 -20.56
CA PRO I 146 38.38 -52.67 -20.07
C PRO I 146 38.91 -53.76 -20.96
N LYS I 147 38.95 -53.54 -22.28
CA LYS I 147 39.47 -54.51 -23.22
C LYS I 147 40.74 -54.03 -23.92
N GLU I 148 41.34 -52.96 -23.44
CA GLU I 148 42.52 -52.41 -24.09
C GLU I 148 43.76 -53.21 -23.72
N PRO I 149 44.59 -53.60 -24.68
CA PRO I 149 45.84 -54.26 -24.35
C PRO I 149 46.73 -53.37 -23.50
N PHE I 150 47.50 -54.01 -22.61
CA PHE I 150 48.36 -53.26 -21.70
C PHE I 150 49.46 -52.52 -22.45
N ARG I 151 49.96 -53.08 -23.55
CA ARG I 151 50.96 -52.38 -24.35
C ARG I 151 50.41 -51.09 -24.93
N ASP I 152 49.18 -51.13 -25.44
CA ASP I 152 48.55 -49.92 -25.98
C ASP I 152 48.35 -48.88 -24.88
N TYR I 153 47.91 -49.32 -23.69
CA TYR I 153 47.75 -48.40 -22.58
C TYR I 153 49.08 -47.77 -22.18
N VAL I 154 50.15 -48.56 -22.14
CA VAL I 154 51.46 -48.03 -21.80
C VAL I 154 51.93 -47.03 -22.84
N ASP I 155 51.71 -47.33 -24.12
CA ASP I 155 52.09 -46.40 -25.17
C ASP I 155 51.32 -45.08 -25.05
N ARG I 156 50.01 -45.17 -24.79
CA ARG I 156 49.21 -43.96 -24.60
C ARG I 156 49.70 -43.17 -23.39
N PHE I 157 50.00 -43.86 -22.29
CA PHE I 157 50.46 -43.18 -21.08
C PHE I 157 51.79 -42.46 -21.32
N TYR I 158 52.72 -43.13 -22.00
CA TYR I 158 54.02 -42.49 -22.25
C TYR I 158 53.91 -41.36 -23.26
N LYS I 159 53.02 -41.49 -24.25
CA LYS I 159 52.82 -40.40 -25.20
C LYS I 159 52.22 -39.19 -24.52
N THR I 160 51.29 -39.40 -23.58
CA THR I 160 50.74 -38.28 -22.83
C THR I 160 51.77 -37.70 -21.88
N LEU I 161 52.63 -38.55 -21.31
CA LEU I 161 53.66 -38.07 -20.38
C LEU I 161 54.69 -37.20 -21.10
N ARG I 162 55.07 -37.60 -22.32
CA ARG I 162 56.03 -36.80 -23.08
C ARG I 162 55.53 -35.40 -23.37
N ALA I 163 54.21 -35.20 -23.45
CA ALA I 163 53.63 -33.89 -23.68
C ALA I 163 53.25 -33.17 -22.40
N GLU I 164 53.40 -33.81 -21.25
CA GLU I 164 53.06 -33.18 -19.98
C GLU I 164 54.10 -32.12 -19.62
N GLN I 165 53.62 -31.02 -19.06
CA GLN I 165 54.49 -29.93 -18.63
C GLN I 165 54.88 -30.18 -17.18
N ALA I 166 56.02 -30.83 -17.00
CA ALA I 166 56.51 -31.18 -15.66
C ALA I 166 57.98 -31.52 -15.76
N SER I 167 58.65 -31.52 -14.61
CA SER I 167 60.06 -31.86 -14.56
C SER I 167 60.25 -33.37 -14.73
N GLN I 168 61.49 -33.75 -15.04
CA GLN I 168 61.79 -35.16 -15.28
C GLN I 168 61.53 -36.01 -14.04
N GLU I 169 61.94 -35.51 -12.87
CA GLU I 169 61.70 -36.24 -11.63
C GLU I 169 60.21 -36.42 -11.38
N VAL I 170 59.43 -35.37 -11.61
CA VAL I 170 57.98 -35.46 -11.48
C VAL I 170 57.42 -36.47 -12.48
N LYS I 171 57.99 -36.51 -13.69
CA LYS I 171 57.52 -37.45 -14.69
C LYS I 171 57.78 -38.90 -14.28
N ASN I 172 58.97 -39.18 -13.73
CA ASN I 172 59.22 -40.52 -13.21
C ASN I 172 58.33 -40.86 -12.03
N TRP I 173 58.04 -39.87 -11.18
CA TRP I 173 57.10 -40.11 -10.08
C TRP I 173 55.71 -40.46 -10.61
N MET I 174 55.27 -39.74 -11.64
CA MET I 174 53.98 -40.05 -12.27
C MET I 174 53.98 -41.44 -12.89
N THR I 175 55.09 -41.82 -13.53
CA THR I 175 55.20 -43.16 -14.09
C THR I 175 55.09 -44.22 -13.01
N GLU I 176 55.75 -44.01 -11.88
CA GLU I 176 55.74 -44.99 -10.81
C GLU I 176 54.44 -44.99 -10.00
N THR I 177 53.66 -43.92 -10.06
CA THR I 177 52.46 -43.81 -9.24
C THR I 177 51.16 -44.02 -10.00
N LEU I 178 51.12 -43.73 -11.30
CA LEU I 178 49.87 -43.68 -12.04
C LEU I 178 49.70 -44.81 -13.05
N LEU I 179 50.79 -45.32 -13.62
CA LEU I 179 50.67 -46.32 -14.69
C LEU I 179 49.98 -47.59 -14.17
N VAL I 180 50.40 -48.07 -13.00
CA VAL I 180 49.77 -49.26 -12.43
C VAL I 180 48.40 -48.90 -11.86
N GLN I 181 48.29 -47.73 -11.22
CA GLN I 181 47.05 -47.38 -10.54
C GLN I 181 45.89 -47.20 -11.51
N ASN I 182 46.17 -46.61 -12.68
CA ASN I 182 45.13 -46.34 -13.67
C ASN I 182 44.96 -47.46 -14.68
N ALA I 183 45.36 -48.68 -14.33
CA ALA I 183 45.14 -49.83 -15.19
C ALA I 183 43.81 -50.49 -14.86
N ASN I 184 43.28 -51.25 -15.81
CA ASN I 184 42.02 -51.94 -15.58
C ASN I 184 42.21 -53.05 -14.55
N PRO I 185 41.13 -53.46 -13.88
CA PRO I 185 41.28 -54.47 -12.81
C PRO I 185 41.93 -55.76 -13.26
N ASP I 186 41.67 -56.20 -14.49
CA ASP I 186 42.26 -57.45 -14.99
C ASP I 186 43.78 -57.36 -15.02
N CYS I 187 44.31 -56.24 -15.53
CA CYS I 187 45.76 -56.06 -15.51
C CYS I 187 46.27 -55.65 -14.14
N LYS I 188 45.47 -54.89 -13.37
CA LYS I 188 45.91 -54.43 -12.07
C LYS I 188 46.11 -55.60 -11.11
N THR I 189 45.27 -56.63 -11.20
CA THR I 189 45.45 -57.80 -10.36
C THR I 189 46.80 -58.47 -10.63
N ILE I 190 47.15 -58.61 -11.91
CA ILE I 190 48.43 -59.22 -12.26
C ILE I 190 49.60 -58.34 -11.81
N LEU I 191 49.48 -57.03 -11.98
CA LEU I 191 50.54 -56.13 -11.57
C LEU I 191 50.74 -56.14 -10.06
N LYS I 192 49.65 -56.21 -9.30
CA LYS I 192 49.76 -56.32 -7.86
C LYS I 192 50.34 -57.66 -7.44
N ALA I 193 50.03 -58.72 -8.19
CA ALA I 193 50.66 -60.01 -7.93
C ALA I 193 52.17 -59.94 -8.12
N LEU I 194 52.61 -59.20 -9.13
CA LEU I 194 54.04 -58.96 -9.32
C LEU I 194 54.56 -58.06 -8.20
N GLY I 195 55.86 -58.14 -7.98
CA GLY I 195 56.51 -57.35 -6.95
C GLY I 195 56.50 -55.86 -7.27
N PRO I 196 56.57 -55.02 -6.25
CA PRO I 196 56.62 -53.57 -6.48
C PRO I 196 57.86 -53.12 -7.22
N ALA I 197 58.92 -53.93 -7.24
CA ALA I 197 60.16 -53.59 -7.91
C ALA I 197 60.21 -54.10 -9.35
N ALA I 198 59.10 -54.60 -9.88
CA ALA I 198 59.08 -55.12 -11.24
C ALA I 198 59.32 -53.99 -12.24
N THR I 199 60.10 -54.29 -13.27
CA THR I 199 60.42 -53.32 -14.30
C THR I 199 59.26 -53.19 -15.29
N LEU I 200 59.40 -52.24 -16.22
CA LEU I 200 58.36 -52.05 -17.24
C LEU I 200 58.24 -53.27 -18.15
N GLU I 201 59.38 -53.87 -18.52
CA GLU I 201 59.35 -55.04 -19.38
C GLU I 201 58.67 -56.23 -18.69
N GLU I 202 58.97 -56.45 -17.41
CA GLU I 202 58.32 -57.52 -16.67
C GLU I 202 56.82 -57.24 -16.52
N MET I 203 56.46 -55.99 -16.26
CA MET I 203 55.05 -55.62 -16.13
C MET I 203 54.31 -55.86 -17.44
N MET I 204 54.94 -55.51 -18.57
CA MET I 204 54.32 -55.73 -19.87
C MET I 204 54.20 -57.21 -20.19
N THR I 205 55.23 -58.00 -19.89
CA THR I 205 55.18 -59.42 -20.17
C THR I 205 54.12 -60.11 -19.32
N ALA I 206 53.98 -59.70 -18.05
CA ALA I 206 53.00 -60.32 -17.17
C ALA I 206 51.58 -60.07 -17.65
N CYS I 207 51.34 -58.95 -18.33
CA CYS I 207 50.01 -58.61 -18.83
C CYS I 207 49.87 -58.86 -20.32
N GLN I 208 50.85 -59.53 -20.94
CA GLN I 208 50.82 -59.76 -22.38
C GLN I 208 49.67 -60.66 -22.82
N GLY I 209 49.12 -61.46 -21.92
CA GLY I 209 48.08 -62.40 -22.30
C GLY I 209 46.72 -62.09 -21.72
N VAL I 210 46.54 -60.88 -21.19
CA VAL I 210 45.24 -60.50 -20.65
C VAL I 210 44.26 -60.32 -21.80
N GLY I 211 43.10 -60.96 -21.68
CA GLY I 211 42.14 -60.98 -22.75
C GLY I 211 42.33 -62.08 -23.76
N GLY I 212 43.40 -62.86 -23.65
CA GLY I 212 43.63 -63.99 -24.51
C GLY I 212 42.84 -65.20 -24.07
N PRO I 213 42.87 -66.27 -24.87
CA PRO I 213 42.12 -67.48 -24.50
C PRO I 213 42.53 -68.06 -23.15
N GLY I 214 43.84 -68.15 -22.90
CA GLY I 214 44.31 -68.77 -21.68
C GLY I 214 43.90 -67.99 -20.44
N HIS I 215 44.09 -66.67 -20.47
CA HIS I 215 43.76 -65.85 -19.31
C HIS I 215 42.25 -65.84 -19.06
N LYS I 216 41.46 -65.73 -20.11
CA LYS I 216 40.00 -65.75 -19.96
C LYS I 216 39.53 -67.09 -19.40
N ALA I 217 40.08 -68.18 -19.91
CA ALA I 217 39.74 -69.49 -19.37
C ALA I 217 40.14 -69.59 -17.91
N ARG I 218 41.31 -69.04 -17.55
N ARG I 218 41.31 -69.04 -17.55
CA ARG I 218 41.77 -69.12 -16.16
CA ARG I 218 41.77 -69.11 -16.17
C ARG I 218 40.85 -68.36 -15.22
C ARG I 218 40.84 -68.36 -15.22
N VAL I 219 40.45 -67.14 -15.60
CA VAL I 219 39.59 -66.36 -14.71
C VAL I 219 38.20 -66.99 -14.63
N LEU I 220 37.69 -67.49 -15.76
CA LEU I 220 36.39 -68.15 -15.73
C LEU I 220 36.43 -69.39 -14.85
N ALA I 221 37.49 -70.18 -14.95
CA ALA I 221 37.63 -71.37 -14.11
C ALA I 221 37.76 -70.99 -12.64
N GLU I 222 38.48 -69.91 -12.34
CA GLU I 222 38.61 -69.47 -10.95
C GLU I 222 37.26 -69.09 -10.37
N ALA I 223 36.47 -68.31 -11.13
CA ALA I 223 35.14 -67.93 -10.66
C ALA I 223 34.23 -69.13 -10.50
N MET I 224 34.26 -70.06 -11.47
CA MET I 224 33.44 -71.25 -11.38
C MET I 224 33.83 -72.10 -10.16
N SER I 225 35.13 -72.25 -9.92
CA SER I 225 35.58 -73.01 -8.76
C SER I 225 35.16 -72.34 -7.46
N GLN I 226 35.24 -71.01 -7.41
CA GLN I 226 34.81 -70.30 -6.20
C GLN I 226 33.33 -70.56 -5.93
N VAL I 227 32.48 -70.41 -6.94
CA VAL I 227 31.05 -70.55 -6.71
C VAL I 227 30.68 -72.02 -6.50
N ILE I 228 31.50 -72.96 -6.98
CA ILE I 228 31.22 -74.36 -6.74
C ILE I 228 31.62 -74.75 -5.32
N ASN I 229 32.81 -74.33 -4.87
CA ASN I 229 33.23 -74.58 -3.50
C ASN I 229 32.31 -73.87 -2.50
N SER I 230 31.68 -72.78 -2.92
CA SER I 230 30.67 -72.14 -2.07
C SER I 230 29.50 -73.09 -1.82
N ALA I 231 29.09 -73.83 -2.85
CA ALA I 231 28.01 -74.80 -2.72
C ALA I 231 28.51 -76.08 -2.07
N HIS J 1 -5.99 3.19 -50.64
CA HIS J 1 -5.68 2.60 -49.35
C HIS J 1 -6.58 1.41 -49.05
N GLN J 2 -5.98 0.21 -49.01
CA GLN J 2 -6.73 -1.01 -48.73
C GLN J 2 -6.83 -1.19 -47.22
N ALA J 3 -7.80 -0.49 -46.63
CA ALA J 3 -8.04 -0.61 -45.20
C ALA J 3 -8.55 -2.01 -44.87
N ILE J 4 -8.34 -2.42 -43.62
CA ILE J 4 -8.71 -3.77 -43.21
C ILE J 4 -10.21 -3.93 -43.28
N SER J 5 -10.66 -5.04 -43.88
CA SER J 5 -12.07 -5.30 -44.06
C SER J 5 -12.70 -5.78 -42.74
N PRO J 6 -14.00 -5.56 -42.57
CA PRO J 6 -14.66 -6.05 -41.36
C PRO J 6 -14.55 -7.56 -41.17
N ARG J 7 -14.62 -8.32 -42.25
CA ARG J 7 -14.50 -9.77 -42.14
C ARG J 7 -13.11 -10.18 -41.67
N THR J 8 -12.07 -9.53 -42.21
CA THR J 8 -10.70 -9.84 -41.78
C THR J 8 -10.51 -9.52 -40.30
N LEU J 9 -11.00 -8.36 -39.86
CA LEU J 9 -10.83 -7.97 -38.46
C LEU J 9 -11.60 -8.89 -37.53
N ASN J 10 -12.83 -9.25 -37.92
CA ASN J 10 -13.60 -10.19 -37.11
C ASN J 10 -12.95 -11.56 -37.07
N ALA J 11 -12.37 -12.00 -38.19
CA ALA J 11 -11.66 -13.27 -38.21
C ALA J 11 -10.46 -13.23 -37.28
N TRP J 12 -9.74 -12.11 -37.25
CA TRP J 12 -8.64 -11.95 -36.30
C TRP J 12 -9.13 -12.04 -34.87
N VAL J 13 -10.26 -11.39 -34.57
CA VAL J 13 -10.81 -11.44 -33.21
C VAL J 13 -11.19 -12.86 -32.83
N LYS J 14 -11.85 -13.59 -33.75
CA LYS J 14 -12.21 -14.97 -33.46
C LYS J 14 -10.99 -15.86 -33.32
N VAL J 15 -9.95 -15.61 -34.11
CA VAL J 15 -8.72 -16.38 -33.98
C VAL J 15 -8.12 -16.19 -32.58
N VAL J 16 -8.04 -14.93 -32.14
CA VAL J 16 -7.49 -14.65 -30.82
C VAL J 16 -8.33 -15.29 -29.73
N GLU J 17 -9.66 -15.21 -29.84
CA GLU J 17 -10.51 -15.73 -28.78
C GLU J 17 -10.51 -17.27 -28.77
N GLU J 18 -10.48 -17.90 -29.94
CA GLU J 18 -10.51 -19.35 -30.03
C GLU J 18 -9.18 -19.98 -29.64
N LYS J 19 -8.07 -19.42 -30.09
N LYS J 19 -8.07 -19.41 -30.09
CA LYS J 19 -6.76 -20.00 -29.83
CA LYS J 19 -6.76 -19.97 -29.84
C LYS J 19 -6.08 -19.39 -28.62
C LYS J 19 -6.08 -19.40 -28.61
N ALA J 20 -6.72 -18.47 -27.91
CA ALA J 20 -6.12 -17.74 -26.78
C ALA J 20 -4.87 -17.05 -27.35
N PHE J 21 -3.69 -17.29 -26.80
CA PHE J 21 -2.48 -16.76 -27.41
C PHE J 21 -1.47 -17.87 -27.67
N SER J 22 -1.94 -18.96 -28.27
CA SER J 22 -1.07 -20.03 -28.72
C SER J 22 -0.24 -19.54 -29.91
N PRO J 23 0.85 -20.25 -30.24
CA PRO J 23 1.68 -19.79 -31.37
C PRO J 23 0.92 -19.61 -32.66
N GLU J 24 -0.21 -20.31 -32.82
CA GLU J 24 -1.00 -20.22 -34.04
C GLU J 24 -1.46 -18.81 -34.36
N VAL J 25 -1.50 -17.92 -33.37
CA VAL J 25 -1.94 -16.56 -33.63
C VAL J 25 -0.91 -15.82 -34.48
N ILE J 26 0.37 -16.16 -34.34
CA ILE J 26 1.41 -15.44 -35.10
C ILE J 26 1.28 -15.63 -36.60
N PRO J 27 1.15 -16.85 -37.13
CA PRO J 27 0.95 -16.98 -38.58
C PRO J 27 -0.31 -16.31 -39.09
N MET J 28 -1.39 -16.36 -38.30
CA MET J 28 -2.64 -15.75 -38.74
C MET J 28 -2.52 -14.24 -38.79
N PHE J 29 -1.96 -13.64 -37.73
CA PHE J 29 -1.77 -12.20 -37.70
C PHE J 29 -1.00 -11.70 -38.91
N SER J 30 0.17 -12.30 -39.15
CA SER J 30 0.96 -11.93 -40.32
C SER J 30 0.19 -12.12 -41.61
N ALA J 31 -0.70 -13.12 -41.64
CA ALA J 31 -1.50 -13.34 -42.84
C ALA J 31 -2.63 -12.34 -42.98
N LEU J 32 -3.14 -11.82 -41.88
CA LEU J 32 -4.30 -10.93 -41.90
C LEU J 32 -3.91 -9.46 -41.87
N SER J 33 -2.61 -9.15 -41.79
CA SER J 33 -2.17 -7.77 -41.69
C SER J 33 -1.12 -7.42 -42.75
N GLU J 34 -1.03 -8.21 -43.81
CA GLU J 34 0.00 -8.00 -44.81
C GLU J 34 -0.38 -6.81 -45.69
N GLY J 35 0.43 -5.76 -45.66
CA GLY J 35 0.12 -4.51 -46.31
C GLY J 35 -0.63 -3.51 -45.47
N ALA J 36 -0.83 -3.80 -44.18
CA ALA J 36 -1.62 -2.94 -43.32
C ALA J 36 -0.81 -1.73 -42.85
N THR J 37 -1.51 -0.61 -42.68
CA THR J 37 -0.93 0.58 -42.09
C THR J 37 -0.84 0.42 -40.57
N PRO J 38 -0.04 1.25 -39.90
CA PRO J 38 -0.04 1.22 -38.42
C PRO J 38 -1.41 1.45 -37.81
N GLN J 39 -2.27 2.25 -38.45
CA GLN J 39 -3.63 2.43 -37.95
C GLN J 39 -4.42 1.14 -38.00
N ASP J 40 -4.31 0.39 -39.10
CA ASP J 40 -4.98 -0.90 -39.19
C ASP J 40 -4.45 -1.87 -38.15
N LEU J 41 -3.13 -1.86 -37.92
CA LEU J 41 -2.56 -2.74 -36.91
C LEU J 41 -3.05 -2.38 -35.52
N ASN J 42 -3.15 -1.08 -35.22
CA ASN J 42 -3.69 -0.65 -33.93
C ASN J 42 -5.15 -1.06 -33.79
N THR J 43 -5.92 -0.95 -34.87
CA THR J 43 -7.31 -1.39 -34.83
C THR J 43 -7.40 -2.89 -34.57
N MET J 44 -6.50 -3.66 -35.18
CA MET J 44 -6.43 -5.10 -34.93
C MET J 44 -6.13 -5.38 -33.46
N LEU J 45 -5.18 -4.65 -32.88
CA LEU J 45 -4.77 -4.92 -31.51
C LEU J 45 -5.83 -4.49 -30.51
N ASN J 46 -6.48 -3.34 -30.75
CA ASN J 46 -7.43 -2.79 -29.79
C ASN J 46 -8.75 -3.55 -29.77
N THR J 47 -9.04 -4.34 -30.80
CA THR J 47 -10.31 -5.06 -30.85
C THR J 47 -10.26 -6.39 -30.09
N VAL J 48 -9.09 -6.78 -29.57
CA VAL J 48 -8.99 -8.01 -28.80
C VAL J 48 -9.72 -7.85 -27.49
N GLY J 49 -10.61 -8.79 -27.19
CA GLY J 49 -11.38 -8.78 -25.96
C GLY J 49 -10.75 -9.70 -24.93
N GLY J 50 -10.67 -9.22 -23.69
CA GLY J 50 -10.02 -9.97 -22.64
C GLY J 50 -8.51 -9.98 -22.83
N HIS J 51 -7.87 -10.90 -22.12
CA HIS J 51 -6.42 -11.06 -22.17
C HIS J 51 -5.71 -9.74 -21.87
N GLN J 52 -6.15 -9.08 -20.80
CA GLN J 52 -5.60 -7.77 -20.46
C GLN J 52 -4.12 -7.84 -20.14
N ALA J 53 -3.70 -8.91 -19.44
CA ALA J 53 -2.28 -9.07 -19.13
C ALA J 53 -1.46 -9.24 -20.40
N ALA J 54 -1.95 -10.07 -21.34
CA ALA J 54 -1.23 -10.27 -22.59
C ALA J 54 -1.15 -8.97 -23.40
N MET J 55 -2.24 -8.21 -23.43
CA MET J 55 -2.23 -6.93 -24.14
C MET J 55 -1.26 -5.95 -23.47
N GLN J 56 -1.16 -6.02 -22.13
CA GLN J 56 -0.20 -5.18 -21.42
C GLN J 56 1.24 -5.54 -21.80
N MET J 57 1.54 -6.84 -21.87
CA MET J 57 2.88 -7.25 -22.29
C MET J 57 3.16 -6.83 -23.73
N LEU J 58 2.15 -6.94 -24.60
CA LEU J 58 2.32 -6.49 -25.98
C LEU J 58 2.60 -5.00 -26.04
N LYS J 59 1.88 -4.20 -25.26
CA LYS J 59 2.11 -2.76 -25.23
C LYS J 59 3.49 -2.44 -24.69
N GLU J 60 3.94 -3.17 -23.66
CA GLU J 60 5.28 -2.95 -23.13
C GLU J 60 6.34 -3.25 -24.17
N THR J 61 6.19 -4.37 -24.91
CA THR J 61 7.16 -4.70 -25.95
C THR J 61 7.16 -3.65 -27.05
N ILE J 62 5.97 -3.18 -27.45
CA ILE J 62 5.89 -2.15 -28.49
C ILE J 62 6.57 -0.87 -28.01
N ASN J 63 6.36 -0.51 -26.75
CA ASN J 63 6.98 0.69 -26.20
C ASN J 63 8.51 0.56 -26.18
N GLU J 64 9.02 -0.61 -25.78
CA GLU J 64 10.46 -0.83 -25.80
C GLU J 64 11.02 -0.73 -27.20
N GLU J 65 10.33 -1.31 -28.18
CA GLU J 65 10.79 -1.24 -29.57
C GLU J 65 10.79 0.19 -30.08
N ALA J 66 9.75 0.96 -29.74
CA ALA J 66 9.69 2.36 -30.15
C ALA J 66 10.80 3.17 -29.50
N ALA J 67 11.07 2.92 -28.21
CA ALA J 67 12.16 3.61 -27.53
C ALA J 67 13.50 3.29 -28.16
N GLU J 68 13.72 2.03 -28.52
CA GLU J 68 14.98 1.65 -29.17
C GLU J 68 15.10 2.29 -30.55
N TRP J 69 13.99 2.35 -31.29
CA TRP J 69 14.02 3.03 -32.59
C TRP J 69 14.36 4.50 -32.43
N ASP J 70 13.78 5.16 -31.41
CA ASP J 70 14.08 6.56 -31.18
C ASP J 70 15.54 6.75 -30.78
N ARG J 71 16.07 5.83 -29.96
CA ARG J 71 17.46 5.90 -29.55
C ARG J 71 18.40 5.76 -30.76
N VAL J 72 18.13 4.79 -31.63
CA VAL J 72 19.03 4.55 -32.75
C VAL J 72 18.89 5.64 -33.81
N HIS J 73 17.65 6.06 -34.10
CA HIS J 73 17.41 7.02 -35.16
C HIS J 73 17.28 8.42 -34.60
N PRO J 74 18.20 9.33 -34.88
CA PRO J 74 18.10 10.69 -34.35
C PRO J 74 17.10 11.53 -35.13
N VAL J 75 16.70 12.64 -34.52
CA VAL J 75 15.78 13.57 -35.17
C VAL J 75 16.56 14.54 -36.06
N HIS J 76 15.85 15.18 -36.98
CA HIS J 76 16.43 16.19 -37.85
C HIS J 76 15.99 17.58 -37.39
N ALA J 77 16.95 18.50 -37.30
CA ALA J 77 16.66 19.82 -36.76
C ALA J 77 15.92 20.71 -37.76
N GLY J 78 16.34 20.68 -39.02
CA GLY J 78 15.78 21.57 -40.02
C GLY J 78 14.80 20.88 -40.96
N PRO J 79 13.52 21.22 -40.82
CA PRO J 79 12.51 20.65 -41.74
C PRO J 79 12.72 21.14 -43.16
N ILE J 80 12.37 20.27 -44.11
CA ILE J 80 12.45 20.59 -45.53
C ILE J 80 11.01 20.70 -46.04
N ALA J 81 10.52 21.92 -46.18
CA ALA J 81 9.15 22.12 -46.66
C ALA J 81 8.94 21.64 -48.09
N PRO J 82 9.79 21.99 -49.08
CA PRO J 82 9.47 21.59 -50.46
C PRO J 82 9.77 20.12 -50.72
N GLY J 83 8.71 19.36 -51.03
CA GLY J 83 8.87 17.99 -51.46
C GLY J 83 9.53 17.07 -50.46
N GLN J 84 9.16 17.17 -49.18
CA GLN J 84 9.72 16.30 -48.16
C GLN J 84 8.71 16.14 -47.04
N MET J 85 8.87 15.06 -46.28
CA MET J 85 7.98 14.75 -45.17
C MET J 85 8.81 14.50 -43.92
N ARG J 86 8.16 14.64 -42.77
CA ARG J 86 8.82 14.43 -41.49
C ARG J 86 9.27 12.98 -41.35
N GLU J 87 10.47 12.79 -40.82
CA GLU J 87 10.98 11.44 -40.57
C GLU J 87 10.20 10.80 -39.43
N PRO J 88 9.66 9.61 -39.62
CA PRO J 88 8.87 8.97 -38.56
C PRO J 88 9.70 8.68 -37.31
N ARG J 89 9.05 8.80 -36.17
CA ARG J 89 9.62 8.43 -34.88
C ARG J 89 9.03 7.09 -34.43
N GLY J 90 9.38 6.68 -33.22
CA GLY J 90 8.85 5.43 -32.69
C GLY J 90 7.34 5.47 -32.50
N SER J 91 6.84 6.57 -31.93
CA SER J 91 5.39 6.70 -31.73
C SER J 91 4.67 6.86 -33.06
N ASP J 92 5.34 7.43 -34.07
CA ASP J 92 4.73 7.55 -35.39
C ASP J 92 4.59 6.18 -36.04
N ILE J 93 5.61 5.32 -35.90
CA ILE J 93 5.53 3.97 -36.43
C ILE J 93 4.47 3.18 -35.67
N ALA J 94 4.42 3.32 -34.35
CA ALA J 94 3.38 2.66 -33.57
C ALA J 94 1.99 3.25 -33.82
N GLY J 95 1.90 4.38 -34.51
CA GLY J 95 0.63 5.00 -34.82
C GLY J 95 0.05 5.84 -33.71
N THR J 96 0.75 5.99 -32.59
CA THR J 96 0.21 6.76 -31.48
C THR J 96 0.17 8.25 -31.81
N THR J 97 1.27 8.78 -32.36
CA THR J 97 1.37 10.19 -32.70
C THR J 97 1.44 10.40 -34.21
N SER J 98 0.74 9.58 -34.97
CA SER J 98 0.74 9.68 -36.43
C SER J 98 -0.68 9.57 -36.96
N THR J 99 -0.91 10.17 -38.11
CA THR J 99 -2.19 10.10 -38.80
C THR J 99 -2.10 9.12 -39.97
N LEU J 100 -3.27 8.67 -40.42
CA LEU J 100 -3.31 7.69 -41.51
C LEU J 100 -2.70 8.24 -42.78
N GLN J 101 -2.94 9.52 -43.08
CA GLN J 101 -2.37 10.12 -44.28
C GLN J 101 -0.84 10.12 -44.24
N GLU J 102 -0.27 10.46 -43.08
CA GLU J 102 1.18 10.43 -42.94
C GLU J 102 1.73 9.02 -43.11
N GLN J 103 1.03 8.03 -42.56
CA GLN J 103 1.46 6.64 -42.70
C GLN J 103 1.45 6.22 -44.17
N ILE J 104 0.37 6.54 -44.88
CA ILE J 104 0.31 6.18 -46.31
C ILE J 104 1.40 6.92 -47.08
N GLY J 105 1.66 8.17 -46.73
CA GLY J 105 2.75 8.90 -47.38
C GLY J 105 4.09 8.25 -47.16
N TRP J 106 4.34 7.76 -45.94
CA TRP J 106 5.61 7.08 -45.67
C TRP J 106 5.73 5.79 -46.45
N MET J 107 4.69 4.95 -46.43
CA MET J 107 4.79 3.69 -47.17
C MET J 107 4.63 3.86 -48.68
N THR J 108 4.33 5.06 -49.15
CA THR J 108 4.19 5.32 -50.58
C THR J 108 5.34 6.11 -51.18
N ASN J 109 5.94 7.03 -50.41
CA ASN J 109 7.01 7.88 -50.92
C ASN J 109 8.19 7.04 -51.41
N ASN J 110 9.03 7.67 -52.24
CA ASN J 110 10.25 7.05 -52.73
C ASN J 110 11.45 7.74 -52.12
N PRO J 111 12.30 7.04 -51.33
CA PRO J 111 12.21 5.63 -50.97
C PRO J 111 11.16 5.37 -49.88
N PRO J 112 10.50 4.21 -49.93
CA PRO J 112 9.45 3.93 -48.95
C PRO J 112 10.03 3.74 -47.55
N ILE J 113 9.24 4.13 -46.56
CA ILE J 113 9.54 3.83 -45.16
C ILE J 113 8.47 2.87 -44.67
N PRO J 114 8.74 1.57 -44.62
CA PRO J 114 7.70 0.59 -44.27
C PRO J 114 7.32 0.67 -42.79
N VAL J 115 6.62 1.75 -42.43
CA VAL J 115 6.19 1.91 -41.04
C VAL J 115 5.26 0.79 -40.63
N GLY J 116 4.39 0.35 -41.56
CA GLY J 116 3.55 -0.79 -41.28
C GLY J 116 4.34 -2.06 -41.04
N GLU J 117 5.39 -2.29 -41.85
CA GLU J 117 6.21 -3.48 -41.67
C GLU J 117 7.00 -3.43 -40.36
N ILE J 118 7.53 -2.26 -40.01
CA ILE J 118 8.27 -2.13 -38.75
C ILE J 118 7.34 -2.35 -37.56
N TYR J 119 6.14 -1.76 -37.62
CA TYR J 119 5.19 -1.97 -36.54
C TYR J 119 4.74 -3.43 -36.47
N LYS J 120 4.59 -4.08 -37.63
CA LYS J 120 4.27 -5.51 -37.63
C LYS J 120 5.37 -6.31 -36.96
N ARG J 121 6.63 -5.97 -37.24
CA ARG J 121 7.74 -6.66 -36.58
C ARG J 121 7.71 -6.47 -35.07
N TRP J 122 7.43 -5.25 -34.62
CA TRP J 122 7.33 -4.99 -33.18
C TRP J 122 6.19 -5.80 -32.56
N ILE J 123 5.04 -5.83 -33.22
CA ILE J 123 3.90 -6.57 -32.71
C ILE J 123 4.19 -8.06 -32.69
N ILE J 124 4.91 -8.56 -33.69
CA ILE J 124 5.27 -9.98 -33.71
C ILE J 124 6.22 -10.31 -32.57
N LEU J 125 7.16 -9.41 -32.28
CA LEU J 125 8.03 -9.62 -31.12
C LEU J 125 7.21 -9.68 -29.83
N GLY J 126 6.25 -8.77 -29.69
CA GLY J 126 5.39 -8.80 -28.52
C GLY J 126 4.55 -10.07 -28.44
N LEU J 127 4.05 -10.54 -29.58
CA LEU J 127 3.26 -11.76 -29.61
C LEU J 127 4.10 -12.98 -29.25
N ASN J 128 5.34 -13.02 -29.72
CA ASN J 128 6.24 -14.10 -29.35
C ASN J 128 6.51 -14.08 -27.85
N LYS J 129 6.71 -12.88 -27.28
CA LYS J 129 6.89 -12.79 -25.83
C LYS J 129 5.64 -13.26 -25.09
N ILE J 130 4.46 -12.92 -25.61
CA ILE J 130 3.22 -13.36 -24.99
C ILE J 130 3.10 -14.88 -25.04
N VAL J 131 3.40 -15.46 -26.20
CA VAL J 131 3.33 -16.92 -26.35
C VAL J 131 4.29 -17.60 -25.37
N ARG J 132 5.48 -17.02 -25.19
CA ARG J 132 6.44 -17.60 -24.26
C ARG J 132 5.99 -17.47 -22.82
N MET J 133 5.44 -16.32 -22.45
CA MET J 133 5.28 -15.98 -21.04
C MET J 133 3.85 -16.00 -20.52
N TYR J 134 2.85 -15.84 -21.38
CA TYR J 134 1.47 -15.66 -20.94
C TYR J 134 0.72 -16.99 -20.97
N SER J 135 -0.07 -17.23 -19.93
CA SER J 135 -0.94 -18.39 -19.84
C SER J 135 -2.35 -17.92 -19.54
N PRO J 136 -3.32 -18.17 -20.41
CA PRO J 136 -4.68 -17.68 -20.17
C PRO J 136 -5.35 -18.36 -18.99
N THR J 137 -6.25 -17.63 -18.35
CA THR J 137 -7.01 -18.15 -17.22
C THR J 137 -8.31 -18.79 -17.73
N SER J 138 -8.68 -19.90 -17.10
CA SER J 138 -9.87 -20.65 -17.49
C SER J 138 -10.74 -20.90 -16.26
N ILE J 139 -12.03 -21.13 -16.53
CA ILE J 139 -12.93 -21.52 -15.45
C ILE J 139 -12.53 -22.87 -14.87
N LEU J 140 -11.85 -23.70 -15.66
CA LEU J 140 -11.37 -24.98 -15.18
C LEU J 140 -10.25 -24.84 -14.16
N ASP J 141 -9.57 -23.69 -14.14
CA ASP J 141 -8.45 -23.46 -13.25
C ASP J 141 -8.84 -22.78 -11.94
N ILE J 142 -10.13 -22.49 -11.74
CA ILE J 142 -10.59 -21.84 -10.52
C ILE J 142 -10.85 -22.92 -9.48
N ARG J 143 -10.04 -22.94 -8.43
CA ARG J 143 -10.15 -23.93 -7.37
C ARG J 143 -10.14 -23.22 -6.02
N GLN J 144 -10.83 -23.83 -5.05
CA GLN J 144 -10.88 -23.27 -3.71
C GLN J 144 -9.58 -23.55 -2.99
N GLY J 145 -9.03 -22.51 -2.36
CA GLY J 145 -7.85 -22.66 -1.54
C GLY J 145 -8.13 -23.48 -0.30
N PRO J 146 -7.08 -24.06 0.28
CA PRO J 146 -7.28 -24.89 1.49
C PRO J 146 -7.90 -24.12 2.65
N LYS J 147 -7.61 -22.83 2.77
CA LYS J 147 -8.17 -22.00 3.84
C LYS J 147 -9.07 -20.89 3.32
N GLU J 148 -9.37 -20.89 2.03
CA GLU J 148 -10.20 -19.84 1.45
C GLU J 148 -11.66 -20.04 1.81
N PRO J 149 -12.38 -18.99 2.18
CA PRO J 149 -13.81 -19.12 2.45
C PRO J 149 -14.57 -19.51 1.19
N PHE J 150 -15.64 -20.28 1.39
CA PHE J 150 -16.44 -20.75 0.26
C PHE J 150 -17.08 -19.61 -0.51
N ARG J 151 -17.48 -18.54 0.19
CA ARG J 151 -18.06 -17.39 -0.48
C ARG J 151 -17.07 -16.73 -1.43
N ASP J 152 -15.81 -16.57 -1.00
CA ASP J 152 -14.80 -15.96 -1.85
C ASP J 152 -14.53 -16.83 -3.07
N TYR J 153 -14.47 -18.15 -2.89
CA TYR J 153 -14.29 -19.05 -4.02
C TYR J 153 -15.45 -18.97 -4.99
N VAL J 154 -16.68 -18.90 -4.47
CA VAL J 154 -17.85 -18.78 -5.34
C VAL J 154 -17.80 -17.48 -6.11
N ASP J 155 -17.38 -16.39 -5.45
CA ASP J 155 -17.27 -15.11 -6.14
C ASP J 155 -16.23 -15.16 -7.25
N ARG J 156 -15.06 -15.75 -6.99
CA ARG J 156 -14.06 -15.90 -8.02
C ARG J 156 -14.56 -16.75 -9.17
N PHE J 157 -15.24 -17.86 -8.85
CA PHE J 157 -15.77 -18.75 -9.88
C PHE J 157 -16.77 -18.02 -10.76
N TYR J 158 -17.67 -17.25 -10.16
CA TYR J 158 -18.69 -16.57 -10.95
C TYR J 158 -18.11 -15.42 -11.75
N LYS J 159 -17.09 -14.73 -11.22
CA LYS J 159 -16.41 -13.71 -12.02
C LYS J 159 -15.73 -14.32 -13.23
N THR J 160 -15.03 -15.45 -13.04
CA THR J 160 -14.38 -16.12 -14.16
C THR J 160 -15.41 -16.63 -15.16
N LEU J 161 -16.54 -17.15 -14.68
CA LEU J 161 -17.59 -17.61 -15.58
C LEU J 161 -18.17 -16.46 -16.38
N ARG J 162 -18.37 -15.30 -15.75
CA ARG J 162 -18.82 -14.12 -16.48
C ARG J 162 -17.81 -13.71 -17.54
N ALA J 163 -16.52 -13.87 -17.25
CA ALA J 163 -15.47 -13.56 -18.22
C ALA J 163 -15.24 -14.68 -19.23
N GLU J 164 -15.90 -15.83 -19.07
CA GLU J 164 -15.64 -16.97 -19.94
C GLU J 164 -16.45 -16.87 -21.22
N GLN J 165 -15.83 -17.30 -22.33
N GLN J 165 -15.84 -17.31 -22.33
CA GLN J 165 -16.49 -17.31 -23.63
CA GLN J 165 -16.49 -17.32 -23.64
C GLN J 165 -17.20 -18.66 -23.78
C GLN J 165 -17.21 -18.65 -23.82
N ALA J 166 -18.53 -18.63 -23.62
CA ALA J 166 -19.34 -19.84 -23.73
C ALA J 166 -20.80 -19.43 -23.84
N SER J 167 -21.62 -20.38 -24.24
CA SER J 167 -23.06 -20.15 -24.26
C SER J 167 -23.61 -20.18 -22.84
N GLN J 168 -24.80 -19.60 -22.67
CA GLN J 168 -25.40 -19.53 -21.34
C GLN J 168 -25.72 -20.92 -20.80
N GLU J 169 -26.18 -21.83 -21.67
CA GLU J 169 -26.43 -23.20 -21.25
C GLU J 169 -25.13 -23.88 -20.83
N VAL J 170 -24.06 -23.64 -21.57
CA VAL J 170 -22.76 -24.21 -21.23
C VAL J 170 -22.26 -23.64 -19.91
N LYS J 171 -22.48 -22.35 -19.67
CA LYS J 171 -22.09 -21.75 -18.39
C LYS J 171 -22.89 -22.34 -17.24
N ASN J 172 -24.19 -22.58 -17.45
CA ASN J 172 -25.00 -23.23 -16.42
C ASN J 172 -24.49 -24.63 -16.12
N TRP J 173 -24.10 -25.37 -17.17
CA TRP J 173 -23.55 -26.70 -16.98
C TRP J 173 -22.21 -26.63 -16.23
N MET J 174 -21.40 -25.63 -16.55
CA MET J 174 -20.15 -25.43 -15.80
C MET J 174 -20.42 -25.15 -14.33
N THR J 175 -21.42 -24.32 -14.05
CA THR J 175 -21.78 -24.06 -12.65
C THR J 175 -22.25 -25.33 -11.96
N GLU J 176 -23.04 -26.14 -12.65
CA GLU J 176 -23.59 -27.34 -12.04
C GLU J 176 -22.55 -28.44 -11.84
N THR J 177 -21.49 -28.46 -12.63
CA THR J 177 -20.54 -29.56 -12.56
C THR J 177 -19.15 -29.20 -12.06
N LEU J 178 -18.82 -27.91 -11.95
CA LEU J 178 -17.47 -27.49 -11.59
C LEU J 178 -17.36 -26.84 -10.23
N LEU J 179 -18.38 -26.11 -9.78
CA LEU J 179 -18.26 -25.35 -8.55
C LEU J 179 -18.06 -26.26 -7.35
N VAL J 180 -18.89 -27.29 -7.22
CA VAL J 180 -18.74 -28.23 -6.12
C VAL J 180 -17.49 -29.08 -6.31
N GLN J 181 -17.21 -29.48 -7.55
CA GLN J 181 -16.08 -30.37 -7.81
C GLN J 181 -14.75 -29.74 -7.44
N ASN J 182 -14.59 -28.45 -7.74
CA ASN J 182 -13.32 -27.76 -7.51
C ASN J 182 -13.24 -27.11 -6.13
N ALA J 183 -14.18 -27.41 -5.24
CA ALA J 183 -14.10 -26.93 -3.88
C ALA J 183 -13.08 -27.75 -3.08
N ASN J 184 -12.61 -27.17 -1.98
CA ASN J 184 -11.64 -27.86 -1.14
C ASN J 184 -12.31 -29.00 -0.40
N PRO J 185 -11.53 -29.97 0.09
CA PRO J 185 -12.15 -31.15 0.74
C PRO J 185 -13.03 -30.81 1.92
N ASP J 186 -12.66 -29.80 2.72
CA ASP J 186 -13.47 -29.43 3.88
C ASP J 186 -14.86 -28.98 3.46
N CYS J 187 -14.94 -28.15 2.42
CA CYS J 187 -16.24 -27.74 1.91
C CYS J 187 -16.90 -28.82 1.07
N LYS J 188 -16.10 -29.64 0.37
CA LYS J 188 -16.67 -30.67 -0.49
C LYS J 188 -17.39 -31.74 0.33
N THR J 189 -16.87 -32.06 1.51
CA THR J 189 -17.56 -33.03 2.37
C THR J 189 -18.97 -32.55 2.70
N ILE J 190 -19.08 -31.29 3.13
CA ILE J 190 -20.38 -30.73 3.49
C ILE J 190 -21.29 -30.63 2.27
N LEU J 191 -20.72 -30.22 1.13
CA LEU J 191 -21.53 -30.10 -0.08
C LEU J 191 -22.07 -31.45 -0.53
N LYS J 192 -21.24 -32.49 -0.46
CA LYS J 192 -21.71 -33.82 -0.81
C LYS J 192 -22.77 -34.31 0.16
N ALA J 193 -22.58 -34.06 1.47
CA ALA J 193 -23.60 -34.44 2.44
C ALA J 193 -24.88 -33.62 2.27
N LEU J 194 -24.81 -32.47 1.61
CA LEU J 194 -25.99 -31.64 1.42
C LEU J 194 -26.94 -32.20 0.38
N GLY J 195 -26.42 -32.93 -0.62
CA GLY J 195 -27.24 -33.49 -1.66
C GLY J 195 -27.12 -32.74 -2.97
N PRO J 196 -27.41 -33.42 -4.07
CA PRO J 196 -27.29 -32.77 -5.39
C PRO J 196 -28.36 -31.73 -5.67
N ALA J 197 -29.47 -31.75 -4.93
CA ALA J 197 -30.56 -30.81 -5.17
C ALA J 197 -30.40 -29.50 -4.43
N ALA J 198 -29.33 -29.33 -3.66
CA ALA J 198 -29.14 -28.12 -2.88
C ALA J 198 -28.90 -26.92 -3.79
N THR J 199 -29.50 -25.79 -3.44
CA THR J 199 -29.31 -24.56 -4.18
C THR J 199 -27.99 -23.90 -3.77
N LEU J 200 -27.61 -22.85 -4.51
CA LEU J 200 -26.37 -22.15 -4.21
C LEU J 200 -26.42 -21.51 -2.84
N GLU J 201 -27.54 -20.90 -2.48
CA GLU J 201 -27.66 -20.27 -1.17
C GLU J 201 -27.56 -21.30 -0.04
N GLU J 202 -28.18 -22.46 -0.21
CA GLU J 202 -28.05 -23.51 0.79
C GLU J 202 -26.61 -23.99 0.89
N MET J 203 -25.92 -24.11 -0.25
CA MET J 203 -24.53 -24.52 -0.24
C MET J 203 -23.65 -23.52 0.50
N MET J 204 -23.87 -22.22 0.27
CA MET J 204 -23.08 -21.22 0.96
C MET J 204 -23.41 -21.17 2.45
N THR J 205 -24.67 -21.37 2.81
CA THR J 205 -25.03 -21.43 4.22
C THR J 205 -24.38 -22.64 4.90
N ALA J 206 -24.33 -23.78 4.21
CA ALA J 206 -23.77 -24.98 4.80
C ALA J 206 -22.26 -24.88 5.00
N CYS J 207 -21.57 -24.16 4.12
CA CYS J 207 -20.13 -23.99 4.20
C CYS J 207 -19.73 -22.68 4.86
N GLN J 208 -20.68 -21.95 5.43
CA GLN J 208 -20.39 -20.65 6.01
C GLN J 208 -19.50 -20.76 7.24
N GLY J 209 -19.48 -21.91 7.89
CA GLY J 209 -18.71 -22.10 9.10
C GLY J 209 -17.39 -22.83 8.95
N VAL J 210 -17.00 -23.19 7.73
CA VAL J 210 -15.76 -23.94 7.53
C VAL J 210 -14.58 -23.03 7.85
N GLY J 211 -13.72 -23.49 8.75
CA GLY J 211 -12.63 -22.69 9.25
C GLY J 211 -12.92 -21.92 10.52
N GLY J 212 -14.17 -21.94 10.99
CA GLY J 212 -14.53 -21.31 12.23
C GLY J 212 -14.23 -22.21 13.41
N PRO J 213 -14.36 -21.69 14.63
CA PRO J 213 -14.05 -22.49 15.81
C PRO J 213 -14.87 -23.77 15.92
N GLY J 214 -16.17 -23.69 15.63
CA GLY J 214 -17.01 -24.86 15.77
C GLY J 214 -16.67 -25.97 14.79
N HIS J 215 -16.45 -25.61 13.53
CA HIS J 215 -16.11 -26.61 12.51
C HIS J 215 -14.77 -27.25 12.83
N LYS J 216 -13.78 -26.46 13.22
CA LYS J 216 -12.47 -27.00 13.58
C LYS J 216 -12.58 -27.94 14.77
N ALA J 217 -13.32 -27.53 15.80
CA ALA J 217 -13.51 -28.39 16.96
C ALA J 217 -14.20 -29.68 16.57
N ARG J 218 -15.22 -29.60 15.71
CA ARG J 218 -15.97 -30.79 15.33
C ARG J 218 -15.11 -31.77 14.53
N VAL J 219 -14.33 -31.27 13.57
CA VAL J 219 -13.51 -32.18 12.78
C VAL J 219 -12.37 -32.77 13.62
N LEU J 220 -11.78 -31.96 14.49
CA LEU J 220 -10.75 -32.47 15.39
C LEU J 220 -11.33 -33.55 16.31
N ALA J 221 -12.54 -33.32 16.81
CA ALA J 221 -13.19 -34.31 17.67
C ALA J 221 -13.51 -35.59 16.92
N GLU J 222 -13.94 -35.48 15.66
CA GLU J 222 -14.22 -36.68 14.88
C GLU J 222 -12.95 -37.50 14.67
N ALA J 223 -11.85 -36.83 14.30
CA ALA J 223 -10.59 -37.55 14.11
C ALA J 223 -10.10 -38.17 15.42
N MET J 224 -10.18 -37.42 16.52
CA MET J 224 -9.77 -37.93 17.82
C MET J 224 -10.62 -39.13 18.23
N SER J 225 -11.92 -39.06 18.00
CA SER J 225 -12.80 -40.18 18.32
C SER J 225 -12.46 -41.40 17.50
N GLN J 226 -12.15 -41.21 16.21
CA GLN J 226 -11.76 -42.34 15.38
C GLN J 226 -10.50 -43.01 15.93
N VAL J 227 -9.48 -42.22 16.26
CA VAL J 227 -8.24 -42.84 16.72
C VAL J 227 -8.40 -43.44 18.11
N ILE J 228 -9.26 -42.87 18.96
CA ILE J 228 -9.51 -43.46 20.27
C ILE J 228 -10.28 -44.76 20.15
N ASN J 229 -11.26 -44.82 19.24
CA ASN J 229 -12.00 -46.05 19.02
C ASN J 229 -11.10 -47.13 18.45
N SER J 230 -10.13 -46.74 17.61
CA SER J 230 -9.18 -47.73 17.12
C SER J 230 -8.32 -48.30 18.25
N ALA J 231 -8.19 -47.55 19.34
CA ALA J 231 -7.42 -48.02 20.49
C ALA J 231 -8.25 -48.93 21.36
N HIS K 1 -21.89 10.77 -43.92
CA HIS K 1 -21.82 9.33 -43.74
C HIS K 1 -21.08 8.94 -42.47
N GLN K 2 -21.70 8.08 -41.67
CA GLN K 2 -21.11 7.52 -40.46
C GLN K 2 -21.18 6.01 -40.59
N ALA K 3 -20.19 5.41 -41.23
CA ALA K 3 -20.15 3.97 -41.39
C ALA K 3 -19.94 3.30 -40.03
N ILE K 4 -20.38 2.05 -39.94
CA ILE K 4 -20.27 1.32 -38.68
C ILE K 4 -18.81 1.08 -38.35
N SER K 5 -18.44 1.33 -37.10
CA SER K 5 -17.07 1.20 -36.66
C SER K 5 -16.74 -0.25 -36.34
N PRO K 6 -15.46 -0.62 -36.40
CA PRO K 6 -15.08 -2.00 -36.05
C PRO K 6 -15.52 -2.42 -34.65
N ARG K 7 -15.45 -1.52 -33.68
CA ARG K 7 -15.89 -1.86 -32.33
C ARG K 7 -17.38 -2.15 -32.28
N THR K 8 -18.19 -1.36 -32.98
CA THR K 8 -19.63 -1.59 -32.98
C THR K 8 -19.97 -2.91 -33.65
N LEU K 9 -19.35 -3.21 -34.80
CA LEU K 9 -19.61 -4.46 -35.49
C LEU K 9 -19.17 -5.65 -34.65
N ASN K 10 -18.01 -5.55 -34.02
CA ASN K 10 -17.54 -6.64 -33.16
C ASN K 10 -18.45 -6.83 -31.96
N ALA K 11 -18.93 -5.74 -31.37
CA ALA K 11 -19.86 -5.85 -30.25
C ALA K 11 -21.15 -6.52 -30.68
N TRP K 12 -21.63 -6.21 -31.89
CA TRP K 12 -22.80 -6.89 -32.43
C TRP K 12 -22.53 -8.38 -32.58
N VAL K 13 -21.35 -8.74 -33.09
CA VAL K 13 -21.01 -10.15 -33.28
C VAL K 13 -20.96 -10.88 -31.95
N LYS K 14 -20.32 -10.29 -30.94
CA LYS K 14 -20.28 -10.94 -29.63
C LYS K 14 -21.66 -10.98 -28.99
N VAL K 15 -22.52 -10.00 -29.25
CA VAL K 15 -23.88 -10.07 -28.72
C VAL K 15 -24.61 -11.27 -29.30
N VAL K 16 -24.54 -11.43 -30.63
CA VAL K 16 -25.22 -12.55 -31.28
C VAL K 16 -24.64 -13.87 -30.81
N GLU K 17 -23.32 -13.95 -30.65
CA GLU K 17 -22.72 -15.24 -30.27
C GLU K 17 -22.95 -15.56 -28.80
N GLU K 18 -22.92 -14.57 -27.92
CA GLU K 18 -23.08 -14.80 -26.49
C GLU K 18 -24.54 -15.08 -26.13
N LYS K 19 -25.46 -14.30 -26.69
N LYS K 19 -25.46 -14.30 -26.69
CA LYS K 19 -26.88 -14.43 -26.37
CA LYS K 19 -26.87 -14.46 -26.34
C LYS K 19 -27.62 -15.39 -27.29
C LYS K 19 -27.62 -15.37 -27.30
N ALA K 20 -26.96 -15.91 -28.32
CA ALA K 20 -27.60 -16.69 -29.38
C ALA K 20 -28.64 -15.76 -30.01
N PHE K 21 -29.77 -16.25 -30.51
CA PHE K 21 -30.82 -15.33 -30.91
C PHE K 21 -31.89 -15.21 -29.83
N SER K 22 -31.47 -14.82 -28.63
CA SER K 22 -32.41 -14.50 -27.56
C SER K 22 -33.07 -13.15 -27.87
N PRO K 23 -34.18 -12.84 -27.19
CA PRO K 23 -34.84 -11.55 -27.47
C PRO K 23 -33.95 -10.34 -27.26
N GLU K 24 -32.96 -10.44 -26.38
CA GLU K 24 -32.09 -9.31 -26.07
C GLU K 24 -31.25 -8.88 -27.26
N VAL K 25 -31.17 -9.67 -28.33
CA VAL K 25 -30.46 -9.21 -29.52
C VAL K 25 -31.27 -8.17 -30.29
N ILE K 26 -32.60 -8.15 -30.12
CA ILE K 26 -33.41 -7.17 -30.83
C ILE K 26 -33.10 -5.74 -30.38
N PRO K 27 -33.04 -5.43 -29.08
CA PRO K 27 -32.65 -4.06 -28.70
C PRO K 27 -31.24 -3.70 -29.12
N MET K 28 -30.27 -4.58 -28.83
CA MET K 28 -28.87 -4.28 -29.16
C MET K 28 -28.70 -3.95 -30.63
N PHE K 29 -29.31 -4.75 -31.50
CA PHE K 29 -29.30 -4.44 -32.94
C PHE K 29 -29.81 -3.02 -33.19
N SER K 30 -31.00 -2.72 -32.67
CA SER K 30 -31.55 -1.39 -32.85
C SER K 30 -30.64 -0.32 -32.26
N ALA K 31 -29.91 -0.66 -31.20
CA ALA K 31 -29.01 0.30 -30.58
C ALA K 31 -27.72 0.45 -31.38
N LEU K 32 -27.30 -0.58 -32.10
CA LEU K 32 -26.03 -0.55 -32.81
C LEU K 32 -26.17 -0.22 -34.28
N SER K 33 -27.38 0.10 -34.75
CA SER K 33 -27.60 0.37 -36.16
C SER K 33 -28.42 1.65 -36.37
N GLU K 34 -28.36 2.59 -35.42
CA GLU K 34 -29.10 3.83 -35.56
C GLU K 34 -28.45 4.70 -36.62
N GLY K 35 -29.22 5.10 -37.62
CA GLY K 35 -28.69 5.88 -38.73
C GLY K 35 -27.89 5.08 -39.74
N ALA K 36 -27.87 3.76 -39.61
CA ALA K 36 -27.06 2.93 -40.50
C ALA K 36 -27.67 2.86 -41.89
N THR K 37 -26.79 2.84 -42.89
CA THR K 37 -27.21 2.62 -44.27
C THR K 37 -27.56 1.15 -44.46
N PRO K 38 -28.32 0.82 -45.51
CA PRO K 38 -28.56 -0.60 -45.81
C PRO K 38 -27.29 -1.39 -46.04
N GLN K 39 -26.24 -0.76 -46.58
CA GLN K 39 -24.94 -1.43 -46.69
C GLN K 39 -24.38 -1.79 -45.33
N ASP K 40 -24.48 -0.87 -44.37
CA ASP K 40 -24.00 -1.15 -43.03
C ASP K 40 -24.81 -2.26 -42.37
N LEU K 41 -26.12 -2.28 -42.61
CA LEU K 41 -26.96 -3.33 -42.05
C LEU K 41 -26.63 -4.68 -42.67
N ASN K 42 -26.37 -4.71 -43.98
CA ASN K 42 -25.93 -5.94 -44.62
C ASN K 42 -24.59 -6.41 -44.08
N THR K 43 -23.68 -5.46 -43.82
CA THR K 43 -22.41 -5.82 -43.21
C THR K 43 -22.62 -6.41 -41.81
N MET K 44 -23.54 -5.85 -41.04
CA MET K 44 -23.87 -6.40 -39.73
C MET K 44 -24.43 -7.80 -39.85
N LEU K 45 -25.29 -8.03 -40.85
CA LEU K 45 -25.97 -9.32 -40.95
C LEU K 45 -25.03 -10.41 -41.47
N ASN K 46 -24.22 -10.11 -42.48
CA ASN K 46 -23.36 -11.10 -43.10
C ASN K 46 -22.19 -11.50 -42.22
N THR K 47 -21.77 -10.63 -41.31
CA THR K 47 -20.61 -10.90 -40.47
C THR K 47 -20.93 -11.92 -39.38
N VAL K 48 -22.20 -12.14 -39.07
CA VAL K 48 -22.61 -13.12 -38.07
C VAL K 48 -22.12 -14.50 -38.50
N GLY K 49 -21.50 -15.23 -37.56
CA GLY K 49 -20.99 -16.55 -37.82
C GLY K 49 -21.88 -17.61 -37.17
N GLY K 50 -22.07 -18.72 -37.87
CA GLY K 50 -22.95 -19.75 -37.39
C GLY K 50 -24.41 -19.35 -37.55
N HIS K 51 -25.27 -20.14 -36.92
CA HIS K 51 -26.73 -19.92 -36.95
C HIS K 51 -27.23 -19.77 -38.38
N GLN K 52 -26.80 -20.70 -39.24
CA GLN K 52 -27.16 -20.63 -40.65
C GLN K 52 -28.65 -20.76 -40.86
N ALA K 53 -29.33 -21.56 -40.05
CA ALA K 53 -30.79 -21.65 -40.15
C ALA K 53 -31.45 -20.33 -39.80
N ALA K 54 -30.99 -19.68 -38.73
CA ALA K 54 -31.54 -18.39 -38.36
C ALA K 54 -31.30 -17.35 -39.44
N MET K 55 -30.09 -17.34 -40.02
CA MET K 55 -29.82 -16.42 -41.12
C MET K 55 -30.68 -16.72 -42.33
N GLN K 56 -30.99 -18.00 -42.56
CA GLN K 56 -31.88 -18.36 -43.65
C GLN K 56 -33.29 -17.81 -43.42
N MET K 57 -33.80 -17.95 -42.19
CA MET K 57 -35.10 -17.37 -41.87
C MET K 57 -35.09 -15.86 -42.03
N LEU K 58 -34.02 -15.21 -41.59
CA LEU K 58 -33.92 -13.76 -41.72
C LEU K 58 -33.91 -13.34 -43.19
N LYS K 59 -33.14 -14.04 -44.02
CA LYS K 59 -33.12 -13.75 -45.44
C LYS K 59 -34.49 -13.97 -46.08
N GLU K 60 -35.17 -15.04 -45.68
CA GLU K 60 -36.53 -15.28 -46.18
C GLU K 60 -37.46 -14.13 -45.84
N THR K 61 -37.44 -13.69 -44.58
CA THR K 61 -38.31 -12.60 -44.17
C THR K 61 -37.99 -11.31 -44.91
N ILE K 62 -36.69 -11.02 -45.08
CA ILE K 62 -36.30 -9.82 -45.82
C ILE K 62 -36.79 -9.92 -47.27
N ASN K 63 -36.71 -11.11 -47.86
CA ASN K 63 -37.18 -11.29 -49.23
C ASN K 63 -38.69 -11.06 -49.33
N GLU K 64 -39.47 -11.59 -48.39
CA GLU K 64 -40.91 -11.33 -48.42
C GLU K 64 -41.22 -9.85 -48.24
N GLU K 65 -40.48 -9.17 -47.35
CA GLU K 65 -40.72 -7.75 -47.15
C GLU K 65 -40.39 -6.95 -48.42
N ALA K 66 -39.29 -7.31 -49.08
CA ALA K 66 -38.93 -6.64 -50.33
C ALA K 66 -39.96 -6.89 -51.42
N ALA K 67 -40.45 -8.12 -51.51
CA ALA K 67 -41.49 -8.44 -52.49
C ALA K 67 -42.77 -7.66 -52.20
N GLU K 68 -43.15 -7.54 -50.93
CA GLU K 68 -44.33 -6.76 -50.58
C GLU K 68 -44.15 -5.29 -50.91
N TRP K 69 -42.95 -4.75 -50.66
CA TRP K 69 -42.69 -3.36 -51.02
C TRP K 69 -42.79 -3.16 -52.54
N ASP K 70 -42.24 -4.10 -53.31
CA ASP K 70 -42.32 -4.00 -54.76
C ASP K 70 -43.77 -4.08 -55.23
N ARG K 71 -44.57 -4.95 -54.61
CA ARG K 71 -45.98 -5.07 -54.98
C ARG K 71 -46.74 -3.78 -54.68
N VAL K 72 -46.57 -3.25 -53.48
CA VAL K 72 -47.36 -2.08 -53.06
C VAL K 72 -46.91 -0.84 -53.83
N HIS K 73 -45.59 -0.63 -53.95
CA HIS K 73 -45.07 0.56 -54.60
C HIS K 73 -44.81 0.26 -56.08
N PRO K 74 -45.53 0.86 -57.00
CA PRO K 74 -45.30 0.60 -58.42
C PRO K 74 -44.07 1.32 -58.94
N VAL K 75 -43.57 0.83 -60.08
CA VAL K 75 -42.41 1.43 -60.72
C VAL K 75 -42.86 2.59 -61.60
N HIS K 76 -41.92 3.48 -61.89
CA HIS K 76 -42.16 4.62 -62.76
C HIS K 76 -41.46 4.40 -64.10
N ALA K 77 -41.99 5.04 -65.13
CA ALA K 77 -41.36 5.00 -66.45
C ALA K 77 -39.96 5.61 -66.46
N GLY K 78 -39.63 6.41 -65.45
CA GLY K 78 -38.31 6.98 -65.29
C GLY K 78 -38.04 8.20 -66.16
N PRO K 79 -38.79 9.28 -65.95
CA PRO K 79 -38.45 10.55 -66.61
C PRO K 79 -37.28 11.22 -65.91
N ILE K 80 -36.51 11.97 -66.68
CA ILE K 80 -35.36 12.67 -66.12
C ILE K 80 -35.84 13.85 -65.27
N ALA K 81 -35.05 14.19 -64.27
CA ALA K 81 -35.36 15.27 -63.34
C ALA K 81 -34.07 15.99 -62.99
N PRO K 82 -34.16 17.24 -62.51
CA PRO K 82 -32.94 17.90 -62.01
C PRO K 82 -32.25 17.12 -60.92
N GLY K 83 -33.00 16.49 -60.02
CA GLY K 83 -32.40 15.60 -59.04
C GLY K 83 -32.09 14.23 -59.60
N GLN K 84 -32.86 13.79 -60.60
CA GLN K 84 -32.72 12.50 -61.29
C GLN K 84 -32.32 11.38 -60.33
N MET K 85 -33.16 11.18 -59.31
CA MET K 85 -32.99 10.11 -58.35
C MET K 85 -34.12 9.11 -58.52
N ARG K 86 -33.76 7.87 -58.85
CA ARG K 86 -34.76 6.83 -59.05
C ARG K 86 -35.40 6.43 -57.72
N GLU K 87 -36.65 5.99 -57.79
CA GLU K 87 -37.34 5.55 -56.59
C GLU K 87 -36.81 4.17 -56.18
N PRO K 88 -36.36 4.00 -54.93
CA PRO K 88 -35.83 2.71 -54.52
C PRO K 88 -36.86 1.60 -54.60
N ARG K 89 -36.40 0.40 -54.93
CA ARG K 89 -37.22 -0.80 -54.93
C ARG K 89 -36.89 -1.64 -53.70
N GLY K 90 -37.50 -2.82 -53.63
CA GLY K 90 -37.24 -3.70 -52.51
C GLY K 90 -35.79 -4.13 -52.42
N SER K 91 -35.19 -4.47 -53.55
CA SER K 91 -33.77 -4.84 -53.58
C SER K 91 -32.89 -3.66 -53.21
N ASP K 92 -33.25 -2.45 -53.65
CA ASP K 92 -32.47 -1.26 -53.31
C ASP K 92 -32.51 -0.99 -51.81
N ILE K 93 -33.68 -1.13 -51.20
CA ILE K 93 -33.78 -0.95 -49.75
C ILE K 93 -33.00 -2.04 -49.03
N ALA K 94 -33.10 -3.29 -49.50
CA ALA K 94 -32.33 -4.36 -48.91
C ALA K 94 -30.83 -4.22 -49.15
N GLY K 95 -30.41 -3.31 -50.02
CA GLY K 95 -29.01 -3.09 -50.30
C GLY K 95 -28.42 -4.00 -51.35
N THR K 96 -29.22 -4.88 -51.96
CA THR K 96 -28.68 -5.80 -52.96
C THR K 96 -28.41 -5.09 -54.28
N THR K 97 -29.46 -4.54 -54.90
CA THR K 97 -29.30 -3.83 -56.17
C THR K 97 -29.20 -2.33 -55.92
N SER K 98 -28.23 -1.91 -55.12
CA SER K 98 -28.04 -0.49 -54.82
C SER K 98 -26.64 -0.28 -54.25
N THR K 99 -26.08 0.89 -54.55
CA THR K 99 -24.77 1.27 -54.06
C THR K 99 -24.90 2.18 -52.85
N LEU K 100 -23.78 2.37 -52.15
CA LEU K 100 -23.78 3.20 -50.95
C LEU K 100 -24.13 4.65 -51.29
N GLN K 101 -23.66 5.13 -52.44
CA GLN K 101 -23.97 6.51 -52.85
C GLN K 101 -25.46 6.69 -53.05
N GLU K 102 -26.12 5.72 -53.69
CA GLU K 102 -27.56 5.82 -53.89
C GLU K 102 -28.31 5.79 -52.56
N GLN K 103 -27.86 4.94 -51.63
CA GLN K 103 -28.49 4.89 -50.31
C GLN K 103 -28.33 6.21 -49.57
N ILE K 104 -27.15 6.81 -49.62
CA ILE K 104 -26.94 8.10 -48.99
C ILE K 104 -27.80 9.17 -49.64
N GLY K 105 -27.89 9.15 -50.97
CA GLY K 105 -28.72 10.12 -51.65
C GLY K 105 -30.19 10.01 -51.27
N TRP K 106 -30.70 8.77 -51.16
CA TRP K 106 -32.07 8.58 -50.70
C TRP K 106 -32.25 9.04 -49.26
N MET K 107 -31.28 8.74 -48.40
CA MET K 107 -31.43 9.03 -46.98
C MET K 107 -31.34 10.53 -46.70
N THR K 108 -30.54 11.27 -47.47
CA THR K 108 -30.34 12.69 -47.23
C THR K 108 -31.10 13.57 -48.21
N ASN K 109 -31.99 12.99 -49.01
CA ASN K 109 -32.76 13.78 -49.97
C ASN K 109 -33.82 14.61 -49.25
N ASN K 110 -34.40 15.56 -49.99
CA ASN K 110 -35.53 16.35 -49.50
C ASN K 110 -36.67 16.23 -50.49
N PRO K 111 -37.74 15.48 -50.18
CA PRO K 111 -38.00 14.73 -48.95
C PRO K 111 -37.15 13.47 -48.83
N PRO K 112 -36.75 13.11 -47.62
CA PRO K 112 -35.92 11.91 -47.44
C PRO K 112 -36.70 10.64 -47.68
N ILE K 113 -35.98 9.61 -48.11
CA ILE K 113 -36.49 8.24 -48.18
C ILE K 113 -35.66 7.38 -47.25
N PRO K 114 -36.14 7.11 -46.04
CA PRO K 114 -35.34 6.37 -45.06
C PRO K 114 -35.20 4.90 -45.41
N VAL K 115 -34.41 4.59 -46.44
CA VAL K 115 -34.23 3.20 -46.85
C VAL K 115 -33.56 2.41 -45.73
N GLY K 116 -32.66 3.04 -44.99
CA GLY K 116 -32.06 2.37 -43.85
C GLY K 116 -33.08 1.99 -42.79
N GLU K 117 -34.03 2.89 -42.52
CA GLU K 117 -35.05 2.59 -41.52
C GLU K 117 -35.98 1.48 -41.98
N ILE K 118 -36.37 1.48 -43.26
CA ILE K 118 -37.21 0.42 -43.79
C ILE K 118 -36.50 -0.93 -43.72
N TYR K 119 -35.21 -0.94 -44.10
CA TYR K 119 -34.45 -2.18 -44.02
C TYR K 119 -34.29 -2.63 -42.58
N LYS K 120 -34.10 -1.69 -41.65
CA LYS K 120 -34.04 -2.04 -40.23
C LYS K 120 -35.34 -2.68 -39.77
N ARG K 121 -36.48 -2.12 -40.20
CA ARG K 121 -37.76 -2.70 -39.82
C ARG K 121 -37.91 -4.12 -40.36
N TRP K 122 -37.50 -4.33 -41.61
CA TRP K 122 -37.54 -5.67 -42.19
C TRP K 122 -36.66 -6.64 -41.39
N ILE K 123 -35.45 -6.20 -41.04
CA ILE K 123 -34.53 -7.06 -40.30
C ILE K 123 -35.06 -7.37 -38.91
N ILE K 124 -35.72 -6.39 -38.28
CA ILE K 124 -36.30 -6.62 -36.96
C ILE K 124 -37.47 -7.60 -37.05
N LEU K 125 -38.26 -7.51 -38.12
CA LEU K 125 -39.31 -8.51 -38.32
C LEU K 125 -38.71 -9.91 -38.44
N GLY K 126 -37.64 -10.03 -39.22
CA GLY K 126 -36.97 -11.32 -39.34
C GLY K 126 -36.38 -11.80 -38.03
N LEU K 127 -35.81 -10.88 -37.25
CA LEU K 127 -35.22 -11.23 -35.97
C LEU K 127 -36.28 -11.69 -34.98
N ASN K 128 -37.44 -11.05 -34.99
CA ASN K 128 -38.56 -11.48 -34.15
C ASN K 128 -39.02 -12.87 -34.56
N LYS K 129 -39.10 -13.13 -35.87
CA LYS K 129 -39.43 -14.47 -36.33
C LYS K 129 -38.40 -15.50 -35.86
N ILE K 130 -37.12 -15.14 -35.90
CA ILE K 130 -36.07 -16.04 -35.44
C ILE K 130 -36.23 -16.33 -33.95
N VAL K 131 -36.46 -15.28 -33.16
CA VAL K 131 -36.63 -15.45 -31.72
C VAL K 131 -37.82 -16.34 -31.43
N ARG K 132 -38.89 -16.19 -32.21
CA ARG K 132 -40.07 -17.03 -32.02
C ARG K 132 -39.78 -18.49 -32.36
N MET K 133 -39.17 -18.74 -33.52
CA MET K 133 -39.12 -20.10 -34.07
C MET K 133 -37.78 -20.80 -33.91
N TYR K 134 -36.67 -20.08 -33.97
CA TYR K 134 -35.35 -20.71 -33.98
C TYR K 134 -34.92 -21.09 -32.57
N SER K 135 -34.40 -22.31 -32.43
CA SER K 135 -33.79 -22.78 -31.19
C SER K 135 -32.37 -23.25 -31.48
N PRO K 136 -31.35 -22.59 -30.95
CA PRO K 136 -29.97 -22.97 -31.29
C PRO K 136 -29.60 -24.33 -30.76
N THR K 137 -28.73 -25.01 -31.49
CA THR K 137 -28.22 -26.31 -31.09
C THR K 137 -27.00 -26.15 -30.19
N SER K 138 -26.83 -27.09 -29.28
CA SER K 138 -25.74 -27.04 -28.31
C SER K 138 -25.09 -28.41 -28.20
N ILE K 139 -23.84 -28.41 -27.75
CA ILE K 139 -23.15 -29.66 -27.48
C ILE K 139 -23.83 -30.44 -26.37
N LEU K 140 -24.58 -29.76 -25.51
CA LEU K 140 -25.31 -30.43 -24.44
C LEU K 140 -26.52 -31.20 -24.96
N ASP K 141 -27.00 -30.87 -26.15
CA ASP K 141 -28.17 -31.52 -26.73
C ASP K 141 -27.83 -32.71 -27.60
N ILE K 142 -26.55 -33.01 -27.81
CA ILE K 142 -26.14 -34.11 -28.66
C ILE K 142 -26.18 -35.39 -27.83
N ARG K 143 -27.17 -36.23 -28.10
CA ARG K 143 -27.35 -37.49 -27.38
C ARG K 143 -27.49 -38.63 -28.38
N GLN K 144 -26.97 -39.78 -28.00
CA GLN K 144 -27.08 -40.97 -28.84
C GLN K 144 -28.51 -41.44 -28.91
N GLY K 145 -28.94 -41.84 -30.11
CA GLY K 145 -30.25 -42.42 -30.29
C GLY K 145 -30.30 -43.82 -29.73
N PRO K 146 -31.52 -44.33 -29.50
CA PRO K 146 -31.65 -45.70 -28.98
C PRO K 146 -31.11 -46.76 -29.91
N LYS K 147 -31.06 -46.49 -31.22
CA LYS K 147 -30.55 -47.45 -32.19
C LYS K 147 -29.38 -46.90 -33.01
N GLU K 148 -28.90 -45.71 -32.69
CA GLU K 148 -27.86 -45.10 -33.50
C GLU K 148 -26.51 -45.74 -33.21
N PRO K 149 -25.70 -46.01 -34.24
CA PRO K 149 -24.35 -46.52 -34.00
C PRO K 149 -23.52 -45.54 -33.19
N PHE K 150 -22.61 -46.09 -32.37
CA PHE K 150 -21.80 -45.26 -31.49
C PHE K 150 -20.84 -44.38 -32.30
N ARG K 151 -20.34 -44.89 -33.42
CA ARG K 151 -19.47 -44.08 -34.28
C ARG K 151 -20.22 -42.87 -34.85
N ASP K 152 -21.46 -43.07 -35.27
CA ASP K 152 -22.26 -41.96 -35.77
C ASP K 152 -22.49 -40.92 -34.69
N TYR K 153 -22.78 -41.37 -33.47
CA TYR K 153 -22.97 -40.45 -32.35
C TYR K 153 -21.69 -39.67 -32.06
N VAL K 154 -20.54 -40.35 -32.09
CA VAL K 154 -19.26 -39.67 -31.85
C VAL K 154 -18.98 -38.65 -32.95
N ASP K 155 -19.29 -39.00 -34.20
CA ASP K 155 -19.11 -38.06 -35.30
C ASP K 155 -19.99 -36.83 -35.13
N ARG K 156 -21.26 -37.03 -34.77
CA ARG K 156 -22.14 -35.89 -34.51
C ARG K 156 -21.62 -35.04 -33.35
N PHE K 157 -21.17 -35.69 -32.28
CA PHE K 157 -20.67 -34.97 -31.12
C PHE K 157 -19.46 -34.12 -31.49
N TYR K 158 -18.52 -34.68 -32.26
CA TYR K 158 -17.33 -33.92 -32.60
C TYR K 158 -17.62 -32.84 -33.63
N LYS K 159 -18.57 -33.07 -34.54
CA LYS K 159 -18.97 -32.01 -35.46
C LYS K 159 -19.59 -30.84 -34.70
N THR K 160 -20.43 -31.14 -33.71
CA THR K 160 -21.02 -30.06 -32.90
C THR K 160 -19.98 -29.38 -32.04
N LEU K 161 -19.01 -30.15 -31.52
CA LEU K 161 -17.98 -29.57 -30.67
C LEU K 161 -17.05 -28.65 -31.47
N ARG K 162 -16.75 -29.00 -32.72
CA ARG K 162 -15.89 -28.16 -33.54
C ARG K 162 -16.51 -26.80 -33.79
N ALA K 163 -17.84 -26.72 -33.88
CA ALA K 163 -18.55 -25.48 -34.07
C ALA K 163 -18.93 -24.81 -32.75
N GLU K 164 -18.66 -25.45 -31.63
CA GLU K 164 -19.00 -24.87 -30.34
C GLU K 164 -18.09 -23.69 -30.02
N GLN K 165 -18.66 -22.68 -29.38
N GLN K 165 -18.66 -22.66 -29.38
CA GLN K 165 -17.92 -21.48 -28.97
CA GLN K 165 -17.91 -21.48 -28.99
C GLN K 165 -17.36 -21.74 -27.58
C GLN K 165 -17.34 -21.71 -27.59
N ALA K 166 -16.11 -22.22 -27.54
CA ALA K 166 -15.46 -22.52 -26.28
C ALA K 166 -13.96 -22.57 -26.49
N SER K 167 -13.22 -22.53 -25.39
CA SER K 167 -11.78 -22.70 -25.44
C SER K 167 -11.42 -24.18 -25.64
N GLN K 168 -10.18 -24.41 -26.04
CA GLN K 168 -9.75 -25.78 -26.31
C GLN K 168 -9.74 -26.63 -25.04
N GLU K 169 -9.34 -26.05 -23.91
CA GLU K 169 -9.40 -26.77 -22.65
C GLU K 169 -10.85 -27.10 -22.28
N VAL K 170 -11.75 -26.14 -22.49
CA VAL K 170 -13.16 -26.37 -22.20
C VAL K 170 -13.73 -27.44 -23.12
N LYS K 171 -13.32 -27.44 -24.39
CA LYS K 171 -13.77 -28.47 -25.32
C LYS K 171 -13.24 -29.85 -24.93
N ASN K 172 -12.00 -29.93 -24.46
CA ASN K 172 -11.47 -31.20 -23.99
C ASN K 172 -12.24 -31.69 -22.77
N TRP K 173 -12.56 -30.79 -21.85
CA TRP K 173 -13.40 -31.15 -20.71
C TRP K 173 -14.77 -31.63 -21.16
N MET K 174 -15.35 -30.96 -22.17
CA MET K 174 -16.62 -31.39 -22.72
C MET K 174 -16.54 -32.80 -23.29
N THR K 175 -15.46 -33.09 -24.01
CA THR K 175 -15.27 -34.44 -24.55
C THR K 175 -15.15 -35.47 -23.43
N GLU K 176 -14.39 -35.12 -22.38
CA GLU K 176 -14.20 -36.07 -21.29
C GLU K 176 -15.48 -36.29 -20.49
N THR K 177 -16.38 -35.32 -20.48
CA THR K 177 -17.57 -35.40 -19.63
C THR K 177 -18.82 -35.88 -20.37
N LEU K 178 -19.20 -35.21 -21.46
CA LEU K 178 -20.52 -35.39 -22.06
C LEU K 178 -20.61 -36.57 -23.01
N LEU K 179 -19.50 -36.98 -23.63
CA LEU K 179 -19.57 -37.98 -24.69
C LEU K 179 -20.06 -39.32 -24.13
N VAL K 180 -19.44 -39.78 -23.05
CA VAL K 180 -19.91 -41.01 -22.40
C VAL K 180 -21.25 -40.78 -21.73
N GLN K 181 -21.44 -39.60 -21.15
CA GLN K 181 -22.67 -39.32 -20.39
C GLN K 181 -23.90 -39.38 -21.29
N ASN K 182 -23.82 -38.80 -22.49
CA ASN K 182 -24.97 -38.67 -23.37
C ASN K 182 -25.12 -39.83 -24.33
N ALA K 183 -24.42 -40.94 -24.10
CA ALA K 183 -24.60 -42.13 -24.91
C ALA K 183 -25.83 -42.90 -24.46
N ASN K 184 -26.35 -43.73 -25.37
CA ASN K 184 -27.52 -44.53 -25.06
C ASN K 184 -27.16 -45.61 -24.04
N PRO K 185 -28.15 -46.15 -23.32
CA PRO K 185 -27.83 -47.13 -22.27
C PRO K 185 -27.06 -48.35 -22.75
N ASP K 186 -27.37 -48.84 -23.97
CA ASP K 186 -26.69 -50.02 -24.48
C ASP K 186 -25.20 -49.79 -24.62
N CYS K 187 -24.80 -48.62 -25.14
CA CYS K 187 -23.39 -48.28 -25.22
C CYS K 187 -22.85 -47.78 -23.89
N LYS K 188 -23.70 -47.11 -23.09
CA LYS K 188 -23.24 -46.56 -21.83
C LYS K 188 -22.80 -47.66 -20.86
N THR K 189 -23.54 -48.77 -20.82
CA THR K 189 -23.14 -49.86 -19.92
C THR K 189 -21.79 -50.45 -20.33
N ILE K 190 -21.53 -50.53 -21.64
CA ILE K 190 -20.24 -51.02 -22.12
C ILE K 190 -19.14 -50.03 -21.77
N LEU K 191 -19.40 -48.73 -21.93
CA LEU K 191 -18.40 -47.73 -21.59
C LEU K 191 -18.06 -47.75 -20.11
N LYS K 192 -19.07 -47.90 -19.25
CA LYS K 192 -18.81 -48.00 -17.82
C LYS K 192 -18.13 -49.32 -17.47
N ALA K 193 -18.37 -50.38 -18.25
CA ALA K 193 -17.63 -51.62 -18.06
C ALA K 193 -16.14 -51.40 -18.31
N LEU K 194 -15.81 -50.61 -19.33
CA LEU K 194 -14.44 -50.19 -19.54
C LEU K 194 -14.01 -49.21 -18.44
N GLY K 195 -12.70 -49.10 -18.26
CA GLY K 195 -12.15 -48.17 -17.29
C GLY K 195 -12.32 -46.74 -17.72
N PRO K 196 -12.19 -45.80 -16.76
CA PRO K 196 -12.29 -44.38 -17.12
C PRO K 196 -11.12 -43.86 -17.92
N ALA K 197 -10.04 -44.63 -18.04
CA ALA K 197 -8.86 -44.21 -18.79
C ALA K 197 -8.89 -44.71 -20.24
N ALA K 198 -9.99 -45.32 -20.67
CA ALA K 198 -10.07 -45.84 -22.03
C ALA K 198 -10.05 -44.70 -23.04
N THR K 199 -9.28 -44.89 -24.11
CA THR K 199 -9.20 -43.90 -25.18
C THR K 199 -10.42 -44.01 -26.10
N LEU K 200 -10.57 -43.01 -26.98
CA LEU K 200 -11.73 -42.96 -27.85
C LEU K 200 -11.79 -44.18 -28.78
N GLU K 201 -10.64 -44.60 -29.30
CA GLU K 201 -10.61 -45.78 -30.16
C GLU K 201 -11.05 -47.02 -29.40
N GLU K 202 -10.65 -47.15 -28.14
CA GLU K 202 -11.05 -48.31 -27.35
C GLU K 202 -12.56 -48.35 -27.13
N MET K 203 -13.17 -47.20 -26.79
CA MET K 203 -14.63 -47.18 -26.64
C MET K 203 -15.33 -47.46 -27.96
N MET K 204 -14.80 -46.93 -29.06
CA MET K 204 -15.41 -47.20 -30.35
C MET K 204 -15.35 -48.69 -30.69
N THR K 205 -14.21 -49.33 -30.42
CA THR K 205 -14.11 -50.76 -30.65
C THR K 205 -15.05 -51.54 -29.74
N ALA K 206 -15.19 -51.11 -28.49
CA ALA K 206 -16.06 -51.80 -27.56
C ALA K 206 -17.52 -51.72 -27.99
N CYS K 207 -17.95 -50.55 -28.48
CA CYS K 207 -19.34 -50.36 -28.87
C CYS K 207 -19.59 -50.65 -30.34
N GLN K 208 -18.57 -51.08 -31.09
CA GLN K 208 -18.77 -51.43 -32.49
C GLN K 208 -19.80 -52.54 -32.68
N GLY K 209 -20.02 -53.36 -31.66
CA GLY K 209 -20.93 -54.46 -31.75
C GLY K 209 -22.34 -54.21 -31.29
N VAL K 210 -22.63 -53.04 -30.73
CA VAL K 210 -23.95 -52.76 -30.18
C VAL K 210 -24.97 -52.74 -31.31
N GLY K 211 -26.03 -53.52 -31.17
CA GLY K 211 -27.02 -53.65 -32.21
C GLY K 211 -26.78 -54.77 -33.19
N GLY K 212 -25.63 -55.44 -33.11
CA GLY K 212 -25.35 -56.56 -33.98
C GLY K 212 -25.99 -57.84 -33.46
N PRO K 213 -25.98 -58.89 -34.28
CA PRO K 213 -26.60 -60.15 -33.83
C PRO K 213 -26.01 -60.71 -32.55
N GLY K 214 -24.69 -60.64 -32.39
CA GLY K 214 -24.07 -61.18 -31.20
C GLY K 214 -24.45 -60.43 -29.94
N HIS K 215 -24.40 -59.10 -30.00
CA HIS K 215 -24.76 -58.30 -28.84
C HIS K 215 -26.24 -58.46 -28.50
N LYS K 216 -27.08 -58.50 -29.53
CA LYS K 216 -28.51 -58.72 -29.32
C LYS K 216 -28.76 -60.06 -28.63
N ALA K 217 -28.13 -61.12 -29.13
CA ALA K 217 -28.31 -62.43 -28.52
C ALA K 217 -27.78 -62.45 -27.09
N ARG K 218 -26.65 -61.79 -26.85
N ARG K 218 -26.64 -61.79 -26.85
CA ARG K 218 -26.07 -61.80 -25.50
CA ARG K 218 -26.07 -61.79 -25.51
C ARG K 218 -26.96 -61.07 -24.51
C ARG K 218 -26.97 -61.07 -24.52
N VAL K 219 -27.51 -59.91 -24.90
CA VAL K 219 -28.38 -59.18 -23.98
C VAL K 219 -29.69 -59.92 -23.78
N LEU K 220 -30.23 -60.55 -24.83
CA LEU K 220 -31.44 -61.34 -24.67
C LEU K 220 -31.21 -62.50 -23.71
N ALA K 221 -30.08 -63.20 -23.86
CA ALA K 221 -29.77 -64.31 -22.97
C ALA K 221 -29.57 -63.85 -21.53
N GLU K 222 -28.89 -62.72 -21.34
CA GLU K 222 -28.69 -62.19 -20.00
C GLU K 222 -30.02 -61.85 -19.36
N ALA K 223 -30.92 -61.21 -20.13
CA ALA K 223 -32.23 -60.86 -19.59
C ALA K 223 -33.04 -62.10 -19.24
N MET K 224 -33.01 -63.13 -20.10
CA MET K 224 -33.75 -64.35 -19.83
C MET K 224 -33.14 -65.17 -18.70
N SER K 225 -31.84 -64.99 -18.43
CA SER K 225 -31.21 -65.75 -17.36
C SER K 225 -31.83 -65.41 -16.00
N GLN K 226 -32.12 -64.14 -15.76
CA GLN K 226 -32.73 -63.75 -14.49
C GLN K 226 -34.10 -64.39 -14.31
N VAL K 227 -34.93 -64.37 -15.36
CA VAL K 227 -36.27 -64.93 -15.24
C VAL K 227 -36.22 -66.45 -15.13
N ILE K 228 -35.22 -67.08 -15.74
CA ILE K 228 -35.07 -68.53 -15.57
C ILE K 228 -34.61 -68.87 -14.16
N ASN K 229 -33.65 -68.13 -13.64
CA ASN K 229 -33.13 -68.39 -12.29
C ASN K 229 -34.20 -68.15 -11.23
N SER K 230 -34.98 -67.07 -11.37
CA SER K 230 -36.03 -66.79 -10.41
C SER K 230 -37.12 -67.86 -10.44
N ALA K 231 -37.33 -68.49 -11.59
CA ALA K 231 -38.34 -69.53 -11.72
C ALA K 231 -37.91 -70.79 -10.99
N HIS L 1 7.66 -10.22 -63.60
CA HIS L 1 6.78 -11.14 -62.91
C HIS L 1 7.45 -12.50 -62.73
N GLN L 2 7.64 -12.91 -61.48
CA GLN L 2 8.25 -14.19 -61.14
C GLN L 2 7.14 -15.19 -60.84
N ALA L 3 6.82 -16.02 -61.83
CA ALA L 3 5.82 -17.05 -61.64
C ALA L 3 6.32 -18.12 -60.68
N ILE L 4 5.38 -18.87 -60.11
CA ILE L 4 5.73 -19.91 -59.16
C ILE L 4 6.54 -20.99 -59.86
N SER L 5 7.65 -21.38 -59.24
CA SER L 5 8.53 -22.38 -59.81
C SER L 5 7.99 -23.79 -59.57
N PRO L 6 8.38 -24.75 -60.39
CA PRO L 6 7.95 -26.14 -60.15
C PRO L 6 8.36 -26.66 -58.79
N ARG L 7 9.52 -26.26 -58.28
CA ARG L 7 9.96 -26.69 -56.96
C ARG L 7 9.02 -26.16 -55.88
N THR L 8 8.62 -24.90 -55.96
CA THR L 8 7.71 -24.33 -54.98
C THR L 8 6.34 -24.99 -55.02
N LEU L 9 5.82 -25.23 -56.24
CA LEU L 9 4.54 -25.91 -56.37
C LEU L 9 4.61 -27.32 -55.79
N ASN L 10 5.69 -28.05 -56.09
CA ASN L 10 5.84 -29.39 -55.55
C ASN L 10 5.95 -29.36 -54.03
N ALA L 11 6.68 -28.39 -53.49
CA ALA L 11 6.80 -28.28 -52.04
C ALA L 11 5.45 -28.01 -51.40
N TRP L 12 4.65 -27.13 -52.00
CA TRP L 12 3.31 -26.87 -51.49
C TRP L 12 2.45 -28.13 -51.53
N VAL L 13 2.51 -28.87 -52.63
CA VAL L 13 1.71 -30.09 -52.76
C VAL L 13 2.12 -31.11 -51.71
N LYS L 14 3.44 -31.29 -51.51
CA LYS L 14 3.92 -32.19 -50.46
C LYS L 14 3.51 -31.71 -49.08
N VAL L 15 3.51 -30.40 -48.82
CA VAL L 15 3.08 -29.91 -47.51
C VAL L 15 1.63 -30.28 -47.27
N VAL L 16 0.77 -30.05 -48.25
CA VAL L 16 -0.65 -30.38 -48.08
C VAL L 16 -0.84 -31.88 -47.91
N GLU L 17 -0.12 -32.69 -48.70
CA GLU L 17 -0.33 -34.14 -48.62
C GLU L 17 0.27 -34.74 -47.35
N GLU L 18 1.28 -34.10 -46.77
CA GLU L 18 1.94 -34.61 -45.58
C GLU L 18 1.25 -34.16 -44.31
N LYS L 19 0.98 -32.86 -44.17
N LYS L 19 0.98 -32.86 -44.18
CA LYS L 19 0.36 -32.32 -42.97
CA LYS L 19 0.36 -32.32 -42.97
C LYS L 19 -1.16 -32.34 -43.01
C LYS L 19 -1.16 -32.33 -43.02
N ALA L 20 -1.75 -32.87 -44.09
CA ALA L 20 -3.20 -32.86 -44.30
C ALA L 20 -3.63 -31.40 -44.32
N PHE L 21 -4.45 -30.94 -43.38
CA PHE L 21 -4.75 -29.52 -43.26
C PHE L 21 -4.60 -29.07 -41.82
N SER L 22 -3.47 -29.45 -41.23
CA SER L 22 -3.08 -28.98 -39.92
C SER L 22 -2.76 -27.48 -40.00
N PRO L 23 -2.73 -26.79 -38.85
CA PRO L 23 -2.45 -25.35 -38.89
C PRO L 23 -1.12 -25.02 -39.56
N GLU L 24 -0.16 -25.95 -39.56
CA GLU L 24 1.15 -25.68 -40.12
C GLU L 24 1.11 -25.39 -41.61
N VAL L 25 0.00 -25.71 -42.29
CA VAL L 25 -0.09 -25.38 -43.70
C VAL L 25 -0.29 -23.89 -43.91
N ILE L 26 -0.85 -23.19 -42.92
CA ILE L 26 -1.09 -21.75 -43.07
C ILE L 26 0.22 -20.97 -43.21
N PRO L 27 1.23 -21.17 -42.35
CA PRO L 27 2.50 -20.46 -42.58
C PRO L 27 3.15 -20.81 -43.90
N MET L 28 3.27 -22.11 -44.20
CA MET L 28 3.96 -22.54 -45.41
C MET L 28 3.36 -21.90 -46.65
N PHE L 29 2.03 -21.91 -46.76
CA PHE L 29 1.36 -21.22 -47.85
C PHE L 29 1.79 -19.76 -47.90
N SER L 30 1.69 -19.06 -46.77
CA SER L 30 2.09 -17.65 -46.74
C SER L 30 3.55 -17.48 -47.14
N ALA L 31 4.39 -18.47 -46.86
CA ALA L 31 5.80 -18.39 -47.22
C ALA L 31 6.06 -18.78 -48.66
N LEU L 32 5.18 -19.58 -49.27
CA LEU L 32 5.40 -20.08 -50.62
C LEU L 32 4.64 -19.30 -51.67
N SER L 33 3.87 -18.29 -51.28
CA SER L 33 3.01 -17.56 -52.21
C SER L 33 3.19 -16.06 -52.13
N GLU L 34 4.26 -15.59 -51.48
CA GLU L 34 4.45 -14.16 -51.33
C GLU L 34 4.90 -13.54 -52.64
N GLY L 35 4.21 -12.48 -53.06
CA GLY L 35 4.46 -11.88 -54.35
C GLY L 35 3.77 -12.57 -55.51
N ALA L 36 2.97 -13.60 -55.25
CA ALA L 36 2.33 -14.37 -56.30
C ALA L 36 1.10 -13.66 -56.83
N THR L 37 0.87 -13.79 -58.13
CA THR L 37 -0.34 -13.28 -58.76
C THR L 37 -1.52 -14.17 -58.41
N PRO L 38 -2.75 -13.67 -58.59
CA PRO L 38 -3.91 -14.55 -58.40
C PRO L 38 -3.88 -15.81 -59.24
N GLN L 39 -3.31 -15.74 -60.46
CA GLN L 39 -3.17 -16.93 -61.27
C GLN L 39 -2.27 -17.96 -60.61
N ASP L 40 -1.15 -17.51 -60.03
CA ASP L 40 -0.26 -18.42 -59.32
C ASP L 40 -0.93 -19.02 -58.10
N LEU L 41 -1.72 -18.22 -57.38
CA LEU L 41 -2.44 -18.75 -56.21
C LEU L 41 -3.47 -19.78 -56.62
N ASN L 42 -4.17 -19.54 -57.73
CA ASN L 42 -5.12 -20.53 -58.24
C ASN L 42 -4.40 -21.80 -58.67
N THR L 43 -3.23 -21.66 -59.28
CA THR L 43 -2.43 -22.84 -59.64
C THR L 43 -2.02 -23.61 -58.40
N MET L 44 -1.65 -22.90 -57.33
CA MET L 44 -1.34 -23.55 -56.06
C MET L 44 -2.53 -24.32 -55.52
N LEU L 45 -3.72 -23.71 -55.59
CA LEU L 45 -4.91 -24.35 -55.01
C LEU L 45 -5.36 -25.55 -55.82
N ASN L 46 -5.38 -25.43 -57.14
CA ASN L 46 -5.89 -26.49 -58.01
C ASN L 46 -4.96 -27.70 -58.07
N THR L 47 -3.72 -27.58 -57.61
CA THR L 47 -2.79 -28.70 -57.65
C THR L 47 -2.92 -29.62 -56.45
N VAL L 48 -3.72 -29.24 -55.46
CA VAL L 48 -3.91 -30.09 -54.28
C VAL L 48 -4.68 -31.33 -54.68
N GLY L 49 -4.14 -32.50 -54.32
CA GLY L 49 -4.79 -33.77 -54.60
C GLY L 49 -5.58 -34.25 -53.40
N GLY L 50 -6.78 -34.76 -53.65
CA GLY L 50 -7.64 -35.18 -52.57
C GLY L 50 -8.20 -33.99 -51.82
N HIS L 51 -8.74 -34.30 -50.64
CA HIS L 51 -9.32 -33.30 -49.75
C HIS L 51 -10.38 -32.47 -50.48
N GLN L 52 -11.29 -33.18 -51.16
CA GLN L 52 -12.33 -32.51 -51.95
C GLN L 52 -13.24 -31.67 -51.06
N ALA L 53 -13.55 -32.16 -49.86
CA ALA L 53 -14.37 -31.38 -48.94
C ALA L 53 -13.66 -30.09 -48.52
N ALA L 54 -12.36 -30.18 -48.23
CA ALA L 54 -11.60 -28.99 -47.87
C ALA L 54 -11.53 -28.01 -49.02
N MET L 55 -11.32 -28.51 -50.25
CA MET L 55 -11.31 -27.63 -51.41
C MET L 55 -12.66 -26.96 -51.60
N GLN L 56 -13.75 -27.69 -51.36
CA GLN L 56 -15.09 -27.11 -51.48
C GLN L 56 -15.29 -26.00 -50.44
N MET L 57 -14.88 -26.25 -49.20
CA MET L 57 -15.01 -25.21 -48.18
C MET L 57 -14.16 -23.98 -48.51
N LEU L 58 -12.94 -24.20 -49.01
CA LEU L 58 -12.09 -23.08 -49.39
C LEU L 58 -12.70 -22.28 -50.54
N LYS L 59 -13.26 -22.97 -51.53
CA LYS L 59 -13.91 -22.29 -52.65
C LYS L 59 -15.13 -21.52 -52.16
N GLU L 60 -15.88 -22.08 -51.22
CA GLU L 60 -17.03 -21.38 -50.66
C GLU L 60 -16.59 -20.10 -49.94
N THR L 61 -15.54 -20.19 -49.15
CA THR L 61 -15.03 -19.00 -48.46
C THR L 61 -14.54 -17.96 -49.45
N ILE L 62 -13.84 -18.39 -50.50
CA ILE L 62 -13.34 -17.46 -51.52
C ILE L 62 -14.51 -16.77 -52.21
N ASN L 63 -15.55 -17.54 -52.55
CA ASN L 63 -16.72 -16.95 -53.19
C ASN L 63 -17.42 -15.96 -52.27
N GLU L 64 -17.52 -16.29 -50.98
CA GLU L 64 -18.10 -15.37 -50.02
C GLU L 64 -17.33 -14.07 -49.95
N GLU L 65 -15.99 -14.16 -49.90
CA GLU L 65 -15.17 -12.95 -49.83
C GLU L 65 -15.26 -12.14 -51.11
N ALA L 66 -15.32 -12.81 -52.26
CA ALA L 66 -15.47 -12.10 -53.53
C ALA L 66 -16.82 -11.39 -53.60
N ALA L 67 -17.88 -12.06 -53.14
CA ALA L 67 -19.20 -11.43 -53.11
C ALA L 67 -19.21 -10.22 -52.19
N GLU L 68 -18.58 -10.32 -51.02
CA GLU L 68 -18.51 -9.19 -50.12
C GLU L 68 -17.71 -8.04 -50.72
N TRP L 69 -16.61 -8.35 -51.42
CA TRP L 69 -15.86 -7.31 -52.11
C TRP L 69 -16.70 -6.63 -53.16
N ASP L 70 -17.47 -7.40 -53.93
CA ASP L 70 -18.34 -6.82 -54.94
C ASP L 70 -19.41 -5.94 -54.31
N ARG L 71 -19.97 -6.38 -53.18
CA ARG L 71 -20.98 -5.59 -52.51
C ARG L 71 -20.41 -4.27 -51.99
N VAL L 72 -19.26 -4.31 -51.34
CA VAL L 72 -18.68 -3.11 -50.75
C VAL L 72 -18.14 -2.17 -51.84
N HIS L 73 -17.50 -2.73 -52.86
CA HIS L 73 -16.84 -1.92 -53.87
C HIS L 73 -17.75 -1.72 -55.06
N PRO L 74 -18.21 -0.50 -55.33
CA PRO L 74 -19.04 -0.28 -56.52
C PRO L 74 -18.22 -0.34 -57.80
N VAL L 75 -18.91 -0.62 -58.90
CA VAL L 75 -18.28 -0.71 -60.21
C VAL L 75 -18.69 0.51 -61.02
N HIS L 76 -17.69 1.24 -61.53
CA HIS L 76 -17.95 2.40 -62.36
C HIS L 76 -18.19 1.97 -63.80
N ALA L 77 -19.23 2.54 -64.41
CA ALA L 77 -19.63 2.20 -65.77
C ALA L 77 -19.03 3.12 -66.81
N GLY L 78 -18.17 4.06 -66.42
CA GLY L 78 -17.57 4.99 -67.34
C GLY L 78 -16.11 4.68 -67.61
N PRO L 79 -15.83 4.12 -68.79
CA PRO L 79 -14.43 3.84 -69.16
C PRO L 79 -13.62 5.13 -69.25
N ILE L 80 -12.35 5.04 -68.89
CA ILE L 80 -11.43 6.16 -68.90
C ILE L 80 -10.29 5.81 -69.84
N ALA L 81 -10.00 6.69 -70.81
CA ALA L 81 -9.00 6.36 -71.81
C ALA L 81 -7.56 6.51 -71.28
N PRO L 82 -7.15 7.65 -70.73
CA PRO L 82 -5.80 7.70 -70.14
C PRO L 82 -5.72 6.88 -68.87
N GLY L 83 -4.67 6.07 -68.75
CA GLY L 83 -4.59 5.14 -67.65
C GLY L 83 -5.70 4.12 -67.67
N GLN L 84 -6.01 3.57 -68.83
CA GLN L 84 -7.15 2.67 -69.01
C GLN L 84 -6.85 1.33 -68.33
N MET L 85 -7.40 1.14 -67.13
CA MET L 85 -7.28 -0.12 -66.43
C MET L 85 -8.54 -0.30 -65.59
N ARG L 86 -9.37 -1.27 -65.96
CA ARG L 86 -10.64 -1.46 -65.29
C ARG L 86 -10.45 -1.83 -63.83
N GLU L 87 -11.37 -1.38 -62.98
CA GLU L 87 -11.28 -1.68 -61.57
C GLU L 87 -11.61 -3.15 -61.32
N PRO L 88 -10.75 -3.89 -60.62
CA PRO L 88 -11.01 -5.33 -60.44
C PRO L 88 -12.26 -5.58 -59.62
N ARG L 89 -12.94 -6.68 -59.96
CA ARG L 89 -14.08 -7.15 -59.20
C ARG L 89 -13.65 -8.32 -58.32
N GLY L 90 -14.61 -8.91 -57.60
CA GLY L 90 -14.28 -10.04 -56.74
C GLY L 90 -13.73 -11.23 -57.51
N SER L 91 -14.41 -11.60 -58.60
CA SER L 91 -13.91 -12.68 -59.43
C SER L 91 -12.59 -12.31 -60.11
N ASP L 92 -12.41 -11.03 -60.42
CA ASP L 92 -11.15 -10.58 -61.00
C ASP L 92 -10.00 -10.77 -60.02
N ILE L 93 -10.22 -10.45 -58.74
CA ILE L 93 -9.22 -10.69 -57.71
C ILE L 93 -8.99 -12.18 -57.54
N ALA L 94 -10.07 -12.98 -57.55
CA ALA L 94 -9.93 -14.42 -57.44
C ALA L 94 -9.30 -15.06 -58.67
N GLY L 95 -9.14 -14.30 -59.76
CA GLY L 95 -8.51 -14.81 -60.96
C GLY L 95 -9.43 -15.58 -61.88
N THR L 96 -10.72 -15.68 -61.56
CA THR L 96 -11.64 -16.43 -62.40
C THR L 96 -11.89 -15.72 -63.73
N THR L 97 -12.08 -14.40 -63.69
CA THR L 97 -12.38 -13.62 -64.89
C THR L 97 -11.31 -12.57 -65.19
N SER L 98 -10.05 -12.82 -64.85
CA SER L 98 -8.98 -11.90 -65.13
C SER L 98 -7.80 -12.65 -65.75
N THR L 99 -7.04 -11.95 -66.56
CA THR L 99 -5.86 -12.51 -67.20
C THR L 99 -4.60 -12.16 -66.40
N LEU L 100 -3.53 -12.89 -66.69
CA LEU L 100 -2.27 -12.66 -65.98
C LEU L 100 -1.75 -11.26 -66.21
N GLN L 101 -1.89 -10.74 -67.44
CA GLN L 101 -1.46 -9.39 -67.74
C GLN L 101 -2.24 -8.37 -66.91
N GLU L 102 -3.56 -8.58 -66.77
CA GLU L 102 -4.36 -7.66 -65.97
C GLU L 102 -3.94 -7.68 -64.50
N GLN L 103 -3.69 -8.87 -63.96
CA GLN L 103 -3.24 -8.96 -62.57
C GLN L 103 -1.89 -8.29 -62.38
N ILE L 104 -0.97 -8.48 -63.32
CA ILE L 104 0.33 -7.83 -63.22
C ILE L 104 0.17 -6.31 -63.29
N GLY L 105 -0.69 -5.83 -64.19
CA GLY L 105 -0.92 -4.39 -64.27
C GLY L 105 -1.51 -3.83 -63.00
N TRP L 106 -2.46 -4.55 -62.40
CA TRP L 106 -3.02 -4.10 -61.12
C TRP L 106 -1.96 -4.07 -60.03
N MET L 107 -1.11 -5.10 -59.98
CA MET L 107 -0.05 -5.16 -58.98
C MET L 107 1.09 -4.19 -59.26
N THR L 108 1.14 -3.59 -60.45
CA THR L 108 2.22 -2.71 -60.85
C THR L 108 1.81 -1.26 -60.99
N ASN L 109 0.59 -0.99 -61.48
CA ASN L 109 0.14 0.38 -61.72
C ASN L 109 0.20 1.22 -60.44
N ASN L 110 0.24 2.53 -60.64
CA ASN L 110 0.29 3.48 -59.53
C ASN L 110 -1.04 4.20 -59.41
N PRO L 111 -1.75 4.09 -58.28
CA PRO L 111 -1.41 3.33 -57.07
C PRO L 111 -1.64 1.84 -57.24
N PRO L 112 -0.85 1.01 -56.56
CA PRO L 112 -0.99 -0.44 -56.71
C PRO L 112 -2.31 -0.94 -56.14
N ILE L 113 -2.87 -1.94 -56.81
CA ILE L 113 -4.03 -2.67 -56.29
C ILE L 113 -3.57 -4.09 -56.00
N PRO L 114 -3.25 -4.43 -54.76
CA PRO L 114 -2.66 -5.76 -54.46
C PRO L 114 -3.69 -6.88 -54.57
N VAL L 115 -4.07 -7.19 -55.81
CA VAL L 115 -5.04 -8.26 -56.03
C VAL L 115 -4.50 -9.59 -55.51
N GLY L 116 -3.19 -9.82 -55.67
CA GLY L 116 -2.58 -11.01 -55.11
C GLY L 116 -2.68 -11.04 -53.60
N GLU L 117 -2.44 -9.89 -52.95
CA GLU L 117 -2.53 -9.83 -51.50
C GLU L 117 -3.95 -10.08 -51.00
N ILE L 118 -4.94 -9.49 -51.67
CA ILE L 118 -6.33 -9.68 -51.27
C ILE L 118 -6.75 -11.12 -51.47
N TYR L 119 -6.39 -11.71 -52.61
CA TYR L 119 -6.71 -13.11 -52.85
C TYR L 119 -6.02 -14.02 -51.85
N LYS L 120 -4.78 -13.71 -51.49
CA LYS L 120 -4.07 -14.48 -50.48
C LYS L 120 -4.77 -14.39 -49.13
N ARG L 121 -5.26 -13.20 -48.77
CA ARG L 121 -6.01 -13.06 -47.52
C ARG L 121 -7.29 -13.89 -47.55
N TRP L 122 -7.99 -13.89 -48.68
CA TRP L 122 -9.20 -14.72 -48.80
C TRP L 122 -8.86 -16.20 -48.66
N ILE L 123 -7.77 -16.64 -49.30
CA ILE L 123 -7.37 -18.04 -49.21
C ILE L 123 -6.96 -18.39 -47.79
N ILE L 124 -6.32 -17.45 -47.08
CA ILE L 124 -5.94 -17.71 -45.70
C ILE L 124 -7.17 -17.84 -44.81
N LEU L 125 -8.18 -17.00 -45.06
CA LEU L 125 -9.44 -17.16 -44.33
C LEU L 125 -10.06 -18.52 -44.58
N GLY L 126 -10.06 -18.95 -45.84
CA GLY L 126 -10.57 -20.29 -46.16
C GLY L 126 -9.78 -21.38 -45.49
N LEU L 127 -8.45 -21.26 -45.47
CA LEU L 127 -7.60 -22.27 -44.84
C LEU L 127 -7.83 -22.32 -43.33
N ASN L 128 -8.01 -21.16 -42.71
CA ASN L 128 -8.31 -21.14 -41.28
C ASN L 128 -9.65 -21.81 -41.00
N LYS L 129 -10.65 -21.56 -41.85
CA LYS L 129 -11.92 -22.26 -41.71
C LYS L 129 -11.75 -23.77 -41.87
N ILE L 130 -10.90 -24.19 -42.81
CA ILE L 130 -10.64 -25.62 -43.01
C ILE L 130 -10.00 -26.22 -41.78
N VAL L 131 -9.00 -25.55 -41.23
CA VAL L 131 -8.32 -26.04 -40.03
C VAL L 131 -9.31 -26.15 -38.87
N ARG L 132 -10.22 -25.19 -38.76
CA ARG L 132 -11.19 -25.23 -37.67
C ARG L 132 -12.18 -26.36 -37.85
N MET L 133 -12.68 -26.58 -39.08
CA MET L 133 -13.86 -27.39 -39.29
C MET L 133 -13.63 -28.70 -40.05
N TYR L 134 -12.46 -28.92 -40.63
CA TYR L 134 -12.24 -30.09 -41.48
C TYR L 134 -11.37 -31.10 -40.74
N SER L 135 -11.77 -32.37 -40.80
CA SER L 135 -11.00 -33.47 -40.25
C SER L 135 -10.78 -34.50 -41.35
N PRO L 136 -9.55 -34.69 -41.81
CA PRO L 136 -9.32 -35.65 -42.91
C PRO L 136 -9.59 -37.08 -42.48
N THR L 137 -10.03 -37.88 -43.43
CA THR L 137 -10.30 -39.30 -43.20
C THR L 137 -9.07 -40.13 -43.51
N SER L 138 -8.92 -41.25 -42.82
CA SER L 138 -7.79 -42.13 -42.99
C SER L 138 -8.26 -43.57 -43.03
N ILE L 139 -7.40 -44.44 -43.56
CA ILE L 139 -7.68 -45.87 -43.57
C ILE L 139 -7.77 -46.41 -42.15
N LEU L 140 -7.16 -45.74 -41.18
CA LEU L 140 -7.26 -46.14 -39.78
C LEU L 140 -8.66 -45.90 -39.22
N ASP L 141 -9.48 -45.08 -39.87
CA ASP L 141 -10.80 -44.75 -39.38
C ASP L 141 -11.91 -45.59 -39.99
N ILE L 142 -11.59 -46.43 -40.97
CA ILE L 142 -12.60 -47.24 -41.65
C ILE L 142 -12.89 -48.46 -40.76
N ARG L 143 -14.03 -48.42 -40.07
CA ARG L 143 -14.47 -49.51 -39.23
C ARG L 143 -15.81 -50.04 -39.73
N GLN L 144 -16.06 -51.31 -39.48
CA GLN L 144 -17.33 -51.92 -39.87
C GLN L 144 -18.43 -51.51 -38.91
N GLY L 145 -19.60 -51.21 -39.46
CA GLY L 145 -20.77 -50.91 -38.67
C GLY L 145 -21.32 -52.16 -38.01
N PRO L 146 -22.07 -51.98 -36.92
CA PRO L 146 -22.64 -53.14 -36.23
C PRO L 146 -23.57 -53.96 -37.11
N LYS L 147 -24.30 -53.34 -38.03
CA LYS L 147 -25.18 -54.04 -38.95
C LYS L 147 -24.73 -53.93 -40.40
N GLU L 148 -23.51 -53.49 -40.63
CA GLU L 148 -23.03 -53.29 -41.99
C GLU L 148 -22.58 -54.63 -42.58
N PRO L 149 -23.00 -54.96 -43.80
CA PRO L 149 -22.50 -56.18 -44.44
C PRO L 149 -20.99 -56.12 -44.64
N PHE L 150 -20.36 -57.30 -44.56
CA PHE L 150 -18.91 -57.37 -44.69
C PHE L 150 -18.44 -56.93 -46.07
N ARG L 151 -19.21 -57.24 -47.11
CA ARG L 151 -18.84 -56.82 -48.46
C ARG L 151 -18.79 -55.30 -48.57
N ASP L 152 -19.78 -54.61 -48.00
CA ASP L 152 -19.79 -53.16 -48.03
C ASP L 152 -18.60 -52.59 -47.26
N TYR L 153 -18.27 -53.18 -46.11
CA TYR L 153 -17.13 -52.72 -45.33
C TYR L 153 -15.84 -52.91 -46.10
N VAL L 154 -15.68 -54.05 -46.78
CA VAL L 154 -14.48 -54.29 -47.58
C VAL L 154 -14.41 -53.30 -48.74
N ASP L 155 -15.54 -53.01 -49.37
CA ASP L 155 -15.55 -52.03 -50.45
C ASP L 155 -15.13 -50.65 -49.95
N ARG L 156 -15.65 -50.23 -48.80
CA ARG L 156 -15.25 -48.95 -48.22
C ARG L 156 -13.77 -48.94 -47.88
N PHE L 157 -13.28 -50.04 -47.29
CA PHE L 157 -11.87 -50.13 -46.90
C PHE L 157 -10.97 -50.02 -48.12
N TYR L 158 -11.30 -50.72 -49.20
CA TYR L 158 -10.47 -50.67 -50.39
C TYR L 158 -10.57 -49.32 -51.10
N LYS L 159 -11.76 -48.69 -51.08
CA LYS L 159 -11.88 -47.36 -51.66
C LYS L 159 -11.03 -46.35 -50.90
N THR L 160 -11.03 -46.45 -49.57
CA THR L 160 -10.19 -45.55 -48.77
C THR L 160 -8.70 -45.85 -48.98
N LEU L 161 -8.36 -47.13 -49.13
CA LEU L 161 -6.96 -47.51 -49.34
C LEU L 161 -6.44 -46.99 -50.67
N ARG L 162 -7.29 -47.02 -51.71
CA ARG L 162 -6.87 -46.52 -53.01
C ARG L 162 -6.49 -45.04 -52.97
N ALA L 163 -7.17 -44.24 -52.14
CA ALA L 163 -6.87 -42.83 -52.00
C ALA L 163 -5.81 -42.54 -50.95
N GLU L 164 -5.38 -43.56 -50.19
CA GLU L 164 -4.37 -43.34 -49.16
C GLU L 164 -3.01 -43.06 -49.80
N GLN L 165 -2.31 -42.09 -49.23
CA GLN L 165 -0.96 -41.73 -49.71
C GLN L 165 0.04 -42.63 -49.01
N ALA L 166 0.36 -43.76 -49.65
CA ALA L 166 1.30 -44.72 -49.10
C ALA L 166 1.81 -45.60 -50.21
N SER L 167 2.92 -46.29 -49.93
CA SER L 167 3.50 -47.20 -50.90
C SER L 167 2.68 -48.48 -51.01
N GLN L 168 2.90 -49.22 -52.10
CA GLN L 168 2.11 -50.42 -52.34
C GLN L 168 2.34 -51.46 -51.26
N GLU L 169 3.58 -51.65 -50.83
CA GLU L 169 3.86 -52.61 -49.77
C GLU L 169 3.17 -52.19 -48.46
N VAL L 170 3.19 -50.89 -48.17
CA VAL L 170 2.51 -50.40 -46.98
C VAL L 170 1.00 -50.61 -47.11
N LYS L 171 0.47 -50.46 -48.33
CA LYS L 171 -0.96 -50.70 -48.55
C LYS L 171 -1.33 -52.15 -48.31
N ASN L 172 -0.51 -53.09 -48.79
CA ASN L 172 -0.76 -54.50 -48.51
C ASN L 172 -0.64 -54.80 -47.02
N TRP L 173 0.33 -54.19 -46.34
CA TRP L 173 0.44 -54.38 -44.90
C TRP L 173 -0.80 -53.85 -44.18
N MET L 174 -1.32 -52.70 -44.62
CA MET L 174 -2.55 -52.17 -44.05
C MET L 174 -3.72 -53.11 -44.30
N THR L 175 -3.81 -53.68 -45.50
CA THR L 175 -4.87 -54.63 -45.80
C THR L 175 -4.79 -55.85 -44.88
N GLU L 176 -3.58 -56.36 -44.66
CA GLU L 176 -3.41 -57.55 -43.84
C GLU L 176 -3.53 -57.28 -42.35
N THR L 177 -3.39 -56.03 -41.91
CA THR L 177 -3.39 -55.70 -40.49
C THR L 177 -4.66 -55.03 -40.01
N LEU L 178 -5.41 -54.36 -40.88
CA LEU L 178 -6.51 -53.50 -40.46
C LEU L 178 -7.88 -53.99 -40.90
N LEU L 179 -7.97 -54.70 -42.03
CA LEU L 179 -9.27 -55.12 -42.53
C LEU L 179 -9.97 -56.06 -41.57
N VAL L 180 -9.23 -57.01 -40.99
CA VAL L 180 -9.83 -57.93 -40.03
C VAL L 180 -9.93 -57.28 -38.65
N GLN L 181 -8.94 -56.45 -38.30
CA GLN L 181 -8.93 -55.84 -36.98
C GLN L 181 -10.10 -54.89 -36.78
N ASN L 182 -10.44 -54.12 -37.81
CA ASN L 182 -11.47 -53.09 -37.72
C ASN L 182 -12.85 -53.59 -38.16
N ALA L 183 -13.08 -54.89 -38.09
CA ALA L 183 -14.40 -55.44 -38.37
C ALA L 183 -15.21 -55.53 -37.08
N ASN L 184 -16.53 -55.60 -37.23
CA ASN L 184 -17.39 -55.71 -36.07
C ASN L 184 -17.22 -57.08 -35.41
N PRO L 185 -17.56 -57.20 -34.12
CA PRO L 185 -17.33 -58.48 -33.44
C PRO L 185 -18.01 -59.67 -34.09
N ASP L 186 -19.19 -59.46 -34.68
CA ASP L 186 -19.90 -60.57 -35.32
C ASP L 186 -19.08 -61.15 -36.48
N CYS L 187 -18.53 -60.28 -37.32
CA CYS L 187 -17.67 -60.74 -38.41
C CYS L 187 -16.28 -61.12 -37.91
N LYS L 188 -15.78 -60.43 -36.89
CA LYS L 188 -14.44 -60.71 -36.39
C LYS L 188 -14.35 -62.11 -35.79
N THR L 189 -15.42 -62.57 -35.14
CA THR L 189 -15.42 -63.92 -34.58
C THR L 189 -15.23 -64.96 -35.67
N ILE L 190 -15.97 -64.82 -36.77
CA ILE L 190 -15.84 -65.77 -37.87
C ILE L 190 -14.49 -65.64 -38.56
N LEU L 191 -13.98 -64.42 -38.69
CA LEU L 191 -12.68 -64.22 -39.32
C LEU L 191 -11.57 -64.86 -38.50
N LYS L 192 -11.63 -64.72 -37.17
CA LYS L 192 -10.67 -65.39 -36.31
C LYS L 192 -10.85 -66.90 -36.33
N ALA L 193 -12.09 -67.38 -36.50
CA ALA L 193 -12.32 -68.81 -36.66
C ALA L 193 -11.61 -69.34 -37.90
N LEU L 194 -11.65 -68.58 -38.99
CA LEU L 194 -10.89 -68.94 -40.18
C LEU L 194 -9.39 -68.80 -39.92
N GLY L 195 -8.60 -69.52 -40.70
CA GLY L 195 -7.17 -69.49 -40.55
C GLY L 195 -6.58 -68.14 -40.94
N PRO L 196 -5.41 -67.82 -40.42
CA PRO L 196 -4.75 -66.56 -40.79
C PRO L 196 -4.37 -66.49 -42.26
N ALA L 197 -4.29 -67.62 -42.95
CA ALA L 197 -3.92 -67.67 -44.36
C ALA L 197 -5.13 -67.58 -45.28
N ALA L 198 -6.32 -67.33 -44.74
CA ALA L 198 -7.52 -67.25 -45.56
C ALA L 198 -7.44 -66.06 -46.52
N THR L 199 -7.90 -66.27 -47.75
CA THR L 199 -7.89 -65.23 -48.76
C THR L 199 -9.06 -64.28 -48.58
N LEU L 200 -9.09 -63.23 -49.40
CA LEU L 200 -10.17 -62.25 -49.32
C LEU L 200 -11.50 -62.89 -49.70
N GLU L 201 -11.51 -63.76 -50.72
CA GLU L 201 -12.76 -64.40 -51.13
C GLU L 201 -13.28 -65.33 -50.04
N GLU L 202 -12.40 -66.11 -49.42
CA GLU L 202 -12.83 -66.97 -48.32
C GLU L 202 -13.34 -66.15 -47.15
N MET L 203 -12.66 -65.05 -46.84
CA MET L 203 -13.09 -64.18 -45.76
C MET L 203 -14.47 -63.59 -46.03
N MET L 204 -14.70 -63.17 -47.28
CA MET L 204 -16.00 -62.61 -47.66
C MET L 204 -17.10 -63.67 -47.60
N THR L 205 -16.81 -64.87 -48.08
CA THR L 205 -17.80 -65.95 -48.05
C THR L 205 -18.15 -66.35 -46.63
N ALA L 206 -17.14 -66.40 -45.74
CA ALA L 206 -17.40 -66.78 -44.36
C ALA L 206 -18.32 -65.80 -43.65
N CYS L 207 -18.30 -64.54 -44.06
CA CYS L 207 -19.12 -63.50 -43.44
C CYS L 207 -20.35 -63.13 -44.28
N GLN L 208 -20.62 -63.87 -45.35
CA GLN L 208 -21.76 -63.54 -46.21
C GLN L 208 -23.10 -63.77 -45.54
N GLY L 209 -23.14 -64.48 -44.42
CA GLY L 209 -24.39 -64.78 -43.77
C GLY L 209 -24.62 -64.01 -42.48
N VAL L 210 -23.67 -63.16 -42.11
CA VAL L 210 -23.78 -62.40 -40.87
C VAL L 210 -24.96 -61.43 -40.99
N GLY L 211 -25.82 -61.44 -39.98
CA GLY L 211 -27.04 -60.66 -40.01
C GLY L 211 -28.20 -61.32 -40.71
N GLY L 212 -28.00 -62.50 -41.29
CA GLY L 212 -29.07 -63.23 -41.93
C GLY L 212 -29.86 -64.04 -40.91
N PRO L 213 -30.95 -64.65 -41.35
CA PRO L 213 -31.75 -65.47 -40.43
C PRO L 213 -30.97 -66.60 -39.79
N GLY L 214 -30.17 -67.32 -40.58
CA GLY L 214 -29.45 -68.47 -40.05
C GLY L 214 -28.43 -68.07 -39.00
N HIS L 215 -27.63 -67.04 -39.29
CA HIS L 215 -26.58 -66.63 -38.36
C HIS L 215 -27.18 -66.07 -37.07
N LYS L 216 -28.24 -65.27 -37.18
CA LYS L 216 -28.89 -64.73 -35.99
C LYS L 216 -29.51 -65.83 -35.15
N ALA L 217 -30.16 -66.80 -35.80
CA ALA L 217 -30.69 -67.94 -35.07
C ALA L 217 -29.58 -68.72 -34.39
N ARG L 218 -28.44 -68.89 -35.06
N ARG L 218 -28.44 -68.89 -35.06
CA ARG L 218 -27.34 -69.65 -34.48
CA ARG L 218 -27.34 -69.65 -34.48
C ARG L 218 -26.77 -68.95 -33.25
C ARG L 218 -26.77 -68.95 -33.25
N VAL L 219 -26.56 -67.63 -33.33
CA VAL L 219 -25.99 -66.92 -32.18
C VAL L 219 -26.99 -66.88 -31.03
N LEU L 220 -28.28 -66.70 -31.34
CA LEU L 220 -29.31 -66.74 -30.31
C LEU L 220 -29.34 -68.10 -29.63
N ALA L 221 -29.28 -69.18 -30.41
CA ALA L 221 -29.30 -70.52 -29.85
C ALA L 221 -28.06 -70.76 -28.99
N GLU L 222 -26.90 -70.28 -29.43
CA GLU L 222 -25.68 -70.44 -28.65
C GLU L 222 -25.79 -69.73 -27.31
N ALA L 223 -26.29 -68.50 -27.31
CA ALA L 223 -26.43 -67.76 -26.07
C ALA L 223 -27.44 -68.41 -25.13
N MET L 224 -28.59 -68.86 -25.67
CA MET L 224 -29.58 -69.52 -24.84
C MET L 224 -29.05 -70.83 -24.29
N SER L 225 -28.30 -71.59 -25.10
CA SER L 225 -27.71 -72.83 -24.62
C SER L 225 -26.72 -72.56 -23.50
N GLN L 226 -25.90 -71.51 -23.63
CA GLN L 226 -24.94 -71.19 -22.60
C GLN L 226 -25.65 -70.85 -21.29
N VAL L 227 -26.69 -70.00 -21.37
CA VAL L 227 -27.36 -69.60 -20.13
C VAL L 227 -28.16 -70.77 -19.54
N ILE L 228 -28.67 -71.67 -20.37
CA ILE L 228 -29.40 -72.82 -19.85
C ILE L 228 -28.44 -73.79 -19.17
N ASN L 229 -27.29 -74.06 -19.79
CA ASN L 229 -26.30 -74.93 -19.17
C ASN L 229 -25.72 -74.31 -17.92
N SER L 230 -25.72 -72.98 -17.83
CA SER L 230 -25.31 -72.32 -16.59
C SER L 230 -26.27 -72.66 -15.46
N ALA L 231 -27.54 -72.89 -15.77
CA ALA L 231 -28.53 -73.26 -14.77
C ALA L 231 -28.58 -74.78 -14.59
N HIS M 1 -34.85 23.14 -29.36
CA HIS M 1 -34.15 22.06 -28.65
C HIS M 1 -35.07 21.38 -27.65
N GLN M 2 -35.43 20.12 -27.93
CA GLN M 2 -36.29 19.34 -27.04
C GLN M 2 -35.43 18.71 -25.95
N ALA M 3 -35.15 19.49 -24.92
CA ALA M 3 -34.41 19.00 -23.77
C ALA M 3 -35.21 17.93 -23.04
N ILE M 4 -34.50 17.04 -22.35
CA ILE M 4 -35.16 15.93 -21.67
C ILE M 4 -36.06 16.47 -20.57
N SER M 5 -37.29 15.97 -20.52
CA SER M 5 -38.27 16.41 -19.56
C SER M 5 -37.98 15.84 -18.17
N PRO M 6 -38.41 16.51 -17.11
CA PRO M 6 -38.20 15.96 -15.76
C PRO M 6 -38.84 14.59 -15.57
N ARG M 7 -40.00 14.37 -16.15
CA ARG M 7 -40.66 13.07 -16.01
C ARG M 7 -39.88 11.96 -16.70
N THR M 8 -39.34 12.25 -17.89
CA THR M 8 -38.52 11.25 -18.58
C THR M 8 -37.26 10.92 -17.79
N LEU M 9 -36.59 11.94 -17.26
CA LEU M 9 -35.37 11.71 -16.49
C LEU M 9 -35.67 10.92 -15.22
N ASN M 10 -36.75 11.27 -14.52
CA ASN M 10 -37.12 10.54 -13.32
C ASN M 10 -37.52 9.11 -13.64
N ALA M 11 -38.21 8.90 -14.77
CA ALA M 11 -38.57 7.55 -15.17
C ALA M 11 -37.32 6.72 -15.46
N TRP M 12 -36.32 7.33 -16.10
CA TRP M 12 -35.04 6.65 -16.31
C TRP M 12 -34.39 6.28 -14.98
N VAL M 13 -34.42 7.20 -14.02
CA VAL M 13 -33.84 6.93 -12.71
C VAL M 13 -34.56 5.77 -12.03
N LYS M 14 -35.89 5.75 -12.07
CA LYS M 14 -36.63 4.65 -11.47
C LYS M 14 -36.38 3.35 -12.19
N VAL M 15 -36.20 3.39 -13.51
CA VAL M 15 -35.87 2.17 -14.26
C VAL M 15 -34.56 1.59 -13.77
N VAL M 16 -33.53 2.44 -13.65
CA VAL M 16 -32.22 1.96 -13.19
C VAL M 16 -32.32 1.44 -11.76
N GLU M 17 -33.04 2.14 -10.89
CA GLU M 17 -33.09 1.73 -9.49
C GLU M 17 -33.94 0.48 -9.29
N GLU M 18 -34.93 0.27 -10.15
CA GLU M 18 -35.80 -0.90 -10.01
C GLU M 18 -35.20 -2.14 -10.64
N LYS M 19 -34.74 -2.04 -11.88
N LYS M 19 -34.74 -2.04 -11.88
CA LYS M 19 -34.20 -3.18 -12.60
CA LYS M 19 -34.20 -3.17 -12.61
C LYS M 19 -32.71 -3.38 -12.37
C LYS M 19 -32.71 -3.39 -12.36
N ALA M 20 -32.08 -2.55 -11.53
CA ALA M 20 -30.64 -2.59 -11.29
C ALA M 20 -29.98 -2.35 -12.65
N PHE M 21 -29.13 -3.25 -13.14
CA PHE M 21 -28.62 -3.10 -14.50
C PHE M 21 -28.87 -4.36 -15.30
N SER M 22 -30.11 -4.85 -15.24
CA SER M 22 -30.55 -5.96 -16.06
C SER M 22 -30.65 -5.51 -17.52
N PRO M 23 -30.71 -6.46 -18.46
CA PRO M 23 -30.79 -6.07 -19.88
C PRO M 23 -31.95 -5.13 -20.18
N GLU M 24 -33.01 -5.16 -19.37
CA GLU M 24 -34.19 -4.33 -19.61
C GLU M 24 -33.87 -2.85 -19.61
N VAL M 25 -32.76 -2.44 -19.00
CA VAL M 25 -32.41 -1.02 -18.99
C VAL M 25 -32.00 -0.55 -20.37
N ILE M 26 -31.46 -1.43 -21.21
CA ILE M 26 -30.99 -1.02 -22.53
C ILE M 26 -32.14 -0.56 -23.43
N PRO M 27 -33.24 -1.31 -23.59
CA PRO M 27 -34.35 -0.78 -24.40
C PRO M 27 -34.95 0.50 -23.85
N MET M 28 -35.02 0.63 -22.52
CA MET M 28 -35.61 1.84 -21.94
C MET M 28 -34.75 3.05 -22.23
N PHE M 29 -33.43 2.93 -22.02
CA PHE M 29 -32.53 4.04 -22.30
C PHE M 29 -32.68 4.53 -23.73
N SER M 30 -32.57 3.60 -24.69
CA SER M 30 -32.73 3.97 -26.09
C SER M 30 -34.09 4.61 -26.34
N ALA M 31 -35.12 4.16 -25.62
CA ALA M 31 -36.44 4.74 -25.82
C ALA M 31 -36.57 6.10 -25.14
N LEU M 32 -35.80 6.33 -24.07
CA LEU M 32 -35.92 7.56 -23.30
C LEU M 32 -34.92 8.62 -23.71
N SER M 33 -34.06 8.34 -24.69
CA SER M 33 -33.01 9.27 -25.07
C SER M 33 -32.96 9.48 -26.59
N GLU M 34 -34.03 9.14 -27.30
CA GLU M 34 -34.02 9.26 -28.75
C GLU M 34 -34.15 10.72 -29.14
N GLY M 35 -33.18 11.22 -29.91
CA GLY M 35 -33.10 12.63 -30.23
C GLY M 35 -32.38 13.48 -29.21
N ALA M 36 -31.77 12.87 -28.20
CA ALA M 36 -31.14 13.63 -27.13
C ALA M 36 -29.74 14.11 -27.54
N THR M 37 -29.36 15.26 -27.00
CA THR M 37 -28.02 15.80 -27.16
C THR M 37 -27.06 15.09 -26.21
N PRO M 38 -25.75 15.20 -26.45
CA PRO M 38 -24.79 14.66 -25.48
C PRO M 38 -24.95 15.22 -24.08
N GLN M 39 -25.38 16.48 -23.95
CA GLN M 39 -25.64 17.05 -22.64
C GLN M 39 -26.77 16.32 -21.93
N ASP M 40 -27.86 16.03 -22.65
CA ASP M 40 -28.97 15.29 -22.06
C ASP M 40 -28.55 13.88 -21.68
N LEU M 41 -27.72 13.26 -22.51
CA LEU M 41 -27.23 11.92 -22.20
C LEU M 41 -26.36 11.93 -20.94
N ASN M 42 -25.49 12.94 -20.81
CA ASN M 42 -24.68 13.07 -19.61
C ASN M 42 -25.56 13.33 -18.38
N THR M 43 -26.60 14.13 -18.54
CA THR M 43 -27.53 14.35 -17.43
C THR M 43 -28.22 13.05 -17.03
N MET M 44 -28.59 12.24 -18.01
CA MET M 44 -29.19 10.94 -17.71
C MET M 44 -28.22 10.04 -16.96
N LEU M 45 -26.95 10.02 -17.38
CA LEU M 45 -25.98 9.14 -16.76
C LEU M 45 -25.62 9.61 -15.35
N ASN M 46 -25.38 10.91 -15.18
CA ASN M 46 -24.88 11.43 -13.91
C ASN M 46 -25.93 11.39 -12.80
N THR M 47 -27.21 11.38 -13.14
CA THR M 47 -28.26 11.41 -12.14
C THR M 47 -28.51 10.04 -11.51
N VAL M 48 -28.03 8.97 -12.13
CA VAL M 48 -28.18 7.64 -11.57
C VAL M 48 -27.51 7.57 -10.21
N GLY M 49 -28.25 7.08 -9.21
CA GLY M 49 -27.75 6.96 -7.86
C GLY M 49 -27.31 5.54 -7.55
N GLY M 50 -26.20 5.43 -6.81
CA GLY M 50 -25.65 4.14 -6.52
C GLY M 50 -24.97 3.53 -7.74
N HIS M 51 -24.69 2.23 -7.63
CA HIS M 51 -24.05 1.47 -8.70
C HIS M 51 -22.77 2.15 -9.16
N GLN M 52 -21.92 2.51 -8.19
CA GLN M 52 -20.70 3.25 -8.52
C GLN M 52 -19.78 2.43 -9.41
N ALA M 53 -19.67 1.13 -9.15
CA ALA M 53 -18.84 0.27 -9.99
C ALA M 53 -19.36 0.22 -11.42
N ALA M 54 -20.68 0.10 -11.59
CA ALA M 54 -21.26 0.07 -12.92
C ALA M 54 -21.03 1.38 -13.65
N MET M 55 -21.19 2.51 -12.96
CA MET M 55 -20.93 3.80 -13.59
C MET M 55 -19.46 3.95 -13.95
N GLN M 56 -18.57 3.39 -13.13
CA GLN M 56 -17.14 3.44 -13.44
C GLN M 56 -16.83 2.64 -14.71
N MET M 57 -17.42 1.45 -14.83
CA MET M 57 -17.22 0.67 -16.06
C MET M 57 -17.80 1.38 -17.26
N LEU M 58 -18.96 2.02 -17.10
CA LEU M 58 -19.56 2.76 -18.20
C LEU M 58 -18.67 3.92 -18.63
N LYS M 59 -18.10 4.65 -17.67
CA LYS M 59 -17.21 5.75 -18.00
C LYS M 59 -15.93 5.25 -18.66
N GLU M 60 -15.43 4.10 -18.22
CA GLU M 60 -14.26 3.51 -18.86
C GLU M 60 -14.55 3.16 -20.32
N THR M 61 -15.71 2.55 -20.58
CA THR M 61 -16.08 2.23 -21.96
C THR M 61 -16.23 3.49 -22.79
N ILE M 62 -16.84 4.53 -22.22
CA ILE M 62 -17.01 5.79 -22.95
C ILE M 62 -15.65 6.40 -23.29
N ASN M 63 -14.72 6.36 -22.34
CA ASN M 63 -13.38 6.89 -22.59
C ASN M 63 -12.67 6.08 -23.67
N GLU M 64 -12.81 4.76 -23.64
CA GLU M 64 -12.20 3.94 -24.69
C GLU M 64 -12.78 4.28 -26.06
N GLU M 65 -14.10 4.45 -26.14
CA GLU M 65 -14.72 4.79 -27.42
C GLU M 65 -14.29 6.16 -27.90
N ALA M 66 -14.18 7.13 -26.98
CA ALA M 66 -13.71 8.46 -27.35
C ALA M 66 -12.27 8.43 -27.84
N ALA M 67 -11.41 7.65 -27.17
CA ALA M 67 -10.03 7.51 -27.61
C ALA M 67 -9.95 6.88 -28.99
N GLU M 68 -10.78 5.86 -29.24
CA GLU M 68 -10.78 5.23 -30.56
C GLU M 68 -11.26 6.19 -31.63
N TRP M 69 -12.29 7.00 -31.32
CA TRP M 69 -12.75 7.99 -32.27
C TRP M 69 -11.66 9.01 -32.57
N ASP M 70 -10.94 9.45 -31.54
CA ASP M 70 -9.85 10.40 -31.75
C ASP M 70 -8.74 9.79 -32.60
N ARG M 71 -8.43 8.52 -32.34
CA ARG M 71 -7.42 7.83 -33.14
C ARG M 71 -7.82 7.74 -34.60
N VAL M 72 -9.07 7.36 -34.86
CA VAL M 72 -9.51 7.16 -36.24
C VAL M 72 -9.68 8.50 -36.96
N HIS M 73 -10.22 9.50 -36.26
CA HIS M 73 -10.54 10.78 -36.90
C HIS M 73 -9.44 11.78 -36.61
N PRO M 74 -8.65 12.20 -37.59
CA PRO M 74 -7.61 13.20 -37.34
C PRO M 74 -8.21 14.59 -37.14
N VAL M 75 -7.42 15.45 -36.51
CA VAL M 75 -7.81 16.85 -36.35
C VAL M 75 -7.49 17.62 -37.63
N HIS M 76 -8.04 18.83 -37.72
CA HIS M 76 -7.77 19.71 -38.84
C HIS M 76 -6.91 20.88 -38.36
N ALA M 77 -5.95 21.27 -39.20
CA ALA M 77 -4.99 22.31 -38.80
C ALA M 77 -5.58 23.71 -38.93
N GLY M 78 -6.02 24.07 -40.14
CA GLY M 78 -6.50 25.40 -40.40
C GLY M 78 -8.01 25.53 -40.23
N PRO M 79 -8.43 26.31 -39.25
CA PRO M 79 -9.87 26.53 -39.05
C PRO M 79 -10.46 27.35 -40.19
N ILE M 80 -11.74 27.10 -40.46
CA ILE M 80 -12.48 27.82 -41.49
C ILE M 80 -13.46 28.73 -40.77
N ALA M 81 -13.11 30.01 -40.68
CA ALA M 81 -13.96 30.98 -39.99
C ALA M 81 -15.34 31.16 -40.64
N PRO M 82 -15.46 31.39 -41.94
CA PRO M 82 -16.78 31.70 -42.50
C PRO M 82 -17.57 30.44 -42.83
N GLY M 83 -18.77 30.33 -42.25
CA GLY M 83 -19.68 29.24 -42.59
C GLY M 83 -19.16 27.86 -42.28
N GLN M 84 -18.51 27.68 -41.14
CA GLN M 84 -18.00 26.37 -40.76
C GLN M 84 -17.86 26.31 -39.25
N MET M 85 -17.88 25.09 -38.72
CA MET M 85 -17.75 24.84 -37.29
C MET M 85 -16.63 23.84 -37.05
N ARG M 86 -16.14 23.81 -35.82
CA ARG M 86 -15.06 22.90 -35.45
C ARG M 86 -15.53 21.46 -35.56
N GLU M 87 -14.65 20.60 -36.07
CA GLU M 87 -14.95 19.18 -36.17
C GLU M 87 -14.95 18.55 -34.77
N PRO M 88 -16.01 17.83 -34.40
CA PRO M 88 -16.07 17.26 -33.05
C PRO M 88 -14.96 16.25 -32.80
N ARG M 89 -14.52 16.18 -31.55
CA ARG M 89 -13.57 15.19 -31.08
C ARG M 89 -14.29 14.19 -30.18
N GLY M 90 -13.53 13.25 -29.62
CA GLY M 90 -14.12 12.26 -28.74
C GLY M 90 -14.75 12.88 -27.50
N SER M 91 -14.03 13.81 -26.86
CA SER M 91 -14.58 14.48 -25.68
C SER M 91 -15.74 15.39 -26.05
N ASP M 92 -15.73 15.96 -27.26
CA ASP M 92 -16.86 16.76 -27.71
C ASP M 92 -18.11 15.90 -27.88
N ILE M 93 -17.96 14.71 -28.45
CA ILE M 93 -19.10 13.80 -28.58
C ILE M 93 -19.58 13.35 -27.20
N ALA M 94 -18.64 13.02 -26.31
CA ALA M 94 -19.01 12.66 -24.95
C ALA M 94 -19.56 13.83 -24.15
N GLY M 95 -19.44 15.05 -24.66
CA GLY M 95 -19.96 16.22 -23.99
C GLY M 95 -19.07 16.79 -22.91
N THR M 96 -17.90 16.21 -22.67
CA THR M 96 -17.03 16.70 -21.61
C THR M 96 -16.45 18.06 -21.97
N THR M 97 -15.97 18.22 -23.20
CA THR M 97 -15.40 19.48 -23.67
C THR M 97 -16.24 20.11 -24.77
N SER M 98 -17.56 20.00 -24.67
CA SER M 98 -18.47 20.59 -25.65
C SER M 98 -19.61 21.29 -24.93
N THR M 99 -20.16 22.30 -25.59
CA THR M 99 -21.31 23.04 -25.08
C THR M 99 -22.57 22.64 -25.82
N LEU M 100 -23.71 22.92 -25.19
CA LEU M 100 -24.99 22.52 -25.77
C LEU M 100 -25.22 23.18 -27.13
N GLN M 101 -24.81 24.44 -27.27
CA GLN M 101 -24.97 25.12 -28.56
C GLN M 101 -24.16 24.44 -29.65
N GLU M 102 -22.92 24.04 -29.34
CA GLU M 102 -22.11 23.34 -30.33
C GLU M 102 -22.73 21.99 -30.69
N GLN M 103 -23.26 21.28 -29.70
CA GLN M 103 -23.89 19.98 -29.96
C GLN M 103 -25.11 20.15 -30.86
N ILE M 104 -25.94 21.16 -30.59
CA ILE M 104 -27.11 21.41 -31.43
C ILE M 104 -26.68 21.80 -32.84
N GLY M 105 -25.65 22.63 -32.96
CA GLY M 105 -25.16 23.00 -34.27
C GLY M 105 -24.64 21.80 -35.05
N TRP M 106 -23.98 20.88 -34.38
CA TRP M 106 -23.51 19.67 -35.04
C TRP M 106 -24.67 18.80 -35.49
N MET M 107 -25.66 18.59 -34.62
CA MET M 107 -26.81 17.77 -34.97
C MET M 107 -27.75 18.46 -35.95
N THR M 108 -27.57 19.75 -36.22
CA THR M 108 -28.46 20.50 -37.09
C THR M 108 -27.82 20.88 -38.42
N ASN M 109 -26.50 21.07 -38.47
CA ASN M 109 -25.81 21.50 -39.67
C ASN M 109 -26.02 20.50 -40.80
N ASN M 110 -25.75 20.95 -42.03
CA ASN M 110 -25.80 20.10 -43.21
C ASN M 110 -24.40 19.93 -43.77
N PRO M 111 -23.85 18.71 -43.80
CA PRO M 111 -24.44 17.45 -43.35
C PRO M 111 -24.41 17.31 -41.83
N PRO M 112 -25.41 16.66 -41.25
CA PRO M 112 -25.45 16.52 -39.79
C PRO M 112 -24.36 15.61 -39.26
N ILE M 113 -23.86 15.95 -38.08
CA ILE M 113 -22.95 15.07 -37.34
C ILE M 113 -23.71 14.59 -36.12
N PRO M 114 -24.23 13.37 -36.13
CA PRO M 114 -25.07 12.90 -35.02
C PRO M 114 -24.25 12.58 -33.77
N VAL M 115 -23.75 13.64 -33.13
CA VAL M 115 -22.94 13.45 -31.93
C VAL M 115 -23.76 12.78 -30.84
N GLY M 116 -25.05 13.12 -30.75
CA GLY M 116 -25.92 12.44 -29.81
C GLY M 116 -26.05 10.96 -30.11
N GLU M 117 -26.17 10.61 -31.39
CA GLU M 117 -26.30 9.20 -31.76
C GLU M 117 -25.01 8.43 -31.49
N ILE M 118 -23.86 9.03 -31.79
CA ILE M 118 -22.59 8.38 -31.51
C ILE M 118 -22.40 8.18 -30.02
N TYR M 119 -22.72 9.20 -29.22
CA TYR M 119 -22.60 9.07 -27.78
C TYR M 119 -23.59 8.04 -27.25
N LYS M 120 -24.78 7.97 -27.83
CA LYS M 120 -25.74 6.93 -27.46
C LYS M 120 -25.18 5.55 -27.74
N ARG M 121 -24.52 5.38 -28.90
CA ARG M 121 -23.91 4.09 -29.21
C ARG M 121 -22.83 3.73 -28.21
N TRP M 122 -21.99 4.71 -27.83
CA TRP M 122 -20.96 4.45 -26.83
C TRP M 122 -21.58 4.05 -25.49
N ILE M 123 -22.62 4.77 -25.07
CA ILE M 123 -23.27 4.46 -23.80
C ILE M 123 -23.93 3.09 -23.85
N ILE M 124 -24.48 2.72 -25.00
CA ILE M 124 -25.09 1.40 -25.13
C ILE M 124 -24.04 0.31 -25.05
N LEU M 125 -22.87 0.54 -25.64
CA LEU M 125 -21.78 -0.42 -25.49
C LEU M 125 -21.38 -0.57 -24.03
N GLY M 126 -21.27 0.55 -23.32
CA GLY M 126 -20.97 0.48 -21.90
C GLY M 126 -22.03 -0.23 -21.10
N LEU M 127 -23.30 0.01 -21.42
CA LEU M 127 -24.40 -0.65 -20.72
C LEU M 127 -24.40 -2.15 -20.98
N ASN M 128 -24.10 -2.56 -22.22
CA ASN M 128 -23.99 -3.97 -22.52
C ASN M 128 -22.86 -4.61 -21.73
N LYS M 129 -21.73 -3.92 -21.63
CA LYS M 129 -20.63 -4.43 -20.81
C LYS M 129 -21.04 -4.55 -19.34
N ILE M 130 -21.80 -3.57 -18.84
CA ILE M 130 -22.27 -3.62 -17.47
C ILE M 130 -23.19 -4.81 -17.25
N VAL M 131 -24.13 -5.02 -18.17
CA VAL M 131 -25.06 -6.15 -18.07
C VAL M 131 -24.29 -7.46 -18.09
N ARG M 132 -23.24 -7.53 -18.90
CA ARG M 132 -22.46 -8.77 -18.97
C ARG M 132 -21.67 -9.01 -17.70
N MET M 133 -21.05 -7.96 -17.15
CA MET M 133 -20.01 -8.15 -16.13
C MET M 133 -20.36 -7.65 -14.74
N TYR M 134 -21.42 -6.88 -14.56
CA TYR M 134 -21.72 -6.27 -13.27
C TYR M 134 -22.87 -6.99 -12.59
N SER M 135 -22.70 -7.28 -11.31
CA SER M 135 -23.73 -7.87 -10.47
C SER M 135 -23.97 -6.96 -9.27
N PRO M 136 -25.18 -6.41 -9.10
CA PRO M 136 -25.41 -5.49 -7.99
C PRO M 136 -25.36 -6.19 -6.64
N THR M 137 -24.97 -5.42 -5.62
CA THR M 137 -24.93 -5.91 -4.26
C THR M 137 -26.28 -5.72 -3.57
N SER M 138 -26.63 -6.67 -2.70
CA SER M 138 -27.91 -6.65 -2.02
C SER M 138 -27.68 -6.92 -0.53
N ILE M 139 -28.66 -6.48 0.27
CA ILE M 139 -28.64 -6.79 1.70
C ILE M 139 -28.79 -8.29 1.91
N LEU M 140 -29.40 -8.98 0.96
CA LEU M 140 -29.55 -10.43 1.07
C LEU M 140 -28.25 -11.17 0.88
N ASP M 141 -27.24 -10.53 0.29
CA ASP M 141 -25.95 -11.14 0.03
C ASP M 141 -24.91 -10.84 1.09
N ILE M 142 -25.28 -10.14 2.15
CA ILE M 142 -24.35 -9.81 3.23
C ILE M 142 -24.38 -10.95 4.24
N ARG M 143 -23.30 -11.72 4.28
CA ARG M 143 -23.19 -12.87 5.17
C ARG M 143 -21.92 -12.75 5.99
N GLN M 144 -21.97 -13.28 7.21
CA GLN M 144 -20.79 -13.27 8.07
C GLN M 144 -19.80 -14.32 7.62
N GLY M 145 -18.53 -13.94 7.52
CA GLY M 145 -17.48 -14.86 7.19
C GLY M 145 -17.26 -15.86 8.30
N PRO M 146 -16.64 -16.99 7.97
CA PRO M 146 -16.39 -18.02 9.00
C PRO M 146 -15.52 -17.53 10.13
N LYS M 147 -14.66 -16.54 9.88
CA LYS M 147 -13.76 -16.00 10.90
C LYS M 147 -13.98 -14.51 11.12
N GLU M 148 -14.96 -13.92 10.47
CA GLU M 148 -15.19 -12.48 10.60
C GLU M 148 -15.79 -12.17 11.96
N PRO M 149 -15.31 -11.14 12.65
CA PRO M 149 -15.94 -10.73 13.91
C PRO M 149 -17.38 -10.29 13.69
N PHE M 150 -18.22 -10.55 14.70
CA PHE M 150 -19.63 -10.21 14.58
C PHE M 150 -19.84 -8.71 14.43
N ARG M 151 -19.01 -7.90 15.09
CA ARG M 151 -19.12 -6.45 14.96
C ARG M 151 -18.88 -5.99 13.53
N ASP M 152 -17.85 -6.55 12.88
CA ASP M 152 -17.56 -6.19 11.49
C ASP M 152 -18.70 -6.58 10.57
N TYR M 153 -19.28 -7.76 10.78
CA TYR M 153 -20.41 -8.20 9.97
C TYR M 153 -21.61 -7.29 10.19
N VAL M 154 -21.86 -6.90 11.43
CA VAL M 154 -22.97 -5.97 11.71
C VAL M 154 -22.73 -4.64 11.03
N ASP M 155 -21.49 -4.15 11.04
CA ASP M 155 -21.18 -2.89 10.37
C ASP M 155 -21.42 -3.00 8.87
N ARG M 156 -20.96 -4.08 8.25
CA ARG M 156 -21.21 -4.28 6.82
C ARG M 156 -22.70 -4.36 6.52
N PHE M 157 -23.44 -5.08 7.36
CA PHE M 157 -24.88 -5.23 7.16
C PHE M 157 -25.58 -3.89 7.26
N TYR M 158 -25.22 -3.07 8.24
CA TYR M 158 -25.89 -1.78 8.38
C TYR M 158 -25.48 -0.80 7.30
N LYS M 159 -24.24 -0.86 6.83
CA LYS M 159 -23.85 -0.04 5.69
C LYS M 159 -24.66 -0.40 4.45
N THR M 160 -24.78 -1.70 4.16
CA THR M 160 -25.56 -2.14 3.01
C THR M 160 -27.03 -1.76 3.17
N LEU M 161 -27.56 -1.88 4.39
CA LEU M 161 -28.96 -1.51 4.63
C LEU M 161 -29.18 -0.02 4.43
N ARG M 162 -28.25 0.81 4.89
CA ARG M 162 -28.34 2.24 4.64
C ARG M 162 -28.28 2.54 3.14
N ALA M 163 -27.50 1.78 2.39
CA ALA M 163 -27.44 1.95 0.95
C ALA M 163 -28.59 1.26 0.22
N GLU M 164 -29.45 0.53 0.93
CA GLU M 164 -30.50 -0.24 0.29
C GLU M 164 -31.72 0.63 -0.01
N GLN M 165 -32.36 0.36 -1.14
N GLN M 165 -32.37 0.37 -1.14
CA GLN M 165 -33.57 1.07 -1.57
CA GLN M 165 -33.57 1.09 -1.56
C GLN M 165 -34.77 0.36 -0.96
C GLN M 165 -34.78 0.39 -0.98
N ALA M 166 -35.24 0.87 0.18
CA ALA M 166 -36.41 0.30 0.84
C ALA M 166 -36.98 1.31 1.80
N SER M 167 -38.22 1.05 2.24
CA SER M 167 -38.83 1.87 3.26
C SER M 167 -38.24 1.56 4.62
N GLN M 168 -38.42 2.49 5.56
CA GLN M 168 -37.82 2.33 6.88
C GLN M 168 -38.39 1.12 7.61
N GLU M 169 -39.70 0.88 7.46
CA GLU M 169 -40.29 -0.32 8.05
C GLU M 169 -39.71 -1.58 7.43
N VAL M 170 -39.51 -1.56 6.11
CA VAL M 170 -38.91 -2.71 5.43
C VAL M 170 -37.47 -2.92 5.90
N LYS M 171 -36.72 -1.84 6.07
CA LYS M 171 -35.35 -1.97 6.57
C LYS M 171 -35.34 -2.53 7.99
N ASN M 172 -36.28 -2.11 8.83
CA ASN M 172 -36.37 -2.66 10.17
C ASN M 172 -36.69 -4.15 10.13
N TRP M 173 -37.59 -4.56 9.23
CA TRP M 173 -37.90 -5.97 9.08
C TRP M 173 -36.69 -6.76 8.59
N MET M 174 -35.93 -6.19 7.67
CA MET M 174 -34.69 -6.83 7.21
C MET M 174 -33.71 -6.99 8.35
N THR M 175 -33.57 -5.97 9.18
CA THR M 175 -32.69 -6.09 10.34
C THR M 175 -33.16 -7.18 11.29
N GLU M 176 -34.48 -7.26 11.50
CA GLU M 176 -35.03 -8.23 12.45
C GLU M 176 -34.95 -9.67 11.94
N THR M 177 -34.96 -9.87 10.62
CA THR M 177 -35.02 -11.23 10.08
C THR M 177 -33.82 -11.66 9.25
N LEU M 178 -32.80 -10.80 9.11
CA LEU M 178 -31.64 -11.14 8.28
C LEU M 178 -30.31 -11.12 9.02
N LEU M 179 -30.16 -10.28 10.04
CA LEU M 179 -28.88 -10.16 10.73
C LEU M 179 -28.49 -11.47 11.40
N VAL M 180 -29.39 -12.03 12.20
CA VAL M 180 -29.10 -13.29 12.88
C VAL M 180 -29.06 -14.44 11.88
N GLN M 181 -29.94 -14.40 10.88
CA GLN M 181 -30.05 -15.51 9.94
C GLN M 181 -28.79 -15.69 9.12
N ASN M 182 -28.17 -14.58 8.71
CA ASN M 182 -26.98 -14.61 7.86
C ASN M 182 -25.67 -14.59 8.65
N ALA M 183 -25.74 -14.74 9.96
CA ALA M 183 -24.53 -14.86 10.77
C ALA M 183 -23.94 -16.26 10.61
N ASN M 184 -22.65 -16.38 10.93
CA ASN M 184 -21.98 -17.66 10.82
C ASN M 184 -22.45 -18.59 11.94
N PRO M 185 -22.27 -19.91 11.77
CA PRO M 185 -22.80 -20.85 12.78
C PRO M 185 -22.28 -20.60 14.19
N ASP M 186 -21.01 -20.21 14.33
CA ASP M 186 -20.46 -19.97 15.65
C ASP M 186 -21.19 -18.85 16.37
N CYS M 187 -21.47 -17.76 15.66
CA CYS M 187 -22.25 -16.68 16.25
C CYS M 187 -23.74 -17.00 16.28
N LYS M 188 -24.23 -17.78 15.31
CA LYS M 188 -25.66 -18.09 15.28
C LYS M 188 -26.08 -18.95 16.47
N THR M 189 -25.21 -19.87 16.91
CA THR M 189 -25.53 -20.66 18.09
C THR M 189 -25.75 -19.77 19.31
N ILE M 190 -24.84 -18.83 19.53
CA ILE M 190 -24.95 -17.93 20.67
C ILE M 190 -26.16 -17.02 20.53
N LEU M 191 -26.41 -16.52 19.32
CA LEU M 191 -27.55 -15.64 19.11
C LEU M 191 -28.86 -16.36 19.36
N LYS M 192 -28.96 -17.62 18.91
CA LYS M 192 -30.16 -18.40 19.17
C LYS M 192 -30.33 -18.68 20.66
N ALA M 193 -29.23 -19.02 21.34
CA ALA M 193 -29.31 -19.22 22.78
C ALA M 193 -29.66 -17.95 23.53
N LEU M 194 -29.39 -16.78 22.94
CA LEU M 194 -29.68 -15.51 23.59
C LEU M 194 -31.17 -15.22 23.66
N GLY M 195 -31.94 -15.67 22.68
CA GLY M 195 -33.37 -15.44 22.66
C GLY M 195 -33.78 -14.40 21.64
N PRO M 196 -35.04 -14.46 21.19
CA PRO M 196 -35.50 -13.50 20.18
C PRO M 196 -35.63 -12.08 20.68
N ALA M 197 -35.73 -11.88 21.99
CA ALA M 197 -35.91 -10.54 22.56
C ALA M 197 -34.61 -9.79 22.76
N ALA M 198 -33.47 -10.41 22.44
CA ALA M 198 -32.18 -9.77 22.66
C ALA M 198 -32.02 -8.54 21.77
N THR M 199 -31.41 -7.50 22.32
CA THR M 199 -31.15 -6.27 21.59
C THR M 199 -29.85 -6.40 20.80
N LEU M 200 -29.59 -5.40 19.95
CA LEU M 200 -28.37 -5.41 19.14
C LEU M 200 -27.13 -5.37 20.02
N GLU M 201 -27.14 -4.51 21.04
CA GLU M 201 -25.98 -4.41 21.93
C GLU M 201 -25.77 -5.71 22.69
N GLU M 202 -26.84 -6.33 23.16
CA GLU M 202 -26.72 -7.62 23.83
C GLU M 202 -26.19 -8.68 22.88
N MET M 203 -26.64 -8.67 21.63
CA MET M 203 -26.17 -9.65 20.65
C MET M 203 -24.68 -9.46 20.37
N MET M 204 -24.23 -8.21 20.25
CA MET M 204 -22.82 -7.96 20.01
C MET M 204 -21.97 -8.32 21.22
N THR M 205 -22.48 -8.08 22.43
CA THR M 205 -21.75 -8.48 23.62
C THR M 205 -21.64 -9.99 23.72
N ALA M 206 -22.70 -10.71 23.34
CA ALA M 206 -22.69 -12.16 23.45
C ALA M 206 -21.74 -12.79 22.44
N CYS M 207 -21.51 -12.15 21.30
CA CYS M 207 -20.63 -12.66 20.27
C CYS M 207 -19.27 -11.98 20.27
N GLN M 208 -18.98 -11.18 21.29
CA GLN M 208 -17.71 -10.44 21.32
C GLN M 208 -16.52 -11.37 21.47
N GLY M 209 -16.72 -12.55 22.03
CA GLY M 209 -15.64 -13.48 22.27
C GLY M 209 -15.46 -14.59 21.27
N VAL M 210 -16.27 -14.63 20.21
CA VAL M 210 -16.18 -15.71 19.24
C VAL M 210 -14.88 -15.58 18.46
N GLY M 211 -14.08 -16.65 18.47
CA GLY M 211 -12.76 -16.63 17.89
C GLY M 211 -11.66 -16.31 18.86
N GLY M 212 -11.98 -15.96 20.10
CA GLY M 212 -10.98 -15.73 21.12
C GLY M 212 -10.56 -17.03 21.77
N PRO M 213 -9.52 -16.97 22.61
CA PRO M 213 -9.03 -18.21 23.24
C PRO M 213 -10.08 -18.94 24.06
N GLY M 214 -10.89 -18.21 24.82
CA GLY M 214 -11.88 -18.86 25.66
C GLY M 214 -12.96 -19.58 24.87
N HIS M 215 -13.48 -18.93 23.83
CA HIS M 215 -14.53 -19.54 23.02
C HIS M 215 -14.01 -20.77 22.29
N LYS M 216 -12.81 -20.67 21.72
CA LYS M 216 -12.22 -21.82 21.03
C LYS M 216 -11.99 -22.98 22.00
N ALA M 217 -11.44 -22.68 23.18
CA ALA M 217 -11.23 -23.72 24.18
C ALA M 217 -12.55 -24.36 24.60
N ARG M 218 -13.61 -23.55 24.76
CA ARG M 218 -14.89 -24.08 25.21
C ARG M 218 -15.53 -24.97 24.16
N VAL M 219 -15.51 -24.56 22.90
CA VAL M 219 -16.12 -25.39 21.85
C VAL M 219 -15.30 -26.66 21.64
N LEU M 220 -13.97 -26.56 21.70
CA LEU M 220 -13.13 -27.75 21.60
C LEU M 220 -13.42 -28.70 22.75
N ALA M 221 -13.60 -28.17 23.95
CA ALA M 221 -13.92 -28.99 25.11
C ALA M 221 -15.27 -29.66 24.95
N GLU M 222 -16.27 -28.94 24.43
CA GLU M 222 -17.58 -29.54 24.21
C GLU M 222 -17.50 -30.70 23.23
N ALA M 223 -16.80 -30.50 22.12
CA ALA M 223 -16.66 -31.57 21.14
C ALA M 223 -15.89 -32.76 21.71
N MET M 224 -14.79 -32.48 22.43
CA MET M 224 -14.00 -33.53 23.05
C MET M 224 -14.83 -34.31 24.06
N SER M 225 -15.63 -33.61 24.86
CA SER M 225 -16.47 -34.28 25.85
C SER M 225 -17.51 -35.15 25.16
N GLN M 226 -18.09 -34.67 24.07
CA GLN M 226 -19.05 -35.48 23.33
C GLN M 226 -18.42 -36.78 22.85
N VAL M 227 -17.24 -36.69 22.22
CA VAL M 227 -16.63 -37.89 21.67
C VAL M 227 -16.12 -38.81 22.78
N ILE M 228 -15.70 -38.27 23.91
CA ILE M 228 -15.28 -39.12 25.03
C ILE M 228 -16.48 -39.82 25.64
N ASN M 229 -17.60 -39.11 25.77
CA ASN M 229 -18.82 -39.73 26.31
C ASN M 229 -19.34 -40.82 25.39
N SER M 230 -19.17 -40.64 24.07
CA SER M 230 -19.54 -41.70 23.14
C SER M 230 -18.70 -42.96 23.39
N ALA M 231 -17.42 -42.78 23.73
CA ALA M 231 -16.55 -43.91 24.02
C ALA M 231 -16.95 -44.58 25.33
N HIS N 1 -34.14 33.90 -13.88
CA HIS N 1 -34.86 32.66 -13.64
C HIS N 1 -33.91 31.51 -13.31
N GLN N 2 -34.18 30.83 -12.20
CA GLN N 2 -33.41 29.66 -11.77
C GLN N 2 -34.38 28.49 -11.64
N ALA N 3 -34.62 27.79 -12.74
CA ALA N 3 -35.49 26.62 -12.71
C ALA N 3 -34.84 25.51 -11.90
N ILE N 4 -35.69 24.63 -11.36
CA ILE N 4 -35.18 23.55 -10.52
C ILE N 4 -34.38 22.58 -11.35
N SER N 5 -33.17 22.27 -10.89
CA SER N 5 -32.26 21.40 -11.62
C SER N 5 -32.69 19.94 -11.50
N PRO N 6 -32.31 19.11 -12.47
CA PRO N 6 -32.66 17.68 -12.38
C PRO N 6 -32.20 17.02 -11.09
N ARG N 7 -31.02 17.37 -10.59
CA ARG N 7 -30.53 16.78 -9.35
C ARG N 7 -31.43 17.16 -8.16
N THR N 8 -31.86 18.42 -8.10
CA THR N 8 -32.73 18.85 -7.01
C THR N 8 -34.07 18.13 -7.06
N LEU N 9 -34.67 18.03 -8.26
CA LEU N 9 -35.94 17.34 -8.40
C LEU N 9 -35.81 15.86 -8.04
N ASN N 10 -34.74 15.23 -8.49
CA ASN N 10 -34.53 13.82 -8.16
C ASN N 10 -34.31 13.64 -6.67
N ALA N 11 -33.58 14.56 -6.03
CA ALA N 11 -33.40 14.48 -4.58
C ALA N 11 -34.72 14.61 -3.86
N TRP N 12 -35.59 15.50 -4.33
CA TRP N 12 -36.92 15.63 -3.74
C TRP N 12 -37.71 14.32 -3.90
N VAL N 13 -37.63 13.70 -5.09
CA VAL N 13 -38.35 12.47 -5.33
C VAL N 13 -37.85 11.36 -4.40
N LYS N 14 -36.53 11.23 -4.28
CA LYS N 14 -35.99 10.20 -3.39
C LYS N 14 -36.29 10.51 -1.93
N VAL N 15 -36.34 11.79 -1.54
CA VAL N 15 -36.71 12.13 -0.17
C VAL N 15 -38.14 11.66 0.12
N VAL N 16 -39.06 11.95 -0.80
CA VAL N 16 -40.45 11.54 -0.59
C VAL N 16 -40.57 10.02 -0.60
N GLU N 17 -39.83 9.36 -1.50
CA GLU N 17 -39.95 7.90 -1.60
C GLU N 17 -39.28 7.18 -0.45
N GLU N 18 -38.25 7.78 0.16
CA GLU N 18 -37.54 7.14 1.25
C GLU N 18 -38.20 7.41 2.59
N LYS N 19 -38.62 8.65 2.82
N LYS N 19 -38.62 8.64 2.83
CA LYS N 19 -39.26 9.02 4.08
CA LYS N 19 -39.26 9.01 4.08
C LYS N 19 -40.77 8.88 4.04
C LYS N 19 -40.78 8.89 4.04
N ALA N 20 -41.34 8.45 2.92
CA ALA N 20 -42.79 8.33 2.72
C ALA N 20 -43.37 9.74 2.90
N PHE N 21 -44.01 10.05 4.02
CA PHE N 21 -44.40 11.43 4.31
C PHE N 21 -44.15 11.75 5.77
N SER N 22 -43.05 11.23 6.31
CA SER N 22 -42.60 11.62 7.62
C SER N 22 -42.38 13.13 7.67
N PRO N 23 -42.38 13.73 8.87
CA PRO N 23 -42.28 15.19 8.95
C PRO N 23 -41.01 15.76 8.34
N GLU N 24 -39.96 14.95 8.22
CA GLU N 24 -38.70 15.41 7.64
C GLU N 24 -38.83 15.81 6.18
N VAL N 25 -39.92 15.46 5.50
CA VAL N 25 -40.13 15.94 4.15
C VAL N 25 -40.46 17.43 4.13
N ILE N 26 -41.04 17.97 5.21
CA ILE N 26 -41.39 19.39 5.24
C ILE N 26 -40.16 20.29 5.16
N PRO N 27 -39.09 20.06 5.94
CA PRO N 27 -37.88 20.89 5.73
C PRO N 27 -37.27 20.71 4.36
N MET N 28 -37.09 19.46 3.93
CA MET N 28 -36.44 19.20 2.64
C MET N 28 -37.14 19.96 1.52
N PHE N 29 -38.47 19.89 1.47
CA PHE N 29 -39.22 20.66 0.47
C PHE N 29 -38.86 22.14 0.56
N SER N 30 -38.97 22.71 1.76
CA SER N 30 -38.63 24.12 1.94
C SER N 30 -37.19 24.40 1.54
N ALA N 31 -36.30 23.40 1.70
CA ALA N 31 -34.91 23.62 1.36
C ALA N 31 -34.66 23.46 -0.13
N LEU N 32 -35.51 22.71 -0.83
CA LEU N 32 -35.30 22.46 -2.24
C LEU N 32 -36.17 23.31 -3.15
N SER N 33 -36.91 24.27 -2.58
CA SER N 33 -37.83 25.09 -3.36
C SER N 33 -37.65 26.58 -3.06
N GLU N 34 -36.51 26.98 -2.52
CA GLU N 34 -36.28 28.38 -2.21
C GLU N 34 -36.17 29.17 -3.51
N GLY N 35 -37.02 30.18 -3.67
CA GLY N 35 -37.05 30.97 -4.88
C GLY N 35 -37.77 30.32 -6.04
N ALA N 36 -38.39 29.17 -5.84
CA ALA N 36 -39.02 28.46 -6.94
C ALA N 36 -40.30 29.15 -7.38
N THR N 37 -40.53 29.17 -8.69
CA THR N 37 -41.78 29.66 -9.24
C THR N 37 -42.90 28.65 -8.99
N PRO N 38 -44.16 29.08 -9.09
CA PRO N 38 -45.26 28.12 -8.97
C PRO N 38 -45.19 26.98 -9.96
N GLN N 39 -44.67 27.23 -11.17
CA GLN N 39 -44.46 26.15 -12.13
C GLN N 39 -43.46 25.13 -11.60
N ASP N 40 -42.37 25.60 -10.99
CA ASP N 40 -41.39 24.68 -10.42
C ASP N 40 -41.99 23.88 -9.28
N LEU N 41 -42.81 24.51 -8.45
CA LEU N 41 -43.47 23.80 -7.35
C LEU N 41 -44.45 22.75 -7.87
N ASN N 42 -45.19 23.10 -8.93
CA ASN N 42 -46.08 22.12 -9.55
C ASN N 42 -45.30 20.97 -10.14
N THR N 43 -44.15 21.24 -10.74
CA THR N 43 -43.28 20.17 -11.24
C THR N 43 -42.80 19.28 -10.11
N MET N 44 -42.46 19.89 -8.97
CA MET N 44 -42.06 19.10 -7.80
C MET N 44 -43.20 18.21 -7.32
N LEU N 45 -44.42 18.74 -7.27
CA LEU N 45 -45.54 17.99 -6.73
C LEU N 45 -45.99 16.87 -7.67
N ASN N 46 -46.10 17.17 -8.96
CA ASN N 46 -46.60 16.20 -9.93
C ASN N 46 -45.64 15.04 -10.14
N THR N 47 -44.34 15.28 -10.06
CA THR N 47 -43.35 14.25 -10.35
C THR N 47 -43.34 13.14 -9.29
N VAL N 48 -43.87 13.40 -8.10
CA VAL N 48 -43.95 12.38 -7.06
C VAL N 48 -44.80 11.21 -7.57
N GLY N 49 -44.31 10.00 -7.33
CA GLY N 49 -45.01 8.79 -7.72
C GLY N 49 -45.53 8.05 -6.50
N GLY N 50 -46.72 7.45 -6.64
CA GLY N 50 -47.35 6.80 -5.53
C GLY N 50 -47.98 7.82 -4.59
N HIS N 51 -48.43 7.30 -3.44
CA HIS N 51 -49.06 8.11 -2.40
C HIS N 51 -50.20 8.95 -2.99
N GLN N 52 -51.06 8.29 -3.77
CA GLN N 52 -52.13 9.00 -4.46
C GLN N 52 -53.10 9.64 -3.47
N ALA N 53 -53.37 8.99 -2.34
CA ALA N 53 -54.21 9.60 -1.32
C ALA N 53 -53.58 10.85 -0.74
N ALA N 54 -52.26 10.80 -0.49
CA ALA N 54 -51.57 11.97 0.03
C ALA N 54 -51.60 13.12 -0.97
N MET N 55 -51.38 12.84 -2.25
CA MET N 55 -51.44 13.90 -3.25
C MET N 55 -52.84 14.43 -3.43
N GLN N 56 -53.86 13.58 -3.25
CA GLN N 56 -55.23 14.06 -3.27
C GLN N 56 -55.49 15.02 -2.11
N MET N 57 -55.00 14.68 -0.92
CA MET N 57 -55.13 15.57 0.22
C MET N 57 -54.41 16.90 -0.03
N LEU N 58 -53.21 16.83 -0.61
CA LEU N 58 -52.46 18.04 -0.93
C LEU N 58 -53.21 18.91 -1.93
N LYS N 59 -53.77 18.29 -2.97
CA LYS N 59 -54.54 19.04 -3.96
C LYS N 59 -55.78 19.67 -3.33
N GLU N 60 -56.45 18.94 -2.44
CA GLU N 60 -57.61 19.49 -1.74
C GLU N 60 -57.22 20.71 -0.91
N THR N 61 -56.12 20.61 -0.16
CA THR N 61 -55.68 21.74 0.64
C THR N 61 -55.32 22.93 -0.22
N ILE N 62 -54.62 22.69 -1.34
CA ILE N 62 -54.27 23.78 -2.25
C ILE N 62 -55.52 24.43 -2.81
N ASN N 63 -56.53 23.63 -3.14
CA ASN N 63 -57.77 24.17 -3.66
C ASN N 63 -58.48 25.04 -2.63
N GLU N 64 -58.54 24.59 -1.38
CA GLU N 64 -59.14 25.41 -0.34
C GLU N 64 -58.38 26.72 -0.14
N GLU N 65 -57.03 26.65 -0.17
CA GLU N 65 -56.25 27.87 -0.02
C GLU N 65 -56.49 28.83 -1.18
N ALA N 66 -56.57 28.31 -2.40
CA ALA N 66 -56.84 29.17 -3.56
C ALA N 66 -58.23 29.78 -3.48
N ALA N 67 -59.22 29.00 -3.03
CA ALA N 67 -60.56 29.53 -2.86
C ALA N 67 -60.60 30.63 -1.80
N GLU N 68 -59.87 30.44 -0.70
CA GLU N 68 -59.80 31.48 0.33
C GLU N 68 -59.13 32.74 -0.21
N TRP N 69 -58.07 32.58 -0.99
CA TRP N 69 -57.42 33.76 -1.58
C TRP N 69 -58.37 34.49 -2.53
N ASP N 70 -59.13 33.73 -3.32
CA ASP N 70 -60.09 34.36 -4.23
C ASP N 70 -61.18 35.09 -3.45
N ARG N 71 -61.63 34.50 -2.34
CA ARG N 71 -62.63 35.16 -1.52
C ARG N 71 -62.11 36.45 -0.92
N VAL N 72 -60.93 36.42 -0.31
CA VAL N 72 -60.41 37.58 0.40
C VAL N 72 -60.01 38.68 -0.57
N HIS N 73 -59.31 38.31 -1.65
CA HIS N 73 -58.83 39.29 -2.61
C HIS N 73 -59.84 39.45 -3.74
N PRO N 74 -60.49 40.59 -3.88
CA PRO N 74 -61.46 40.76 -4.96
C PRO N 74 -60.78 41.03 -6.30
N VAL N 75 -61.56 40.81 -7.36
CA VAL N 75 -61.07 41.04 -8.71
C VAL N 75 -61.23 42.51 -9.06
N HIS N 76 -60.48 42.96 -10.07
CA HIS N 76 -60.55 44.32 -10.58
C HIS N 76 -61.20 44.29 -11.96
N ALA N 77 -61.80 45.43 -12.33
CA ALA N 77 -62.39 45.57 -13.65
C ALA N 77 -61.36 45.45 -14.78
N GLY N 78 -60.08 45.61 -14.46
CA GLY N 78 -59.02 45.43 -15.42
C GLY N 78 -58.74 46.65 -16.29
N PRO N 79 -58.37 47.77 -15.69
CA PRO N 79 -57.93 48.91 -16.48
C PRO N 79 -56.51 48.73 -16.96
N ILE N 80 -56.22 49.32 -18.13
CA ILE N 80 -54.89 49.21 -18.69
C ILE N 80 -53.93 50.10 -17.91
N ALA N 81 -52.66 49.69 -17.88
CA ALA N 81 -51.62 50.38 -17.15
C ALA N 81 -50.33 50.30 -17.96
N PRO N 82 -49.38 51.20 -17.70
CA PRO N 82 -48.07 51.06 -18.36
C PRO N 82 -47.39 49.74 -18.06
N GLY N 83 -47.56 49.22 -16.84
CA GLY N 83 -47.09 47.88 -16.54
C GLY N 83 -48.05 46.80 -16.97
N GLN N 84 -49.34 47.12 -17.01
CA GLN N 84 -50.43 46.22 -17.42
C GLN N 84 -50.21 44.79 -16.96
N MET N 85 -50.06 44.63 -15.64
CA MET N 85 -49.91 43.34 -15.01
C MET N 85 -51.15 43.04 -14.18
N ARG N 86 -51.90 42.03 -14.61
CA ARG N 86 -53.10 41.63 -13.89
C ARG N 86 -52.76 41.08 -12.51
N GLU N 87 -53.65 41.31 -11.55
CA GLU N 87 -53.44 40.80 -10.20
C GLU N 87 -53.66 39.29 -10.19
N PRO N 88 -52.73 38.51 -9.63
CA PRO N 88 -52.90 37.05 -9.64
C PRO N 88 -54.09 36.62 -8.80
N ARG N 89 -54.69 35.50 -9.21
CA ARG N 89 -55.78 34.87 -8.49
C ARG N 89 -55.28 33.58 -7.85
N GLY N 90 -56.22 32.83 -7.25
CA GLY N 90 -55.84 31.58 -6.61
C GLY N 90 -55.24 30.58 -7.58
N SER N 91 -55.88 30.43 -8.75
CA SER N 91 -55.34 29.54 -9.77
C SER N 91 -54.01 30.03 -10.31
N ASP N 92 -53.85 31.35 -10.43
CA ASP N 92 -52.58 31.91 -10.89
C ASP N 92 -51.45 31.61 -9.91
N ILE N 93 -51.71 31.76 -8.62
CA ILE N 93 -50.71 31.43 -7.61
C ILE N 93 -50.42 29.93 -7.61
N ALA N 94 -51.47 29.11 -7.71
CA ALA N 94 -51.27 27.67 -7.78
C ALA N 94 -50.60 27.23 -9.08
N GLY N 95 -50.48 28.11 -10.07
CA GLY N 95 -49.83 27.79 -11.32
C GLY N 95 -50.74 27.16 -12.36
N THR N 96 -52.02 26.96 -12.05
CA THR N 96 -52.92 26.32 -13.01
C THR N 96 -53.27 27.27 -14.15
N THR N 97 -53.88 28.41 -13.84
CA THR N 97 -54.23 29.39 -14.86
C THR N 97 -53.18 30.51 -14.89
N SER N 98 -51.95 30.16 -15.22
CA SER N 98 -50.87 31.14 -15.29
C SER N 98 -49.67 30.52 -15.97
N THR N 99 -48.93 31.35 -16.70
CA THR N 99 -47.72 30.93 -17.39
C THR N 99 -46.48 31.30 -16.58
N LEU N 100 -45.35 30.71 -16.97
CA LEU N 100 -44.10 30.99 -16.28
C LEU N 100 -43.70 32.45 -16.41
N GLN N 101 -43.96 33.05 -17.57
CA GLN N 101 -43.63 34.47 -17.76
C GLN N 101 -44.44 35.35 -16.80
N GLU N 102 -45.73 35.05 -16.64
CA GLU N 102 -46.54 35.83 -15.71
C GLU N 102 -46.06 35.66 -14.28
N GLN N 103 -45.70 34.43 -13.90
CA GLN N 103 -45.18 34.20 -12.55
C GLN N 103 -43.89 34.96 -12.30
N ILE N 104 -42.99 34.95 -13.29
CA ILE N 104 -41.73 35.69 -13.15
C ILE N 104 -42.01 37.18 -13.06
N GLY N 105 -42.94 37.68 -13.87
CA GLY N 105 -43.28 39.10 -13.81
C GLY N 105 -43.83 39.50 -12.46
N TRP N 106 -44.70 38.66 -11.89
CA TRP N 106 -45.22 38.95 -10.55
C TRP N 106 -44.10 38.90 -9.51
N MET N 107 -43.21 37.92 -9.62
CA MET N 107 -42.18 37.73 -8.61
C MET N 107 -41.12 38.84 -8.65
N THR N 108 -40.82 39.36 -9.83
CA THR N 108 -39.77 40.37 -9.99
C THR N 108 -40.33 41.78 -10.15
N ASN N 109 -41.62 41.97 -9.93
CA ASN N 109 -42.22 43.30 -10.08
C ASN N 109 -41.84 44.18 -8.89
N ASN N 110 -42.09 45.47 -9.03
CA ASN N 110 -41.93 46.43 -7.94
C ASN N 110 -43.23 47.19 -7.75
N PRO N 111 -44.00 46.93 -6.68
CA PRO N 111 -43.74 45.98 -5.59
C PRO N 111 -43.92 44.52 -6.02
N PRO N 112 -43.11 43.62 -5.47
CA PRO N 112 -43.22 42.21 -5.85
C PRO N 112 -44.49 41.57 -5.30
N ILE N 113 -44.94 40.54 -6.00
CA ILE N 113 -46.01 39.67 -5.54
C ILE N 113 -45.45 38.25 -5.44
N PRO N 114 -45.02 37.83 -4.27
CA PRO N 114 -44.38 36.51 -4.15
C PRO N 114 -45.36 35.36 -4.32
N VAL N 115 -45.81 35.14 -5.55
CA VAL N 115 -46.76 34.06 -5.82
C VAL N 115 -46.13 32.71 -5.49
N GLY N 116 -44.84 32.57 -5.76
CA GLY N 116 -44.15 31.33 -5.41
C GLY N 116 -44.15 31.07 -3.92
N GLU N 117 -43.98 32.12 -3.11
CA GLU N 117 -43.96 31.93 -1.66
C GLU N 117 -45.35 31.62 -1.11
N ILE N 118 -46.37 32.26 -1.67
CA ILE N 118 -47.75 31.94 -1.26
C ILE N 118 -48.08 30.50 -1.61
N TYR N 119 -47.70 30.06 -2.82
CA TYR N 119 -47.96 28.68 -3.20
C TYR N 119 -47.15 27.71 -2.34
N LYS N 120 -45.93 28.08 -1.97
CA LYS N 120 -45.15 27.27 -1.05
C LYS N 120 -45.84 27.14 0.30
N ARG N 121 -46.40 28.24 0.80
CA ARG N 121 -47.12 28.19 2.06
C ARG N 121 -48.33 27.27 1.97
N TRP N 122 -49.07 27.34 0.86
CA TRP N 122 -50.20 26.44 0.66
C TRP N 122 -49.75 24.98 0.63
N ILE N 123 -48.66 24.70 -0.07
CA ILE N 123 -48.16 23.34 -0.19
C ILE N 123 -47.68 22.84 1.17
N ILE N 124 -47.07 23.70 1.97
CA ILE N 124 -46.62 23.30 3.30
C ILE N 124 -47.81 23.02 4.21
N LEU N 125 -48.88 23.80 4.08
CA LEU N 125 -50.10 23.49 4.83
C LEU N 125 -50.63 22.12 4.45
N GLY N 126 -50.66 21.83 3.14
CA GLY N 126 -51.09 20.51 2.70
C GLY N 126 -50.20 19.40 3.19
N LEU N 127 -48.88 19.63 3.18
CA LEU N 127 -47.93 18.61 3.64
C LEU N 127 -48.08 18.36 5.13
N ASN N 128 -48.32 19.41 5.90
CA ASN N 128 -48.57 19.24 7.33
C ASN N 128 -49.85 18.44 7.57
N LYS N 129 -50.89 18.72 6.78
CA LYS N 129 -52.11 17.92 6.88
C LYS N 129 -51.84 16.46 6.53
N ILE N 130 -51.02 16.22 5.51
CA ILE N 130 -50.67 14.85 5.13
C ILE N 130 -49.93 14.15 6.26
N VAL N 131 -48.96 14.84 6.86
CA VAL N 131 -48.19 14.26 7.95
C VAL N 131 -49.10 13.92 9.12
N ARG N 132 -50.07 14.79 9.40
CA ARG N 132 -51.00 14.53 10.49
C ARG N 132 -51.90 13.33 10.20
N MET N 133 -52.46 13.26 8.98
CA MET N 133 -53.55 12.34 8.70
C MET N 133 -53.15 11.11 7.91
N TYR N 134 -52.21 11.22 6.97
CA TYR N 134 -51.93 10.14 6.04
C TYR N 134 -50.97 9.14 6.66
N SER N 135 -51.28 7.85 6.51
CA SER N 135 -50.41 6.76 6.92
C SER N 135 -50.14 5.87 5.71
N PRO N 136 -48.90 5.77 5.24
CA PRO N 136 -48.63 4.99 4.03
C PRO N 136 -48.85 3.50 4.26
N THR N 137 -49.23 2.82 3.17
CA THR N 137 -49.43 1.38 3.20
C THR N 137 -48.12 0.66 2.88
N SER N 138 -47.95 -0.52 3.47
CA SER N 138 -46.74 -1.29 3.31
C SER N 138 -47.09 -2.74 3.02
N ILE N 139 -46.15 -3.45 2.37
CA ILE N 139 -46.31 -4.88 2.17
C ILE N 139 -46.35 -5.62 3.49
N LEU N 140 -45.74 -5.05 4.54
CA LEU N 140 -45.78 -5.66 5.85
C LEU N 140 -47.16 -5.59 6.50
N ASP N 141 -48.02 -4.69 6.02
CA ASP N 141 -49.35 -4.51 6.59
C ASP N 141 -50.41 -5.33 5.89
N ILE N 142 -50.05 -6.12 4.88
CA ILE N 142 -51.02 -6.91 4.13
C ILE N 142 -51.20 -8.23 4.86
N ARG N 143 -52.33 -8.36 5.57
CA ARG N 143 -52.67 -9.56 6.30
C ARG N 143 -54.00 -10.09 5.81
N GLN N 144 -54.13 -11.42 5.79
CA GLN N 144 -55.37 -12.04 5.39
C GLN N 144 -56.44 -11.85 6.45
N GLY N 145 -57.66 -11.55 6.01
CA GLY N 145 -58.77 -11.38 6.91
C GLY N 145 -59.21 -12.72 7.48
N PRO N 146 -59.94 -12.69 8.60
CA PRO N 146 -60.44 -13.93 9.19
C PRO N 146 -61.34 -14.72 8.28
N LYS N 147 -62.08 -14.06 7.39
CA LYS N 147 -62.96 -14.73 6.45
C LYS N 147 -62.59 -14.50 4.99
N GLU N 148 -61.45 -13.85 4.74
CA GLU N 148 -61.06 -13.55 3.36
C GLU N 148 -60.64 -14.82 2.64
N PRO N 149 -61.04 -14.98 1.37
CA PRO N 149 -60.47 -16.08 0.57
C PRO N 149 -58.98 -15.89 0.37
N PHE N 150 -58.26 -17.01 0.28
CA PHE N 150 -56.81 -16.97 0.15
C PHE N 150 -56.41 -16.36 -1.19
N ARG N 151 -57.21 -16.56 -2.24
CA ARG N 151 -56.93 -15.96 -3.53
C ARG N 151 -56.97 -14.44 -3.46
N ASP N 152 -57.98 -13.89 -2.78
CA ASP N 152 -58.06 -12.43 -2.65
C ASP N 152 -56.89 -11.87 -1.86
N TYR N 153 -56.48 -12.58 -0.81
CA TYR N 153 -55.32 -12.16 -0.03
C TYR N 153 -54.06 -12.18 -0.88
N VAL N 154 -53.87 -13.23 -1.69
CA VAL N 154 -52.71 -13.31 -2.56
C VAL N 154 -52.73 -12.19 -3.59
N ASP N 155 -53.91 -11.88 -4.13
CA ASP N 155 -54.03 -10.80 -5.10
C ASP N 155 -53.66 -9.46 -4.47
N ARG N 156 -54.17 -9.18 -3.26
CA ARG N 156 -53.80 -7.95 -2.58
C ARG N 156 -52.31 -7.90 -2.29
N PHE N 157 -51.74 -9.02 -1.85
CA PHE N 157 -50.32 -9.06 -1.54
C PHE N 157 -49.48 -8.75 -2.77
N TYR N 158 -49.82 -9.34 -3.92
CA TYR N 158 -49.04 -9.09 -5.12
C TYR N 158 -49.28 -7.69 -5.68
N LYS N 159 -50.49 -7.16 -5.52
CA LYS N 159 -50.73 -5.78 -5.93
C LYS N 159 -49.89 -4.81 -5.11
N THR N 160 -49.80 -5.04 -3.80
CA THR N 160 -48.99 -4.18 -2.95
C THR N 160 -47.51 -4.37 -3.21
N LEU N 161 -47.09 -5.62 -3.49
CA LEU N 161 -45.68 -5.89 -3.74
C LEU N 161 -45.22 -5.29 -5.05
N ARG N 162 -46.09 -5.29 -6.07
CA ARG N 162 -45.72 -4.71 -7.35
C ARG N 162 -45.45 -3.22 -7.22
N ALA N 163 -46.16 -2.54 -6.32
CA ALA N 163 -45.96 -1.12 -6.10
C ALA N 163 -44.95 -0.83 -5.00
N GLU N 164 -44.38 -1.86 -4.37
CA GLU N 164 -43.39 -1.66 -3.33
C GLU N 164 -42.08 -1.15 -3.93
N GLN N 165 -41.39 -0.31 -3.17
N GLN N 165 -41.38 -0.31 -3.17
CA GLN N 165 -40.08 0.21 -3.57
CA GLN N 165 -40.08 0.22 -3.58
C GLN N 165 -39.03 -0.76 -3.04
C GLN N 165 -39.01 -0.72 -3.07
N ALA N 166 -38.62 -1.69 -3.90
CA ALA N 166 -37.62 -2.69 -3.52
C ALA N 166 -37.03 -3.30 -4.77
N SER N 167 -35.90 -3.97 -4.59
CA SER N 167 -35.30 -4.73 -5.68
C SER N 167 -36.07 -6.02 -5.90
N GLN N 168 -35.84 -6.62 -7.08
CA GLN N 168 -36.57 -7.84 -7.43
C GLN N 168 -36.20 -8.99 -6.49
N GLU N 169 -34.93 -9.09 -6.10
CA GLU N 169 -34.52 -10.10 -5.14
C GLU N 169 -35.20 -9.88 -3.79
N VAL N 170 -35.27 -8.61 -3.36
CA VAL N 170 -35.93 -8.30 -2.10
C VAL N 170 -37.42 -8.63 -2.18
N LYS N 171 -38.04 -8.38 -3.33
CA LYS N 171 -39.45 -8.71 -3.49
C LYS N 171 -39.69 -10.22 -3.49
N ASN N 172 -38.78 -10.98 -4.10
CA ASN N 172 -38.88 -12.43 -4.05
C ASN N 172 -38.73 -12.95 -2.63
N TRP N 173 -37.80 -12.38 -1.88
CA TRP N 173 -37.66 -12.72 -0.46
C TRP N 173 -38.92 -12.37 0.31
N MET N 174 -39.51 -11.21 0.01
CA MET N 174 -40.76 -10.81 0.66
C MET N 174 -41.87 -11.81 0.37
N THR N 175 -41.98 -12.26 -0.87
CA THR N 175 -42.97 -13.27 -1.21
C THR N 175 -42.71 -14.57 -0.46
N GLU N 176 -41.45 -14.98 -0.37
CA GLU N 176 -41.12 -16.23 0.31
C GLU N 176 -41.37 -16.15 1.80
N THR N 177 -41.29 -14.96 2.39
CA THR N 177 -41.37 -14.82 3.85
C THR N 177 -42.75 -14.41 4.35
N LEU N 178 -43.33 -13.36 3.79
CA LEU N 178 -44.50 -12.71 4.38
C LEU N 178 -45.83 -13.32 3.96
N LEU N 179 -45.90 -13.89 2.75
CA LEU N 179 -47.20 -14.32 2.23
C LEU N 179 -47.81 -15.42 3.08
N VAL N 180 -47.03 -16.45 3.42
CA VAL N 180 -47.52 -17.50 4.30
C VAL N 180 -47.63 -16.99 5.73
N GLN N 181 -46.70 -16.13 6.14
CA GLN N 181 -46.66 -15.66 7.52
C GLN N 181 -47.89 -14.83 7.87
N ASN N 182 -48.35 -13.99 6.94
CA ASN N 182 -49.43 -13.05 7.22
C ASN N 182 -50.79 -13.59 6.82
N ALA N 183 -50.90 -14.89 6.55
CA ALA N 183 -52.19 -15.51 6.27
C ALA N 183 -52.94 -15.77 7.56
N ASN N 184 -54.27 -15.91 7.44
CA ASN N 184 -55.10 -16.18 8.60
C ASN N 184 -54.82 -17.60 9.11
N PRO N 185 -55.15 -17.87 10.38
CA PRO N 185 -54.83 -19.20 10.95
C PRO N 185 -55.41 -20.37 10.17
N ASP N 186 -56.64 -20.24 9.67
CA ASP N 186 -57.27 -21.34 8.94
C ASP N 186 -56.45 -21.71 7.70
N CYS N 187 -56.01 -20.71 6.94
CA CYS N 187 -55.16 -20.97 5.79
C CYS N 187 -53.72 -21.27 6.21
N LYS N 188 -53.24 -20.65 7.28
CA LYS N 188 -51.86 -20.84 7.70
C LYS N 188 -51.59 -22.26 8.14
N THR N 189 -52.55 -22.89 8.84
CA THR N 189 -52.33 -24.27 9.26
C THR N 189 -52.26 -25.20 8.05
N ILE N 190 -53.05 -24.94 7.01
CA ILE N 190 -52.97 -25.74 5.79
C ILE N 190 -51.64 -25.51 5.09
N LEU N 191 -51.18 -24.26 5.05
CA LEU N 191 -49.90 -23.97 4.41
C LEU N 191 -48.75 -24.66 5.13
N LYS N 192 -48.77 -24.66 6.47
CA LYS N 192 -47.76 -25.37 7.22
C LYS N 192 -47.89 -26.88 7.06
N ALA N 193 -49.11 -27.38 6.83
CA ALA N 193 -49.29 -28.79 6.55
C ALA N 193 -48.56 -29.20 5.28
N LEU N 194 -48.57 -28.32 4.27
CA LEU N 194 -47.77 -28.55 3.08
C LEU N 194 -46.29 -28.33 3.37
N GLY N 195 -45.45 -28.85 2.49
CA GLY N 195 -44.02 -28.66 2.61
C GLY N 195 -43.62 -27.22 2.32
N PRO N 196 -42.45 -26.81 2.80
CA PRO N 196 -41.96 -25.45 2.50
C PRO N 196 -41.63 -25.24 1.04
N ALA N 197 -41.48 -26.29 0.25
CA ALA N 197 -41.14 -26.18 -1.16
C ALA N 197 -42.36 -26.12 -2.06
N ALA N 198 -43.56 -26.05 -1.49
CA ALA N 198 -44.77 -25.99 -2.30
C ALA N 198 -44.84 -24.68 -3.07
N THR N 199 -45.25 -24.77 -4.34
CA THR N 199 -45.38 -23.60 -5.18
C THR N 199 -46.64 -22.83 -4.83
N LEU N 200 -46.76 -21.63 -5.40
CA LEU N 200 -47.89 -20.76 -5.11
C LEU N 200 -49.21 -21.41 -5.51
N GLU N 201 -49.25 -22.03 -6.69
CA GLU N 201 -50.48 -22.67 -7.15
C GLU N 201 -50.88 -23.82 -6.24
N GLU N 202 -49.91 -24.55 -5.70
CA GLU N 202 -50.23 -25.62 -4.76
C GLU N 202 -50.88 -25.06 -3.50
N MET N 203 -50.34 -23.95 -2.97
CA MET N 203 -50.96 -23.32 -1.81
C MET N 203 -52.37 -22.82 -2.13
N MET N 204 -52.54 -22.23 -3.31
CA MET N 204 -53.87 -21.75 -3.70
C MET N 204 -54.86 -22.89 -3.78
N THR N 205 -54.46 -24.02 -4.38
CA THR N 205 -55.35 -25.17 -4.45
C THR N 205 -55.66 -25.72 -3.06
N ALA N 206 -54.65 -25.76 -2.19
CA ALA N 206 -54.86 -26.27 -0.84
C ALA N 206 -55.83 -25.41 -0.05
N CYS N 207 -55.72 -24.09 -0.16
CA CYS N 207 -56.56 -23.18 0.60
C CYS N 207 -57.83 -22.79 -0.14
N GLN N 208 -58.06 -23.31 -1.35
CA GLN N 208 -59.28 -23.00 -2.09
C GLN N 208 -60.53 -23.43 -1.32
N GLY N 209 -60.43 -24.44 -0.47
CA GLY N 209 -61.55 -24.93 0.28
C GLY N 209 -61.84 -24.26 1.60
N VAL N 210 -60.97 -23.35 2.05
CA VAL N 210 -61.14 -22.75 3.37
C VAL N 210 -62.39 -21.87 3.37
N GLY N 211 -63.26 -22.10 4.34
CA GLY N 211 -64.52 -21.40 4.41
C GLY N 211 -65.66 -22.04 3.66
N GLY N 212 -65.44 -23.20 3.06
CA GLY N 212 -66.50 -23.93 2.39
C GLY N 212 -67.20 -24.88 3.33
N PRO N 213 -68.31 -25.47 2.89
CA PRO N 213 -69.04 -26.39 3.77
C PRO N 213 -68.21 -27.57 4.24
N GLY N 214 -67.41 -28.16 3.35
CA GLY N 214 -66.60 -29.31 3.74
C GLY N 214 -65.54 -28.96 4.75
N HIS N 215 -64.82 -27.86 4.52
CA HIS N 215 -63.78 -27.43 5.45
C HIS N 215 -64.38 -27.06 6.80
N LYS N 216 -65.52 -26.35 6.78
CA LYS N 216 -66.19 -25.99 8.03
C LYS N 216 -66.60 -27.22 8.81
N ALA N 217 -67.20 -28.20 8.13
CA ALA N 217 -67.59 -29.43 8.80
C ALA N 217 -66.38 -30.17 9.34
N ARG N 218 -65.29 -30.18 8.60
N ARG N 218 -65.29 -30.18 8.60
CA ARG N 218 -64.10 -30.90 9.03
CA ARG N 218 -64.10 -30.90 9.03
C ARG N 218 -63.51 -30.27 10.29
C ARG N 218 -63.51 -30.28 10.29
N VAL N 219 -63.40 -28.94 10.32
CA VAL N 219 -62.83 -28.30 11.50
C VAL N 219 -63.77 -28.44 12.70
N LEU N 220 -65.07 -28.35 12.46
CA LEU N 220 -66.02 -28.53 13.57
C LEU N 220 -65.92 -29.94 14.13
N ALA N 221 -65.82 -30.95 13.26
CA ALA N 221 -65.68 -32.32 13.73
C ALA N 221 -64.38 -32.53 14.47
N GLU N 222 -63.28 -31.96 13.97
CA GLU N 222 -62.00 -32.10 14.65
C GLU N 222 -62.03 -31.44 16.03
N ALA N 223 -62.69 -30.30 16.14
CA ALA N 223 -62.81 -29.63 17.43
C ALA N 223 -63.67 -30.45 18.39
N MET N 224 -64.79 -30.98 17.91
CA MET N 224 -65.66 -31.77 18.77
C MET N 224 -65.05 -33.12 19.15
N SER N 225 -64.10 -33.61 18.34
CA SER N 225 -63.47 -34.89 18.65
C SER N 225 -62.72 -34.83 19.97
N GLN N 226 -62.01 -33.73 20.23
CA GLN N 226 -61.28 -33.59 21.47
C GLN N 226 -62.21 -33.60 22.68
N VAL N 227 -63.32 -32.86 22.59
CA VAL N 227 -64.23 -32.79 23.73
C VAL N 227 -64.97 -34.11 23.92
N ILE N 228 -65.20 -34.86 22.84
CA ILE N 228 -65.81 -36.17 23.00
C ILE N 228 -64.83 -37.15 23.62
N ASN N 229 -63.58 -37.14 23.17
CA ASN N 229 -62.57 -38.05 23.70
C ASN N 229 -62.28 -37.77 25.17
N SER N 230 -62.17 -36.49 25.54
CA SER N 230 -61.92 -36.15 26.93
C SER N 230 -63.09 -36.54 27.83
N ALA N 231 -64.31 -36.57 27.29
CA ALA N 231 -65.47 -36.96 28.06
C ALA N 231 -65.46 -38.46 28.36
N HIS O 1 -43.71 10.72 -46.57
CA HIS O 1 -44.41 10.08 -45.46
C HIS O 1 -44.60 8.59 -45.71
N GLN O 2 -43.88 7.77 -44.95
CA GLN O 2 -43.99 6.31 -45.03
C GLN O 2 -44.89 5.85 -43.89
N ALA O 3 -46.18 5.68 -44.18
CA ALA O 3 -47.11 5.21 -43.17
C ALA O 3 -46.83 3.75 -42.81
N ILE O 4 -47.38 3.33 -41.68
CA ILE O 4 -47.15 1.96 -41.23
C ILE O 4 -47.81 0.99 -42.19
N SER O 5 -47.07 -0.04 -42.58
CA SER O 5 -47.56 -1.04 -43.51
C SER O 5 -48.45 -2.06 -42.80
N PRO O 6 -49.34 -2.73 -43.53
CA PRO O 6 -50.15 -3.77 -42.90
C PRO O 6 -49.33 -4.86 -42.23
N ARG O 7 -48.18 -5.21 -42.82
CA ARG O 7 -47.32 -6.23 -42.23
C ARG O 7 -46.79 -5.79 -40.87
N THR O 8 -46.34 -4.54 -40.77
CA THR O 8 -45.80 -4.04 -39.50
C THR O 8 -46.89 -3.96 -38.43
N LEU O 9 -48.08 -3.46 -38.80
CA LEU O 9 -49.18 -3.39 -37.85
C LEU O 9 -49.58 -4.79 -37.39
N ASN O 10 -49.66 -5.73 -38.32
CA ASN O 10 -49.99 -7.10 -37.95
C ASN O 10 -48.94 -7.69 -37.03
N ALA O 11 -47.66 -7.45 -37.31
CA ALA O 11 -46.59 -7.97 -36.46
C ALA O 11 -46.67 -7.38 -35.07
N TRP O 12 -46.97 -6.09 -34.97
CA TRP O 12 -47.17 -5.47 -33.66
C TRP O 12 -48.33 -6.12 -32.91
N VAL O 13 -49.42 -6.39 -33.62
CA VAL O 13 -50.59 -7.02 -32.99
C VAL O 13 -50.23 -8.41 -32.47
N LYS O 14 -49.53 -9.20 -33.28
CA LYS O 14 -49.13 -10.53 -32.81
C LYS O 14 -48.14 -10.47 -31.67
N VAL O 15 -47.23 -9.48 -31.68
CA VAL O 15 -46.29 -9.33 -30.57
C VAL O 15 -47.05 -9.07 -29.27
N VAL O 16 -48.02 -8.16 -29.32
CA VAL O 16 -48.80 -7.85 -28.13
C VAL O 16 -49.61 -9.06 -27.68
N GLU O 17 -50.23 -9.77 -28.63
CA GLU O 17 -51.10 -10.89 -28.26
C GLU O 17 -50.30 -12.11 -27.79
N GLU O 18 -49.05 -12.23 -28.22
CA GLU O 18 -48.25 -13.39 -27.87
C GLU O 18 -47.42 -13.17 -26.61
N LYS O 19 -46.85 -11.99 -26.44
N LYS O 19 -46.86 -11.99 -26.44
CA LYS O 19 -46.04 -11.67 -25.27
CA LYS O 19 -46.04 -11.69 -25.27
C LYS O 19 -46.83 -11.01 -24.16
C LYS O 19 -46.83 -11.01 -24.16
N ALA O 20 -48.15 -10.84 -24.33
CA ALA O 20 -49.02 -10.12 -23.40
C ALA O 20 -48.44 -8.72 -23.25
N PHE O 21 -47.95 -8.32 -22.08
CA PHE O 21 -47.25 -7.05 -21.92
C PHE O 21 -45.97 -7.27 -21.13
N SER O 22 -45.22 -8.28 -21.52
CA SER O 22 -43.89 -8.50 -20.99
C SER O 22 -42.96 -7.38 -21.45
N PRO O 23 -41.82 -7.19 -20.77
CA PRO O 23 -40.93 -6.10 -21.18
C PRO O 23 -40.48 -6.20 -22.63
N GLU O 24 -40.51 -7.39 -23.22
CA GLU O 24 -40.06 -7.58 -24.59
C GLU O 24 -40.90 -6.79 -25.58
N VAL O 25 -42.08 -6.32 -25.20
CA VAL O 25 -42.89 -5.52 -26.12
C VAL O 25 -42.30 -4.12 -26.27
N ILE O 26 -41.55 -3.65 -25.27
CA ILE O 26 -40.98 -2.30 -25.35
C ILE O 26 -39.96 -2.18 -26.49
N PRO O 27 -39.01 -3.10 -26.67
CA PRO O 27 -38.13 -2.99 -27.84
C PRO O 27 -38.87 -3.09 -29.16
N MET O 28 -39.74 -4.09 -29.29
CA MET O 28 -40.44 -4.32 -30.56
C MET O 28 -41.21 -3.07 -30.98
N PHE O 29 -41.97 -2.47 -30.06
CA PHE O 29 -42.62 -1.20 -30.35
C PHE O 29 -41.61 -0.18 -30.84
N SER O 30 -40.53 0.02 -30.10
CA SER O 30 -39.51 0.98 -30.50
C SER O 30 -38.94 0.65 -31.86
N ALA O 31 -38.92 -0.63 -32.23
CA ALA O 31 -38.37 -1.03 -33.51
C ALA O 31 -39.41 -0.99 -34.64
N LEU O 32 -40.70 -1.00 -34.30
CA LEU O 32 -41.74 -1.04 -35.32
C LEU O 32 -42.38 0.32 -35.57
N SER O 33 -41.94 1.36 -34.87
CA SER O 33 -42.58 2.67 -34.97
C SER O 33 -41.57 3.78 -35.22
N GLU O 34 -40.39 3.46 -35.73
CA GLU O 34 -39.37 4.48 -35.97
C GLU O 34 -39.80 5.36 -37.14
N GLY O 35 -39.77 6.67 -36.93
CA GLY O 35 -40.22 7.60 -37.95
C GLY O 35 -41.72 7.69 -38.12
N ALA O 36 -42.49 7.06 -37.23
CA ALA O 36 -43.93 7.04 -37.35
C ALA O 36 -44.55 8.35 -36.86
N THR O 37 -45.57 8.80 -37.57
CA THR O 37 -46.33 9.96 -37.15
C THR O 37 -47.21 9.60 -35.96
N PRO O 38 -47.69 10.60 -35.21
CA PRO O 38 -48.63 10.30 -34.12
C PRO O 38 -49.86 9.55 -34.57
N GLN O 39 -50.35 9.80 -35.79
CA GLN O 39 -51.49 9.06 -36.30
C GLN O 39 -51.16 7.57 -36.45
N ASP O 40 -49.96 7.27 -36.95
CA ASP O 40 -49.55 5.87 -37.06
C ASP O 40 -49.40 5.22 -35.69
N LEU O 41 -48.88 5.96 -34.72
CA LEU O 41 -48.77 5.42 -33.36
C LEU O 41 -50.14 5.15 -32.77
N ASN O 42 -51.10 6.05 -33.00
CA ASN O 42 -52.46 5.82 -32.54
C ASN O 42 -53.07 4.61 -33.22
N THR O 43 -52.79 4.42 -34.51
CA THR O 43 -53.26 3.22 -35.20
C THR O 43 -52.66 1.97 -34.58
N MET O 44 -51.37 2.03 -34.23
CA MET O 44 -50.73 0.89 -33.58
C MET O 44 -51.36 0.58 -32.24
N LEU O 45 -51.69 1.62 -31.47
CA LEU O 45 -52.25 1.41 -30.13
C LEU O 45 -53.68 0.90 -30.20
N ASN O 46 -54.51 1.49 -31.07
CA ASN O 46 -55.92 1.14 -31.15
C ASN O 46 -56.16 -0.23 -31.76
N THR O 47 -55.16 -0.84 -32.40
CA THR O 47 -55.34 -2.15 -33.00
C THR O 47 -55.11 -3.28 -31.99
N VAL O 48 -54.67 -2.97 -30.78
CA VAL O 48 -54.45 -4.00 -29.77
C VAL O 48 -55.80 -4.58 -29.34
N GLY O 49 -55.91 -5.90 -29.38
CA GLY O 49 -57.12 -6.59 -28.96
C GLY O 49 -56.99 -7.09 -27.53
N GLY O 50 -58.05 -6.91 -26.76
CA GLY O 50 -58.00 -7.29 -25.36
C GLY O 50 -57.15 -6.31 -24.57
N HIS O 51 -56.83 -6.74 -23.34
CA HIS O 51 -55.99 -5.95 -22.43
C HIS O 51 -56.57 -4.56 -22.22
N GLN O 52 -57.87 -4.51 -21.91
CA GLN O 52 -58.54 -3.23 -21.73
C GLN O 52 -57.95 -2.45 -20.56
N ALA O 53 -57.60 -3.14 -19.48
CA ALA O 53 -56.99 -2.47 -18.34
C ALA O 53 -55.64 -1.86 -18.72
N ALA O 54 -54.82 -2.60 -19.45
CA ALA O 54 -53.52 -2.08 -19.88
C ALA O 54 -53.70 -0.88 -20.81
N MET O 55 -54.67 -0.96 -21.72
CA MET O 55 -54.95 0.18 -22.60
C MET O 55 -55.41 1.39 -21.79
N GLN O 56 -56.20 1.16 -20.74
CA GLN O 56 -56.63 2.27 -19.90
C GLN O 56 -55.45 2.91 -19.18
N MET O 57 -54.53 2.09 -18.65
CA MET O 57 -53.34 2.64 -18.01
C MET O 57 -52.49 3.43 -19.00
N LEU O 58 -52.34 2.90 -20.22
CA LEU O 58 -51.56 3.60 -21.24
C LEU O 58 -52.20 4.93 -21.60
N LYS O 59 -53.53 4.95 -21.76
CA LYS O 59 -54.23 6.19 -22.05
C LYS O 59 -54.10 7.19 -20.91
N GLU O 60 -54.15 6.71 -19.67
CA GLU O 60 -53.96 7.59 -18.51
C GLU O 60 -52.57 8.21 -18.52
N THR O 61 -51.55 7.40 -18.78
CA THR O 61 -50.18 7.93 -18.82
C THR O 61 -50.02 8.93 -19.96
N ILE O 62 -50.60 8.64 -21.11
CA ILE O 62 -50.52 9.56 -22.24
C ILE O 62 -51.20 10.88 -21.91
N ASN O 63 -52.36 10.81 -21.25
CA ASN O 63 -53.06 12.03 -20.86
C ASN O 63 -52.25 12.83 -19.85
N GLU O 64 -51.61 12.16 -18.90
CA GLU O 64 -50.75 12.85 -17.95
C GLU O 64 -49.60 13.56 -18.64
N GLU O 65 -48.95 12.87 -19.59
CA GLU O 65 -47.84 13.48 -20.31
C GLU O 65 -48.31 14.66 -21.16
N ALA O 66 -49.47 14.53 -21.80
CA ALA O 66 -50.00 15.65 -22.57
C ALA O 66 -50.35 16.85 -21.69
N ALA O 67 -50.92 16.59 -20.52
CA ALA O 67 -51.23 17.66 -19.59
C ALA O 67 -49.96 18.35 -19.10
N GLU O 68 -48.91 17.57 -18.82
CA GLU O 68 -47.65 18.17 -18.41
C GLU O 68 -47.03 19.00 -19.53
N TRP O 69 -47.13 18.51 -20.77
CA TRP O 69 -46.65 19.29 -21.91
C TRP O 69 -47.41 20.60 -22.02
N ASP O 70 -48.74 20.57 -21.86
CA ASP O 70 -49.52 21.80 -21.92
C ASP O 70 -49.16 22.75 -20.79
N ARG O 71 -48.91 22.21 -19.60
CA ARG O 71 -48.53 23.05 -18.47
C ARG O 71 -47.19 23.73 -18.71
N VAL O 72 -46.18 22.96 -19.11
CA VAL O 72 -44.84 23.52 -19.29
C VAL O 72 -44.79 24.44 -20.50
N HIS O 73 -45.41 24.04 -21.61
CA HIS O 73 -45.32 24.79 -22.85
C HIS O 73 -46.47 25.78 -22.95
N PRO O 74 -46.20 27.08 -22.96
CA PRO O 74 -47.29 28.04 -23.13
C PRO O 74 -47.78 28.09 -24.57
N VAL O 75 -49.00 28.58 -24.73
CA VAL O 75 -49.63 28.69 -26.04
C VAL O 75 -49.67 30.16 -26.44
N HIS O 76 -49.09 30.48 -27.59
CA HIS O 76 -49.10 31.84 -28.10
C HIS O 76 -50.41 32.11 -28.84
N ALA O 77 -51.03 33.26 -28.54
CA ALA O 77 -52.32 33.62 -29.11
C ALA O 77 -52.20 34.52 -30.34
N GLY O 78 -50.98 34.76 -30.82
CA GLY O 78 -50.79 35.60 -31.98
C GLY O 78 -50.40 34.81 -33.21
N PRO O 79 -51.34 34.63 -34.14
CA PRO O 79 -51.01 33.95 -35.39
C PRO O 79 -49.96 34.70 -36.18
N ILE O 80 -49.10 33.95 -36.86
CA ILE O 80 -48.02 34.52 -37.66
C ILE O 80 -48.21 34.03 -39.10
N ALA O 81 -48.37 34.97 -40.03
CA ALA O 81 -48.68 34.58 -41.41
C ALA O 81 -47.50 33.93 -42.12
N PRO O 82 -46.29 34.51 -42.15
CA PRO O 82 -45.16 33.78 -42.73
C PRO O 82 -44.77 32.59 -41.86
N GLY O 83 -44.59 31.44 -42.50
CA GLY O 83 -44.35 30.22 -41.74
C GLY O 83 -45.50 29.85 -40.83
N GLN O 84 -46.72 29.96 -41.33
CA GLN O 84 -47.92 29.76 -40.52
C GLN O 84 -48.06 28.29 -40.17
N MET O 85 -47.68 27.93 -38.95
CA MET O 85 -47.84 26.55 -38.47
C MET O 85 -47.99 26.63 -36.96
N ARG O 86 -49.18 26.31 -36.46
CA ARG O 86 -49.47 26.47 -35.05
C ARG O 86 -48.59 25.57 -34.19
N GLU O 87 -48.24 26.06 -33.01
CA GLU O 87 -47.44 25.26 -32.08
C GLU O 87 -48.27 24.10 -31.56
N PRO O 88 -47.75 22.88 -31.58
CA PRO O 88 -48.56 21.73 -31.16
C PRO O 88 -48.77 21.70 -29.65
N ARG O 89 -50.01 21.39 -29.26
CA ARG O 89 -50.35 21.17 -27.86
C ARG O 89 -50.13 19.70 -27.51
N GLY O 90 -50.43 19.34 -26.26
CA GLY O 90 -50.29 17.95 -25.86
C GLY O 90 -51.21 17.02 -26.63
N SER O 91 -52.46 17.42 -26.82
CA SER O 91 -53.38 16.62 -27.61
C SER O 91 -52.96 16.57 -29.07
N ASP O 92 -52.33 17.63 -29.57
CA ASP O 92 -51.81 17.61 -30.93
C ASP O 92 -50.70 16.58 -31.08
N ILE O 93 -49.80 16.51 -30.10
CA ILE O 93 -48.75 15.50 -30.13
C ILE O 93 -49.36 14.10 -30.02
N ALA O 94 -50.36 13.94 -29.14
CA ALA O 94 -51.05 12.66 -29.02
C ALA O 94 -51.89 12.32 -30.25
N GLY O 95 -52.10 13.28 -31.15
CA GLY O 95 -52.85 13.04 -32.37
C GLY O 95 -54.36 13.12 -32.22
N THR O 96 -54.87 13.47 -31.04
CA THR O 96 -56.31 13.54 -30.85
C THR O 96 -56.91 14.71 -31.61
N THR O 97 -56.25 15.86 -31.60
CA THR O 97 -56.77 17.07 -32.25
C THR O 97 -55.85 17.57 -33.35
N SER O 98 -55.05 16.71 -33.97
CA SER O 98 -54.19 17.09 -35.08
C SER O 98 -54.43 16.18 -36.27
N THR O 99 -54.23 16.72 -37.46
CA THR O 99 -54.35 15.96 -38.69
C THR O 99 -52.99 15.43 -39.13
N LEU O 100 -53.02 14.46 -40.04
CA LEU O 100 -51.78 13.87 -40.54
C LEU O 100 -50.91 14.91 -41.23
N GLN O 101 -51.53 15.84 -41.96
CA GLN O 101 -50.76 16.89 -42.62
C GLN O 101 -50.06 17.78 -41.60
N GLU O 102 -50.73 18.13 -40.51
CA GLU O 102 -50.11 18.96 -39.48
C GLU O 102 -48.95 18.22 -38.81
N GLN O 103 -49.13 16.94 -38.52
CA GLN O 103 -48.05 16.16 -37.92
C GLN O 103 -46.85 16.07 -38.86
N ILE O 104 -47.10 15.86 -40.15
CA ILE O 104 -46.02 15.81 -41.12
C ILE O 104 -45.31 17.15 -41.20
N GLY O 105 -46.08 18.24 -41.18
CA GLY O 105 -45.47 19.57 -41.19
C GLY O 105 -44.59 19.81 -39.98
N TRP O 106 -45.07 19.42 -38.79
CA TRP O 106 -44.24 19.55 -37.60
C TRP O 106 -42.98 18.70 -37.70
N MET O 107 -43.10 17.48 -38.21
CA MET O 107 -41.95 16.59 -38.36
C MET O 107 -41.02 17.02 -39.49
N THR O 108 -41.44 17.95 -40.34
CA THR O 108 -40.66 18.34 -41.51
C THR O 108 -40.17 19.79 -41.45
N ASN O 109 -40.98 20.71 -40.94
CA ASN O 109 -40.62 22.12 -40.91
C ASN O 109 -39.30 22.35 -40.18
N ASN O 110 -38.64 23.46 -40.50
CA ASN O 110 -37.37 23.83 -39.89
C ASN O 110 -37.58 24.97 -38.90
N PRO O 111 -37.26 24.79 -37.62
CA PRO O 111 -36.68 23.60 -36.99
C PRO O 111 -37.72 22.50 -36.74
N PRO O 112 -37.31 21.24 -36.82
CA PRO O 112 -38.27 20.14 -36.65
C PRO O 112 -38.86 20.11 -35.25
N ILE O 113 -40.14 19.75 -35.18
CA ILE O 113 -40.80 19.47 -33.91
C ILE O 113 -41.17 18.00 -33.92
N PRO O 114 -40.37 17.12 -33.31
CA PRO O 114 -40.60 15.67 -33.42
C PRO O 114 -41.81 15.22 -32.61
N VAL O 115 -42.99 15.56 -33.11
CA VAL O 115 -44.23 15.18 -32.42
C VAL O 115 -44.33 13.67 -32.31
N GLY O 116 -43.92 12.96 -33.37
CA GLY O 116 -43.89 11.51 -33.30
C GLY O 116 -42.94 10.99 -32.23
N GLU O 117 -41.78 11.62 -32.11
CA GLU O 117 -40.81 11.19 -31.10
C GLU O 117 -41.34 11.43 -29.68
N ILE O 118 -41.94 12.59 -29.44
CA ILE O 118 -42.49 12.88 -28.12
C ILE O 118 -43.63 11.93 -27.78
N TYR O 119 -44.52 11.70 -28.75
CA TYR O 119 -45.62 10.78 -28.52
C TYR O 119 -45.10 9.36 -28.28
N LYS O 120 -44.06 8.95 -29.00
CA LYS O 120 -43.47 7.65 -28.78
C LYS O 120 -42.88 7.54 -27.39
N ARG O 121 -42.22 8.60 -26.91
CA ARG O 121 -41.70 8.59 -25.55
C ARG O 121 -42.82 8.47 -24.52
N TRP O 122 -43.93 9.18 -24.74
CA TRP O 122 -45.08 9.06 -23.85
C TRP O 122 -45.61 7.63 -23.84
N ILE O 123 -45.73 7.03 -25.02
CA ILE O 123 -46.23 5.66 -25.11
C ILE O 123 -45.27 4.69 -24.44
N ILE O 124 -43.96 4.92 -24.55
CA ILE O 124 -42.99 4.06 -23.88
C ILE O 124 -43.11 4.19 -22.37
N LEU O 125 -43.35 5.40 -21.87
CA LEU O 125 -43.58 5.57 -20.44
C LEU O 125 -44.82 4.79 -20.01
N GLY O 126 -45.89 4.89 -20.79
CA GLY O 126 -47.09 4.12 -20.49
C GLY O 126 -46.85 2.63 -20.51
N LEU O 127 -46.09 2.14 -21.50
CA LEU O 127 -45.81 0.71 -21.60
C LEU O 127 -44.95 0.24 -20.44
N ASN O 128 -43.99 1.05 -20.00
CA ASN O 128 -43.20 0.69 -18.83
C ASN O 128 -44.08 0.63 -17.59
N LYS O 129 -45.02 1.57 -17.46
CA LYS O 129 -45.97 1.50 -16.35
C LYS O 129 -46.80 0.22 -16.41
N ILE O 130 -47.24 -0.16 -17.62
CA ILE O 130 -48.01 -1.39 -17.79
C ILE O 130 -47.18 -2.60 -17.39
N VAL O 131 -45.93 -2.64 -17.84
CA VAL O 131 -45.06 -3.77 -17.52
C VAL O 131 -44.86 -3.88 -16.02
N ARG O 132 -44.71 -2.74 -15.34
CA ARG O 132 -44.51 -2.76 -13.89
C ARG O 132 -45.79 -3.15 -13.15
N MET O 133 -46.95 -2.69 -13.62
CA MET O 133 -48.16 -2.72 -12.84
C MET O 133 -49.21 -3.72 -13.30
N TYR O 134 -49.17 -4.16 -14.55
CA TYR O 134 -50.25 -4.95 -15.13
C TYR O 134 -49.87 -6.42 -15.18
N SER O 135 -50.80 -7.28 -14.77
CA SER O 135 -50.64 -8.72 -14.85
C SER O 135 -51.81 -9.29 -15.64
N PRO O 136 -51.60 -9.83 -16.84
CA PRO O 136 -52.72 -10.33 -17.63
C PRO O 136 -53.37 -11.56 -16.99
N THR O 137 -54.67 -11.70 -17.23
CA THR O 137 -55.43 -12.84 -16.72
C THR O 137 -55.46 -13.94 -17.78
N SER O 138 -55.56 -15.18 -17.31
CA SER O 138 -55.57 -16.34 -18.18
C SER O 138 -56.63 -17.32 -17.69
N ILE O 139 -57.01 -18.24 -18.60
CA ILE O 139 -57.93 -19.31 -18.22
C ILE O 139 -57.31 -20.21 -17.17
N LEU O 140 -55.98 -20.24 -17.07
CA LEU O 140 -55.31 -20.98 -16.02
C LEU O 140 -55.54 -20.41 -14.63
N ASP O 141 -56.02 -19.17 -14.53
CA ASP O 141 -56.19 -18.49 -13.26
C ASP O 141 -57.64 -18.48 -12.77
N ILE O 142 -58.57 -19.02 -13.54
CA ILE O 142 -59.99 -19.00 -13.17
C ILE O 142 -60.23 -20.19 -12.24
N ARG O 143 -60.19 -19.93 -10.93
CA ARG O 143 -60.47 -20.94 -9.92
C ARG O 143 -61.75 -20.60 -9.20
N GLN O 144 -62.48 -21.64 -8.78
CA GLN O 144 -63.72 -21.43 -8.06
C GLN O 144 -63.44 -20.99 -6.63
N GLY O 145 -64.22 -20.02 -6.15
CA GLY O 145 -64.12 -19.57 -4.79
C GLY O 145 -64.67 -20.59 -3.82
N PRO O 146 -64.23 -20.51 -2.56
CA PRO O 146 -64.72 -21.47 -1.55
C PRO O 146 -66.23 -21.43 -1.37
N LYS O 147 -66.85 -20.26 -1.49
CA LYS O 147 -68.30 -20.12 -1.34
C LYS O 147 -68.97 -19.75 -2.65
N GLU O 148 -68.25 -19.77 -3.76
CA GLU O 148 -68.81 -19.36 -5.04
C GLU O 148 -69.71 -20.46 -5.60
N PRO O 149 -70.89 -20.13 -6.09
CA PRO O 149 -71.72 -21.14 -6.74
C PRO O 149 -71.05 -21.67 -8.01
N PHE O 150 -71.36 -22.92 -8.33
CA PHE O 150 -70.77 -23.55 -9.50
C PHE O 150 -71.25 -22.89 -10.80
N ARG O 151 -72.50 -22.42 -10.83
CA ARG O 151 -72.99 -21.67 -11.99
C ARG O 151 -72.12 -20.46 -12.27
N ASP O 152 -71.82 -19.67 -11.23
CA ASP O 152 -71.02 -18.46 -11.42
C ASP O 152 -69.60 -18.80 -11.86
N TYR O 153 -69.02 -19.86 -11.28
CA TYR O 153 -67.68 -20.26 -11.67
C TYR O 153 -67.64 -20.71 -13.13
N VAL O 154 -68.65 -21.46 -13.56
CA VAL O 154 -68.72 -21.90 -14.95
C VAL O 154 -68.89 -20.70 -15.87
N ASP O 155 -69.71 -19.74 -15.48
CA ASP O 155 -69.89 -18.53 -16.29
C ASP O 155 -68.59 -17.77 -16.43
N ARG O 156 -67.86 -17.60 -15.32
CA ARG O 156 -66.56 -16.92 -15.39
C ARG O 156 -65.59 -17.69 -16.27
N PHE O 157 -65.56 -19.02 -16.13
CA PHE O 157 -64.65 -19.84 -16.92
C PHE O 157 -64.93 -19.70 -18.41
N TYR O 158 -66.20 -19.76 -18.80
CA TYR O 158 -66.52 -19.63 -20.22
C TYR O 158 -66.31 -18.21 -20.73
N LYS O 159 -66.56 -17.21 -19.90
CA LYS O 159 -66.29 -15.83 -20.32
C LYS O 159 -64.80 -15.60 -20.54
N THR O 160 -63.96 -16.17 -19.67
CA THR O 160 -62.52 -16.06 -19.87
C THR O 160 -62.07 -16.88 -21.07
N LEU O 161 -62.70 -18.03 -21.30
CA LEU O 161 -62.33 -18.87 -22.43
C LEU O 161 -62.65 -18.18 -23.76
N ARG O 162 -63.79 -17.50 -23.83
CA ARG O 162 -64.14 -16.79 -25.06
C ARG O 162 -63.13 -15.72 -25.42
N ALA O 163 -62.43 -15.15 -24.44
CA ALA O 163 -61.42 -14.14 -24.68
C ALA O 163 -60.02 -14.71 -24.80
N GLU O 164 -59.85 -16.02 -24.63
CA GLU O 164 -58.53 -16.62 -24.71
C GLU O 164 -58.10 -16.75 -26.17
N GLN O 165 -56.83 -16.46 -26.42
CA GLN O 165 -56.26 -16.59 -27.76
C GLN O 165 -55.79 -18.03 -27.94
N ALA O 166 -56.68 -18.87 -28.47
CA ALA O 166 -56.37 -20.27 -28.68
C ALA O 166 -57.35 -20.84 -29.70
N SER O 167 -56.98 -21.96 -30.30
CA SER O 167 -57.85 -22.61 -31.26
C SER O 167 -59.04 -23.26 -30.57
N GLN O 168 -60.06 -23.58 -31.36
CA GLN O 168 -61.27 -24.18 -30.80
C GLN O 168 -60.99 -25.54 -30.18
N GLU O 169 -60.12 -26.34 -30.81
CA GLU O 169 -59.75 -27.62 -30.23
C GLU O 169 -59.04 -27.43 -28.90
N VAL O 170 -58.12 -26.46 -28.83
CA VAL O 170 -57.42 -26.18 -27.59
C VAL O 170 -58.39 -25.66 -26.53
N LYS O 171 -59.38 -24.88 -26.95
CA LYS O 171 -60.39 -24.40 -26.02
C LYS O 171 -61.23 -25.54 -25.46
N ASN O 172 -61.61 -26.50 -26.31
CA ASN O 172 -62.35 -27.67 -25.82
C ASN O 172 -61.49 -28.50 -24.87
N TRP O 173 -60.20 -28.65 -25.18
CA TRP O 173 -59.31 -29.36 -24.27
C TRP O 173 -59.20 -28.64 -22.93
N MET O 174 -59.14 -27.31 -22.96
CA MET O 174 -59.11 -26.53 -21.73
C MET O 174 -60.39 -26.72 -20.93
N THR O 175 -61.54 -26.74 -21.61
CA THR O 175 -62.80 -26.97 -20.93
C THR O 175 -62.82 -28.35 -20.28
N GLU O 176 -62.32 -29.36 -20.98
CA GLU O 176 -62.34 -30.72 -20.45
C GLU O 176 -61.29 -30.97 -19.37
N THR O 177 -60.24 -30.15 -19.31
CA THR O 177 -59.13 -30.40 -18.39
C THR O 177 -59.08 -29.46 -17.20
N LEU O 178 -59.68 -28.27 -17.30
CA LEU O 178 -59.50 -27.22 -16.30
C LEU O 178 -60.75 -26.89 -15.50
N LEU O 179 -61.94 -27.03 -16.10
CA LEU O 179 -63.16 -26.63 -15.42
C LEU O 179 -63.39 -27.45 -14.15
N VAL O 180 -63.15 -28.75 -14.23
CA VAL O 180 -63.33 -29.60 -13.05
C VAL O 180 -62.12 -29.50 -12.12
N GLN O 181 -60.93 -29.41 -12.69
CA GLN O 181 -59.72 -29.37 -11.87
C GLN O 181 -59.67 -28.13 -10.99
N ASN O 182 -60.07 -26.98 -11.52
CA ASN O 182 -59.95 -25.71 -10.82
C ASN O 182 -61.19 -25.36 -10.00
N ALA O 183 -62.02 -26.35 -9.68
CA ALA O 183 -63.17 -26.14 -8.81
C ALA O 183 -62.76 -26.34 -7.35
N ASN O 184 -63.57 -25.78 -6.45
CA ASN O 184 -63.28 -25.92 -5.04
C ASN O 184 -63.52 -27.36 -4.58
N PRO O 185 -62.90 -27.76 -3.47
CA PRO O 185 -63.04 -29.17 -3.04
C PRO O 185 -64.48 -29.63 -2.86
N ASP O 186 -65.35 -28.74 -2.38
CA ASP O 186 -66.75 -29.13 -2.16
C ASP O 186 -67.42 -29.54 -3.45
N CYS O 187 -67.23 -28.76 -4.52
CA CYS O 187 -67.78 -29.14 -5.82
C CYS O 187 -66.94 -30.21 -6.49
N LYS O 188 -65.63 -30.22 -6.27
CA LYS O 188 -64.77 -31.20 -6.92
C LYS O 188 -65.09 -32.62 -6.44
N THR O 189 -65.44 -32.78 -5.17
CA THR O 189 -65.82 -34.09 -4.67
C THR O 189 -67.03 -34.63 -5.42
N ILE O 190 -68.05 -33.79 -5.62
CA ILE O 190 -69.24 -34.22 -6.32
C ILE O 190 -68.94 -34.48 -7.79
N LEU O 191 -68.10 -33.66 -8.41
CA LEU O 191 -67.75 -33.87 -9.81
C LEU O 191 -66.99 -35.18 -9.99
N LYS O 192 -66.07 -35.50 -9.08
CA LYS O 192 -65.38 -36.78 -9.15
C LYS O 192 -66.33 -37.94 -8.86
N ALA O 193 -67.33 -37.72 -8.01
CA ALA O 193 -68.34 -38.76 -7.79
C ALA O 193 -69.09 -39.06 -9.08
N LEU O 194 -69.38 -38.03 -9.87
CA LEU O 194 -69.99 -38.24 -11.17
C LEU O 194 -68.98 -38.88 -12.13
N GLY O 195 -69.50 -39.51 -13.17
CA GLY O 195 -68.66 -40.15 -14.16
C GLY O 195 -67.87 -39.16 -14.97
N PRO O 196 -66.74 -39.60 -15.53
CA PRO O 196 -65.94 -38.69 -16.38
C PRO O 196 -66.66 -38.27 -17.65
N ALA O 197 -67.69 -38.99 -18.07
CA ALA O 197 -68.45 -38.67 -19.27
C ALA O 197 -69.65 -37.78 -18.99
N ALA O 198 -69.78 -37.26 -17.78
CA ALA O 198 -70.90 -36.40 -17.44
C ALA O 198 -70.84 -35.10 -18.24
N THR O 199 -72.00 -34.65 -18.72
CA THR O 199 -72.08 -33.44 -19.51
C THR O 199 -72.03 -32.21 -18.60
N LEU O 200 -72.00 -31.03 -19.23
CA LEU O 200 -71.98 -29.79 -18.46
C LEU O 200 -73.26 -29.62 -17.65
N GLU O 201 -74.42 -29.97 -18.23
CA GLU O 201 -75.67 -29.82 -17.51
C GLU O 201 -75.74 -30.75 -16.31
N GLU O 202 -75.29 -32.00 -16.46
CA GLU O 202 -75.29 -32.93 -15.33
C GLU O 202 -74.33 -32.47 -14.24
N MET O 203 -73.16 -31.99 -14.62
CA MET O 203 -72.20 -31.47 -13.64
C MET O 203 -72.76 -30.27 -12.91
N MET O 204 -73.44 -29.37 -13.64
CA MET O 204 -74.01 -28.18 -13.03
C MET O 204 -75.16 -28.53 -12.09
N THR O 205 -76.00 -29.49 -12.48
CA THR O 205 -77.09 -29.92 -11.61
C THR O 205 -76.57 -30.63 -10.37
N ALA O 206 -75.48 -31.39 -10.51
CA ALA O 206 -74.92 -32.11 -9.37
C ALA O 206 -74.40 -31.15 -8.29
N CYS O 207 -73.88 -30.00 -8.70
CA CYS O 207 -73.34 -29.01 -7.76
C CYS O 207 -74.32 -27.88 -7.46
N GLN O 208 -75.57 -28.00 -7.93
CA GLN O 208 -76.54 -26.93 -7.73
C GLN O 208 -76.95 -26.77 -6.27
N GLY O 209 -76.61 -27.71 -5.40
CA GLY O 209 -77.00 -27.63 -4.01
C GLY O 209 -75.85 -27.38 -3.06
N VAL O 210 -74.64 -27.20 -3.60
CA VAL O 210 -73.47 -26.96 -2.77
C VAL O 210 -73.61 -25.62 -2.07
N GLY O 211 -73.39 -25.61 -0.76
CA GLY O 211 -73.60 -24.42 0.04
C GLY O 211 -75.01 -24.23 0.53
N GLY O 212 -75.94 -25.07 0.12
CA GLY O 212 -77.31 -25.00 0.59
C GLY O 212 -77.47 -25.69 1.92
N PRO O 213 -78.68 -25.60 2.51
CA PRO O 213 -78.90 -26.25 3.80
C PRO O 213 -78.70 -27.75 3.76
N GLY O 214 -79.23 -28.42 2.72
CA GLY O 214 -79.14 -29.87 2.66
C GLY O 214 -77.71 -30.36 2.53
N HIS O 215 -76.93 -29.75 1.64
CA HIS O 215 -75.56 -30.18 1.43
C HIS O 215 -74.70 -29.91 2.67
N LYS O 216 -74.88 -28.75 3.29
CA LYS O 216 -74.13 -28.43 4.50
C LYS O 216 -74.46 -29.39 5.63
N ALA O 217 -75.75 -29.69 5.79
CA ALA O 217 -76.15 -30.67 6.79
C ALA O 217 -75.55 -32.04 6.49
N ARG O 218 -75.52 -32.42 5.21
N ARG O 218 -75.52 -32.42 5.21
CA ARG O 218 -74.97 -33.72 4.84
CA ARG O 218 -74.97 -33.72 4.84
C ARG O 218 -73.49 -33.82 5.17
C ARG O 218 -73.49 -33.82 5.17
N VAL O 219 -72.72 -32.79 4.83
CA VAL O 219 -71.28 -32.86 5.09
C VAL O 219 -71.01 -32.80 6.59
N LEU O 220 -71.76 -31.97 7.31
CA LEU O 220 -71.61 -31.93 8.77
C LEU O 220 -71.92 -33.28 9.39
N ALA O 221 -73.00 -33.92 8.95
CA ALA O 221 -73.37 -35.23 9.48
C ALA O 221 -72.32 -36.27 9.14
N GLU O 222 -71.76 -36.21 7.93
CA GLU O 222 -70.72 -37.16 7.55
C GLU O 222 -69.49 -37.01 8.45
N ALA O 223 -69.06 -35.76 8.68
CA ALA O 223 -67.90 -35.54 9.54
C ALA O 223 -68.18 -35.98 10.97
N MET O 224 -69.37 -35.67 11.50
CA MET O 224 -69.71 -36.07 12.86
C MET O 224 -69.78 -37.59 12.98
N SER O 225 -70.33 -38.26 11.96
CA SER O 225 -70.38 -39.72 11.99
C SER O 225 -68.99 -40.31 11.94
N GLN O 226 -68.10 -39.73 11.13
CA GLN O 226 -66.73 -40.23 11.07
C GLN O 226 -66.05 -40.11 12.44
N VAL O 227 -66.15 -38.94 13.08
CA VAL O 227 -65.46 -38.77 14.35
C VAL O 227 -66.11 -39.60 15.45
N ILE O 228 -67.43 -39.82 15.38
CA ILE O 228 -68.09 -40.65 16.38
C ILE O 228 -67.68 -42.11 16.22
N ASN O 229 -67.67 -42.61 14.98
CA ASN O 229 -67.23 -43.99 14.74
C ASN O 229 -65.76 -44.17 15.08
N SER O 230 -64.97 -43.10 15.00
CA SER O 230 -63.59 -43.18 15.46
C SER O 230 -63.53 -43.49 16.96
N ALA O 231 -64.42 -42.88 17.74
CA ALA O 231 -64.49 -43.13 19.17
C ALA O 231 -65.21 -44.45 19.47
N HIS P 1 -24.60 44.60 4.05
CA HIS P 1 -24.30 43.19 4.16
C HIS P 1 -24.50 42.68 5.59
N GLN P 2 -25.54 41.88 5.80
CA GLN P 2 -25.83 41.30 7.11
C GLN P 2 -25.05 39.99 7.24
N ALA P 3 -23.78 40.13 7.61
CA ALA P 3 -22.93 38.97 7.83
C ALA P 3 -23.42 38.17 9.03
N ILE P 4 -23.04 36.89 9.06
CA ILE P 4 -23.48 36.01 10.14
C ILE P 4 -22.94 36.49 11.47
N SER P 5 -23.81 36.55 12.47
CA SER P 5 -23.43 37.03 13.79
C SER P 5 -22.69 35.95 14.57
N PRO P 6 -21.84 36.34 15.53
CA PRO P 6 -21.15 35.34 16.34
C PRO P 6 -22.11 34.40 17.07
N ARG P 7 -23.23 34.93 17.57
CA ARG P 7 -24.17 34.08 18.29
C ARG P 7 -24.84 33.07 17.37
N THR P 8 -25.20 33.50 16.15
CA THR P 8 -25.79 32.57 15.19
C THR P 8 -24.81 31.46 14.82
N LEU P 9 -23.56 31.83 14.55
CA LEU P 9 -22.56 30.83 14.19
C LEU P 9 -22.29 29.87 15.33
N ASN P 10 -22.20 30.40 16.56
CA ASN P 10 -21.99 29.53 17.71
C ASN P 10 -23.18 28.61 17.92
N ALA P 11 -24.40 29.12 17.72
CA ALA P 11 -25.58 28.28 17.85
C ALA P 11 -25.58 27.16 16.81
N TRP P 12 -25.15 27.48 15.59
CA TRP P 12 -25.01 26.44 14.56
C TRP P 12 -24.00 25.38 15.00
N VAL P 13 -22.86 25.81 15.57
CA VAL P 13 -21.85 24.86 16.01
C VAL P 13 -22.39 23.96 17.12
N LYS P 14 -23.09 24.55 18.10
CA LYS P 14 -23.66 23.73 19.17
C LYS P 14 -24.76 22.81 18.65
N VAL P 15 -25.53 23.25 17.65
CA VAL P 15 -26.54 22.38 17.07
C VAL P 15 -25.89 21.16 16.44
N VAL P 16 -24.83 21.39 15.67
CA VAL P 16 -24.13 20.28 15.02
C VAL P 16 -23.53 19.35 16.06
N GLU P 17 -22.91 19.91 17.11
CA GLU P 17 -22.24 19.05 18.09
C GLU P 17 -23.25 18.28 18.95
N GLU P 18 -24.37 18.91 19.30
CA GLU P 18 -25.36 18.27 20.15
C GLU P 18 -26.17 17.23 19.40
N LYS P 19 -26.60 17.53 18.17
N LYS P 19 -26.59 17.53 18.17
CA LYS P 19 -27.44 16.61 17.42
CA LYS P 19 -27.44 16.63 17.39
C LYS P 19 -26.65 15.72 16.47
C LYS P 19 -26.65 15.72 16.47
N ALA P 20 -25.33 15.82 16.46
CA ALA P 20 -24.46 15.07 15.54
C ALA P 20 -24.91 15.47 14.13
N PHE P 21 -25.35 14.53 13.29
CA PHE P 21 -25.92 14.92 12.00
C PHE P 21 -27.28 14.25 11.81
N SER P 22 -28.13 14.36 12.83
CA SER P 22 -29.50 13.93 12.73
C SER P 22 -30.27 14.87 11.79
N PRO P 23 -31.43 14.45 11.30
CA PRO P 23 -32.18 15.32 10.38
C PRO P 23 -32.48 16.70 10.96
N GLU P 24 -32.52 16.83 12.28
CA GLU P 24 -32.83 18.10 12.93
C GLU P 24 -31.85 19.21 12.54
N VAL P 25 -30.64 18.86 12.09
CA VAL P 25 -29.70 19.90 11.70
C VAL P 25 -30.15 20.61 10.43
N ILE P 26 -30.90 19.92 9.55
CA ILE P 26 -31.31 20.54 8.30
C ILE P 26 -32.24 21.73 8.52
N PRO P 27 -33.30 21.64 9.32
CA PRO P 27 -34.11 22.85 9.55
C PRO P 27 -33.35 23.97 10.23
N MET P 28 -32.41 23.64 11.12
CA MET P 28 -31.66 24.67 11.81
C MET P 28 -30.75 25.43 10.84
N PHE P 29 -30.01 24.68 10.01
CA PHE P 29 -29.14 25.32 9.02
C PHE P 29 -29.91 26.29 8.15
N SER P 30 -31.00 25.81 7.54
CA SER P 30 -31.83 26.69 6.71
C SER P 30 -32.35 27.88 7.50
N ALA P 31 -32.62 27.70 8.79
CA ALA P 31 -33.12 28.81 9.59
C ALA P 31 -32.01 29.74 10.05
N LEU P 32 -30.76 29.29 10.02
CA LEU P 32 -29.64 30.09 10.50
C LEU P 32 -28.82 30.69 9.37
N SER P 33 -29.16 30.40 8.12
CA SER P 33 -28.37 30.86 6.98
C SER P 33 -29.24 31.58 5.94
N GLU P 34 -30.41 32.06 6.34
CA GLU P 34 -31.31 32.69 5.39
C GLU P 34 -30.77 34.07 5.01
N GLY P 35 -30.53 34.28 3.71
CA GLY P 35 -29.89 35.49 3.24
C GLY P 35 -28.38 35.49 3.32
N ALA P 36 -27.76 34.36 3.65
CA ALA P 36 -26.32 34.31 3.82
C ALA P 36 -25.61 34.26 2.48
N THR P 37 -24.41 34.83 2.44
CA THR P 37 -23.55 34.74 1.28
C THR P 37 -22.81 33.41 1.27
N PRO P 38 -22.24 33.01 0.12
CA PRO P 38 -21.41 31.80 0.10
C PRO P 38 -20.25 31.87 1.08
N GLN P 39 -19.69 33.05 1.32
CA GLN P 39 -18.65 33.19 2.33
C GLN P 39 -19.19 32.87 3.72
N ASP P 40 -20.38 33.35 4.05
CA ASP P 40 -20.99 33.02 5.33
C ASP P 40 -21.28 31.53 5.45
N LEU P 41 -21.78 30.92 4.37
CA LEU P 41 -22.06 29.48 4.40
C LEU P 41 -20.78 28.68 4.58
N ASN P 42 -19.71 29.09 3.90
CA ASN P 42 -18.42 28.43 4.09
C ASN P 42 -17.92 28.61 5.52
N THR P 43 -18.17 29.77 6.12
CA THR P 43 -17.78 29.98 7.50
C THR P 43 -18.54 29.06 8.44
N MET P 44 -19.84 28.88 8.20
CA MET P 44 -20.61 27.93 9.00
C MET P 44 -20.10 26.50 8.82
N LEU P 45 -19.76 26.12 7.59
CA LEU P 45 -19.31 24.75 7.34
C LEU P 45 -17.93 24.50 7.95
N ASN P 46 -17.03 25.47 7.85
CA ASN P 46 -15.66 25.26 8.30
C ASN P 46 -15.52 25.29 9.81
N THR P 47 -16.52 25.81 10.52
CA THR P 47 -16.45 25.90 11.97
C THR P 47 -16.92 24.62 12.67
N VAL P 48 -17.43 23.65 11.91
CA VAL P 48 -17.86 22.39 12.50
C VAL P 48 -16.64 21.62 12.99
N GLY P 49 -16.68 21.19 14.24
CA GLY P 49 -15.60 20.42 14.84
C GLY P 49 -15.90 18.93 14.81
N GLY P 50 -14.90 18.14 14.44
CA GLY P 50 -15.09 16.72 14.30
C GLY P 50 -15.90 16.39 13.07
N HIS P 51 -16.42 15.15 13.06
CA HIS P 51 -17.23 14.64 11.96
C HIS P 51 -16.51 14.81 10.62
N GLN P 52 -15.25 14.39 10.59
CA GLN P 52 -14.43 14.58 9.39
C GLN P 52 -15.00 13.82 8.20
N ALA P 53 -15.52 12.60 8.43
CA ALA P 53 -16.13 11.84 7.34
C ALA P 53 -17.37 12.55 6.80
N ALA P 54 -18.21 13.08 7.70
CA ALA P 54 -19.40 13.80 7.27
C ALA P 54 -19.02 15.05 6.47
N MET P 55 -18.01 15.78 6.92
CA MET P 55 -17.59 16.97 6.20
C MET P 55 -16.97 16.61 4.86
N GLN P 56 -16.27 15.48 4.79
CA GLN P 56 -15.75 15.01 3.51
C GLN P 56 -16.86 14.68 2.54
N MET P 57 -17.91 14.01 3.02
CA MET P 57 -19.05 13.69 2.16
C MET P 57 -19.77 14.97 1.72
N LEU P 58 -19.90 15.94 2.62
CA LEU P 58 -20.49 17.23 2.26
C LEU P 58 -19.68 17.92 1.18
N LYS P 59 -18.35 17.91 1.31
CA LYS P 59 -17.49 18.54 0.32
C LYS P 59 -17.59 17.82 -1.02
N GLU P 60 -17.68 16.49 -1.00
CA GLU P 60 -17.85 15.74 -2.24
C GLU P 60 -19.16 16.10 -2.92
N THR P 61 -20.25 16.19 -2.16
CA THR P 61 -21.54 16.56 -2.75
C THR P 61 -21.48 17.96 -3.33
N ILE P 62 -20.86 18.90 -2.61
CA ILE P 62 -20.74 20.27 -3.10
C ILE P 62 -19.92 20.30 -4.39
N ASN P 63 -18.86 19.50 -4.45
CA ASN P 63 -18.04 19.44 -5.66
C ASN P 63 -18.82 18.89 -6.83
N GLU P 64 -19.61 17.84 -6.61
CA GLU P 64 -20.43 17.30 -7.69
C GLU P 64 -21.46 18.32 -8.17
N GLU P 65 -22.08 19.05 -7.24
CA GLU P 65 -23.05 20.07 -7.63
C GLU P 65 -22.38 21.19 -8.42
N ALA P 66 -21.19 21.62 -8.00
CA ALA P 66 -20.48 22.65 -8.74
C ALA P 66 -20.08 22.16 -10.13
N ALA P 67 -19.64 20.92 -10.23
CA ALA P 67 -19.29 20.35 -11.54
C ALA P 67 -20.51 20.30 -12.45
N GLU P 68 -21.66 19.91 -11.91
CA GLU P 68 -22.87 19.86 -12.71
C GLU P 68 -23.31 21.26 -13.15
N TRP P 69 -23.16 22.25 -12.26
CA TRP P 69 -23.46 23.62 -12.64
C TRP P 69 -22.55 24.09 -13.77
N ASP P 70 -21.26 23.76 -13.68
CA ASP P 70 -20.33 24.14 -14.74
C ASP P 70 -20.66 23.45 -16.05
N ARG P 71 -21.06 22.18 -15.98
CA ARG P 71 -21.44 21.45 -17.17
C ARG P 71 -22.67 22.07 -17.84
N VAL P 72 -23.70 22.37 -17.06
CA VAL P 72 -24.93 22.90 -17.62
C VAL P 72 -24.73 24.33 -18.12
N HIS P 73 -24.01 25.15 -17.34
CA HIS P 73 -23.88 26.57 -17.66
C HIS P 73 -22.56 26.82 -18.36
N PRO P 74 -22.57 27.20 -19.64
CA PRO P 74 -21.31 27.47 -20.34
C PRO P 74 -20.74 28.83 -19.96
N VAL P 75 -19.45 29.00 -20.25
CA VAL P 75 -18.79 30.28 -20.02
C VAL P 75 -19.08 31.23 -21.17
N HIS P 76 -18.78 32.51 -20.95
CA HIS P 76 -18.89 33.53 -21.98
C HIS P 76 -17.50 33.95 -22.42
N ALA P 77 -17.33 34.10 -23.74
CA ALA P 77 -16.00 34.38 -24.29
C ALA P 77 -15.62 35.84 -24.11
N GLY P 78 -16.49 36.76 -24.52
CA GLY P 78 -16.19 38.17 -24.48
C GLY P 78 -16.75 38.87 -23.26
N PRO P 79 -15.87 39.36 -22.40
CA PRO P 79 -16.33 40.11 -21.22
C PRO P 79 -16.94 41.44 -21.61
N ILE P 80 -17.89 41.89 -20.81
CA ILE P 80 -18.57 43.17 -21.02
C ILE P 80 -18.11 44.10 -19.90
N ALA P 81 -17.16 44.98 -20.22
CA ALA P 81 -16.63 45.90 -19.23
C ALA P 81 -17.67 46.88 -18.69
N PRO P 82 -18.44 47.59 -19.51
CA PRO P 82 -19.33 48.63 -18.95
C PRO P 82 -20.64 48.04 -18.45
N GLY P 83 -20.91 48.25 -17.16
CA GLY P 83 -22.19 47.87 -16.57
C GLY P 83 -22.49 46.39 -16.60
N GLN P 84 -21.49 45.55 -16.36
CA GLN P 84 -21.72 44.11 -16.33
C GLN P 84 -20.67 43.47 -15.42
N MET P 85 -21.00 42.28 -14.93
CA MET P 85 -20.12 41.51 -14.06
C MET P 85 -19.98 40.10 -14.59
N ARG P 86 -18.90 39.44 -14.17
CA ARG P 86 -18.61 38.09 -14.63
C ARG P 86 -19.70 37.12 -14.19
N GLU P 87 -20.07 36.23 -15.08
CA GLU P 87 -21.06 35.20 -14.76
C GLU P 87 -20.47 34.22 -13.75
N PRO P 88 -21.14 33.93 -12.65
CA PRO P 88 -20.58 33.02 -11.65
C PRO P 88 -20.45 31.59 -12.18
N ARG P 89 -19.45 30.89 -11.67
CA ARG P 89 -19.22 29.49 -11.97
C ARG P 89 -19.51 28.65 -10.73
N GLY P 90 -19.29 27.34 -10.84
CA GLY P 90 -19.53 26.47 -9.70
C GLY P 90 -18.66 26.80 -8.51
N SER P 91 -17.38 27.04 -8.74
CA SER P 91 -16.48 27.41 -7.66
C SER P 91 -16.83 28.79 -7.10
N ASP P 92 -17.29 29.71 -7.95
CA ASP P 92 -17.73 31.01 -7.46
C ASP P 92 -18.95 30.91 -6.56
N ILE P 93 -19.91 30.06 -6.93
CA ILE P 93 -21.08 29.84 -6.09
C ILE P 93 -20.67 29.18 -4.78
N ALA P 94 -19.78 28.18 -4.85
CA ALA P 94 -19.29 27.55 -3.64
C ALA P 94 -18.38 28.47 -2.82
N GLY P 95 -17.98 29.60 -3.37
CA GLY P 95 -17.13 30.55 -2.66
C GLY P 95 -15.66 30.24 -2.68
N THR P 96 -15.24 29.15 -3.33
CA THR P 96 -13.82 28.80 -3.36
C THR P 96 -13.01 29.83 -4.16
N THR P 97 -13.52 30.23 -5.33
CA THR P 97 -12.84 31.19 -6.17
C THR P 97 -13.64 32.47 -6.36
N SER P 98 -14.26 32.95 -5.30
CA SER P 98 -15.06 34.18 -5.34
C SER P 98 -14.78 35.01 -4.09
N THR P 99 -14.95 36.32 -4.23
CA THR P 99 -14.82 37.25 -3.13
C THR P 99 -16.19 37.69 -2.64
N LEU P 100 -16.23 38.17 -1.39
CA LEU P 100 -17.48 38.57 -0.78
C LEU P 100 -18.16 39.68 -1.57
N GLN P 101 -17.37 40.64 -2.09
CA GLN P 101 -17.94 41.73 -2.86
C GLN P 101 -18.60 41.22 -4.13
N GLU P 102 -17.99 40.24 -4.79
CA GLU P 102 -18.59 39.67 -6.00
C GLU P 102 -19.90 38.97 -5.69
N GLN P 103 -19.94 38.23 -4.57
CA GLN P 103 -21.18 37.55 -4.18
C GLN P 103 -22.28 38.56 -3.88
N ILE P 104 -21.95 39.63 -3.15
CA ILE P 104 -22.95 40.65 -2.86
C ILE P 104 -23.43 41.31 -4.15
N GLY P 105 -22.51 41.55 -5.08
CA GLY P 105 -22.90 42.12 -6.37
C GLY P 105 -23.84 41.21 -7.14
N TRP P 106 -23.58 39.90 -7.12
CA TRP P 106 -24.47 38.96 -7.78
C TRP P 106 -25.86 38.96 -7.15
N MET P 107 -25.92 38.95 -5.81
CA MET P 107 -27.22 38.97 -5.17
C MET P 107 -27.94 40.31 -5.27
N THR P 108 -27.22 41.39 -5.56
CA THR P 108 -27.81 42.72 -5.59
C THR P 108 -28.13 43.21 -7.01
N ASN P 109 -27.41 42.71 -8.01
CA ASN P 109 -27.62 43.13 -9.39
C ASN P 109 -29.02 42.75 -9.85
N ASN P 110 -29.49 43.44 -10.89
CA ASN P 110 -30.78 43.15 -11.51
C ASN P 110 -30.54 42.58 -12.91
N PRO P 111 -30.93 41.33 -13.19
CA PRO P 111 -31.61 40.38 -12.30
C PRO P 111 -30.66 39.72 -11.31
N PRO P 112 -31.13 39.42 -10.11
CA PRO P 112 -30.26 38.82 -9.09
C PRO P 112 -29.85 37.40 -9.47
N ILE P 113 -28.64 37.04 -9.07
CA ILE P 113 -28.17 35.66 -9.17
C ILE P 113 -28.01 35.14 -7.75
N PRO P 114 -28.97 34.37 -7.24
CA PRO P 114 -28.93 33.95 -5.83
C PRO P 114 -27.86 32.88 -5.58
N VAL P 115 -26.60 33.31 -5.64
CA VAL P 115 -25.49 32.39 -5.44
C VAL P 115 -25.55 31.78 -4.04
N GLY P 116 -25.97 32.59 -3.06
CA GLY P 116 -26.16 32.06 -1.72
C GLY P 116 -27.24 30.99 -1.66
N GLU P 117 -28.34 31.20 -2.40
CA GLU P 117 -29.42 30.22 -2.40
C GLU P 117 -29.00 28.93 -3.10
N ILE P 118 -28.27 29.05 -4.22
CA ILE P 118 -27.79 27.85 -4.91
C ILE P 118 -26.80 27.08 -4.03
N TYR P 119 -25.89 27.80 -3.37
CA TYR P 119 -24.95 27.13 -2.48
C TYR P 119 -25.67 26.51 -1.29
N LYS P 120 -26.70 27.18 -0.78
CA LYS P 120 -27.51 26.59 0.29
C LYS P 120 -28.17 25.30 -0.17
N ARG P 121 -28.70 25.28 -1.39
CA ARG P 121 -29.31 24.07 -1.92
C ARG P 121 -28.29 22.95 -2.03
N TRP P 122 -27.07 23.27 -2.50
CA TRP P 122 -26.02 22.25 -2.58
C TRP P 122 -25.67 21.71 -1.20
N ILE P 123 -25.55 22.61 -0.21
CA ILE P 123 -25.20 22.18 1.14
C ILE P 123 -26.32 21.35 1.74
N ILE P 124 -27.57 21.69 1.45
CA ILE P 124 -28.68 20.89 1.96
C ILE P 124 -28.69 19.51 1.33
N LEU P 125 -28.36 19.42 0.04
CA LEU P 125 -28.23 18.11 -0.59
C LEU P 125 -27.15 17.28 0.09
N GLY P 126 -26.00 17.91 0.36
CA GLY P 126 -24.95 17.21 1.08
C GLY P 126 -25.35 16.79 2.48
N LEU P 127 -26.08 17.65 3.18
CA LEU P 127 -26.53 17.35 4.53
C LEU P 127 -27.53 16.19 4.53
N ASN P 128 -28.42 16.16 3.54
CA ASN P 128 -29.34 15.04 3.41
C ASN P 128 -28.59 13.75 3.14
N LYS P 129 -27.55 13.81 2.29
CA LYS P 129 -26.73 12.63 2.05
C LYS P 129 -26.03 12.19 3.34
N ILE P 130 -25.55 13.14 4.13
CA ILE P 130 -24.92 12.80 5.42
C ILE P 130 -25.92 12.14 6.35
N VAL P 131 -27.12 12.70 6.45
CA VAL P 131 -28.16 12.14 7.31
C VAL P 131 -28.49 10.72 6.89
N ARG P 132 -28.52 10.47 5.58
CA ARG P 132 -28.84 9.13 5.10
C ARG P 132 -27.68 8.16 5.35
N MET P 133 -26.44 8.60 5.16
CA MET P 133 -25.32 7.69 5.03
C MET P 133 -24.36 7.67 6.21
N TYR P 134 -24.31 8.73 7.02
CA TYR P 134 -23.29 8.88 8.04
C TYR P 134 -23.83 8.53 9.41
N SER P 135 -23.04 7.78 10.18
CA SER P 135 -23.35 7.44 11.57
C SER P 135 -22.18 7.89 12.44
N PRO P 136 -22.39 8.79 13.40
CA PRO P 136 -21.27 9.26 14.21
C PRO P 136 -20.73 8.17 15.13
N THR P 137 -19.45 8.30 15.46
CA THR P 137 -18.79 7.38 16.38
C THR P 137 -18.92 7.87 17.81
N SER P 138 -19.06 6.93 18.74
CA SER P 138 -19.24 7.25 20.14
C SER P 138 -18.29 6.42 20.99
N ILE P 139 -18.00 6.92 22.19
CA ILE P 139 -17.22 6.15 23.15
C ILE P 139 -17.97 4.89 23.55
N LEU P 140 -19.30 4.91 23.44
CA LEU P 140 -20.11 3.74 23.77
C LEU P 140 -19.95 2.62 22.74
N ASP P 141 -19.46 2.94 21.54
CA ASP P 141 -19.32 1.98 20.47
C ASP P 141 -17.92 1.38 20.39
N ILE P 142 -17.02 1.76 21.29
CA ILE P 142 -15.66 1.24 21.29
C ILE P 142 -15.64 -0.05 22.09
N ARG P 143 -15.50 -1.17 21.40
CA ARG P 143 -15.48 -2.48 22.01
C ARG P 143 -14.23 -3.23 21.60
N GLN P 144 -13.75 -4.10 22.47
CA GLN P 144 -12.55 -4.87 22.18
C GLN P 144 -12.91 -6.04 21.27
N GLY P 145 -12.11 -6.22 20.22
CA GLY P 145 -12.30 -7.33 19.31
C GLY P 145 -12.01 -8.66 19.98
N PRO P 146 -12.55 -9.74 19.41
CA PRO P 146 -12.31 -11.06 20.01
C PRO P 146 -10.84 -11.44 20.09
N LYS P 147 -10.02 -10.98 19.14
CA LYS P 147 -8.60 -11.30 19.11
C LYS P 147 -7.73 -10.05 19.23
N GLU P 148 -8.32 -8.90 19.49
CA GLU P 148 -7.57 -7.66 19.56
C GLU P 148 -6.80 -7.58 20.87
N PRO P 149 -5.55 -7.14 20.87
CA PRO P 149 -4.82 -6.97 22.13
C PRO P 149 -5.47 -5.89 23.01
N PHE P 150 -5.33 -6.08 24.32
CA PHE P 150 -5.94 -5.15 25.27
C PHE P 150 -5.31 -3.76 25.19
N ARG P 151 -4.01 -3.69 24.91
CA ARG P 151 -3.35 -2.40 24.74
C ARG P 151 -3.94 -1.62 23.57
N ASP P 152 -4.17 -2.29 22.44
CA ASP P 152 -4.73 -1.61 21.28
C ASP P 152 -6.16 -1.12 21.56
N TYR P 153 -6.95 -1.94 22.25
CA TYR P 153 -8.30 -1.53 22.61
C TYR P 153 -8.28 -0.34 23.55
N VAL P 154 -7.36 -0.34 24.52
CA VAL P 154 -7.24 0.80 25.44
C VAL P 154 -6.83 2.05 24.68
N ASP P 155 -5.92 1.91 23.72
CA ASP P 155 -5.51 3.07 22.92
C ASP P 155 -6.68 3.63 22.11
N ARG P 156 -7.46 2.75 21.48
CA ARG P 156 -8.64 3.20 20.74
C ARG P 156 -9.64 3.88 21.66
N PHE P 157 -9.87 3.29 22.84
CA PHE P 157 -10.80 3.85 23.79
C PHE P 157 -10.37 5.25 24.23
N TYR P 158 -9.09 5.43 24.51
CA TYR P 158 -8.61 6.73 24.98
C TYR P 158 -8.60 7.76 23.86
N LYS P 159 -8.30 7.34 22.62
CA LYS P 159 -8.41 8.26 21.50
C LYS P 159 -9.85 8.74 21.32
N THR P 160 -10.82 7.81 21.35
CA THR P 160 -12.22 8.19 21.22
C THR P 160 -12.66 9.07 22.39
N LEU P 161 -12.18 8.77 23.59
CA LEU P 161 -12.51 9.60 24.75
C LEU P 161 -11.97 11.01 24.61
N ARG P 162 -10.73 11.13 24.11
CA ARG P 162 -10.17 12.46 23.86
C ARG P 162 -10.97 13.20 22.81
N ALA P 163 -11.49 12.49 21.80
CA ALA P 163 -12.33 13.12 20.80
C ALA P 163 -13.78 13.33 21.27
N GLU P 164 -14.15 12.77 22.42
CA GLU P 164 -15.53 12.85 22.87
C GLU P 164 -15.84 14.22 23.45
N GLN P 165 -17.09 14.67 23.28
N GLN P 165 -17.09 14.67 23.28
CA GLN P 165 -17.56 15.93 23.82
CA GLN P 165 -17.56 15.94 23.83
C GLN P 165 -18.18 15.65 25.19
C GLN P 165 -18.19 15.68 25.18
N ALA P 166 -17.42 15.92 26.25
CA ALA P 166 -17.90 15.69 27.60
C ALA P 166 -17.01 16.45 28.57
N SER P 167 -17.51 16.61 29.80
CA SER P 167 -16.70 17.18 30.87
C SER P 167 -15.64 16.19 31.30
N GLN P 168 -14.60 16.71 31.96
CA GLN P 168 -13.50 15.85 32.40
C GLN P 168 -13.98 14.83 33.43
N GLU P 169 -14.87 15.24 34.33
CA GLU P 169 -15.43 14.30 35.30
C GLU P 169 -16.24 13.22 34.61
N VAL P 170 -17.02 13.60 33.60
CA VAL P 170 -17.80 12.62 32.85
C VAL P 170 -16.88 11.68 32.10
N LYS P 171 -15.77 12.20 31.56
CA LYS P 171 -14.81 11.33 30.87
C LYS P 171 -14.15 10.36 31.84
N ASN P 172 -13.85 10.81 33.06
CA ASN P 172 -13.29 9.91 34.07
C ASN P 172 -14.29 8.83 34.44
N TRP P 173 -15.56 9.20 34.59
CA TRP P 173 -16.60 8.20 34.85
C TRP P 173 -16.73 7.22 33.69
N MET P 174 -16.60 7.73 32.46
CA MET P 174 -16.62 6.87 31.28
C MET P 174 -15.49 5.86 31.32
N THR P 175 -14.28 6.31 31.67
CA THR P 175 -13.15 5.39 31.79
C THR P 175 -13.40 4.36 32.88
N GLU P 176 -13.96 4.80 34.01
CA GLU P 176 -14.17 3.90 35.14
C GLU P 176 -15.26 2.87 34.88
N THR P 177 -16.24 3.18 34.04
CA THR P 177 -17.39 2.29 33.87
C THR P 177 -17.51 1.65 32.49
N LEU P 178 -16.69 2.03 31.52
CA LEU P 178 -16.83 1.55 30.15
C LEU P 178 -15.67 0.71 29.66
N LEU P 179 -14.44 1.01 30.09
CA LEU P 179 -13.28 0.33 29.53
C LEU P 179 -13.28 -1.15 29.85
N VAL P 180 -13.51 -1.50 31.12
CA VAL P 180 -13.55 -2.90 31.51
C VAL P 180 -14.81 -3.57 30.97
N GLN P 181 -15.93 -2.84 30.99
CA GLN P 181 -17.21 -3.43 30.59
C GLN P 181 -17.20 -3.82 29.11
N ASN P 182 -16.61 -2.99 28.26
CA ASN P 182 -16.60 -3.23 26.82
C ASN P 182 -15.41 -4.05 26.35
N ALA P 183 -14.66 -4.66 27.27
CA ALA P 183 -13.58 -5.55 26.89
C ALA P 183 -14.14 -6.92 26.49
N ASN P 184 -13.33 -7.69 25.78
CA ASN P 184 -13.75 -9.01 25.34
C ASN P 184 -13.77 -9.97 26.53
N PRO P 185 -14.50 -11.09 26.41
CA PRO P 185 -14.62 -12.00 27.56
C PRO P 185 -13.29 -12.50 28.10
N ASP P 186 -12.33 -12.77 27.22
CA ASP P 186 -11.04 -13.28 27.66
C ASP P 186 -10.33 -12.28 28.56
N CYS P 187 -10.34 -11.00 28.17
CA CYS P 187 -9.76 -9.97 29.02
C CYS P 187 -10.67 -9.61 30.19
N LYS P 188 -11.99 -9.69 30.00
CA LYS P 188 -12.93 -9.33 31.05
C LYS P 188 -12.82 -10.27 32.24
N THR P 189 -12.60 -11.56 31.99
CA THR P 189 -12.42 -12.50 33.09
C THR P 189 -11.24 -12.10 33.97
N ILE P 190 -10.10 -11.80 33.33
CA ILE P 190 -8.91 -11.41 34.07
C ILE P 190 -9.13 -10.08 34.79
N LEU P 191 -9.78 -9.12 34.12
CA LEU P 191 -10.01 -7.82 34.75
C LEU P 191 -10.91 -7.94 35.97
N LYS P 192 -11.95 -8.76 35.88
CA LYS P 192 -12.81 -8.97 37.05
C LYS P 192 -12.09 -9.70 38.17
N ALA P 193 -11.27 -10.70 37.81
CA ALA P 193 -10.47 -11.37 38.83
C ALA P 193 -9.42 -10.45 39.45
N LEU P 194 -9.07 -9.36 38.76
CA LEU P 194 -8.06 -8.44 39.27
C LEU P 194 -8.59 -7.56 40.40
N GLY P 195 -9.88 -7.24 40.38
CA GLY P 195 -10.47 -6.42 41.40
C GLY P 195 -10.77 -5.01 40.91
N PRO P 196 -11.76 -4.35 41.54
CA PRO P 196 -12.12 -2.99 41.12
C PRO P 196 -11.05 -1.95 41.41
N ALA P 197 -10.18 -2.19 42.40
CA ALA P 197 -9.16 -1.22 42.78
C ALA P 197 -7.95 -1.21 41.84
N ALA P 198 -7.90 -2.13 40.88
CA ALA P 198 -6.75 -2.22 39.99
C ALA P 198 -6.63 -0.96 39.14
N THR P 199 -5.38 -0.51 38.94
CA THR P 199 -5.11 0.64 38.11
C THR P 199 -5.02 0.22 36.64
N LEU P 200 -4.89 1.22 35.76
CA LEU P 200 -4.81 0.95 34.33
C LEU P 200 -3.56 0.14 34.00
N GLU P 201 -2.43 0.48 34.60
CA GLU P 201 -1.19 -0.24 34.32
C GLU P 201 -1.27 -1.69 34.79
N GLU P 202 -1.86 -1.92 35.96
CA GLU P 202 -2.05 -3.29 36.43
C GLU P 202 -2.98 -4.05 35.50
N MET P 203 -4.02 -3.39 35.00
CA MET P 203 -4.95 -4.05 34.09
C MET P 203 -4.27 -4.43 32.79
N MET P 204 -3.45 -3.55 32.24
CA MET P 204 -2.76 -3.85 31.00
C MET P 204 -1.69 -4.92 31.20
N THR P 205 -1.05 -4.94 32.37
CA THR P 205 -0.11 -6.02 32.66
C THR P 205 -0.82 -7.36 32.78
N ALA P 206 -2.02 -7.36 33.38
CA ALA P 206 -2.73 -8.60 33.60
C ALA P 206 -3.26 -9.19 32.30
N CYS P 207 -3.60 -8.35 31.32
CA CYS P 207 -4.12 -8.80 30.04
C CYS P 207 -3.04 -8.81 28.96
N GLN P 208 -1.78 -8.62 29.33
CA GLN P 208 -0.70 -8.55 28.34
C GLN P 208 -0.47 -9.89 27.66
N GLY P 209 -0.89 -10.99 28.29
CA GLY P 209 -0.67 -12.31 27.75
C GLY P 209 -1.85 -12.96 27.05
N VAL P 210 -3.00 -12.28 27.00
CA VAL P 210 -4.18 -12.87 26.38
C VAL P 210 -3.94 -13.05 24.89
N GLY P 211 -4.13 -14.28 24.40
CA GLY P 211 -3.80 -14.61 23.04
C GLY P 211 -2.41 -15.18 22.84
N GLY P 212 -1.57 -15.16 23.87
CA GLY P 212 -0.26 -15.76 23.79
C GLY P 212 -0.33 -17.26 24.03
N PRO P 213 0.79 -17.95 23.81
CA PRO P 213 0.78 -19.42 23.99
C PRO P 213 0.39 -19.85 25.39
N GLY P 214 0.87 -19.16 26.42
CA GLY P 214 0.57 -19.57 27.78
C GLY P 214 -0.89 -19.43 28.14
N HIS P 215 -1.49 -18.30 27.76
CA HIS P 215 -2.90 -18.08 28.06
C HIS P 215 -3.79 -19.09 27.33
N LYS P 216 -3.50 -19.33 26.05
CA LYS P 216 -4.29 -20.29 25.29
C LYS P 216 -4.15 -21.69 25.86
N ALA P 217 -2.92 -22.08 26.21
CA ALA P 217 -2.73 -23.39 26.82
C ALA P 217 -3.48 -23.49 28.14
N ARG P 218 -3.46 -22.43 28.95
CA ARG P 218 -4.12 -22.44 30.24
C ARG P 218 -5.63 -22.57 30.10
N VAL P 219 -6.24 -21.80 29.20
CA VAL P 219 -7.69 -21.86 29.05
C VAL P 219 -8.11 -23.19 28.43
N LEU P 220 -7.33 -23.70 27.48
CA LEU P 220 -7.63 -25.02 26.91
C LEU P 220 -7.53 -26.09 27.97
N ALA P 221 -6.52 -26.01 28.84
CA ALA P 221 -6.37 -26.98 29.91
C ALA P 221 -7.52 -26.89 30.91
N GLU P 222 -7.97 -25.68 31.22
CA GLU P 222 -9.10 -25.54 32.13
C GLU P 222 -10.36 -26.18 31.55
N ALA P 223 -10.63 -25.93 30.26
CA ALA P 223 -11.80 -26.52 29.63
C ALA P 223 -11.67 -28.04 29.56
N MET P 224 -10.49 -28.55 29.21
CA MET P 224 -10.27 -29.99 29.17
C MET P 224 -10.45 -30.62 30.55
N SER P 225 -9.94 -29.96 31.59
CA SER P 225 -10.10 -30.46 32.95
C SER P 225 -11.56 -30.51 33.35
N GLN P 226 -12.33 -29.48 32.98
CA GLN P 226 -13.76 -29.49 33.28
C GLN P 226 -14.45 -30.67 32.61
N VAL P 227 -14.18 -30.89 31.32
CA VAL P 227 -14.88 -31.97 30.62
C VAL P 227 -14.40 -33.34 31.09
N ILE P 228 -13.14 -33.47 31.50
CA ILE P 228 -12.66 -34.74 32.04
C ILE P 228 -13.27 -35.01 33.40
N ASN P 229 -13.37 -33.99 34.25
CA ASN P 229 -13.98 -34.15 35.57
C ASN P 229 -15.46 -34.50 35.44
N SER P 230 -16.13 -33.96 34.42
CA SER P 230 -17.52 -34.35 34.18
C SER P 230 -17.62 -35.83 33.86
N ALA P 231 -16.66 -36.36 33.11
CA ALA P 231 -16.64 -37.78 32.77
C ALA P 231 -16.35 -38.63 34.00
N HIS Q 1 -8.01 47.86 12.68
CA HIS Q 1 -8.89 47.02 13.48
C HIS Q 1 -8.76 45.55 13.11
N GLN Q 2 -8.61 44.71 14.13
CA GLN Q 2 -8.55 43.25 13.96
C GLN Q 2 -9.59 42.65 14.89
N ALA Q 3 -10.84 42.56 14.41
CA ALA Q 3 -11.90 41.97 15.21
C ALA Q 3 -11.66 40.48 15.39
N ILE Q 4 -12.24 39.93 16.46
CA ILE Q 4 -12.06 38.52 16.75
C ILE Q 4 -12.72 37.68 15.67
N SER Q 5 -12.00 36.65 15.21
CA SER Q 5 -12.47 35.81 14.13
C SER Q 5 -13.42 34.74 14.66
N PRO Q 6 -14.30 34.22 13.81
CA PRO Q 6 -15.21 33.15 14.26
C PRO Q 6 -14.47 31.94 14.83
N ARG Q 7 -13.34 31.56 14.24
CA ARG Q 7 -12.58 30.42 14.76
C ARG Q 7 -12.05 30.70 16.16
N THR Q 8 -11.52 31.91 16.39
CA THR Q 8 -11.01 32.25 17.71
C THR Q 8 -12.11 32.26 18.76
N LEU Q 9 -13.25 32.86 18.44
CA LEU Q 9 -14.35 32.90 19.39
C LEU Q 9 -14.88 31.49 19.67
N ASN Q 10 -14.99 30.66 18.63
CA ASN Q 10 -15.42 29.29 18.83
C ASN Q 10 -14.43 28.51 19.68
N ALA Q 11 -13.13 28.73 19.48
CA ALA Q 11 -12.13 28.07 20.30
C ALA Q 11 -12.25 28.51 21.76
N TRP Q 12 -12.52 29.81 21.99
CA TRP Q 12 -12.75 30.28 23.35
C TRP Q 12 -13.96 29.59 23.97
N VAL Q 13 -15.06 29.48 23.22
CA VAL Q 13 -16.26 28.86 23.75
C VAL Q 13 -16.01 27.38 24.07
N LYS Q 14 -15.34 26.68 23.16
CA LYS Q 14 -15.02 25.27 23.42
C LYS Q 14 -14.07 25.12 24.60
N VAL Q 15 -13.11 26.03 24.76
CA VAL Q 15 -12.21 25.96 25.91
C VAL Q 15 -13.01 26.10 27.20
N VAL Q 16 -13.92 27.07 27.25
CA VAL Q 16 -14.72 27.27 28.44
C VAL Q 16 -15.61 26.06 28.71
N GLU Q 17 -16.21 25.51 27.65
CA GLU Q 17 -17.14 24.40 27.84
C GLU Q 17 -16.42 23.09 28.17
N GLU Q 18 -15.16 22.95 27.76
CA GLU Q 18 -14.44 21.71 27.99
C GLU Q 18 -13.72 21.74 29.33
N LYS Q 19 -13.11 22.87 29.67
N LYS Q 19 -13.11 22.87 29.67
CA LYS Q 19 -12.39 23.00 30.93
CA LYS Q 19 -12.39 23.00 30.93
C LYS Q 19 -13.27 23.56 32.05
C LYS Q 19 -13.26 23.56 32.06
N ALA Q 20 -14.53 23.84 31.79
CA ALA Q 20 -15.47 24.45 32.75
C ALA Q 20 -14.86 25.80 33.15
N PHE Q 21 -14.28 25.94 34.34
CA PHE Q 21 -13.54 27.14 34.67
C PHE Q 21 -12.26 26.80 35.41
N SER Q 22 -11.62 25.70 35.01
CA SER Q 22 -10.31 25.35 35.51
C SER Q 22 -9.33 26.49 35.24
N PRO Q 23 -8.21 26.54 35.97
CA PRO Q 23 -7.29 27.67 35.78
C PRO Q 23 -6.77 27.82 34.36
N GLU Q 24 -6.76 26.75 33.58
CA GLU Q 24 -6.25 26.81 32.22
C GLU Q 24 -7.06 27.73 31.31
N VAL Q 25 -8.26 28.14 31.72
CA VAL Q 25 -8.99 29.12 30.93
C VAL Q 25 -8.35 30.50 31.00
N ILE Q 26 -7.63 30.82 32.08
CA ILE Q 26 -7.00 32.13 32.19
C ILE Q 26 -5.94 32.35 31.13
N PRO Q 27 -5.00 31.42 30.88
CA PRO Q 27 -4.07 31.63 29.76
C PRO Q 27 -4.77 31.70 28.41
N MET Q 28 -5.66 30.74 28.14
CA MET Q 28 -6.34 30.70 26.85
C MET Q 28 -7.01 32.03 26.54
N PHE Q 29 -7.76 32.58 27.50
CA PHE Q 29 -8.36 33.89 27.31
C PHE Q 29 -7.31 34.93 26.94
N SER Q 30 -6.24 35.02 27.75
CA SER Q 30 -5.19 35.99 27.47
C SER Q 30 -4.54 35.75 26.12
N ALA Q 31 -4.58 34.50 25.65
CA ALA Q 31 -3.96 34.20 24.36
C ALA Q 31 -4.91 34.47 23.21
N LEU Q 32 -6.22 34.44 23.45
CA LEU Q 32 -7.20 34.63 22.39
C LEU Q 32 -7.77 36.04 22.35
N SER Q 33 -7.25 36.96 23.17
CA SER Q 33 -7.78 38.31 23.24
C SER Q 33 -6.68 39.36 23.18
N GLU Q 34 -5.52 39.02 22.64
CA GLU Q 34 -4.43 39.98 22.54
C GLU Q 34 -4.80 41.05 21.52
N GLY Q 35 -4.74 42.31 21.93
CA GLY Q 35 -5.13 43.41 21.07
C GLY Q 35 -6.61 43.60 20.90
N ALA Q 36 -7.44 42.85 21.62
CA ALA Q 36 -8.89 42.91 21.44
C ALA Q 36 -9.44 44.20 22.03
N THR Q 37 -10.44 44.76 21.34
CA THR Q 37 -11.17 45.91 21.85
C THR Q 37 -12.12 45.46 22.95
N PRO Q 38 -12.61 46.40 23.78
CA PRO Q 38 -13.63 46.02 24.78
C PRO Q 38 -14.86 45.39 24.16
N GLN Q 39 -15.23 45.78 22.94
CA GLN Q 39 -16.35 45.12 22.26
C GLN Q 39 -16.05 43.66 21.99
N ASP Q 40 -14.83 43.35 21.54
CA ASP Q 40 -14.47 41.96 21.30
C ASP Q 40 -14.45 41.17 22.59
N LEU Q 41 -13.98 41.77 23.69
CA LEU Q 41 -13.98 41.09 24.97
C LEU Q 41 -15.40 40.83 25.45
N ASN Q 42 -16.30 41.80 25.25
CA ASN Q 42 -17.70 41.58 25.60
C ASN Q 42 -18.32 40.48 24.76
N THR Q 43 -17.97 40.42 23.47
CA THR Q 43 -18.44 39.33 22.63
C THR Q 43 -17.92 37.99 23.14
N MET Q 44 -16.66 37.95 23.57
CA MET Q 44 -16.09 36.74 24.14
C MET Q 44 -16.85 36.32 25.40
N LEU Q 45 -17.19 37.29 26.25
CA LEU Q 45 -17.83 36.96 27.52
C LEU Q 45 -19.29 36.53 27.34
N ASN Q 46 -20.04 37.25 26.50
CA ASN Q 46 -21.45 36.98 26.33
C ASN Q 46 -21.73 35.71 25.54
N THR Q 47 -20.75 35.19 24.81
CA THR Q 47 -20.97 34.00 24.01
C THR Q 47 -20.86 32.73 24.84
N VAL Q 48 -20.36 32.81 26.07
CA VAL Q 48 -20.27 31.65 26.95
C VAL Q 48 -21.67 31.15 27.27
N GLY Q 49 -21.88 29.85 27.11
CA GLY Q 49 -23.14 29.22 27.42
C GLY Q 49 -23.07 28.49 28.76
N GLY Q 50 -24.13 28.62 29.55
CA GLY Q 50 -24.13 28.03 30.86
C GLY Q 50 -23.26 28.81 31.83
N HIS Q 51 -23.01 28.19 32.98
CA HIS Q 51 -22.19 28.77 34.04
C HIS Q 51 -22.69 30.16 34.42
N GLN Q 52 -24.01 30.26 34.60
CA GLN Q 52 -24.62 31.57 34.87
C GLN Q 52 -24.11 32.17 36.18
N ALA Q 53 -23.86 31.34 37.19
CA ALA Q 53 -23.28 31.86 38.43
C ALA Q 53 -21.88 32.41 38.21
N ALA Q 54 -21.07 31.71 37.41
CA ALA Q 54 -19.72 32.19 37.11
C ALA Q 54 -19.76 33.51 36.37
N MET Q 55 -20.65 33.63 35.37
CA MET Q 55 -20.77 34.88 34.65
C MET Q 55 -21.31 36.00 35.53
N GLN Q 56 -22.19 35.66 36.48
CA GLN Q 56 -22.65 36.67 37.43
C GLN Q 56 -21.50 37.17 38.29
N MET Q 57 -20.65 36.27 38.77
CA MET Q 57 -19.49 36.69 39.54
C MET Q 57 -18.53 37.54 38.71
N LEU Q 58 -18.32 37.15 37.45
CA LEU Q 58 -17.49 37.94 36.55
C LEU Q 58 -18.06 39.34 36.34
N LYS Q 59 -19.37 39.43 36.13
CA LYS Q 59 -20.01 40.74 35.96
C LYS Q 59 -19.87 41.57 37.23
N GLU Q 60 -20.03 40.95 38.39
CA GLU Q 60 -19.87 41.67 39.64
C GLU Q 60 -18.46 42.23 39.78
N THR Q 61 -17.45 41.40 39.47
CA THR Q 61 -16.07 41.85 39.57
C THR Q 61 -15.79 43.00 38.59
N ILE Q 62 -16.31 42.88 37.36
CA ILE Q 62 -16.12 43.95 36.38
C ILE Q 62 -16.79 45.23 36.86
N ASN Q 63 -17.96 45.11 37.49
CA ASN Q 63 -18.65 46.29 38.01
C ASN Q 63 -17.85 46.95 39.13
N GLU Q 64 -17.29 46.16 40.04
CA GLU Q 64 -16.46 46.74 41.09
C GLU Q 64 -15.23 47.42 40.51
N GLU Q 65 -14.60 46.81 39.50
CA GLU Q 65 -13.43 47.42 38.88
C GLU Q 65 -13.80 48.73 38.19
N ALA Q 66 -14.94 48.77 37.49
CA ALA Q 66 -15.38 50.00 36.85
C ALA Q 66 -15.69 51.08 37.88
N ALA Q 67 -16.33 50.70 38.99
CA ALA Q 67 -16.60 51.66 40.05
C ALA Q 67 -15.32 52.21 40.64
N GLU Q 68 -14.31 51.36 40.84
CA GLU Q 68 -13.03 51.83 41.36
C GLU Q 68 -12.36 52.77 40.37
N TRP Q 69 -12.41 52.46 39.08
CA TRP Q 69 -11.86 53.36 38.08
C TRP Q 69 -12.57 54.71 38.10
N ASP Q 70 -13.89 54.70 38.22
CA ASP Q 70 -14.65 55.94 38.29
C ASP Q 70 -14.28 56.74 39.52
N ARG Q 71 -14.10 56.07 40.65
CA ARG Q 71 -13.70 56.76 41.88
C ARG Q 71 -12.33 57.40 41.73
N VAL Q 72 -11.34 56.63 41.27
CA VAL Q 72 -9.96 57.12 41.25
C VAL Q 72 -9.79 58.20 40.19
N HIS Q 73 -10.35 57.96 39.00
CA HIS Q 73 -10.20 58.90 37.89
C HIS Q 73 -11.38 59.87 37.89
N PRO Q 74 -11.17 61.15 38.15
CA PRO Q 74 -12.28 62.10 38.15
C PRO Q 74 -12.70 62.49 36.74
N VAL Q 75 -13.91 63.01 36.64
CA VAL Q 75 -14.43 63.48 35.36
C VAL Q 75 -13.97 64.91 35.12
N HIS Q 76 -13.91 65.29 33.85
CA HIS Q 76 -13.54 66.64 33.44
C HIS Q 76 -14.78 67.39 32.98
N ALA Q 77 -14.72 68.72 33.09
CA ALA Q 77 -15.83 69.56 32.63
C ALA Q 77 -16.08 69.41 31.14
N GLY Q 78 -15.11 68.90 30.38
CA GLY Q 78 -15.29 68.63 28.97
C GLY Q 78 -15.11 69.83 28.06
N PRO Q 79 -13.92 70.43 28.07
CA PRO Q 79 -13.63 71.47 27.08
C PRO Q 79 -13.32 70.86 25.73
N ILE Q 80 -13.62 71.61 24.67
CA ILE Q 80 -13.40 71.12 23.32
C ILE Q 80 -11.90 71.18 23.01
N ALA Q 81 -11.46 70.28 22.14
CA ALA Q 81 -10.07 70.17 21.74
C ALA Q 81 -10.03 69.85 20.25
N PRO Q 82 -8.91 70.13 19.58
CA PRO Q 82 -8.78 69.69 18.19
C PRO Q 82 -8.97 68.19 18.02
N GLY Q 83 -8.45 67.39 18.95
CA GLY Q 83 -8.75 65.98 18.95
C GLY Q 83 -10.10 65.64 19.53
N GLN Q 84 -10.55 66.43 20.52
CA GLN Q 84 -11.82 66.27 21.22
C GLN Q 84 -12.16 64.80 21.48
N MET Q 85 -11.29 64.15 22.26
CA MET Q 85 -11.51 62.80 22.73
C MET Q 85 -11.85 62.85 24.22
N ARG Q 86 -13.05 62.40 24.56
CA ARG Q 86 -13.46 62.35 25.96
C ARG Q 86 -12.68 61.27 26.70
N GLU Q 87 -12.43 61.51 27.98
CA GLU Q 87 -11.71 60.55 28.79
C GLU Q 87 -12.62 59.36 29.11
N PRO Q 88 -12.19 58.14 28.84
CA PRO Q 88 -13.05 56.97 29.11
C PRO Q 88 -13.37 56.84 30.59
N ARG Q 89 -14.56 56.34 30.87
CA ARG Q 89 -14.99 56.02 32.22
C ARG Q 89 -15.01 54.51 32.40
N GLY Q 90 -15.48 54.06 33.57
CA GLY Q 90 -15.53 52.63 33.82
C GLY Q 90 -16.43 51.89 32.85
N SER Q 91 -17.61 52.46 32.57
CA SER Q 91 -18.51 51.85 31.59
C SER Q 91 -17.92 51.88 30.19
N ASP Q 92 -17.19 52.95 29.84
CA ASP Q 92 -16.56 53.02 28.52
C ASP Q 92 -15.50 51.95 28.36
N ILE Q 93 -14.69 51.73 29.40
CA ILE Q 93 -13.69 50.66 29.34
C ILE Q 93 -14.37 49.30 29.29
N ALA Q 94 -15.42 49.11 30.07
CA ALA Q 94 -16.17 47.86 30.03
C ALA Q 94 -16.93 47.67 28.72
N GLY Q 95 -17.05 48.72 27.90
CA GLY Q 95 -17.77 48.65 26.65
C GLY Q 95 -19.27 48.83 26.77
N THR Q 96 -19.78 49.09 27.97
CA THR Q 96 -21.22 49.24 28.15
C THR Q 96 -21.71 50.56 27.57
N THR Q 97 -20.94 51.63 27.76
CA THR Q 97 -21.38 52.96 27.33
C THR Q 97 -20.33 53.55 26.40
N SER Q 98 -19.89 52.76 25.41
CA SER Q 98 -18.93 53.24 24.43
C SER Q 98 -19.10 52.45 23.14
N THR Q 99 -18.79 53.08 22.02
CA THR Q 99 -18.87 52.45 20.72
C THR Q 99 -17.50 51.94 20.28
N LEU Q 100 -17.51 51.09 19.25
CA LEU Q 100 -16.26 50.52 18.75
C LEU Q 100 -15.34 51.61 18.22
N GLN Q 101 -15.90 52.64 17.59
CA GLN Q 101 -15.09 53.74 17.10
C GLN Q 101 -14.40 54.47 18.25
N GLU Q 102 -15.12 54.71 19.35
CA GLU Q 102 -14.51 55.37 20.50
C GLU Q 102 -13.40 54.51 21.11
N GLN Q 103 -13.63 53.20 21.22
CA GLN Q 103 -12.62 52.32 21.76
C GLN Q 103 -11.37 52.29 20.88
N ILE Q 104 -11.58 52.23 19.56
CA ILE Q 104 -10.44 52.22 18.63
C ILE Q 104 -9.68 53.54 18.71
N GLY Q 105 -10.41 54.66 18.80
CA GLY Q 105 -9.74 55.95 18.92
C GLY Q 105 -8.93 56.06 20.19
N TRP Q 106 -9.47 55.56 21.31
CA TRP Q 106 -8.71 55.55 22.56
C TRP Q 106 -7.48 54.66 22.44
N MET Q 107 -7.62 53.49 21.81
CA MET Q 107 -6.52 52.54 21.75
C MET Q 107 -5.41 53.01 20.81
N THR Q 108 -5.75 53.75 19.76
CA THR Q 108 -4.77 54.20 18.77
C THR Q 108 -4.41 55.67 18.90
N ASN Q 109 -4.81 56.30 20.00
CA ASN Q 109 -4.49 57.72 20.20
C ASN Q 109 -3.03 57.88 20.60
N ASN Q 110 -2.55 59.11 20.54
CA ASN Q 110 -1.22 59.47 21.02
C ASN Q 110 -1.33 60.58 22.05
N PRO Q 111 -1.16 60.31 23.35
CA PRO Q 111 -0.81 59.01 23.96
C PRO Q 111 -1.98 58.02 23.98
N PRO Q 112 -1.70 56.73 23.84
CA PRO Q 112 -2.77 55.74 23.83
C PRO Q 112 -3.41 55.57 25.21
N ILE Q 113 -4.67 55.16 25.20
CA ILE Q 113 -5.38 54.74 26.39
C ILE Q 113 -5.82 53.30 26.19
N PRO Q 114 -5.05 52.34 26.69
CA PRO Q 114 -5.37 50.92 26.42
C PRO Q 114 -6.61 50.45 27.15
N VAL Q 115 -7.78 50.91 26.71
CA VAL Q 115 -9.03 50.50 27.36
C VAL Q 115 -9.24 49.00 27.25
N GLY Q 116 -8.83 48.42 26.12
CA GLY Q 116 -8.91 46.98 25.97
C GLY Q 116 -8.07 46.24 26.98
N GLU Q 117 -6.88 46.75 27.28
CA GLU Q 117 -6.00 46.08 28.22
C GLU Q 117 -6.52 46.21 29.65
N ILE Q 118 -7.06 47.38 30.00
CA ILE Q 118 -7.67 47.55 31.32
C ILE Q 118 -8.87 46.62 31.49
N TYR Q 119 -9.70 46.52 30.45
CA TYR Q 119 -10.84 45.62 30.51
C TYR Q 119 -10.40 44.17 30.59
N LYS Q 120 -9.32 43.82 29.88
CA LYS Q 120 -8.77 42.47 30.02
C LYS Q 120 -8.31 42.19 31.44
N ARG Q 121 -7.66 43.17 32.06
CA ARG Q 121 -7.22 43.00 33.45
C ARG Q 121 -8.42 42.78 34.37
N TRP Q 122 -9.48 43.56 34.18
CA TRP Q 122 -10.69 43.37 34.98
C TRP Q 122 -11.28 41.98 34.77
N ILE Q 123 -11.35 41.53 33.52
CA ILE Q 123 -11.91 40.22 33.23
C ILE Q 123 -11.04 39.11 33.83
N ILE Q 124 -9.72 39.30 33.82
CA ILE Q 124 -8.83 38.30 34.41
C ILE Q 124 -8.99 38.25 35.92
N LEU Q 125 -9.20 39.42 36.55
CA LEU Q 125 -9.49 39.42 37.98
C LEU Q 125 -10.78 38.64 38.27
N GLY Q 126 -11.81 38.88 37.47
CA GLY Q 126 -13.04 38.13 37.63
C GLY Q 126 -12.86 36.64 37.40
N LEU Q 127 -12.08 36.27 36.38
CA LEU Q 127 -11.83 34.87 36.08
C LEU Q 127 -11.07 34.19 37.20
N ASN Q 128 -10.10 34.89 37.80
CA ASN Q 128 -9.39 34.34 38.94
C ASN Q 128 -10.32 34.14 40.13
N LYS Q 129 -11.23 35.10 40.36
CA LYS Q 129 -12.23 34.92 41.40
C LYS Q 129 -13.11 33.71 41.12
N ILE Q 130 -13.51 33.52 39.86
CA ILE Q 130 -14.32 32.36 39.50
C ILE Q 130 -13.56 31.07 39.76
N VAL Q 131 -12.29 31.02 39.36
CA VAL Q 131 -11.48 29.82 39.58
C VAL Q 131 -11.37 29.52 41.07
N ARG Q 132 -11.23 30.57 41.89
CA ARG Q 132 -11.13 30.36 43.32
C ARG Q 132 -12.44 29.86 43.92
N MET Q 133 -13.56 30.50 43.57
CA MET Q 133 -14.81 30.29 44.28
C MET Q 133 -15.80 29.36 43.60
N TYR Q 134 -15.88 29.40 42.26
CA TYR Q 134 -16.95 28.70 41.56
C TYR Q 134 -16.59 27.23 41.35
N SER Q 135 -17.55 26.35 41.61
CA SER Q 135 -17.42 24.92 41.35
C SER Q 135 -18.57 24.50 40.44
N PRO Q 136 -18.30 24.04 39.22
CA PRO Q 136 -19.39 23.71 38.31
C PRO Q 136 -20.17 22.49 38.76
N THR Q 137 -21.46 22.48 38.43
CA THR Q 137 -22.34 21.37 38.74
C THR Q 137 -22.27 20.33 37.62
N SER Q 138 -22.48 19.07 38.00
CA SER Q 138 -22.40 17.96 37.06
C SER Q 138 -23.57 17.02 37.28
N ILE Q 139 -23.90 16.25 36.24
CA ILE Q 139 -24.90 15.21 36.36
C ILE Q 139 -24.44 14.13 37.34
N LEU Q 140 -23.12 14.02 37.57
CA LEU Q 140 -22.59 13.05 38.50
C LEU Q 140 -22.83 13.45 39.95
N ASP Q 141 -23.09 14.73 40.21
CA ASP Q 141 -23.31 15.23 41.57
C ASP Q 141 -24.77 15.24 41.97
N ILE Q 142 -25.68 14.83 41.10
CA ILE Q 142 -27.11 14.87 41.39
C ILE Q 142 -27.46 13.60 42.16
N ARG Q 143 -27.69 13.73 43.46
CA ARG Q 143 -28.02 12.60 44.32
C ARG Q 143 -29.30 12.91 45.06
N GLN Q 144 -30.11 11.87 45.26
CA GLN Q 144 -31.35 12.02 46.01
C GLN Q 144 -31.05 12.28 47.48
N GLY Q 145 -31.81 13.20 48.07
CA GLY Q 145 -31.68 13.48 49.49
C GLY Q 145 -32.26 12.36 50.33
N PRO Q 146 -31.90 12.33 51.61
CA PRO Q 146 -32.45 11.30 52.50
C PRO Q 146 -33.96 11.34 52.62
N LYS Q 147 -34.57 12.53 52.54
CA LYS Q 147 -36.01 12.67 52.62
C LYS Q 147 -36.63 13.25 51.36
N GLU Q 148 -35.86 13.39 50.29
CA GLU Q 148 -36.38 14.00 49.07
C GLU Q 148 -37.31 13.03 48.36
N PRO Q 149 -38.45 13.49 47.85
CA PRO Q 149 -39.30 12.64 47.02
C PRO Q 149 -38.55 12.20 45.77
N PHE Q 150 -38.85 10.97 45.34
CA PHE Q 150 -38.17 10.42 44.16
C PHE Q 150 -38.52 11.23 42.90
N ARG Q 151 -39.74 11.78 42.84
CA ARG Q 151 -40.11 12.60 41.69
C ARG Q 151 -39.28 13.87 41.62
N ASP Q 152 -39.05 14.53 42.76
CA ASP Q 152 -38.22 15.71 42.77
C ASP Q 152 -36.79 15.39 42.35
N TYR Q 153 -36.26 14.25 42.80
CA TYR Q 153 -34.92 13.84 42.41
C TYR Q 153 -34.85 13.57 40.91
N VAL Q 154 -35.87 12.91 40.36
CA VAL Q 154 -35.88 12.63 38.94
C VAL Q 154 -35.96 13.93 38.14
N ASP Q 155 -36.78 14.88 38.61
CA ASP Q 155 -36.88 16.17 37.94
C ASP Q 155 -35.54 16.91 37.96
N ARG Q 156 -34.86 16.92 39.10
CA ARG Q 156 -33.55 17.55 39.18
C ARG Q 156 -32.55 16.85 38.26
N PHE Q 157 -32.57 15.52 38.23
CA PHE Q 157 -31.66 14.77 37.39
C PHE Q 157 -31.87 15.10 35.92
N TYR Q 158 -33.13 15.15 35.48
CA TYR Q 158 -33.38 15.43 34.08
C TYR Q 158 -33.11 16.89 33.73
N LYS Q 159 -33.36 17.82 34.66
CA LYS Q 159 -33.01 19.20 34.42
C LYS Q 159 -31.51 19.37 34.26
N THR Q 160 -30.72 18.67 35.09
CA THR Q 160 -29.26 18.75 34.98
C THR Q 160 -28.77 18.05 33.72
N LEU Q 161 -29.42 16.95 33.34
CA LEU Q 161 -29.00 16.21 32.15
C LEU Q 161 -29.32 16.98 30.88
N ARG Q 162 -30.40 17.75 30.89
CA ARG Q 162 -30.75 18.54 29.71
C ARG Q 162 -29.69 19.59 29.42
N ALA Q 163 -29.08 20.17 30.45
CA ALA Q 163 -28.01 21.15 30.29
C ALA Q 163 -26.64 20.51 30.23
N GLU Q 164 -26.54 19.20 30.37
CA GLU Q 164 -25.26 18.52 30.31
C GLU Q 164 -24.71 18.55 28.88
N GLN Q 165 -23.39 18.70 28.77
N GLN Q 165 -23.38 18.72 28.78
CA GLN Q 165 -22.71 18.73 27.49
CA GLN Q 165 -22.72 18.74 27.48
C GLN Q 165 -22.32 17.31 27.12
C GLN Q 165 -22.33 17.32 27.12
N ALA Q 166 -23.21 16.63 26.39
CA ALA Q 166 -22.98 15.26 25.99
C ALA Q 166 -23.87 14.94 24.80
N SER Q 167 -23.53 13.86 24.09
CA SER Q 167 -24.36 13.39 23.01
C SER Q 167 -25.61 12.71 23.57
N GLN Q 168 -26.59 12.50 22.69
CA GLN Q 168 -27.86 11.92 23.12
C GLN Q 168 -27.67 10.49 23.58
N GLU Q 169 -26.81 9.72 22.90
CA GLU Q 169 -26.52 8.36 23.35
C GLU Q 169 -25.86 8.37 24.72
N VAL Q 170 -24.93 9.29 24.94
CA VAL Q 170 -24.29 9.42 26.25
C VAL Q 170 -25.30 9.80 27.31
N LYS Q 171 -26.26 10.67 26.97
CA LYS Q 171 -27.28 11.06 27.94
C LYS Q 171 -28.21 9.90 28.27
N ASN Q 172 -28.56 9.08 27.28
CA ASN Q 172 -29.35 7.89 27.56
C ASN Q 172 -28.59 6.92 28.44
N TRP Q 173 -27.29 6.75 28.19
CA TRP Q 173 -26.48 5.91 29.06
C TRP Q 173 -26.41 6.47 30.47
N MET Q 174 -26.29 7.78 30.61
CA MET Q 174 -26.31 8.41 31.93
C MET Q 174 -27.63 8.15 32.64
N THR Q 175 -28.75 8.26 31.92
CA THR Q 175 -30.05 7.98 32.52
C THR Q 175 -30.13 6.53 32.97
N GLU Q 176 -29.62 5.60 32.15
CA GLU Q 176 -29.68 4.19 32.50
C GLU Q 176 -28.78 3.85 33.68
N THR Q 177 -27.68 4.58 33.86
CA THR Q 177 -26.71 4.24 34.89
C THR Q 177 -26.90 5.00 36.19
N LEU Q 178 -26.87 6.33 36.15
CA LEU Q 178 -26.74 7.14 37.35
C LEU Q 178 -28.05 7.38 38.10
N LEU Q 179 -29.19 7.33 37.41
CA LEU Q 179 -30.44 7.72 38.04
C LEU Q 179 -30.80 6.78 39.19
N VAL Q 180 -30.75 5.47 38.94
CA VAL Q 180 -30.99 4.51 40.01
C VAL Q 180 -29.81 4.48 40.97
N GLN Q 181 -28.60 4.66 40.44
CA GLN Q 181 -27.39 4.57 41.27
C GLN Q 181 -27.36 5.64 42.35
N ASN Q 182 -27.72 6.88 41.99
CA ASN Q 182 -27.61 8.01 42.89
C ASN Q 182 -28.88 8.28 43.68
N ALA Q 183 -29.80 7.31 43.74
CA ALA Q 183 -30.98 7.45 44.55
C ALA Q 183 -30.66 7.09 46.01
N ASN Q 184 -31.49 7.61 46.91
CA ASN Q 184 -31.30 7.34 48.32
C ASN Q 184 -31.60 5.87 48.62
N PRO Q 185 -31.07 5.33 49.73
CA PRO Q 185 -31.25 3.89 49.99
C PRO Q 185 -32.70 3.44 50.06
N ASP Q 186 -33.58 4.28 50.62
CA ASP Q 186 -34.98 3.90 50.73
C ASP Q 186 -35.61 3.67 49.37
N CYS Q 187 -35.34 4.55 48.41
CA CYS Q 187 -35.84 4.34 47.06
C CYS Q 187 -34.98 3.34 46.29
N LYS Q 188 -33.67 3.28 46.58
CA LYS Q 188 -32.79 2.38 45.85
C LYS Q 188 -33.15 0.93 46.09
N THR Q 189 -33.51 0.57 47.33
CA THR Q 189 -33.89 -0.81 47.61
C THR Q 189 -35.15 -1.20 46.85
N ILE Q 190 -36.11 -0.28 46.74
CA ILE Q 190 -37.32 -0.54 45.96
C ILE Q 190 -36.98 -0.68 44.49
N LEU Q 191 -36.09 0.17 43.98
CA LEU Q 191 -35.70 0.08 42.58
C LEU Q 191 -35.00 -1.24 42.27
N LYS Q 192 -34.13 -1.69 43.17
CA LYS Q 192 -33.50 -2.99 42.97
C LYS Q 192 -34.49 -4.13 43.12
N ALA Q 193 -35.52 -3.94 43.95
CA ALA Q 193 -36.58 -4.94 44.03
C ALA Q 193 -37.28 -5.09 42.68
N LEU Q 194 -37.50 -3.99 41.97
CA LEU Q 194 -37.99 -4.05 40.61
C LEU Q 194 -36.90 -4.59 39.68
N GLY Q 195 -37.34 -5.10 38.53
CA GLY Q 195 -36.42 -5.61 37.55
C GLY Q 195 -35.63 -4.50 36.86
N PRO Q 196 -34.51 -4.86 36.23
CA PRO Q 196 -33.73 -3.85 35.52
C PRO Q 196 -34.40 -3.32 34.26
N ALA Q 197 -35.45 -3.98 33.77
CA ALA Q 197 -36.15 -3.57 32.57
C ALA Q 197 -37.32 -2.65 32.86
N ALA Q 198 -37.52 -2.25 34.12
CA ALA Q 198 -38.62 -1.37 34.46
C ALA Q 198 -38.44 0.01 33.84
N THR Q 199 -39.52 0.53 33.27
CA THR Q 199 -39.49 1.86 32.69
C THR Q 199 -39.50 2.92 33.79
N LEU Q 200 -39.30 4.17 33.38
CA LEU Q 200 -39.24 5.26 34.35
C LEU Q 200 -40.51 5.38 35.16
N GLU Q 201 -41.67 5.30 34.50
CA GLU Q 201 -42.94 5.48 35.19
C GLU Q 201 -43.18 4.40 36.23
N GLU Q 202 -42.73 3.17 35.96
CA GLU Q 202 -42.88 2.11 36.95
C GLU Q 202 -42.05 2.40 38.20
N MET Q 203 -40.83 2.90 38.02
CA MET Q 203 -40.02 3.29 39.19
C MET Q 203 -40.67 4.45 39.93
N MET Q 204 -41.24 5.41 39.20
CA MET Q 204 -41.92 6.52 39.86
C MET Q 204 -43.09 6.02 40.69
N THR Q 205 -43.89 5.12 40.15
CA THR Q 205 -45.02 4.57 40.90
C THR Q 205 -44.54 3.76 42.09
N ALA Q 206 -43.46 2.99 41.93
CA ALA Q 206 -42.94 2.19 43.03
C ALA Q 206 -42.45 3.06 44.18
N CYS Q 207 -41.76 4.15 43.87
CA CYS Q 207 -41.21 5.01 44.90
C CYS Q 207 -42.13 6.15 45.32
N GLN Q 208 -43.34 6.21 44.73
CA GLN Q 208 -44.30 7.25 45.12
C GLN Q 208 -44.65 7.17 46.61
N GLY Q 209 -44.52 6.00 47.22
CA GLY Q 209 -44.89 5.82 48.60
C GLY Q 209 -43.78 6.04 49.61
N VAL Q 210 -42.55 6.24 49.17
CA VAL Q 210 -41.42 6.34 50.09
C VAL Q 210 -41.56 7.60 50.94
N GLY Q 211 -41.47 7.44 52.25
CA GLY Q 211 -41.68 8.54 53.17
C GLY Q 211 -43.11 8.78 53.58
N GLY Q 212 -44.04 7.94 53.16
CA GLY Q 212 -45.42 8.04 53.57
C GLY Q 212 -45.69 7.21 54.80
N PRO Q 213 -46.89 7.35 55.37
CA PRO Q 213 -47.22 6.57 56.58
C PRO Q 213 -47.13 5.06 56.38
N GLY Q 214 -47.63 4.56 55.25
CA GLY Q 214 -47.59 3.12 55.02
C GLY Q 214 -46.18 2.59 54.88
N HIS Q 215 -45.35 3.28 54.08
CA HIS Q 215 -43.96 2.85 53.90
C HIS Q 215 -43.18 2.95 55.20
N LYS Q 216 -43.40 4.03 55.97
CA LYS Q 216 -42.73 4.19 57.25
C LYS Q 216 -43.10 3.06 58.21
N ALA Q 217 -44.39 2.75 58.29
CA ALA Q 217 -44.83 1.66 59.16
C ALA Q 217 -44.25 0.34 58.70
N ARG Q 218 -44.20 0.11 57.38
N ARG Q 218 -44.21 0.11 57.39
CA ARG Q 218 -43.70 -1.15 56.87
CA ARG Q 218 -43.70 -1.15 56.87
C ARG Q 218 -42.22 -1.34 57.19
C ARG Q 218 -42.22 -1.33 57.20
N VAL Q 219 -41.41 -0.29 57.00
CA VAL Q 219 -39.98 -0.42 57.28
C VAL Q 219 -39.74 -0.54 58.77
N LEU Q 220 -40.53 0.18 59.59
CA LEU Q 220 -40.38 0.05 61.03
C LEU Q 220 -40.72 -1.36 61.50
N ALA Q 221 -41.80 -1.94 60.96
CA ALA Q 221 -42.17 -3.30 61.32
C ALA Q 221 -41.12 -4.30 60.86
N GLU Q 222 -40.58 -4.12 59.65
CA GLU Q 222 -39.54 -5.02 59.17
C GLU Q 222 -38.30 -4.94 60.03
N ALA Q 223 -37.92 -3.74 60.47
CA ALA Q 223 -36.77 -3.60 61.36
C ALA Q 223 -37.03 -4.25 62.71
N MET Q 224 -38.22 -4.05 63.28
CA MET Q 224 -38.54 -4.65 64.56
C MET Q 224 -38.70 -6.17 64.48
N SER Q 225 -39.00 -6.70 63.29
CA SER Q 225 -39.17 -8.14 63.16
C SER Q 225 -37.88 -8.88 63.48
N GLN Q 226 -36.74 -8.36 63.02
CA GLN Q 226 -35.47 -9.02 63.28
C GLN Q 226 -35.15 -9.03 64.78
N VAL Q 227 -35.38 -7.91 65.47
CA VAL Q 227 -35.07 -7.85 66.89
C VAL Q 227 -36.04 -8.70 67.69
N ILE Q 228 -37.28 -8.84 67.24
CA ILE Q 228 -38.22 -9.71 67.93
C ILE Q 228 -37.84 -11.17 67.72
N ASN Q 229 -37.48 -11.54 66.49
CA ASN Q 229 -37.14 -12.93 66.20
C ASN Q 229 -35.86 -13.34 66.91
N SER Q 230 -34.86 -12.45 66.96
CA SER Q 230 -33.61 -12.78 67.65
C SER Q 230 -33.83 -12.93 69.15
N ALA Q 231 -34.82 -12.24 69.71
CA ALA Q 231 -35.12 -12.33 71.13
C ALA Q 231 -35.75 -13.69 71.47
N HIS R 1 -47.25 44.34 0.65
CA HIS R 1 -47.26 43.70 1.95
C HIS R 1 -48.33 42.63 2.05
N GLN R 2 -47.90 41.37 2.12
CA GLN R 2 -48.80 40.23 2.31
C GLN R 2 -48.76 39.84 3.78
N ALA R 3 -49.69 40.38 4.56
CA ALA R 3 -49.78 40.04 5.97
C ALA R 3 -50.21 38.58 6.13
N ILE R 4 -50.00 38.05 7.33
CA ILE R 4 -50.32 36.66 7.60
C ILE R 4 -51.84 36.47 7.53
N SER R 5 -52.26 35.38 6.90
CA SER R 5 -53.68 35.08 6.75
C SER R 5 -54.20 34.37 7.99
N PRO R 6 -55.52 34.44 8.23
CA PRO R 6 -56.09 33.69 9.36
C PRO R 6 -55.81 32.20 9.29
N ARG R 7 -55.79 31.63 8.08
CA ARG R 7 -55.52 30.20 7.94
C ARG R 7 -54.10 29.87 8.40
N THR R 8 -53.12 30.68 8.02
CA THR R 8 -51.74 30.43 8.43
C THR R 8 -51.56 30.58 9.93
N LEU R 9 -52.17 31.62 10.51
CA LEU R 9 -52.10 31.82 11.95
C LEU R 9 -52.74 30.64 12.69
N ASN R 10 -53.91 30.20 12.23
CA ASN R 10 -54.57 29.07 12.86
C ASN R 10 -53.72 27.81 12.73
N ALA R 11 -53.12 27.58 11.57
CA ALA R 11 -52.29 26.40 11.38
C ALA R 11 -51.08 26.43 12.32
N TRP R 12 -50.46 27.61 12.48
CA TRP R 12 -49.36 27.74 13.42
C TRP R 12 -49.80 27.43 14.85
N VAL R 13 -50.99 27.93 15.23
CA VAL R 13 -51.51 27.68 16.57
C VAL R 13 -51.74 26.19 16.79
N LYS R 14 -52.35 25.52 15.81
CA LYS R 14 -52.59 24.08 15.94
C LYS R 14 -51.27 23.30 15.95
N VAL R 15 -50.28 23.71 15.18
CA VAL R 15 -48.98 23.05 15.20
C VAL R 15 -48.38 23.13 16.59
N VAL R 16 -48.42 24.33 17.19
CA VAL R 16 -47.85 24.51 18.52
C VAL R 16 -48.63 23.68 19.54
N GLU R 17 -49.95 23.69 19.47
CA GLU R 17 -50.74 22.98 20.47
C GLU R 17 -50.67 21.47 20.29
N GLU R 18 -50.40 21.00 19.08
CA GLU R 18 -50.37 19.57 18.80
C GLU R 18 -49.01 18.95 19.05
N LYS R 19 -47.94 19.63 18.64
N LYS R 19 -47.94 19.63 18.65
CA LYS R 19 -46.59 19.11 18.84
CA LYS R 19 -46.59 19.13 18.83
C LYS R 19 -45.90 19.70 20.06
C LYS R 19 -45.90 19.67 20.07
N ALA R 20 -46.63 20.41 20.92
CA ALA R 20 -46.08 21.11 22.08
C ALA R 20 -44.91 21.97 21.57
N PHE R 21 -43.67 21.67 21.93
CA PHE R 21 -42.51 22.35 21.37
C PHE R 21 -41.45 21.34 20.96
N SER R 22 -41.89 20.31 20.25
CA SER R 22 -40.98 19.36 19.65
C SER R 22 -40.19 20.04 18.53
N PRO R 23 -39.07 19.45 18.12
CA PRO R 23 -38.28 20.07 17.04
C PRO R 23 -39.08 20.37 15.79
N GLU R 24 -40.17 19.63 15.55
CA GLU R 24 -40.97 19.81 14.35
C GLU R 24 -41.58 21.20 14.24
N VAL R 25 -41.64 21.95 15.34
CA VAL R 25 -42.19 23.30 15.27
C VAL R 25 -41.22 24.23 14.55
N ILE R 26 -39.92 23.94 14.59
CA ILE R 26 -38.95 24.82 13.94
C ILE R 26 -39.14 24.87 12.43
N PRO R 27 -39.28 23.74 11.71
CA PRO R 27 -39.57 23.85 10.27
C PRO R 27 -40.88 24.54 9.97
N MET R 28 -41.96 24.12 10.63
CA MET R 28 -43.28 24.70 10.37
C MET R 28 -43.24 26.22 10.51
N PHE R 29 -42.68 26.72 11.61
CA PHE R 29 -42.51 28.16 11.78
C PHE R 29 -41.77 28.75 10.59
N SER R 30 -40.61 28.18 10.25
CA SER R 30 -39.83 28.70 9.13
C SER R 30 -40.62 28.67 7.83
N ALA R 31 -41.56 27.73 7.72
CA ALA R 31 -42.36 27.63 6.51
C ALA R 31 -43.58 28.53 6.54
N LEU R 32 -44.07 28.90 7.72
CA LEU R 32 -45.30 29.66 7.84
C LEU R 32 -45.06 31.15 8.03
N SER R 33 -43.81 31.60 7.99
CA SER R 33 -43.49 32.99 8.30
C SER R 33 -42.46 33.58 7.33
N GLU R 34 -42.31 33.00 6.14
CA GLU R 34 -41.32 33.53 5.21
C GLU R 34 -41.85 34.81 4.58
N GLY R 35 -41.01 35.84 4.58
CA GLY R 35 -41.43 37.14 4.11
C GLY R 35 -42.28 37.92 5.08
N ALA R 36 -42.44 37.43 6.31
CA ALA R 36 -43.27 38.09 7.29
C ALA R 36 -42.55 39.26 7.94
N THR R 37 -43.29 40.34 8.16
CA THR R 37 -42.76 41.48 8.89
C THR R 37 -42.64 41.14 10.37
N PRO R 38 -41.83 41.90 11.11
CA PRO R 38 -41.77 41.67 12.57
C PRO R 38 -43.11 41.76 13.27
N GLN R 39 -44.03 42.60 12.78
CA GLN R 39 -45.37 42.64 13.35
C GLN R 39 -46.08 41.30 13.16
N ASP R 40 -45.96 40.71 11.97
CA ASP R 40 -46.58 39.41 11.73
C ASP R 40 -45.95 38.33 12.61
N LEU R 41 -44.63 38.37 12.79
CA LEU R 41 -43.98 37.40 13.65
C LEU R 41 -44.43 37.54 15.10
N ASN R 42 -44.57 38.79 15.57
CA ASN R 42 -45.09 39.02 16.91
C ASN R 42 -46.51 38.51 17.05
N THR R 43 -47.34 38.73 16.02
CA THR R 43 -48.70 38.21 16.05
C THR R 43 -48.69 36.69 16.11
N MET R 44 -47.77 36.06 15.38
CA MET R 44 -47.63 34.61 15.43
C MET R 44 -47.26 34.14 16.84
N LEU R 45 -46.33 34.85 17.48
CA LEU R 45 -45.86 34.41 18.79
C LEU R 45 -46.90 34.62 19.88
N ASN R 46 -47.54 35.79 19.89
CA ASN R 46 -48.51 36.13 20.94
C ASN R 46 -49.78 35.32 20.86
N THR R 47 -50.06 34.65 19.74
CA THR R 47 -51.28 33.87 19.61
C THR R 47 -51.14 32.47 20.22
N VAL R 48 -49.93 32.08 20.61
CA VAL R 48 -49.73 30.77 21.23
C VAL R 48 -50.42 30.74 22.58
N GLY R 49 -51.24 29.71 22.80
CA GLY R 49 -51.93 29.53 24.06
C GLY R 49 -51.20 28.54 24.95
N GLY R 50 -51.13 28.86 26.23
CA GLY R 50 -50.39 28.03 27.16
C GLY R 50 -48.89 28.18 26.95
N HIS R 51 -48.16 27.23 27.54
CA HIS R 51 -46.70 27.20 27.44
C HIS R 51 -46.09 28.53 27.86
N GLN R 52 -46.52 29.03 29.03
CA GLN R 52 -46.05 30.31 29.51
C GLN R 52 -44.55 30.29 29.77
N ALA R 53 -44.04 29.18 30.30
CA ALA R 53 -42.59 29.08 30.54
C ALA R 53 -41.81 29.12 29.23
N ALA R 54 -42.27 28.40 28.22
CA ALA R 54 -41.60 28.41 26.93
C ALA R 54 -41.64 29.80 26.30
N MET R 55 -42.79 30.48 26.40
CA MET R 55 -42.87 31.85 25.89
C MET R 55 -41.93 32.77 26.64
N GLN R 56 -41.77 32.56 27.95
CA GLN R 56 -40.84 33.37 28.72
C GLN R 56 -39.41 33.16 28.27
N MET R 57 -39.02 31.90 28.04
CA MET R 57 -37.66 31.64 27.53
C MET R 57 -37.47 32.24 26.16
N LEU R 58 -38.48 32.15 25.29
CA LEU R 58 -38.39 32.76 23.96
C LEU R 58 -38.22 34.27 24.06
N LYS R 59 -38.99 34.91 24.95
CA LYS R 59 -38.86 36.35 25.12
C LYS R 59 -37.49 36.72 25.67
N GLU R 60 -36.95 35.93 26.59
CA GLU R 60 -35.62 36.19 27.11
C GLU R 60 -34.57 36.08 26.01
N THR R 61 -34.67 35.06 25.16
CA THR R 61 -33.73 34.92 24.05
C THR R 61 -33.86 36.08 23.08
N ILE R 62 -35.08 36.50 22.79
CA ILE R 62 -35.29 37.62 21.87
C ILE R 62 -34.69 38.90 22.45
N ASN R 63 -34.88 39.12 23.75
CA ASN R 63 -34.31 40.31 24.39
C ASN R 63 -32.79 40.25 24.38
N GLU R 64 -32.22 39.06 24.60
CA GLU R 64 -30.76 38.92 24.54
C GLU R 64 -30.24 39.26 23.15
N GLU R 65 -30.91 38.75 22.11
CA GLU R 65 -30.48 39.03 20.75
C GLU R 65 -30.63 40.51 20.40
N ALA R 66 -31.71 41.14 20.86
CA ALA R 66 -31.89 42.57 20.62
C ALA R 66 -30.83 43.39 21.34
N ALA R 67 -30.49 43.02 22.57
CA ALA R 67 -29.44 43.71 23.30
C ALA R 67 -28.09 43.55 22.61
N GLU R 68 -27.80 42.35 22.11
CA GLU R 68 -26.54 42.15 21.39
C GLU R 68 -26.51 42.96 20.10
N TRP R 69 -27.65 43.04 19.39
CA TRP R 69 -27.71 43.89 18.20
C TRP R 69 -27.46 45.34 18.55
N ASP R 70 -28.05 45.82 19.65
CA ASP R 70 -27.84 47.21 20.07
C ASP R 70 -26.38 47.44 20.44
N ARG R 71 -25.76 46.47 21.10
CA ARG R 71 -24.36 46.61 21.48
C ARG R 71 -23.45 46.68 20.25
N VAL R 72 -23.63 45.75 19.31
CA VAL R 72 -22.76 45.69 18.14
C VAL R 72 -23.02 46.86 17.21
N HIS R 73 -24.29 47.20 16.98
CA HIS R 73 -24.66 48.21 16.02
C HIS R 73 -24.78 49.56 16.70
N PRO R 74 -23.94 50.53 16.38
CA PRO R 74 -24.09 51.86 16.99
C PRO R 74 -25.24 52.63 16.37
N VAL R 75 -25.75 53.61 17.11
CA VAL R 75 -26.86 54.44 16.67
C VAL R 75 -26.32 55.82 16.31
N HIS R 76 -26.62 56.26 15.10
CA HIS R 76 -26.20 57.59 14.65
C HIS R 76 -27.19 58.64 15.11
N ALA R 77 -26.67 59.73 15.68
CA ALA R 77 -27.48 60.80 16.23
C ALA R 77 -27.76 61.91 15.22
N GLY R 78 -27.28 61.77 13.97
CA GLY R 78 -27.50 62.77 12.97
C GLY R 78 -28.53 62.36 11.94
N PRO R 79 -29.73 62.94 12.03
CA PRO R 79 -30.77 62.63 11.04
C PRO R 79 -30.39 63.13 9.65
N ILE R 80 -30.83 62.41 8.64
CA ILE R 80 -30.53 62.73 7.25
C ILE R 80 -31.87 62.91 6.53
N ALA R 81 -32.03 64.02 5.81
CA ALA R 81 -33.32 64.30 5.19
C ALA R 81 -33.52 63.53 3.90
N PRO R 82 -32.60 63.52 2.94
CA PRO R 82 -32.76 62.63 1.78
C PRO R 82 -32.69 61.17 2.21
N GLY R 83 -33.67 60.39 1.77
CA GLY R 83 -33.76 59.01 2.22
C GLY R 83 -33.93 58.89 3.72
N GLN R 84 -34.84 59.68 4.28
CA GLN R 84 -35.01 59.77 5.73
C GLN R 84 -35.64 58.48 6.25
N MET R 85 -34.81 57.57 6.74
CA MET R 85 -35.30 56.34 7.34
C MET R 85 -34.32 55.96 8.45
N ARG R 86 -34.78 56.03 9.70
CA ARG R 86 -33.90 55.80 10.83
C ARG R 86 -33.37 54.36 10.83
N GLU R 87 -32.16 54.20 11.33
CA GLU R 87 -31.56 52.87 11.41
C GLU R 87 -32.26 52.07 12.50
N PRO R 88 -32.72 50.85 12.20
CA PRO R 88 -33.47 50.08 13.20
C PRO R 88 -32.61 49.68 14.38
N ARG R 89 -33.21 49.70 15.57
CA ARG R 89 -32.57 49.20 16.78
C ARG R 89 -32.98 47.75 17.01
N GLY R 90 -32.52 47.18 18.12
CA GLY R 90 -32.89 45.82 18.45
C GLY R 90 -34.39 45.69 18.72
N SER R 91 -34.94 46.60 19.51
CA SER R 91 -36.37 46.59 19.75
C SER R 91 -37.16 46.91 18.49
N ASP R 92 -36.57 47.69 17.58
CA ASP R 92 -37.24 47.97 16.31
C ASP R 92 -37.32 46.71 15.45
N ILE R 93 -36.26 45.90 15.45
CA ILE R 93 -36.30 44.62 14.75
C ILE R 93 -37.29 43.68 15.42
N ALA R 94 -37.31 43.65 16.75
CA ALA R 94 -38.28 42.85 17.47
C ALA R 94 -39.70 43.35 17.31
N GLY R 95 -39.90 44.55 16.78
CA GLY R 95 -41.23 45.08 16.55
C GLY R 95 -41.87 45.76 17.74
N THR R 96 -41.16 45.89 18.85
CA THR R 96 -41.74 46.50 20.04
C THR R 96 -41.92 48.00 19.86
N THR R 97 -40.93 48.68 19.29
CA THR R 97 -40.96 50.12 19.12
C THR R 97 -40.99 50.55 17.66
N SER R 98 -41.37 49.66 16.75
CA SER R 98 -41.45 49.97 15.33
C SER R 98 -42.87 49.75 14.83
N THR R 99 -43.27 50.55 13.85
CA THR R 99 -44.57 50.42 13.22
C THR R 99 -44.47 49.55 11.97
N LEU R 100 -45.62 49.10 11.49
CA LEU R 100 -45.65 48.23 10.31
C LEU R 100 -45.09 48.96 9.09
N GLN R 101 -45.39 50.24 8.95
CA GLN R 101 -44.86 51.02 7.83
C GLN R 101 -43.34 51.10 7.89
N GLU R 102 -42.79 51.29 9.08
CA GLU R 102 -41.33 51.35 9.22
C GLU R 102 -40.68 50.02 8.87
N GLN R 103 -41.27 48.91 9.32
CA GLN R 103 -40.73 47.59 8.99
C GLN R 103 -40.81 47.34 7.49
N ILE R 104 -41.92 47.72 6.85
CA ILE R 104 -42.04 47.56 5.41
C ILE R 104 -40.99 48.40 4.69
N GLY R 105 -40.78 49.63 5.15
CA GLY R 105 -39.76 50.47 4.55
C GLY R 105 -38.36 49.88 4.67
N TRP R 106 -38.04 49.35 5.85
CA TRP R 106 -36.74 48.69 6.03
C TRP R 106 -36.62 47.48 5.10
N MET R 107 -37.69 46.70 4.97
CA MET R 107 -37.66 45.51 4.12
C MET R 107 -37.72 45.85 2.64
N THR R 108 -38.01 47.10 2.28
CA THR R 108 -38.16 47.50 0.88
C THR R 108 -37.09 48.47 0.41
N ASN R 109 -36.63 49.39 1.26
CA ASN R 109 -35.66 50.39 0.87
C ASN R 109 -34.39 49.75 0.32
N ASN R 110 -33.63 50.53 -0.46
CA ASN R 110 -32.39 50.06 -1.05
C ASN R 110 -31.21 50.72 -0.34
N PRO R 111 -30.31 49.96 0.28
CA PRO R 111 -30.28 48.50 0.36
C PRO R 111 -31.25 47.95 1.41
N PRO R 112 -31.81 46.76 1.18
CA PRO R 112 -32.78 46.22 2.13
C PRO R 112 -32.17 45.93 3.49
N ILE R 113 -32.95 46.18 4.53
CA ILE R 113 -32.60 45.77 5.89
C ILE R 113 -33.59 44.70 6.30
N PRO R 114 -33.23 43.42 6.24
CA PRO R 114 -34.19 42.34 6.49
C PRO R 114 -34.55 42.21 7.97
N VAL R 115 -35.31 43.18 8.48
CA VAL R 115 -35.71 43.17 9.88
C VAL R 115 -36.53 41.93 10.18
N GLY R 116 -37.40 41.53 9.25
CA GLY R 116 -38.14 40.29 9.43
C GLY R 116 -37.24 39.08 9.49
N GLU R 117 -36.22 39.04 8.63
CA GLU R 117 -35.29 37.91 8.64
C GLU R 117 -34.49 37.84 9.93
N ILE R 118 -34.01 38.99 10.42
CA ILE R 118 -33.25 39.01 11.66
C ILE R 118 -34.13 38.60 12.84
N TYR R 119 -35.36 39.12 12.89
CA TYR R 119 -36.28 38.73 13.95
C TYR R 119 -36.61 37.25 13.88
N LYS R 120 -36.78 36.73 12.66
CA LYS R 120 -37.04 35.30 12.50
C LYS R 120 -35.87 34.47 13.01
N ARG R 121 -34.64 34.91 12.73
CA ARG R 121 -33.47 34.20 13.23
C ARG R 121 -33.43 34.22 14.76
N TRP R 122 -33.75 35.36 15.37
CA TRP R 122 -33.81 35.43 16.83
C TRP R 122 -34.87 34.49 17.38
N ILE R 123 -36.04 34.45 16.74
CA ILE R 123 -37.11 33.57 17.21
C ILE R 123 -36.72 32.12 17.04
N ILE R 124 -35.99 31.79 15.98
CA ILE R 124 -35.54 30.41 15.78
C ILE R 124 -34.52 30.03 16.84
N LEU R 125 -33.63 30.95 17.21
CA LEU R 125 -32.71 30.68 18.31
C LEU R 125 -33.48 30.42 19.61
N GLY R 126 -34.49 31.24 19.88
CA GLY R 126 -35.32 31.01 21.06
C GLY R 126 -36.04 29.68 21.02
N LEU R 127 -36.57 29.31 19.85
CA LEU R 127 -37.29 28.04 19.73
C LEU R 127 -36.35 26.86 19.90
N ASN R 128 -35.13 26.96 19.38
CA ASN R 128 -34.14 25.90 19.59
C ASN R 128 -33.79 25.77 21.06
N LYS R 129 -33.66 26.91 21.76
CA LYS R 129 -33.43 26.86 23.20
C LYS R 129 -34.61 26.20 23.92
N ILE R 130 -35.83 26.51 23.49
CA ILE R 130 -37.02 25.89 24.09
C ILE R 130 -37.01 24.38 23.87
N VAL R 131 -36.70 23.96 22.64
CA VAL R 131 -36.66 22.54 22.32
C VAL R 131 -35.62 21.83 23.19
N ARG R 132 -34.47 22.48 23.40
CA ARG R 132 -33.43 21.87 24.22
C ARG R 132 -33.83 21.81 25.69
N MET R 133 -34.45 22.87 26.21
CA MET R 133 -34.59 23.05 27.64
C MET R 133 -35.99 22.80 28.19
N TYR R 134 -37.04 22.97 27.39
CA TYR R 134 -38.40 22.97 27.89
C TYR R 134 -39.04 21.60 27.72
N SER R 135 -39.70 21.13 28.78
CA SER R 135 -40.47 19.90 28.75
C SER R 135 -41.91 20.21 29.16
N PRO R 136 -42.88 20.11 28.26
CA PRO R 136 -44.26 20.46 28.64
C PRO R 136 -44.84 19.50 29.65
N THR R 137 -45.71 20.04 30.51
CA THR R 137 -46.38 19.26 31.53
C THR R 137 -47.68 18.70 30.96
N SER R 138 -48.09 17.55 31.48
CA SER R 138 -49.32 16.88 31.04
C SER R 138 -50.07 16.37 32.25
N ILE R 139 -51.36 16.11 32.04
CA ILE R 139 -52.19 15.52 33.10
C ILE R 139 -51.68 14.12 33.46
N LEU R 140 -50.96 13.47 32.55
CA LEU R 140 -50.38 12.16 32.84
C LEU R 140 -49.23 12.25 33.84
N ASP R 141 -48.69 13.45 34.08
CA ASP R 141 -47.56 13.62 34.98
C ASP R 141 -47.97 14.07 36.38
N ILE R 142 -49.25 14.36 36.61
CA ILE R 142 -49.72 14.82 37.91
C ILE R 142 -49.87 13.59 38.80
N ARG R 143 -48.92 13.41 39.72
CA ARG R 143 -48.95 12.32 40.67
C ARG R 143 -48.94 12.88 42.09
N GLN R 144 -49.60 12.16 42.99
CA GLN R 144 -49.60 12.55 44.39
C GLN R 144 -48.22 12.33 45.02
N GLY R 145 -47.78 13.30 45.81
CA GLY R 145 -46.57 13.15 46.58
C GLY R 145 -46.77 12.21 47.74
N PRO R 146 -45.69 11.62 48.23
CA PRO R 146 -45.82 10.69 49.37
C PRO R 146 -46.42 11.31 50.61
N LYS R 147 -46.16 12.59 50.86
CA LYS R 147 -46.70 13.30 52.02
C LYS R 147 -47.71 14.36 51.64
N GLU R 148 -48.14 14.39 50.38
CA GLU R 148 -49.05 15.44 49.92
C GLU R 148 -50.48 15.10 50.31
N PRO R 149 -51.23 16.06 50.86
CA PRO R 149 -52.64 15.80 51.15
C PRO R 149 -53.44 15.55 49.88
N PHE R 150 -54.49 14.74 50.02
CA PHE R 150 -55.28 14.35 48.85
C PHE R 150 -56.02 15.54 48.25
N ARG R 151 -56.46 16.47 49.07
CA ARG R 151 -57.14 17.66 48.55
C ARG R 151 -56.22 18.47 47.66
N ASP R 152 -54.96 18.65 48.07
CA ASP R 152 -54.01 19.38 47.26
C ASP R 152 -53.73 18.66 45.95
N TYR R 153 -53.62 17.33 46.00
CA TYR R 153 -53.41 16.56 44.78
C TYR R 153 -54.60 16.71 43.83
N VAL R 154 -55.82 16.67 44.36
CA VAL R 154 -57.00 16.82 43.52
C VAL R 154 -57.05 18.22 42.92
N ASP R 155 -56.69 19.24 43.70
CA ASP R 155 -56.65 20.59 43.17
C ASP R 155 -55.64 20.72 42.04
N ARG R 156 -54.45 20.15 42.22
CA ARG R 156 -53.45 20.17 41.16
C ARG R 156 -53.94 19.43 39.92
N PHE R 157 -54.56 18.27 40.12
CA PHE R 157 -55.06 17.48 39.01
C PHE R 157 -56.10 18.24 38.21
N TYR R 158 -57.06 18.88 38.90
CA TYR R 158 -58.09 19.62 38.19
C TYR R 158 -57.55 20.88 37.55
N LYS R 159 -56.58 21.54 38.17
CA LYS R 159 -55.96 22.70 37.54
C LYS R 159 -55.23 22.31 36.27
N THR R 160 -54.52 21.19 36.28
CA THR R 160 -53.87 20.71 35.07
C THR R 160 -54.88 20.28 34.02
N LEU R 161 -55.98 19.66 34.46
CA LEU R 161 -57.02 19.23 33.52
C LEU R 161 -57.67 20.42 32.82
N ARG R 162 -57.92 21.50 33.56
CA ARG R 162 -58.54 22.68 32.95
C ARG R 162 -57.69 23.27 31.83
N ALA R 163 -56.37 23.06 31.87
CA ALA R 163 -55.48 23.56 30.83
C ALA R 163 -55.13 22.51 29.78
N GLU R 164 -55.66 21.29 29.92
CA GLU R 164 -55.36 20.23 28.96
C GLU R 164 -56.17 20.44 27.68
N GLN R 165 -55.52 20.21 26.53
CA GLN R 165 -56.17 20.35 25.23
C GLN R 165 -56.87 19.03 24.91
N ALA R 166 -58.11 18.91 25.34
CA ALA R 166 -58.91 17.72 25.08
C ALA R 166 -60.37 18.08 25.21
N SER R 167 -61.22 17.23 24.64
CA SER R 167 -62.66 17.45 24.73
C SER R 167 -63.17 17.10 26.12
N GLN R 168 -64.40 17.53 26.40
CA GLN R 168 -64.96 17.34 27.74
C GLN R 168 -65.10 15.87 28.10
N GLU R 169 -65.54 15.04 27.14
CA GLU R 169 -65.67 13.61 27.41
C GLU R 169 -64.32 13.00 27.73
N VAL R 170 -63.28 13.39 27.01
CA VAL R 170 -61.94 12.90 27.30
C VAL R 170 -61.49 13.37 28.68
N LYS R 171 -61.86 14.59 29.07
CA LYS R 171 -61.48 15.08 30.39
C LYS R 171 -62.16 14.29 31.50
N ASN R 172 -63.45 13.98 31.34
CA ASN R 172 -64.11 13.12 32.33
C ASN R 172 -63.50 11.73 32.36
N TRP R 173 -63.12 11.20 31.20
CA TRP R 173 -62.46 9.90 31.18
C TRP R 173 -61.12 9.95 31.91
N MET R 174 -60.36 11.02 31.72
CA MET R 174 -59.11 11.20 32.45
C MET R 174 -59.36 11.32 33.95
N THR R 175 -60.41 12.04 34.34
CA THR R 175 -60.74 12.15 35.76
C THR R 175 -61.06 10.78 36.36
N GLU R 176 -61.82 9.97 35.63
CA GLU R 176 -62.22 8.67 36.14
C GLU R 176 -61.12 7.62 36.06
N THR R 177 -60.09 7.85 35.25
CA THR R 177 -59.05 6.85 35.04
C THR R 177 -57.72 7.18 35.73
N LEU R 178 -57.39 8.46 35.90
CA LEU R 178 -56.06 8.86 36.32
C LEU R 178 -55.99 9.40 37.73
N LEU R 179 -57.06 10.01 38.24
CA LEU R 179 -57.01 10.63 39.56
C LEU R 179 -56.74 9.61 40.65
N VAL R 180 -57.40 8.46 40.58
CA VAL R 180 -57.18 7.42 41.58
C VAL R 180 -55.91 6.64 41.26
N GLN R 181 -55.62 6.43 39.97
CA GLN R 181 -54.46 5.62 39.61
C GLN R 181 -53.16 6.30 40.01
N ASN R 182 -53.07 7.63 39.87
CA ASN R 182 -51.85 8.37 40.13
C ASN R 182 -51.77 8.90 41.55
N ALA R 183 -52.50 8.31 42.49
CA ALA R 183 -52.41 8.69 43.89
C ALA R 183 -51.34 7.85 44.59
N ASN R 184 -50.88 8.34 45.73
CA ASN R 184 -49.86 7.62 46.48
C ASN R 184 -50.47 6.37 47.11
N PRO R 185 -49.64 5.38 47.44
CA PRO R 185 -50.17 4.12 47.98
C PRO R 185 -51.05 4.30 49.21
N ASP R 186 -50.70 5.24 50.09
CA ASP R 186 -51.49 5.44 51.31
C ASP R 186 -52.91 5.86 50.99
N CYS R 187 -53.08 6.79 50.06
CA CYS R 187 -54.42 7.18 49.64
C CYS R 187 -55.04 6.16 48.69
N LYS R 188 -54.22 5.50 47.86
CA LYS R 188 -54.75 4.55 46.90
C LYS R 188 -55.37 3.34 47.59
N THR R 189 -54.79 2.90 48.71
CA THR R 189 -55.38 1.79 49.45
C THR R 189 -56.77 2.13 49.94
N ILE R 190 -56.94 3.35 50.49
CA ILE R 190 -58.25 3.78 50.96
C ILE R 190 -59.23 3.92 49.79
N LEU R 191 -58.75 4.48 48.68
CA LEU R 191 -59.64 4.65 47.52
C LEU R 191 -60.10 3.32 46.96
N LYS R 192 -59.20 2.33 46.90
CA LYS R 192 -59.60 1.00 46.47
C LYS R 192 -60.53 0.34 47.48
N ALA R 193 -60.36 0.64 48.77
CA ALA R 193 -61.30 0.15 49.77
C ALA R 193 -62.70 0.67 49.50
N LEU R 194 -62.81 1.93 49.09
CA LEU R 194 -64.10 2.47 48.69
C LEU R 194 -64.54 1.84 47.38
N GLY R 195 -65.85 1.91 47.12
CA GLY R 195 -66.41 1.36 45.92
C GLY R 195 -66.01 2.14 44.68
N PRO R 196 -66.09 1.50 43.51
CA PRO R 196 -65.76 2.21 42.26
C PRO R 196 -66.73 3.32 41.94
N ALA R 197 -67.92 3.35 42.55
CA ALA R 197 -68.92 4.36 42.29
C ALA R 197 -68.84 5.54 43.26
N ALA R 198 -67.80 5.59 44.09
CA ALA R 198 -67.66 6.68 45.04
C ALA R 198 -67.47 8.01 44.33
N THR R 199 -68.09 9.06 44.87
CA THR R 199 -68.00 10.38 44.27
C THR R 199 -66.72 11.08 44.70
N LEU R 200 -66.50 12.28 44.16
CA LEU R 200 -65.30 13.04 44.52
C LEU R 200 -65.33 13.45 45.99
N GLU R 201 -66.48 13.87 46.50
CA GLU R 201 -66.58 14.25 47.89
C GLU R 201 -66.33 13.07 48.82
N GLU R 202 -66.89 11.90 48.50
CA GLU R 202 -66.63 10.71 49.30
C GLU R 202 -65.15 10.31 49.23
N MET R 203 -64.56 10.41 48.04
CA MET R 203 -63.15 10.07 47.88
C MET R 203 -62.27 11.01 48.70
N MET R 204 -62.61 12.29 48.72
CA MET R 204 -61.83 13.26 49.49
C MET R 204 -62.01 13.05 50.99
N THR R 205 -63.25 12.78 51.43
CA THR R 205 -63.49 12.55 52.84
C THR R 205 -62.77 11.30 53.33
N ALA R 206 -62.76 10.24 52.51
CA ALA R 206 -62.08 9.01 52.91
C ALA R 206 -60.59 9.21 53.12
N CYS R 207 -59.97 10.07 52.32
CA CYS R 207 -58.54 10.31 52.41
C CYS R 207 -58.19 11.54 53.24
N GLN R 208 -59.18 12.18 53.86
CA GLN R 208 -58.93 13.39 54.64
C GLN R 208 -58.05 13.15 55.86
N GLY R 209 -57.94 11.90 56.33
CA GLY R 209 -57.17 11.63 57.52
C GLY R 209 -55.79 11.06 57.26
N VAL R 210 -55.46 10.86 55.98
CA VAL R 210 -54.16 10.30 55.63
C VAL R 210 -53.06 11.27 56.04
N GLY R 211 -52.05 10.74 56.73
CA GLY R 211 -50.99 11.57 57.27
C GLY R 211 -51.27 12.16 58.64
N GLY R 212 -52.47 11.97 59.17
CA GLY R 212 -52.81 12.45 60.48
C GLY R 212 -52.38 11.47 61.56
N PRO R 213 -52.56 11.86 62.83
CA PRO R 213 -52.16 10.96 63.92
C PRO R 213 -52.91 9.64 63.90
N GLY R 214 -54.23 9.68 63.70
CA GLY R 214 -55.02 8.46 63.75
C GLY R 214 -54.64 7.48 62.65
N HIS R 215 -54.51 7.98 61.41
CA HIS R 215 -54.19 7.10 60.30
C HIS R 215 -52.79 6.51 60.45
N LYS R 216 -51.82 7.33 60.86
CA LYS R 216 -50.46 6.83 61.06
C LYS R 216 -50.41 5.78 62.17
N ALA R 217 -51.12 6.03 63.27
CA ALA R 217 -51.20 5.04 64.33
C ALA R 217 -51.84 3.76 63.83
N ARG R 218 -52.88 3.87 63.01
N ARG R 218 -52.88 3.87 63.01
CA ARG R 218 -53.58 2.69 62.50
CA ARG R 218 -53.57 2.70 62.51
C ARG R 218 -52.66 1.85 61.62
C ARG R 218 -52.66 1.85 61.62
N VAL R 219 -51.94 2.49 60.70
CA VAL R 219 -51.07 1.72 59.80
C VAL R 219 -49.90 1.12 60.58
N LEU R 220 -49.34 1.87 61.52
CA LEU R 220 -48.25 1.34 62.34
C LEU R 220 -48.73 0.14 63.15
N ALA R 221 -49.92 0.24 63.75
CA ALA R 221 -50.46 -0.87 64.51
C ALA R 221 -50.74 -2.08 63.62
N GLU R 222 -51.23 -1.84 62.41
CA GLU R 222 -51.47 -2.94 61.48
C GLU R 222 -50.18 -3.68 61.14
N ALA R 223 -49.13 -2.92 60.83
CA ALA R 223 -47.84 -3.54 60.52
C ALA R 223 -47.28 -4.29 61.72
N MET R 224 -47.37 -3.68 62.91
CA MET R 224 -46.87 -4.33 64.12
C MET R 224 -47.64 -5.62 64.40
N SER R 225 -48.96 -5.59 64.24
CA SER R 225 -49.77 -6.79 64.45
C SER R 225 -49.42 -7.87 63.45
N GLN R 226 -49.20 -7.49 62.18
CA GLN R 226 -48.83 -8.47 61.17
C GLN R 226 -47.51 -9.15 61.54
N VAL R 227 -46.50 -8.37 61.89
CA VAL R 227 -45.20 -8.97 62.19
C VAL R 227 -45.24 -9.76 63.50
N ILE R 228 -46.07 -9.35 64.46
CA ILE R 228 -46.19 -10.10 65.70
C ILE R 228 -46.90 -11.43 65.45
N ASN R 229 -47.99 -11.42 64.69
CA ASN R 229 -48.67 -12.66 64.36
C ASN R 229 -47.81 -13.57 63.51
N SER R 230 -46.87 -13.00 62.75
CA SER R 230 -45.91 -13.82 62.03
C SER R 230 -45.04 -14.62 62.99
N ALA R 231 -44.70 -14.03 64.13
CA ALA R 231 -43.92 -14.72 65.15
C ALA R 231 -44.80 -15.59 66.02
C1 IHP S . 26.82 8.73 71.67
C2 IHP S . 26.44 7.35 71.15
C3 IHP S . 27.06 7.12 69.79
C4 IHP S . 28.62 7.10 69.97
C5 IHP S . 29.17 8.24 70.86
C6 IHP S . 28.30 8.59 72.08
O11 IHP S . 26.01 9.27 72.64
P1 IHP S . 25.95 8.89 74.25
O21 IHP S . 24.51 8.86 74.71
O31 IHP S . 26.70 9.94 75.11
O41 IHP S . 26.62 7.53 74.54
O12 IHP S . 26.90 6.35 72.01
P2 IHP S . 26.01 4.99 72.26
O22 IHP S . 25.08 4.71 71.10
O32 IHP S . 25.27 5.02 73.59
O42 IHP S . 27.07 3.84 72.32
O13 IHP S . 26.52 6.10 69.08
P3 IHP S . 25.86 6.34 67.59
O23 IHP S . 26.71 7.29 66.73
O33 IHP S . 25.69 5.01 66.82
O43 IHP S . 24.47 6.98 67.77
O14 IHP S . 29.23 7.18 68.73
P4 IHP S . 29.75 5.86 67.90
O24 IHP S . 31.22 6.06 67.60
O34 IHP S . 29.49 4.57 68.70
O44 IHP S . 29.01 5.68 66.56
O15 IHP S . 30.49 8.04 71.27
P5 IHP S . 31.12 6.64 71.84
O25 IHP S . 30.33 6.12 73.04
O35 IHP S . 32.57 6.97 72.26
O45 IHP S . 31.22 5.52 70.79
O16 IHP S . 28.77 9.74 72.68
P6 IHP S . 29.70 9.77 74.02
O26 IHP S . 29.25 8.76 75.05
O36 IHP S . 31.17 9.48 73.65
O46 IHP S . 29.62 11.18 74.63
C1 IHP T . 66.16 -30.37 26.51
C2 IHP T . 64.74 -30.95 26.50
C3 IHP T . 63.96 -30.59 25.25
C4 IHP T . 64.71 -31.25 24.06
C5 IHP T . 66.20 -30.89 24.00
C6 IHP T . 66.93 -31.04 25.35
O11 IHP T . 66.83 -30.53 27.69
P1 IHP T . 67.05 -29.32 28.78
O21 IHP T . 65.77 -28.51 28.92
O31 IHP T . 68.19 -28.37 28.35
O41 IHP T . 67.47 -29.88 30.14
O12 IHP T . 64.75 -32.33 26.65
P2 IHP T . 64.14 -33.00 28.02
O22 IHP T . 63.57 -31.95 28.95
O32 IHP T . 65.15 -33.89 28.73
O42 IHP T . 62.95 -33.90 27.52
O13 IHP T . 62.63 -30.85 25.33
P3 IHP T . 61.48 -29.77 24.88
O23 IHP T . 61.77 -29.18 23.49
O33 IHP T . 60.08 -30.39 24.86
O43 IHP T . 61.49 -28.60 25.91
O14 IHP T . 64.11 -30.87 22.87
P4 IHP T . 63.25 -31.91 21.96
O24 IHP T . 64.17 -32.46 20.88
O34 IHP T . 62.62 -33.02 22.82
O44 IHP T . 62.06 -31.21 21.24
O15 IHP T . 66.89 -31.56 23.01
P5 IHP T . 67.33 -33.13 23.05
O25 IHP T . 68.63 -33.33 23.82
O35 IHP T . 67.48 -33.58 21.59
O45 IHP T . 66.25 -34.06 23.66
O16 IHP T . 68.20 -30.49 25.23
P6 IHP T . 69.52 -31.07 25.97
O26 IHP T . 69.25 -32.32 26.76
O36 IHP T . 70.63 -31.36 24.93
O46 IHP T . 70.05 -29.98 26.93
C1 IHP U . 34.64 -63.20 -28.44
C2 IHP U . 33.58 -63.01 -27.37
C3 IHP U . 32.57 -61.92 -27.68
C4 IHP U . 31.82 -62.39 -28.95
C5 IHP U . 32.75 -62.72 -30.13
C6 IHP U . 33.91 -63.65 -29.74
O11 IHP U . 35.64 -64.07 -28.12
P1 IHP U . 37.13 -63.59 -27.63
O21 IHP U . 37.02 -62.37 -26.73
O31 IHP U . 38.04 -63.24 -28.83
O41 IHP U . 37.85 -64.73 -26.88
O12 IHP U . 32.88 -64.20 -27.12
P2 IHP U . 33.18 -65.04 -25.75
O22 IHP U . 33.62 -64.14 -24.61
O32 IHP U . 34.19 -66.17 -25.98
O42 IHP U . 31.81 -65.68 -25.36
O13 IHP U . 31.80 -61.54 -26.64
P3 IHP U . 31.50 -59.97 -26.30
O23 IHP U . 31.14 -59.16 -27.56
O33 IHP U . 30.34 -59.80 -25.30
O43 IHP U . 32.77 -59.35 -25.67
O14 IHP U . 30.92 -61.42 -29.36
P4 IHP U . 29.31 -61.58 -29.17
O24 IHP U . 28.72 -62.00 -30.50
O34 IHP U . 28.98 -62.56 -28.03
O44 IHP U . 28.64 -60.23 -28.75
O15 IHP U . 32.10 -63.22 -31.24
P5 IHP U . 31.46 -64.72 -31.37
O25 IHP U . 32.51 -65.75 -31.76
O35 IHP U . 30.37 -64.62 -32.46
O45 IHP U . 30.74 -65.21 -30.09
O16 IHP U . 34.81 -63.69 -30.79
P6 IHP U . 35.65 -65.02 -31.25
O26 IHP U . 35.30 -66.24 -30.41
O36 IHP U . 35.38 -65.34 -32.74
O46 IHP U . 37.15 -64.71 -31.09
C1 IHP V . -2.27 -19.86 13.96
C2 IHP V . -3.00 -20.30 15.22
C3 IHP V . -4.46 -19.90 15.17
C4 IHP V . -5.09 -20.76 14.02
C5 IHP V . -4.34 -20.56 12.69
C6 IHP V . -2.84 -20.79 12.86
O11 IHP V . -0.88 -19.87 14.00
P1 IHP V . 0.09 -21.11 14.46
O21 IHP V . 1.50 -20.87 13.93
O31 IHP V . -0.40 -22.48 13.93
O41 IHP V . 0.12 -21.24 15.99
O12 IHP V . -2.93 -21.70 15.36
P2 IHP V . -3.31 -22.46 16.77
O22 IHP V . -2.94 -21.62 17.98
O32 IHP V . -2.68 -23.85 16.85
O42 IHP V . -4.86 -22.65 16.76
O13 IHP V . -5.11 -19.87 16.35
P3 IHP V . -5.54 -18.46 17.08
O23 IHP V . -5.41 -17.26 16.13
O33 IHP V . -6.98 -18.50 17.60
O43 IHP V . -4.59 -18.22 18.28
O14 IHP V . -6.45 -20.50 13.89
P4 IHP V . -7.13 -19.04 13.61
O24 IHP V . -6.08 -18.02 13.23
O34 IHP V . -8.22 -19.19 12.54
O44 IHP V . -7.88 -18.51 14.87
O15 IHP V . -4.79 -21.29 11.58
P5 IHP V . -5.87 -22.50 11.59
O25 IHP V . -5.54 -23.57 12.61
O35 IHP V . -5.83 -23.10 10.16
O45 IHP V . -7.34 -22.03 11.80
O16 IHP V . -2.19 -20.68 11.66
P6 IHP V . -1.61 -21.96 10.85
O26 IHP V . -1.89 -21.89 9.35
O36 IHP V . -0.09 -22.12 11.09
O46 IHP V . -2.30 -23.23 11.42
C1 IHP W . -35.86 -57.27 -37.93
C2 IHP W . -35.58 -57.04 -36.44
C3 IHP W . -35.71 -55.58 -36.02
C4 IHP W . -37.20 -55.19 -36.25
C5 IHP W . -37.68 -55.47 -37.69
C6 IHP W . -37.33 -56.88 -38.19
O11 IHP W . -35.60 -58.53 -38.36
P1 IHP W . -34.30 -58.91 -39.29
O21 IHP W . -33.03 -58.27 -38.72
O31 IHP W . -34.47 -58.43 -40.76
O41 IHP W . -34.10 -60.43 -39.37
O12 IHP W . -36.43 -57.81 -35.63
P2 IHP W . -35.82 -59.10 -34.84
O22 IHP W . -34.36 -58.89 -34.45
O32 IHP W . -36.00 -60.41 -35.63
O42 IHP W . -36.65 -59.19 -33.53
O13 IHP W . -35.22 -55.30 -34.79
P3 IHP W . -34.27 -53.99 -34.51
O23 IHP W . -34.82 -52.73 -35.20
O33 IHP W . -34.14 -53.69 -33.01
O43 IHP W . -32.86 -54.28 -35.07
O14 IHP W . -37.38 -53.85 -35.97
P4 IHP W . -38.16 -53.33 -34.63
O24 IHP W . -39.51 -52.78 -35.05
O34 IHP W . -38.28 -54.47 -33.59
O44 IHP W . -37.38 -52.20 -33.90
O15 IHP W . -39.03 -55.21 -37.87
P5 IHP W . -40.25 -56.14 -37.32
O25 IHP W . -40.57 -57.30 -38.27
O35 IHP W . -41.47 -55.21 -37.19
O45 IHP W . -40.01 -56.72 -35.90
O16 IHP W . -37.61 -56.94 -39.54
P6 IHP W . -38.21 -58.24 -40.31
O26 IHP W . -38.37 -59.44 -39.38
O36 IHP W . -39.58 -57.92 -40.95
O46 IHP W . -37.23 -58.62 -41.45
C1 IHP X . -74.82 -18.61 7.62
C2 IHP X . -73.58 -19.09 8.38
C3 IHP X . -72.54 -17.99 8.59
C4 IHP X . -73.22 -16.92 9.50
C5 IHP X . -74.57 -16.43 8.95
C6 IHP X . -75.51 -17.55 8.51
O11 IHP X . -75.67 -19.61 7.27
P1 IHP X . -75.78 -20.22 5.74
O21 IHP X . -74.38 -20.39 5.15
O31 IHP X . -76.59 -19.29 4.81
O41 IHP X . -76.52 -21.57 5.74
O12 IHP X . -73.92 -19.62 9.62
P2 IHP X . -73.82 -21.24 9.86
O22 IHP X . -72.73 -21.87 8.99
O32 IHP X . -75.16 -21.94 9.67
O42 IHP X . -73.40 -21.40 11.35
O13 IHP X . -71.34 -18.43 9.01
P3 IHP X . -69.93 -17.92 8.34
O23 IHP X . -69.87 -16.38 8.25
O33 IHP X . -68.70 -18.39 9.15
O43 IHP X . -69.82 -18.49 6.91
O14 IHP X . -72.38 -15.84 9.65
P4 IHP X . -71.68 -15.48 11.08
O24 IHP X . -72.61 -14.52 11.83
O34 IHP X . -71.37 -16.75 11.89
O44 IHP X . -70.31 -14.76 10.90
O15 IHP X . -75.23 -15.56 9.79
P5 IHP X . -76.02 -15.99 11.16
O25 IHP X . -77.45 -16.43 10.87
O35 IHP X . -76.01 -14.75 12.08
O45 IHP X . -75.31 -17.13 11.96
O16 IHP X . -76.58 -16.99 7.82
P6 IHP X . -78.12 -17.54 7.90
O26 IHP X . -78.28 -18.68 8.89
O36 IHP X . -79.08 -16.39 8.27
O46 IHP X . -78.51 -18.04 6.49
C1 IHP Y . -43.33 14.18 62.63
C2 IHP Y . -42.44 12.99 62.25
C3 IHP Y . -41.17 13.40 61.52
C4 IHP Y . -40.35 14.26 62.52
C5 IHP Y . -41.14 15.44 63.10
C6 IHP Y . -42.53 15.06 63.63
O11 IHP Y . -44.54 13.83 63.14
P1 IHP Y . -45.95 13.92 62.30
O21 IHP Y . -45.73 13.42 60.87
O31 IHP Y . -46.48 15.38 62.22
O41 IHP Y . -47.07 13.11 62.99
O12 IHP Y . -42.09 12.24 63.37
P2 IHP Y . -42.81 10.79 63.62
O22 IHP Y . -43.19 10.12 62.31
O32 IHP Y . -44.00 10.89 64.57
O42 IHP Y . -41.70 9.91 64.30
O13 IHP Y . -40.50 12.38 60.94
P3 IHP Y . -39.92 12.48 59.41
O23 IHP Y . -39.15 13.80 59.16
O33 IHP Y . -38.96 11.32 59.09
O43 IHP Y . -41.09 12.41 58.42
O14 IHP Y . -39.22 14.74 61.91
P4 IHP Y . -37.73 14.18 62.27
O24 IHP Y . -37.08 15.13 63.26
O34 IHP Y . -37.78 12.72 62.78
O44 IHP Y . -36.81 14.12 61.00
O15 IHP Y . -40.45 16.15 64.08
P5 IHP Y . -40.19 15.65 65.60
O25 IHP Y . -41.35 15.97 66.52
O35 IHP Y . -38.91 16.38 66.07
O45 IHP Y . -39.86 14.13 65.72
O16 IHP Y . -43.24 16.22 63.90
P6 IHP Y . -44.27 16.38 65.15
O26 IHP Y . -44.39 15.13 66.00
O36 IHP Y . -43.83 17.57 66.06
O46 IHP Y . -45.66 16.73 64.58
#